data_6S83
#
_entry.id   6S83
#
_cell.length_a   78.196
_cell.length_b   111.430
_cell.length_c   400.400
_cell.angle_alpha   90.000
_cell.angle_beta   90.000
_cell.angle_gamma   90.000
#
_symmetry.space_group_name_H-M   'P 21 21 21'
#
loop_
_entity.id
_entity.type
_entity.pdbx_description
1 polymer 'S-adenosylmethionine synthase'
2 non-polymer 'METHYLENEDIPHOSPHONIC ACID'
3 non-polymer 'MAGNESIUM ION'
4 non-polymer S-ADENOSYLMETHIONINE
5 non-polymer 'PHOSPHATE ION'
6 non-polymer 'PHOSPHOMETHYLPHOSPHONIC ACID ADENYLATE ESTER'
7 water water
#
_entity_poly.entity_id   1
_entity_poly.type   'polypeptide(L)'
_entity_poly.pdbx_seq_one_letter_code
;MARNIVVEEIVRTPVEMQQVELVERKGIGHPDSIADGIAEAVSRALCREYIRRYGVILHHNTDQVEVVGGRAYPRFGGGE
VVKPIYILLSGRAVELVDQELFPVHEVAIKAAKNYLKNAIRHLDVENHVIIDSRIGQGSVDLVSVFNKARENPIPLANDT
SFGVGYAPLSETERLVLETEKLLNSEKFKKEYPAVGEDIKVMGLRRGNEIDLTIAAAIVDSEVATPKEYLEVKDKIKEAV
EELAKEITSRKVNIYVNTADDPERGIYYITVTGTSAEAGDDGSVGRGNRVNGLITPNRHMSMEAAAGKNPVSHVGKIYNI
LAMLIAEDIAKTLPVEEVYVRILSQIGKPIDQPLVASIQVIPKPGHSVKEFEKDAYSIADEWLANITKVQKMILEDKISV
F
;
_entity_poly.pdbx_strand_id   A,B,C,D,E,F,G,H
#
# COMPACT_ATOMS: atom_id res chain seq x y z
N ALA A 2 3.51 -37.29 3.67
CA ALA A 2 3.11 -36.75 4.95
C ALA A 2 1.63 -36.37 4.96
N ARG A 3 1.04 -36.28 3.77
CA ARG A 3 -0.38 -35.99 3.66
C ARG A 3 -1.19 -37.28 3.78
N ASN A 4 -2.28 -37.22 4.54
CA ASN A 4 -3.11 -38.38 4.81
C ASN A 4 -4.05 -38.63 3.64
N ILE A 5 -3.46 -39.01 2.51
CA ILE A 5 -4.20 -39.38 1.31
C ILE A 5 -4.34 -40.90 1.31
N VAL A 6 -5.57 -41.39 1.30
CA VAL A 6 -5.86 -42.81 1.43
C VAL A 6 -6.59 -43.25 0.17
N VAL A 7 -5.98 -44.16 -0.59
CA VAL A 7 -6.55 -44.69 -1.82
C VAL A 7 -7.11 -46.07 -1.51
N GLU A 8 -8.45 -46.17 -1.50
CA GLU A 8 -9.13 -47.42 -1.23
C GLU A 8 -9.94 -47.84 -2.45
N GLU A 9 -10.04 -49.15 -2.63
CA GLU A 9 -10.99 -49.70 -3.59
C GLU A 9 -12.36 -49.78 -2.94
N ILE A 10 -13.39 -49.46 -3.71
CA ILE A 10 -14.78 -49.60 -3.26
C ILE A 10 -15.53 -50.48 -4.23
N VAL A 11 -16.35 -51.38 -3.68
CA VAL A 11 -17.22 -52.24 -4.47
C VAL A 11 -18.61 -51.64 -4.40
N ARG A 12 -19.15 -51.26 -5.56
CA ARG A 12 -20.50 -50.74 -5.61
C ARG A 12 -20.91 -50.61 -7.06
N THR A 13 -22.21 -50.71 -7.31
CA THR A 13 -22.72 -50.57 -8.65
C THR A 13 -22.30 -49.23 -9.24
N PRO A 14 -21.53 -49.19 -10.32
CA PRO A 14 -21.23 -47.91 -10.96
C PRO A 14 -22.50 -47.21 -11.40
N VAL A 15 -22.46 -45.87 -11.39
CA VAL A 15 -23.64 -45.09 -11.76
C VAL A 15 -24.09 -45.47 -13.17
N GLU A 16 -23.14 -45.62 -14.11
CA GLU A 16 -23.49 -46.03 -15.46
C GLU A 16 -24.23 -47.34 -15.50
N MET A 17 -24.09 -48.18 -14.48
CA MET A 17 -24.69 -49.50 -14.47
C MET A 17 -26.01 -49.56 -13.72
N GLN A 18 -26.34 -48.54 -12.93
CA GLN A 18 -27.62 -48.50 -12.25
C GLN A 18 -28.74 -48.30 -13.26
N GLN A 19 -29.94 -48.76 -12.89
CA GLN A 19 -31.05 -48.75 -13.83
C GLN A 19 -31.57 -47.34 -14.07
N VAL A 20 -31.61 -46.50 -13.04
CA VAL A 20 -32.18 -45.16 -13.13
C VAL A 20 -31.14 -44.15 -12.67
N GLU A 21 -30.87 -43.16 -13.52
CA GLU A 21 -29.96 -42.07 -13.21
C GLU A 21 -30.66 -40.75 -13.49
N LEU A 22 -30.50 -39.79 -12.57
CA LEU A 22 -31.11 -38.48 -12.67
C LEU A 22 -30.02 -37.41 -12.63
N VAL A 23 -30.08 -36.47 -13.56
CA VAL A 23 -29.14 -35.35 -13.62
C VAL A 23 -29.89 -34.10 -14.03
N GLU A 24 -29.54 -32.97 -13.43
CA GLU A 24 -30.17 -31.69 -13.72
C GLU A 24 -29.11 -30.60 -13.77
N ARG A 25 -29.29 -29.64 -14.67
CA ARG A 25 -28.45 -28.47 -14.74
C ARG A 25 -29.29 -27.23 -14.99
N LYS A 26 -28.99 -26.17 -14.25
CA LYS A 26 -29.65 -24.87 -14.41
C LYS A 26 -28.73 -23.93 -15.15
N GLY A 27 -29.15 -23.51 -16.35
CA GLY A 27 -28.34 -22.63 -17.16
C GLY A 27 -28.10 -21.30 -16.51
N ILE A 28 -27.26 -20.50 -17.19
CA ILE A 28 -26.80 -19.24 -16.62
C ILE A 28 -27.98 -18.30 -16.38
N GLY A 29 -28.95 -18.29 -17.28
CA GLY A 29 -30.08 -17.41 -17.15
C GLY A 29 -31.13 -17.86 -16.16
N HIS A 30 -30.94 -19.01 -15.54
CA HIS A 30 -31.88 -19.47 -14.52
C HIS A 30 -31.76 -18.60 -13.28
N PRO A 31 -32.89 -18.23 -12.65
CA PRO A 31 -32.80 -17.31 -11.50
C PRO A 31 -31.81 -17.74 -10.42
N ASP A 32 -31.85 -19.01 -10.01
CA ASP A 32 -30.88 -19.49 -9.03
C ASP A 32 -29.46 -19.36 -9.56
N SER A 33 -29.24 -19.66 -10.84
CA SER A 33 -27.91 -19.52 -11.42
C SER A 33 -27.50 -18.05 -11.53
N ILE A 34 -28.47 -17.16 -11.74
CA ILE A 34 -28.18 -15.73 -11.72
C ILE A 34 -27.64 -15.34 -10.35
N ALA A 35 -28.30 -15.80 -9.29
CA ALA A 35 -27.86 -15.49 -7.94
C ALA A 35 -26.44 -16.02 -7.69
N ASP A 36 -26.19 -17.27 -8.08
CA ASP A 36 -24.85 -17.84 -7.96
C ASP A 36 -23.85 -17.02 -8.77
N GLY A 37 -24.18 -16.73 -10.03
CA GLY A 37 -23.26 -16.00 -10.88
C GLY A 37 -22.96 -14.61 -10.34
N ILE A 38 -23.99 -13.91 -9.86
CA ILE A 38 -23.77 -12.59 -9.26
C ILE A 38 -22.91 -12.72 -8.01
N ALA A 39 -23.24 -13.68 -7.14
CA ALA A 39 -22.47 -13.89 -5.93
C ALA A 39 -20.99 -14.03 -6.24
N GLU A 40 -20.66 -14.88 -7.21
CA GLU A 40 -19.25 -15.09 -7.57
C GLU A 40 -18.66 -13.86 -8.23
N ALA A 41 -19.42 -13.21 -9.10
CA ALA A 41 -18.93 -12.00 -9.77
C ALA A 41 -18.64 -10.89 -8.77
N VAL A 42 -19.51 -10.73 -7.78
CA VAL A 42 -19.26 -9.73 -6.73
C VAL A 42 -18.01 -10.08 -5.96
N SER A 43 -17.87 -11.34 -5.56
CA SER A 43 -16.69 -11.77 -4.82
C SER A 43 -15.42 -11.49 -5.61
N ARG A 44 -15.41 -11.84 -6.89
CA ARG A 44 -14.23 -11.62 -7.72
C ARG A 44 -13.93 -10.13 -7.87
N ALA A 45 -14.98 -9.31 -8.03
CA ALA A 45 -14.76 -7.87 -8.12
C ALA A 45 -14.18 -7.32 -6.82
N LEU A 46 -14.71 -7.78 -5.68
CA LEU A 46 -14.16 -7.34 -4.40
C LEU A 46 -12.71 -7.78 -4.24
N CYS A 47 -12.41 -9.02 -4.60
CA CYS A 47 -11.02 -9.49 -4.55
C CYS A 47 -10.11 -8.57 -5.35
N ARG A 48 -10.45 -8.34 -6.62
CA ARG A 48 -9.60 -7.54 -7.49
C ARG A 48 -9.43 -6.13 -6.94
N GLU A 49 -10.50 -5.53 -6.42
CA GLU A 49 -10.40 -4.17 -5.92
C GLU A 49 -9.62 -4.11 -4.61
N TYR A 50 -9.82 -5.10 -3.73
CA TYR A 50 -8.97 -5.21 -2.54
C TYR A 50 -7.50 -5.28 -2.92
N ILE A 51 -7.18 -6.08 -3.94
CA ILE A 51 -5.79 -6.21 -4.37
C ILE A 51 -5.29 -4.90 -4.97
N ARG A 52 -6.11 -4.26 -5.80
CA ARG A 52 -5.68 -3.03 -6.46
C ARG A 52 -5.35 -1.94 -5.46
N ARG A 53 -6.05 -1.90 -4.33
CA ARG A 53 -5.85 -0.85 -3.34
C ARG A 53 -4.80 -1.22 -2.28
N TYR A 54 -4.80 -2.46 -1.81
CA TYR A 54 -3.98 -2.85 -0.68
C TYR A 54 -3.05 -4.02 -0.98
N GLY A 55 -3.10 -4.58 -2.20
CA GLY A 55 -2.25 -5.70 -2.54
C GLY A 55 -2.58 -6.99 -1.83
N VAL A 56 -3.74 -7.08 -1.20
CA VAL A 56 -4.15 -8.28 -0.49
C VAL A 56 -5.67 -8.36 -0.49
N ILE A 57 -6.19 -9.58 -0.52
CA ILE A 57 -7.64 -9.80 -0.46
C ILE A 57 -8.08 -9.76 0.99
N LEU A 58 -9.09 -8.95 1.28
CA LEU A 58 -9.66 -8.86 2.61
C LEU A 58 -10.90 -9.75 2.71
N HIS A 59 -11.26 -10.07 3.96
CA HIS A 59 -12.35 -11.01 4.17
C HIS A 59 -13.64 -10.50 3.55
N HIS A 60 -14.43 -11.45 3.05
CA HIS A 60 -15.75 -11.15 2.49
C HIS A 60 -16.46 -12.43 2.09
N ASN A 61 -17.79 -12.46 2.22
CA ASN A 61 -18.58 -13.56 1.70
C ASN A 61 -19.83 -12.96 1.11
N THR A 62 -20.02 -13.15 -0.19
CA THR A 62 -21.20 -12.64 -0.88
C THR A 62 -22.03 -13.79 -1.41
N ASP A 63 -22.06 -14.88 -0.65
CA ASP A 63 -22.86 -16.05 -1.00
C ASP A 63 -24.32 -15.86 -0.57
N GLN A 64 -24.80 -14.62 -0.63
CA GLN A 64 -26.16 -14.29 -0.23
C GLN A 64 -26.68 -13.28 -1.25
N VAL A 65 -27.41 -13.78 -2.24
CA VAL A 65 -27.99 -12.96 -3.29
C VAL A 65 -29.43 -13.43 -3.46
N GLU A 66 -30.36 -12.48 -3.47
CA GLU A 66 -31.78 -12.78 -3.60
C GLU A 66 -32.28 -12.14 -4.88
N VAL A 67 -32.68 -12.97 -5.84
CA VAL A 67 -33.23 -12.50 -7.11
C VAL A 67 -34.76 -12.55 -6.96
N VAL A 68 -35.37 -11.38 -6.80
CA VAL A 68 -36.81 -11.29 -6.64
C VAL A 68 -37.44 -11.09 -8.01
N GLY A 69 -38.28 -12.04 -8.42
CA GLY A 69 -38.88 -11.94 -9.73
C GLY A 69 -39.74 -10.69 -9.85
N GLY A 70 -39.74 -10.12 -11.04
CA GLY A 70 -40.57 -8.97 -11.35
C GLY A 70 -41.88 -9.38 -11.99
N ARG A 71 -42.38 -8.50 -12.85
CA ARG A 71 -43.58 -8.77 -13.64
C ARG A 71 -43.31 -8.38 -15.08
N ALA A 72 -43.87 -9.15 -16.01
CA ALA A 72 -43.67 -8.89 -17.43
C ALA A 72 -44.92 -9.30 -18.18
N TYR A 73 -45.12 -8.67 -19.34
CA TYR A 73 -46.22 -9.00 -20.25
C TYR A 73 -45.59 -9.46 -21.55
N PRO A 74 -45.17 -10.71 -21.65
CA PRO A 74 -44.57 -11.19 -22.90
C PRO A 74 -45.61 -11.26 -24.00
N ARG A 75 -45.20 -10.82 -25.19
CA ARG A 75 -46.05 -10.82 -26.37
C ARG A 75 -45.21 -11.22 -27.57
N PHE A 76 -45.78 -12.07 -28.43
CA PHE A 76 -45.09 -12.47 -29.64
C PHE A 76 -44.72 -11.23 -30.46
N GLY A 77 -43.46 -11.16 -30.88
CA GLY A 77 -42.94 -10.02 -31.60
C GLY A 77 -42.28 -8.97 -30.73
N GLY A 78 -42.46 -9.03 -29.42
CA GLY A 78 -41.84 -8.08 -28.53
C GLY A 78 -42.75 -7.64 -27.40
N GLY A 79 -42.46 -8.08 -26.18
CA GLY A 79 -43.19 -7.71 -25.00
C GLY A 79 -42.53 -6.59 -24.23
N GLU A 80 -42.92 -6.44 -22.98
CA GLU A 80 -42.40 -5.37 -22.13
C GLU A 80 -42.36 -5.83 -20.69
N VAL A 81 -41.34 -5.36 -19.98
CA VAL A 81 -41.26 -5.54 -18.53
C VAL A 81 -42.08 -4.44 -17.86
N VAL A 82 -42.91 -4.83 -16.91
CA VAL A 82 -43.76 -3.88 -16.20
C VAL A 82 -43.21 -3.58 -14.81
N LYS A 83 -42.69 -4.58 -14.11
CA LYS A 83 -42.05 -4.39 -12.81
C LYS A 83 -40.65 -4.96 -12.88
N PRO A 84 -39.60 -4.18 -12.61
CA PRO A 84 -38.24 -4.70 -12.79
C PRO A 84 -37.91 -5.81 -11.81
N ILE A 85 -36.91 -6.61 -12.18
CA ILE A 85 -36.36 -7.59 -11.26
C ILE A 85 -35.62 -6.88 -10.14
N TYR A 86 -35.82 -7.33 -8.91
CA TYR A 86 -35.17 -6.77 -7.74
C TYR A 86 -34.15 -7.77 -7.23
N ILE A 87 -32.89 -7.36 -7.15
CA ILE A 87 -31.80 -8.20 -6.70
C ILE A 87 -31.21 -7.58 -5.45
N LEU A 88 -31.20 -8.35 -4.36
CA LEU A 88 -30.60 -7.91 -3.10
C LEU A 88 -29.24 -8.59 -2.95
N LEU A 89 -28.18 -7.78 -2.89
CA LEU A 89 -26.86 -8.28 -2.58
C LEU A 89 -26.68 -8.29 -1.07
N SER A 90 -26.33 -9.45 -0.52
CA SER A 90 -26.14 -9.59 0.92
C SER A 90 -24.81 -10.27 1.23
N GLY A 91 -24.60 -10.69 2.48
CA GLY A 91 -23.32 -11.26 2.85
C GLY A 91 -22.55 -10.27 3.72
N ARG A 92 -21.22 -10.39 3.76
CA ARG A 92 -20.38 -9.51 4.56
C ARG A 92 -19.13 -9.16 3.76
N ALA A 93 -18.62 -7.96 3.97
CA ALA A 93 -17.40 -7.54 3.30
C ALA A 93 -16.74 -6.47 4.15
N VAL A 94 -15.43 -6.33 4.01
CA VAL A 94 -14.69 -5.31 4.73
C VAL A 94 -14.92 -3.98 4.00
N GLU A 95 -15.62 -3.06 4.67
CA GLU A 95 -15.84 -1.73 4.13
C GLU A 95 -14.96 -0.67 4.77
N LEU A 96 -14.46 -0.92 5.98
CA LEU A 96 -13.58 0.01 6.68
C LEU A 96 -12.20 -0.62 6.78
N VAL A 97 -11.23 0.01 6.13
CA VAL A 97 -9.84 -0.46 6.09
C VAL A 97 -9.00 0.65 6.71
N ASP A 98 -8.59 0.45 7.95
CA ASP A 98 -7.92 1.50 8.72
C ASP A 98 -8.78 2.76 8.74
N GLN A 99 -10.07 2.56 8.96
CA GLN A 99 -11.07 3.62 9.11
C GLN A 99 -11.36 4.36 7.80
N GLU A 100 -10.63 4.03 6.74
CA GLU A 100 -10.94 4.58 5.43
C GLU A 100 -11.95 3.68 4.74
N LEU A 101 -12.77 4.27 3.86
CA LEU A 101 -13.94 3.58 3.34
C LEU A 101 -13.61 2.88 2.02
N PHE A 102 -14.00 1.61 1.93
CA PHE A 102 -13.85 0.78 0.74
C PHE A 102 -15.15 0.75 -0.04
N PRO A 103 -15.15 0.95 -1.35
CA PRO A 103 -16.44 1.00 -2.07
C PRO A 103 -17.09 -0.36 -2.24
N VAL A 104 -17.43 -1.01 -1.13
CA VAL A 104 -18.02 -2.36 -1.20
C VAL A 104 -19.24 -2.35 -2.12
N HIS A 105 -20.19 -1.48 -1.83
CA HIS A 105 -21.47 -1.52 -2.53
C HIS A 105 -21.34 -1.05 -3.98
N GLU A 106 -20.49 -0.05 -4.23
CA GLU A 106 -20.25 0.39 -5.60
C GLU A 106 -19.66 -0.74 -6.43
N VAL A 107 -18.65 -1.43 -5.88
CA VAL A 107 -18.05 -2.56 -6.58
C VAL A 107 -19.08 -3.66 -6.79
N ALA A 108 -19.81 -4.01 -5.73
CA ALA A 108 -20.72 -5.15 -5.80
C ALA A 108 -21.82 -4.92 -6.82
N ILE A 109 -22.50 -3.76 -6.72
CA ILE A 109 -23.61 -3.49 -7.63
C ILE A 109 -23.12 -3.39 -9.07
N LYS A 110 -21.98 -2.73 -9.28
CA LYS A 110 -21.40 -2.65 -10.62
C LYS A 110 -21.04 -4.04 -11.14
N ALA A 111 -20.51 -4.90 -10.26
CA ALA A 111 -20.17 -6.26 -10.70
C ALA A 111 -21.42 -7.05 -11.04
N ALA A 112 -22.47 -6.92 -10.23
CA ALA A 112 -23.73 -7.61 -10.52
C ALA A 112 -24.29 -7.15 -11.86
N LYS A 113 -24.29 -5.84 -12.11
CA LYS A 113 -24.78 -5.32 -13.38
C LYS A 113 -23.94 -5.82 -14.54
N ASN A 114 -22.61 -5.74 -14.40
CA ASN A 114 -21.73 -6.19 -15.48
C ASN A 114 -21.94 -7.66 -15.78
N TYR A 115 -22.12 -8.47 -14.74
CA TYR A 115 -22.37 -9.90 -14.96
C TYR A 115 -23.69 -10.12 -15.69
N LEU A 116 -24.73 -9.40 -15.29
CA LEU A 116 -26.02 -9.54 -15.96
C LEU A 116 -25.93 -9.09 -17.42
N LYS A 117 -25.25 -7.97 -17.68
CA LYS A 117 -25.12 -7.48 -19.04
C LYS A 117 -24.44 -8.50 -19.94
N ASN A 118 -23.41 -9.18 -19.44
CA ASN A 118 -22.68 -10.16 -20.24
C ASN A 118 -23.34 -11.53 -20.23
N ALA A 119 -24.25 -11.79 -19.29
CA ALA A 119 -24.88 -13.09 -19.16
C ALA A 119 -26.22 -13.18 -19.88
N ILE A 120 -27.08 -12.18 -19.72
CA ILE A 120 -28.41 -12.17 -20.32
C ILE A 120 -28.43 -11.06 -21.36
N ARG A 121 -28.44 -11.45 -22.65
CA ARG A 121 -28.20 -10.51 -23.73
C ARG A 121 -29.39 -9.59 -23.99
N HIS A 122 -30.62 -10.06 -23.78
CA HIS A 122 -31.81 -9.27 -24.04
C HIS A 122 -32.36 -8.60 -22.79
N LEU A 123 -31.57 -8.49 -21.73
CA LEU A 123 -32.01 -7.90 -20.47
C LEU A 123 -31.47 -6.47 -20.39
N ASP A 124 -32.38 -5.50 -20.30
CA ASP A 124 -32.00 -4.10 -20.09
C ASP A 124 -31.78 -3.91 -18.60
N VAL A 125 -30.51 -4.05 -18.18
CA VAL A 125 -30.19 -4.04 -16.75
C VAL A 125 -30.56 -2.69 -16.13
N GLU A 126 -30.44 -1.61 -16.89
CA GLU A 126 -30.68 -0.28 -16.31
C GLU A 126 -32.16 0.00 -16.07
N ASN A 127 -33.05 -0.67 -16.79
CA ASN A 127 -34.48 -0.44 -16.64
C ASN A 127 -35.27 -1.67 -16.22
N HIS A 128 -34.72 -2.87 -16.38
CA HIS A 128 -35.39 -4.10 -15.99
C HIS A 128 -34.94 -4.63 -14.64
N VAL A 129 -33.93 -4.00 -14.02
CA VAL A 129 -33.33 -4.55 -12.81
C VAL A 129 -33.09 -3.42 -11.82
N ILE A 130 -33.49 -3.65 -10.57
CA ILE A 130 -33.07 -2.82 -9.44
C ILE A 130 -32.13 -3.68 -8.60
N ILE A 131 -30.90 -3.22 -8.42
CA ILE A 131 -29.90 -3.93 -7.62
C ILE A 131 -29.54 -3.04 -6.44
N ASP A 132 -29.91 -3.49 -5.25
CA ASP A 132 -29.55 -2.82 -4.00
C ASP A 132 -28.67 -3.77 -3.19
N SER A 133 -27.84 -3.18 -2.33
CA SER A 133 -26.86 -3.94 -1.55
C SER A 133 -27.08 -3.72 -0.07
N ARG A 134 -27.10 -4.81 0.70
CA ARG A 134 -27.12 -4.77 2.15
C ARG A 134 -25.94 -5.54 2.73
N ILE A 135 -24.85 -5.64 1.96
CA ILE A 135 -23.67 -6.33 2.44
C ILE A 135 -23.20 -5.67 3.73
N GLY A 136 -22.85 -6.51 4.72
CA GLY A 136 -22.52 -5.98 6.03
C GLY A 136 -21.12 -5.39 6.07
N GLN A 137 -20.86 -4.67 7.16
CA GLN A 137 -19.61 -3.92 7.32
C GLN A 137 -18.62 -4.73 8.14
N GLY A 138 -17.46 -5.00 7.56
CA GLY A 138 -16.32 -5.54 8.29
C GLY A 138 -15.26 -4.46 8.42
N SER A 139 -14.59 -4.42 9.58
CA SER A 139 -13.48 -3.51 9.81
C SER A 139 -12.19 -4.31 9.96
N VAL A 140 -11.16 -3.93 9.20
CA VAL A 140 -9.87 -4.59 9.26
C VAL A 140 -8.78 -3.53 9.34
N ASP A 141 -7.78 -3.79 10.19
CA ASP A 141 -6.52 -3.05 10.18
C ASP A 141 -5.51 -3.85 9.36
N LEU A 142 -4.98 -3.23 8.30
CA LEU A 142 -4.14 -3.95 7.36
C LEU A 142 -2.96 -4.64 8.03
N VAL A 143 -2.43 -4.05 9.11
CA VAL A 143 -1.29 -4.68 9.78
C VAL A 143 -1.63 -6.09 10.22
N SER A 144 -2.89 -6.34 10.58
CA SER A 144 -3.28 -7.66 11.06
C SER A 144 -3.33 -8.69 9.93
N VAL A 145 -3.89 -8.32 8.77
CA VAL A 145 -3.98 -9.27 7.67
C VAL A 145 -2.60 -9.65 7.18
N PHE A 146 -1.69 -8.67 7.09
CA PHE A 146 -0.32 -8.98 6.69
C PHE A 146 0.39 -9.84 7.74
N ASN A 147 0.05 -9.67 9.02
CA ASN A 147 0.70 -10.45 10.05
C ASN A 147 0.22 -11.90 10.04
N LYS A 148 -1.06 -12.13 9.75
CA LYS A 148 -1.55 -13.50 9.63
C LYS A 148 -1.15 -14.14 8.31
N ALA A 149 -0.44 -13.40 7.45
CA ALA A 149 0.25 -14.02 6.32
C ALA A 149 1.59 -14.57 6.81
N ARG A 150 2.56 -13.67 7.01
CA ARG A 150 3.81 -13.97 7.70
C ARG A 150 3.73 -15.21 8.59
N GLU A 151 2.72 -15.26 9.46
CA GLU A 151 2.63 -16.36 10.43
C GLU A 151 2.24 -17.68 9.76
N ASN A 152 1.28 -17.64 8.83
CA ASN A 152 0.77 -18.85 8.18
C ASN A 152 0.53 -18.57 6.70
N PRO A 153 1.52 -18.86 5.85
CA PRO A 153 1.31 -18.66 4.40
C PRO A 153 0.08 -19.40 3.88
N ILE A 154 -0.08 -20.67 4.25
CA ILE A 154 -1.30 -21.43 3.94
C ILE A 154 -2.22 -21.31 5.14
N PRO A 155 -3.47 -20.86 4.97
CA PRO A 155 -4.35 -20.66 6.13
C PRO A 155 -4.60 -21.97 6.88
N LEU A 156 -4.78 -21.85 8.19
CA LEU A 156 -5.11 -22.98 9.04
C LEU A 156 -6.61 -23.16 9.13
N ALA A 157 -7.04 -24.41 9.28
CA ALA A 157 -8.46 -24.74 9.37
C ALA A 157 -8.96 -24.47 10.78
N ASN A 158 -10.02 -23.66 10.89
CA ASN A 158 -10.67 -23.40 12.15
C ASN A 158 -11.85 -24.32 12.42
N ASP A 159 -12.25 -25.12 11.43
CA ASP A 159 -13.40 -26.01 11.56
C ASP A 159 -13.14 -27.27 10.75
N THR A 160 -14.03 -28.25 10.91
CA THR A 160 -13.97 -29.47 10.12
C THR A 160 -14.78 -29.24 8.85
N SER A 161 -14.08 -28.94 7.77
CA SER A 161 -14.72 -28.66 6.49
C SER A 161 -14.56 -29.86 5.55
N PHE A 162 -15.39 -29.88 4.52
CA PHE A 162 -15.65 -31.09 3.77
C PHE A 162 -15.84 -30.75 2.29
N GLY A 163 -15.13 -31.48 1.43
CA GLY A 163 -15.30 -31.33 0.00
C GLY A 163 -15.49 -32.68 -0.66
N VAL A 164 -16.30 -32.68 -1.72
CA VAL A 164 -16.64 -33.90 -2.43
C VAL A 164 -16.51 -33.64 -3.92
N GLY A 165 -15.80 -34.54 -4.62
CA GLY A 165 -15.75 -34.52 -6.06
C GLY A 165 -15.82 -35.93 -6.58
N TYR A 166 -15.98 -36.04 -7.89
CA TYR A 166 -16.09 -37.35 -8.51
C TYR A 166 -15.77 -37.22 -9.99
N ALA A 167 -15.44 -38.34 -10.60
CA ALA A 167 -15.13 -38.41 -12.02
C ALA A 167 -15.04 -39.88 -12.41
N PRO A 168 -15.20 -40.20 -13.71
CA PRO A 168 -15.57 -39.27 -14.77
C PRO A 168 -17.06 -39.02 -14.77
N LEU A 169 -17.54 -38.14 -15.64
CA LEU A 169 -18.96 -37.92 -15.77
C LEU A 169 -19.59 -39.06 -16.57
N SER A 170 -20.77 -39.49 -16.15
CA SER A 170 -21.51 -40.47 -16.91
C SER A 170 -21.95 -39.87 -18.24
N GLU A 171 -22.47 -40.72 -19.12
CA GLU A 171 -22.98 -40.22 -20.39
C GLU A 171 -24.16 -39.27 -20.17
N THR A 172 -25.02 -39.59 -19.19
CA THR A 172 -26.15 -38.72 -18.89
C THR A 172 -25.69 -37.38 -18.32
N GLU A 173 -24.69 -37.41 -17.43
CA GLU A 173 -24.15 -36.18 -16.88
C GLU A 173 -23.53 -35.32 -17.96
N ARG A 174 -22.69 -35.92 -18.82
CA ARG A 174 -22.09 -35.16 -19.91
C ARG A 174 -23.15 -34.62 -20.85
N LEU A 175 -24.20 -35.41 -21.09
CA LEU A 175 -25.26 -34.98 -22.01
C LEU A 175 -25.99 -33.76 -21.45
N VAL A 176 -26.38 -33.81 -20.17
CA VAL A 176 -27.04 -32.67 -19.55
C VAL A 176 -26.12 -31.45 -19.56
N LEU A 177 -24.86 -31.65 -19.15
CA LEU A 177 -23.92 -30.53 -19.09
C LEU A 177 -23.74 -29.89 -20.46
N GLU A 178 -23.44 -30.70 -21.47
CA GLU A 178 -23.15 -30.16 -22.79
C GLU A 178 -24.39 -29.60 -23.47
N THR A 179 -25.58 -30.11 -23.13
CA THR A 179 -26.80 -29.54 -23.69
C THR A 179 -26.95 -28.09 -23.26
N GLU A 180 -26.83 -27.83 -21.96
CA GLU A 180 -26.90 -26.46 -21.46
C GLU A 180 -25.79 -25.61 -22.06
N LYS A 181 -24.56 -26.14 -22.04
CA LYS A 181 -23.43 -25.39 -22.59
C LYS A 181 -23.66 -25.07 -24.07
N LEU A 182 -24.20 -26.03 -24.82
CA LEU A 182 -24.44 -25.81 -26.24
C LEU A 182 -25.49 -24.72 -26.44
N LEU A 183 -26.66 -24.87 -25.83
CA LEU A 183 -27.75 -23.92 -26.03
C LEU A 183 -27.42 -22.54 -25.51
N ASN A 184 -26.47 -22.42 -24.58
CA ASN A 184 -26.03 -21.13 -24.07
C ASN A 184 -24.68 -20.71 -24.64
N SER A 185 -24.19 -21.39 -25.67
CA SER A 185 -22.95 -20.98 -26.31
C SER A 185 -23.22 -19.82 -27.26
N GLU A 186 -22.20 -19.00 -27.48
CA GLU A 186 -22.37 -17.83 -28.33
C GLU A 186 -22.78 -18.22 -29.75
N LYS A 187 -22.16 -19.27 -30.29
CA LYS A 187 -22.48 -19.69 -31.65
C LYS A 187 -23.96 -20.01 -31.79
N PHE A 188 -24.49 -20.81 -30.87
CA PHE A 188 -25.91 -21.17 -30.93
C PHE A 188 -26.80 -19.95 -30.74
N LYS A 189 -26.36 -18.98 -29.92
CA LYS A 189 -27.18 -17.80 -29.68
C LYS A 189 -27.36 -16.97 -30.95
N LYS A 190 -26.28 -16.73 -31.69
CA LYS A 190 -26.44 -15.96 -32.93
C LYS A 190 -27.29 -16.72 -33.94
N GLU A 191 -27.19 -18.05 -33.97
CA GLU A 191 -27.98 -18.83 -34.91
C GLU A 191 -29.44 -18.87 -34.52
N TYR A 192 -29.74 -18.83 -33.23
CA TYR A 192 -31.12 -18.85 -32.72
C TYR A 192 -31.22 -17.84 -31.59
N PRO A 193 -31.25 -16.55 -31.91
CA PRO A 193 -31.35 -15.53 -30.85
C PRO A 193 -32.59 -15.65 -30.00
N ALA A 194 -33.63 -16.37 -30.46
CA ALA A 194 -34.85 -16.49 -29.70
C ALA A 194 -34.67 -17.31 -28.43
N VAL A 195 -33.64 -18.14 -28.35
CA VAL A 195 -33.43 -19.01 -27.20
C VAL A 195 -32.79 -18.18 -26.10
N GLY A 196 -33.53 -17.95 -25.01
CA GLY A 196 -33.00 -17.22 -23.89
C GLY A 196 -31.93 -18.01 -23.14
N GLU A 197 -31.46 -17.41 -22.05
CA GLU A 197 -30.44 -18.04 -21.23
C GLU A 197 -31.00 -18.86 -20.09
N ASP A 198 -32.27 -18.69 -19.75
CA ASP A 198 -32.89 -19.48 -18.68
C ASP A 198 -33.20 -20.86 -19.24
N ILE A 199 -32.17 -21.70 -19.23
CA ILE A 199 -32.22 -23.04 -19.79
C ILE A 199 -31.98 -24.02 -18.67
N LYS A 200 -32.95 -24.89 -18.42
CA LYS A 200 -32.83 -25.92 -17.41
C LYS A 200 -32.98 -27.28 -18.10
N VAL A 201 -32.02 -28.17 -17.86
CA VAL A 201 -31.96 -29.46 -18.52
C VAL A 201 -32.09 -30.54 -17.46
N MET A 202 -33.04 -31.44 -17.65
CA MET A 202 -33.22 -32.59 -16.76
C MET A 202 -33.00 -33.86 -17.57
N GLY A 203 -32.01 -34.65 -17.16
CA GLY A 203 -31.75 -35.91 -17.81
C GLY A 203 -32.19 -37.11 -17.01
N LEU A 204 -33.04 -37.96 -17.58
CA LEU A 204 -33.49 -39.19 -16.93
C LEU A 204 -33.04 -40.36 -17.79
N ARG A 205 -32.17 -41.20 -17.24
CA ARG A 205 -31.78 -42.44 -17.91
C ARG A 205 -32.52 -43.59 -17.24
N ARG A 206 -33.26 -44.36 -18.04
CA ARG A 206 -33.91 -45.58 -17.58
C ARG A 206 -33.30 -46.73 -18.38
N GLY A 207 -32.41 -47.48 -17.74
CA GLY A 207 -31.66 -48.48 -18.47
C GLY A 207 -30.76 -47.80 -19.47
N ASN A 208 -31.01 -48.05 -20.75
CA ASN A 208 -30.22 -47.46 -21.83
C ASN A 208 -31.07 -46.52 -22.69
N GLU A 209 -32.08 -45.89 -22.07
CA GLU A 209 -32.93 -44.91 -22.72
C GLU A 209 -32.91 -43.64 -21.87
N ILE A 210 -32.56 -42.52 -22.49
CA ILE A 210 -32.43 -41.23 -21.81
C ILE A 210 -33.57 -40.33 -22.26
N ASP A 211 -34.32 -39.80 -21.30
CA ASP A 211 -35.29 -38.74 -21.55
C ASP A 211 -34.67 -37.42 -21.14
N LEU A 212 -34.51 -36.51 -22.10
CA LEU A 212 -33.82 -35.24 -21.87
C LEU A 212 -34.84 -34.12 -21.96
N THR A 213 -35.23 -33.59 -20.81
CA THR A 213 -36.21 -32.51 -20.74
C THR A 213 -35.50 -31.17 -20.68
N ILE A 214 -35.87 -30.27 -21.58
CA ILE A 214 -35.28 -28.94 -21.68
C ILE A 214 -36.37 -27.91 -21.45
N ALA A 215 -36.14 -27.01 -20.49
CA ALA A 215 -36.97 -25.84 -20.27
C ALA A 215 -36.16 -24.63 -20.70
N ALA A 216 -36.54 -24.02 -21.82
CA ALA A 216 -35.79 -22.92 -22.41
C ALA A 216 -36.71 -21.71 -22.59
N ALA A 217 -36.42 -20.64 -21.85
CA ALA A 217 -37.15 -19.39 -22.03
C ALA A 217 -36.84 -18.80 -23.40
N ILE A 218 -37.88 -18.52 -24.18
CA ILE A 218 -37.74 -17.99 -25.52
C ILE A 218 -38.01 -16.50 -25.50
N VAL A 219 -37.16 -15.73 -26.16
CA VAL A 219 -37.28 -14.27 -26.19
C VAL A 219 -38.42 -13.91 -27.13
N ASP A 220 -39.42 -13.23 -26.59
CA ASP A 220 -40.64 -12.97 -27.36
C ASP A 220 -40.42 -12.01 -28.51
N SER A 221 -39.36 -11.18 -28.47
CA SER A 221 -39.07 -10.28 -29.56
C SER A 221 -38.45 -10.99 -30.77
N GLU A 222 -38.06 -12.25 -30.64
CA GLU A 222 -37.46 -12.99 -31.73
C GLU A 222 -38.42 -13.99 -32.38
N VAL A 223 -39.62 -14.17 -31.82
CA VAL A 223 -40.63 -15.06 -32.39
C VAL A 223 -41.90 -14.24 -32.58
N ALA A 224 -42.37 -14.14 -33.82
CA ALA A 224 -43.50 -13.28 -34.15
C ALA A 224 -44.85 -13.96 -33.94
N THR A 225 -44.90 -15.29 -33.99
CA THR A 225 -46.16 -16.02 -33.87
C THR A 225 -45.90 -17.30 -33.10
N PRO A 226 -46.94 -17.88 -32.49
CA PRO A 226 -46.73 -19.17 -31.79
C PRO A 226 -46.08 -20.23 -32.65
N LYS A 227 -46.30 -20.19 -33.96
CA LYS A 227 -45.69 -21.18 -34.84
C LYS A 227 -44.17 -21.03 -34.85
N GLU A 228 -43.67 -19.79 -34.96
CA GLU A 228 -42.23 -19.58 -34.89
C GLU A 228 -41.67 -20.04 -33.55
N TYR A 229 -42.45 -19.88 -32.48
CA TYR A 229 -42.02 -20.38 -31.18
C TYR A 229 -41.88 -21.89 -31.20
N LEU A 230 -42.86 -22.59 -31.79
CA LEU A 230 -42.74 -24.03 -31.94
C LEU A 230 -41.58 -24.42 -32.84
N GLU A 231 -41.29 -23.60 -33.86
CA GLU A 231 -40.16 -23.89 -34.74
C GLU A 231 -38.84 -23.77 -33.98
N VAL A 232 -38.69 -22.72 -33.16
CA VAL A 232 -37.49 -22.60 -32.35
C VAL A 232 -37.30 -23.82 -31.48
N LYS A 233 -38.40 -24.32 -30.90
CA LYS A 233 -38.32 -25.52 -30.07
C LYS A 233 -37.75 -26.70 -30.85
N ASP A 234 -38.21 -26.88 -32.09
CA ASP A 234 -37.69 -27.97 -32.92
C ASP A 234 -36.21 -27.78 -33.21
N LYS A 235 -35.78 -26.53 -33.43
CA LYS A 235 -34.37 -26.29 -33.72
C LYS A 235 -33.51 -26.65 -32.52
N ILE A 236 -33.97 -26.34 -31.32
CA ILE A 236 -33.29 -26.82 -30.11
C ILE A 236 -33.23 -28.34 -30.12
N LYS A 237 -34.36 -28.99 -30.40
CA LYS A 237 -34.41 -30.44 -30.41
C LYS A 237 -33.37 -31.00 -31.37
N GLU A 238 -33.28 -30.44 -32.58
CA GLU A 238 -32.34 -30.95 -33.58
C GLU A 238 -30.90 -30.77 -33.10
N ALA A 239 -30.57 -29.60 -32.58
CA ALA A 239 -29.21 -29.35 -32.10
C ALA A 239 -28.83 -30.34 -31.02
N VAL A 240 -29.77 -30.65 -30.11
CA VAL A 240 -29.47 -31.58 -29.02
C VAL A 240 -29.44 -33.02 -29.53
N GLU A 241 -30.23 -33.34 -30.55
CA GLU A 241 -30.13 -34.66 -31.17
C GLU A 241 -28.71 -34.90 -31.69
N GLU A 242 -28.17 -33.94 -32.44
CA GLU A 242 -26.80 -34.05 -32.91
C GLU A 242 -25.82 -34.19 -31.76
N LEU A 243 -26.01 -33.41 -30.69
CA LEU A 243 -25.12 -33.50 -29.54
C LEU A 243 -25.23 -34.86 -28.87
N ALA A 244 -26.45 -35.39 -28.75
CA ALA A 244 -26.62 -36.70 -28.11
C ALA A 244 -25.87 -37.79 -28.87
N LYS A 245 -25.97 -37.79 -30.21
CA LYS A 245 -25.24 -38.76 -31.02
C LYS A 245 -23.74 -38.61 -30.85
N GLU A 246 -23.25 -37.47 -30.38
CA GLU A 246 -21.83 -37.28 -30.17
C GLU A 246 -21.36 -37.87 -28.84
N ILE A 247 -22.27 -38.16 -27.92
CA ILE A 247 -21.93 -38.52 -26.56
C ILE A 247 -22.23 -39.99 -26.26
N THR A 248 -23.34 -40.52 -26.77
CA THR A 248 -23.80 -41.82 -26.35
C THR A 248 -24.50 -42.54 -27.50
N SER A 249 -24.51 -43.87 -27.40
CA SER A 249 -25.24 -44.73 -28.31
C SER A 249 -26.57 -45.20 -27.73
N ARG A 250 -26.98 -44.64 -26.60
CA ARG A 250 -28.28 -44.95 -26.02
C ARG A 250 -29.38 -44.18 -26.75
N LYS A 251 -30.60 -44.67 -26.61
CA LYS A 251 -31.76 -43.95 -27.13
C LYS A 251 -31.98 -42.67 -26.33
N VAL A 252 -32.16 -41.56 -27.03
CA VAL A 252 -32.30 -40.24 -26.42
C VAL A 252 -33.60 -39.62 -26.88
N ASN A 253 -34.51 -39.41 -25.93
CA ASN A 253 -35.77 -38.69 -26.17
C ASN A 253 -35.62 -37.26 -25.65
N ILE A 254 -35.97 -36.30 -26.49
CA ILE A 254 -35.78 -34.88 -26.18
C ILE A 254 -37.15 -34.22 -26.10
N TYR A 255 -37.40 -33.56 -24.97
CA TYR A 255 -38.64 -32.83 -24.73
C TYR A 255 -38.29 -31.39 -24.38
N VAL A 256 -38.98 -30.44 -25.02
CA VAL A 256 -38.69 -29.02 -24.87
C VAL A 256 -39.96 -28.31 -24.42
N ASN A 257 -39.89 -27.65 -23.27
CA ASN A 257 -40.99 -26.86 -22.72
C ASN A 257 -42.29 -27.68 -22.70
N THR A 258 -42.30 -28.66 -21.79
CA THR A 258 -43.41 -29.57 -21.67
C THR A 258 -44.67 -28.91 -21.14
N ALA A 259 -44.55 -27.75 -20.49
CA ALA A 259 -45.72 -27.06 -19.94
C ALA A 259 -46.56 -26.37 -21.01
N ASP A 260 -46.08 -26.30 -22.25
CA ASP A 260 -46.81 -25.58 -23.29
C ASP A 260 -48.18 -26.20 -23.52
N ASP A 261 -49.17 -25.34 -23.79
CA ASP A 261 -50.53 -25.77 -24.10
C ASP A 261 -51.05 -24.81 -25.18
N PRO A 262 -50.69 -25.05 -26.44
CA PRO A 262 -51.12 -24.13 -27.51
C PRO A 262 -52.61 -23.90 -27.59
N GLU A 263 -53.43 -24.92 -27.27
CA GLU A 263 -54.87 -24.72 -27.35
C GLU A 263 -55.35 -23.62 -26.41
N ARG A 264 -54.68 -23.44 -25.28
CA ARG A 264 -54.99 -22.38 -24.34
C ARG A 264 -53.99 -21.24 -24.39
N GLY A 265 -53.11 -21.21 -25.39
CA GLY A 265 -52.17 -20.11 -25.54
C GLY A 265 -51.08 -20.06 -24.49
N ILE A 266 -50.81 -21.17 -23.81
CA ILE A 266 -49.77 -21.21 -22.78
C ILE A 266 -48.45 -21.53 -23.47
N TYR A 267 -47.52 -20.58 -23.40
CA TYR A 267 -46.23 -20.68 -24.08
C TYR A 267 -45.14 -20.18 -23.15
N TYR A 268 -43.96 -20.79 -23.24
CA TYR A 268 -42.82 -20.35 -22.45
C TYR A 268 -42.06 -19.26 -23.21
N ILE A 269 -42.73 -18.11 -23.35
CA ILE A 269 -42.13 -16.93 -23.95
C ILE A 269 -41.83 -15.93 -22.84
N THR A 270 -40.75 -15.18 -23.03
CA THR A 270 -40.34 -14.16 -22.08
C THR A 270 -39.86 -12.92 -22.83
N VAL A 271 -39.86 -11.79 -22.13
CA VAL A 271 -39.39 -10.54 -22.71
C VAL A 271 -37.86 -10.49 -22.73
N THR A 272 -37.22 -11.01 -21.69
CA THR A 272 -35.79 -10.85 -21.50
C THR A 272 -34.99 -12.13 -21.71
N GLY A 273 -35.64 -13.28 -21.82
CA GLY A 273 -34.94 -14.54 -21.90
C GLY A 273 -34.68 -15.19 -20.57
N THR A 274 -35.23 -14.65 -19.48
CA THR A 274 -35.11 -15.25 -18.17
C THR A 274 -36.46 -15.22 -17.47
N SER A 275 -36.81 -16.34 -16.83
CA SER A 275 -38.05 -16.39 -16.05
C SER A 275 -37.95 -15.54 -14.78
N ALA A 276 -36.77 -14.99 -14.48
CA ALA A 276 -36.67 -14.04 -13.37
C ALA A 276 -37.51 -12.80 -13.61
N GLU A 277 -37.88 -12.52 -14.87
CA GLU A 277 -38.72 -11.38 -15.16
C GLU A 277 -40.13 -11.56 -14.57
N ALA A 278 -40.57 -12.80 -14.39
CA ALA A 278 -41.97 -13.06 -14.07
C ALA A 278 -42.15 -14.01 -12.90
N GLY A 279 -42.28 -15.31 -13.17
CA GLY A 279 -42.76 -16.25 -12.18
C GLY A 279 -41.76 -17.13 -11.48
N ASP A 280 -40.46 -16.85 -11.57
CA ASP A 280 -39.47 -17.59 -10.79
C ASP A 280 -38.53 -16.65 -10.07
N ASP A 281 -38.21 -17.01 -8.83
CA ASP A 281 -37.26 -16.28 -7.98
C ASP A 281 -35.99 -17.12 -7.84
N GLY A 282 -34.93 -16.48 -7.35
CA GLY A 282 -33.67 -17.17 -7.21
C GLY A 282 -32.94 -16.75 -5.94
N SER A 283 -32.06 -17.64 -5.50
CA SER A 283 -31.14 -17.37 -4.40
C SER A 283 -29.93 -18.27 -4.56
N VAL A 284 -28.90 -18.00 -3.77
CA VAL A 284 -27.61 -18.66 -3.91
C VAL A 284 -27.68 -20.08 -3.34
N GLY A 285 -26.89 -20.97 -3.93
CA GLY A 285 -26.76 -22.32 -3.42
C GLY A 285 -27.96 -23.21 -3.61
N ARG A 286 -28.84 -22.86 -4.56
CA ARG A 286 -30.07 -23.60 -4.80
C ARG A 286 -30.02 -24.44 -6.07
N GLY A 287 -28.88 -24.48 -6.76
CA GLY A 287 -28.80 -25.17 -8.02
C GLY A 287 -27.57 -26.03 -8.18
N ASN A 288 -26.79 -25.78 -9.23
CA ASN A 288 -25.72 -26.67 -9.60
C ASN A 288 -24.62 -26.69 -8.54
N ARG A 289 -23.92 -27.82 -8.47
CA ARG A 289 -22.70 -27.92 -7.68
C ARG A 289 -21.53 -27.39 -8.50
N VAL A 290 -20.33 -27.38 -7.89
CA VAL A 290 -19.18 -26.80 -8.55
C VAL A 290 -18.88 -27.47 -9.88
N ASN A 291 -19.33 -28.71 -10.09
CA ASN A 291 -19.14 -29.37 -11.37
C ASN A 291 -20.22 -28.99 -12.38
N GLY A 292 -21.14 -28.09 -12.01
CA GLY A 292 -22.15 -27.61 -12.92
C GLY A 292 -23.39 -28.46 -13.03
N LEU A 293 -23.58 -29.42 -12.12
CA LEU A 293 -24.67 -30.37 -12.24
C LEU A 293 -25.32 -30.61 -10.88
N ILE A 294 -26.55 -31.08 -10.93
CA ILE A 294 -27.27 -31.56 -9.76
C ILE A 294 -27.44 -33.06 -9.97
N THR A 295 -26.77 -33.86 -9.14
CA THR A 295 -26.61 -35.29 -9.38
C THR A 295 -27.04 -36.07 -8.15
N PRO A 296 -28.31 -36.45 -8.05
CA PRO A 296 -28.75 -37.24 -6.90
C PRO A 296 -28.21 -38.66 -6.87
N ASN A 297 -27.76 -39.20 -8.01
CA ASN A 297 -27.09 -40.50 -8.01
C ASN A 297 -25.66 -40.42 -7.50
N ARG A 298 -25.15 -39.21 -7.27
CA ARG A 298 -23.80 -39.01 -6.77
C ARG A 298 -23.87 -38.54 -5.32
N HIS A 299 -22.72 -38.15 -4.79
CA HIS A 299 -22.61 -37.58 -3.45
C HIS A 299 -22.31 -36.09 -3.61
N MET A 300 -23.25 -35.25 -3.22
CA MET A 300 -23.13 -33.81 -3.36
C MET A 300 -22.96 -33.17 -1.99
N SER A 301 -22.28 -32.03 -2.00
CA SER A 301 -22.22 -31.16 -0.83
C SER A 301 -23.39 -30.18 -0.88
N MET A 302 -23.94 -29.85 0.28
CA MET A 302 -24.95 -28.80 0.37
C MET A 302 -24.34 -27.41 0.35
N GLU A 303 -23.04 -27.30 0.58
CA GLU A 303 -22.41 -25.99 0.71
C GLU A 303 -22.48 -25.25 -0.62
N ALA A 304 -23.01 -24.02 -0.57
CA ALA A 304 -22.94 -23.14 -1.72
C ALA A 304 -21.51 -22.64 -1.88
N ALA A 305 -20.99 -22.72 -3.11
CA ALA A 305 -19.64 -22.24 -3.38
C ALA A 305 -19.64 -20.82 -3.90
N ALA A 306 -20.70 -20.41 -4.60
CA ALA A 306 -20.75 -19.08 -5.21
C ALA A 306 -20.73 -18.00 -4.14
N GLY A 307 -19.83 -17.03 -4.32
CA GLY A 307 -19.74 -15.89 -3.42
C GLY A 307 -18.81 -16.08 -2.25
N LYS A 308 -18.36 -17.29 -1.97
CA LYS A 308 -17.47 -17.52 -0.84
C LYS A 308 -16.04 -17.15 -1.20
N ASN A 309 -15.32 -16.64 -0.21
CA ASN A 309 -13.98 -16.11 -0.43
C ASN A 309 -13.07 -17.22 -0.96
N PRO A 310 -12.43 -17.04 -2.12
CA PRO A 310 -11.64 -18.13 -2.71
C PRO A 310 -10.28 -18.34 -2.05
N VAL A 311 -9.91 -17.54 -1.06
CA VAL A 311 -8.64 -17.69 -0.38
C VAL A 311 -8.79 -18.27 1.03
N SER A 312 -9.89 -17.96 1.72
CA SER A 312 -10.02 -18.31 3.13
C SER A 312 -11.09 -19.35 3.40
N HIS A 313 -12.14 -19.45 2.56
CA HIS A 313 -13.19 -20.41 2.81
C HIS A 313 -12.71 -21.79 2.37
N VAL A 314 -12.50 -22.67 3.34
N VAL A 314 -12.49 -22.67 3.35
CA VAL A 314 -11.90 -23.97 3.06
CA VAL A 314 -11.91 -23.98 3.07
C VAL A 314 -12.89 -24.91 2.38
C VAL A 314 -12.90 -24.88 2.35
N GLY A 315 -14.19 -24.76 2.66
CA GLY A 315 -15.18 -25.63 2.04
C GLY A 315 -15.27 -25.45 0.53
N LYS A 316 -15.12 -24.20 0.07
CA LYS A 316 -15.19 -23.94 -1.36
C LYS A 316 -13.98 -24.50 -2.08
N ILE A 317 -12.79 -24.26 -1.55
CA ILE A 317 -11.58 -24.74 -2.22
C ILE A 317 -11.52 -26.25 -2.18
N TYR A 318 -12.00 -26.87 -1.10
CA TYR A 318 -11.96 -28.33 -1.00
C TYR A 318 -12.92 -28.98 -2.00
N ASN A 319 -14.11 -28.40 -2.17
CA ASN A 319 -15.03 -28.94 -3.16
C ASN A 319 -14.47 -28.80 -4.57
N ILE A 320 -13.86 -27.66 -4.86
CA ILE A 320 -13.20 -27.48 -6.16
C ILE A 320 -12.01 -28.42 -6.28
N LEU A 321 -11.19 -28.51 -5.23
CA LEU A 321 -10.02 -29.36 -5.30
C LEU A 321 -10.39 -30.84 -5.45
N ALA A 322 -11.41 -31.27 -4.71
CA ALA A 322 -11.88 -32.65 -4.83
C ALA A 322 -12.32 -32.93 -6.26
N MET A 323 -13.05 -32.00 -6.88
CA MET A 323 -13.45 -32.17 -8.26
C MET A 323 -12.24 -32.31 -9.18
N LEU A 324 -11.27 -31.39 -9.05
CA LEU A 324 -10.11 -31.41 -9.93
C LEU A 324 -9.29 -32.67 -9.73
N ILE A 325 -9.09 -33.09 -8.47
CA ILE A 325 -8.37 -34.32 -8.20
C ILE A 325 -9.05 -35.50 -8.88
N ALA A 326 -10.38 -35.58 -8.74
CA ALA A 326 -11.12 -36.66 -9.37
C ALA A 326 -10.94 -36.64 -10.89
N GLU A 327 -11.08 -35.46 -11.50
CA GLU A 327 -10.94 -35.35 -12.95
C GLU A 327 -9.57 -35.82 -13.40
N ASP A 328 -8.52 -35.37 -12.71
CA ASP A 328 -7.16 -35.75 -13.09
C ASP A 328 -6.97 -37.27 -12.96
N ILE A 329 -7.51 -37.86 -11.89
CA ILE A 329 -7.40 -39.31 -11.71
C ILE A 329 -8.12 -40.04 -12.83
N ALA A 330 -9.38 -39.67 -13.07
CA ALA A 330 -10.19 -40.38 -14.06
C ALA A 330 -9.59 -40.26 -15.47
N LYS A 331 -8.96 -39.13 -15.79
CA LYS A 331 -8.43 -38.93 -17.12
C LYS A 331 -7.08 -39.60 -17.32
N THR A 332 -6.36 -39.90 -16.24
CA THR A 332 -5.01 -40.47 -16.33
C THR A 332 -4.94 -41.94 -15.96
N LEU A 333 -5.84 -42.43 -15.11
CA LEU A 333 -5.73 -43.77 -14.57
C LEU A 333 -6.95 -44.62 -14.94
N PRO A 334 -6.79 -45.95 -15.00
CA PRO A 334 -7.89 -46.85 -15.42
C PRO A 334 -8.92 -47.10 -14.32
N VAL A 335 -9.84 -46.16 -14.14
CA VAL A 335 -10.88 -46.24 -13.12
C VAL A 335 -12.23 -46.08 -13.78
N GLU A 336 -13.19 -46.93 -13.37
CA GLU A 336 -14.58 -46.71 -13.76
C GLU A 336 -15.13 -45.47 -13.10
N GLU A 337 -14.87 -45.31 -11.81
CA GLU A 337 -15.29 -44.15 -11.06
C GLU A 337 -14.25 -43.86 -9.98
N VAL A 338 -14.20 -42.61 -9.57
CA VAL A 338 -13.35 -42.18 -8.46
C VAL A 338 -14.12 -41.13 -7.67
N TYR A 339 -14.25 -41.34 -6.37
CA TYR A 339 -14.86 -40.36 -5.48
C TYR A 339 -13.79 -39.80 -4.56
N VAL A 340 -13.73 -38.48 -4.48
CA VAL A 340 -12.71 -37.79 -3.70
C VAL A 340 -13.40 -37.01 -2.59
N ARG A 341 -12.96 -37.24 -1.36
CA ARG A 341 -13.46 -36.52 -0.20
C ARG A 341 -12.27 -35.95 0.55
N ILE A 342 -12.36 -34.68 0.94
CA ILE A 342 -11.30 -33.99 1.65
C ILE A 342 -11.89 -33.43 2.94
N LEU A 343 -11.31 -33.83 4.07
CA LEU A 343 -11.72 -33.33 5.38
C LEU A 343 -10.54 -32.58 5.98
N SER A 344 -10.80 -31.35 6.44
CA SER A 344 -9.75 -30.54 7.02
C SER A 344 -9.47 -30.97 8.45
N GLN A 345 -8.27 -30.62 8.93
CA GLN A 345 -7.87 -30.90 10.30
C GLN A 345 -7.70 -29.60 11.05
N ILE A 346 -8.32 -29.51 12.23
CA ILE A 346 -8.33 -28.26 12.98
C ILE A 346 -6.91 -27.81 13.29
N GLY A 347 -6.69 -26.50 13.19
CA GLY A 347 -5.39 -25.91 13.47
C GLY A 347 -4.22 -26.49 12.71
N LYS A 348 -4.51 -27.19 11.61
CA LYS A 348 -3.47 -27.61 10.68
C LYS A 348 -3.68 -26.91 9.33
N PRO A 349 -2.60 -26.69 8.56
CA PRO A 349 -2.79 -26.06 7.25
C PRO A 349 -3.75 -26.86 6.39
N ILE A 350 -4.51 -26.14 5.56
CA ILE A 350 -5.57 -26.78 4.79
C ILE A 350 -5.01 -27.69 3.71
N ASP A 351 -3.74 -27.51 3.32
CA ASP A 351 -3.09 -28.48 2.45
C ASP A 351 -2.64 -29.71 3.23
N GLN A 352 -2.91 -29.76 4.53
CA GLN A 352 -2.68 -30.93 5.37
C GLN A 352 -4.03 -31.40 5.91
N PRO A 353 -4.88 -31.97 5.06
CA PRO A 353 -6.23 -32.33 5.49
C PRO A 353 -6.20 -33.46 6.51
N LEU A 354 -7.29 -33.53 7.29
CA LEU A 354 -7.46 -34.65 8.21
C LEU A 354 -7.42 -35.96 7.46
N VAL A 355 -8.01 -36.00 6.26
CA VAL A 355 -7.95 -37.17 5.39
C VAL A 355 -8.39 -36.77 3.99
N ALA A 356 -7.72 -37.32 2.98
CA ALA A 356 -8.10 -37.14 1.59
C ALA A 356 -8.45 -38.54 1.08
N SER A 357 -9.74 -38.88 1.17
CA SER A 357 -10.18 -40.21 0.80
C SER A 357 -10.38 -40.29 -0.71
N ILE A 358 -9.72 -41.28 -1.32
CA ILE A 358 -9.82 -41.51 -2.76
C ILE A 358 -10.36 -42.92 -2.92
N GLN A 359 -11.65 -43.02 -3.21
CA GLN A 359 -12.33 -44.28 -3.41
C GLN A 359 -12.50 -44.52 -4.91
N VAL A 360 -12.01 -45.66 -5.40
CA VAL A 360 -11.91 -45.90 -6.83
C VAL A 360 -12.55 -47.24 -7.16
N ILE A 361 -13.36 -47.26 -8.21
CA ILE A 361 -13.80 -48.49 -8.85
C ILE A 361 -12.90 -48.71 -10.07
N PRO A 362 -11.99 -49.67 -10.06
CA PRO A 362 -11.09 -49.85 -11.20
C PRO A 362 -11.82 -50.43 -12.41
N LYS A 363 -11.26 -50.17 -13.59
CA LYS A 363 -11.77 -50.78 -14.80
C LYS A 363 -11.50 -52.28 -14.79
N PRO A 364 -12.32 -53.07 -15.48
CA PRO A 364 -12.08 -54.51 -15.53
C PRO A 364 -10.66 -54.84 -15.98
N GLY A 365 -10.03 -55.77 -15.28
CA GLY A 365 -8.67 -56.16 -15.58
C GLY A 365 -7.61 -55.40 -14.81
N HIS A 366 -7.97 -54.31 -14.14
CA HIS A 366 -7.04 -53.52 -13.35
C HIS A 366 -7.40 -53.63 -11.87
N SER A 367 -6.38 -53.52 -11.02
CA SER A 367 -6.55 -53.46 -9.59
C SER A 367 -5.97 -52.16 -9.06
N VAL A 368 -6.52 -51.69 -7.94
CA VAL A 368 -6.15 -50.38 -7.42
C VAL A 368 -4.69 -50.35 -7.00
N LYS A 369 -4.19 -51.43 -6.41
CA LYS A 369 -2.79 -51.46 -5.98
C LYS A 369 -1.83 -51.29 -7.15
N GLU A 370 -2.29 -51.53 -8.38
CA GLU A 370 -1.44 -51.29 -9.55
C GLU A 370 -1.21 -49.80 -9.79
N PHE A 371 -2.17 -48.95 -9.41
CA PHE A 371 -2.06 -47.52 -9.68
C PHE A 371 -2.37 -46.67 -8.45
N GLU A 372 -2.39 -47.25 -7.26
CA GLU A 372 -2.75 -46.48 -6.07
C GLU A 372 -1.75 -45.35 -5.83
N LYS A 373 -0.45 -45.60 -6.06
CA LYS A 373 0.55 -44.56 -5.83
C LYS A 373 0.44 -43.45 -6.86
N ASP A 374 -0.01 -43.77 -8.07
CA ASP A 374 -0.23 -42.73 -9.07
C ASP A 374 -1.37 -41.81 -8.65
N ALA A 375 -2.47 -42.39 -8.18
CA ALA A 375 -3.57 -41.59 -7.67
C ALA A 375 -3.14 -40.78 -6.45
N TYR A 376 -2.35 -41.40 -5.56
CA TYR A 376 -1.81 -40.66 -4.42
C TYR A 376 -1.04 -39.43 -4.86
N SER A 377 -0.16 -39.58 -5.85
CA SER A 377 0.65 -38.46 -6.31
C SER A 377 -0.23 -37.36 -6.88
N ILE A 378 -1.26 -37.72 -7.63
CA ILE A 378 -2.15 -36.73 -8.23
C ILE A 378 -2.80 -35.88 -7.13
N ALA A 379 -3.43 -36.54 -6.16
CA ALA A 379 -4.07 -35.80 -5.08
C ALA A 379 -3.05 -35.01 -4.27
N ASP A 380 -1.86 -35.58 -4.07
CA ASP A 380 -0.82 -34.88 -3.33
C ASP A 380 -0.39 -33.62 -4.05
N GLU A 381 -0.27 -33.68 -5.38
CA GLU A 381 0.17 -32.52 -6.14
C GLU A 381 -0.88 -31.40 -6.11
N TRP A 382 -2.16 -31.76 -6.25
CA TRP A 382 -3.20 -30.74 -6.20
C TRP A 382 -3.27 -30.09 -4.82
N LEU A 383 -3.17 -30.89 -3.76
CA LEU A 383 -3.15 -30.33 -2.41
C LEU A 383 -1.94 -29.43 -2.21
N ALA A 384 -0.80 -29.76 -2.84
CA ALA A 384 0.37 -28.91 -2.73
C ALA A 384 0.24 -27.63 -3.55
N ASN A 385 -0.65 -27.60 -4.54
CA ASN A 385 -0.87 -26.43 -5.37
C ASN A 385 -2.24 -25.80 -5.11
N ILE A 386 -2.77 -25.99 -3.91
CA ILE A 386 -4.06 -25.40 -3.55
C ILE A 386 -4.06 -23.90 -3.80
N THR A 387 -2.93 -23.24 -3.59
CA THR A 387 -2.87 -21.80 -3.81
C THR A 387 -3.01 -21.47 -5.29
N LYS A 388 -2.40 -22.26 -6.17
CA LYS A 388 -2.59 -22.05 -7.60
C LYS A 388 -4.06 -22.23 -7.98
N VAL A 389 -4.74 -23.18 -7.35
CA VAL A 389 -6.17 -23.37 -7.59
C VAL A 389 -6.93 -22.09 -7.22
N GLN A 390 -6.58 -21.50 -6.09
CA GLN A 390 -7.18 -20.22 -5.71
C GLN A 390 -6.97 -19.17 -6.80
N LYS A 391 -5.75 -19.08 -7.32
CA LYS A 391 -5.49 -18.15 -8.41
C LYS A 391 -6.35 -18.47 -9.63
N MET A 392 -6.53 -19.76 -9.92
CA MET A 392 -7.37 -20.15 -11.04
C MET A 392 -8.80 -19.65 -10.86
N ILE A 393 -9.30 -19.66 -9.62
CA ILE A 393 -10.65 -19.18 -9.35
C ILE A 393 -10.74 -17.68 -9.60
N LEU A 394 -9.79 -16.92 -9.06
CA LEU A 394 -9.82 -15.47 -9.24
C LEU A 394 -9.62 -15.08 -10.70
N GLU A 395 -8.88 -15.88 -11.46
CA GLU A 395 -8.66 -15.62 -12.87
C GLU A 395 -9.78 -16.16 -13.76
N ASP A 396 -10.92 -16.51 -13.16
CA ASP A 396 -12.09 -16.96 -13.91
C ASP A 396 -11.78 -18.19 -14.76
N LYS A 397 -10.82 -19.00 -14.34
CA LYS A 397 -10.43 -20.22 -15.04
C LYS A 397 -11.14 -21.45 -14.52
N ILE A 398 -11.93 -21.32 -13.46
CA ILE A 398 -12.70 -22.42 -12.89
C ILE A 398 -14.09 -21.90 -12.53
N SER A 399 -15.11 -22.70 -12.84
CA SER A 399 -16.49 -22.36 -12.52
C SER A 399 -16.89 -23.01 -11.20
N VAL A 400 -17.88 -22.40 -10.54
CA VAL A 400 -18.37 -22.87 -9.26
C VAL A 400 -19.85 -23.24 -9.31
N PHE A 401 -20.43 -23.27 -10.50
CA PHE A 401 -21.83 -23.66 -10.67
C PHE A 401 -22.11 -23.90 -12.15
N ALA B 2 -49.23 -48.93 -13.77
CA ALA B 2 -49.07 -47.97 -14.85
C ALA B 2 -48.10 -46.85 -14.45
N ARG B 3 -47.78 -46.75 -13.16
CA ARG B 3 -46.85 -45.75 -12.67
C ARG B 3 -45.41 -46.20 -12.90
N ASN B 4 -44.57 -45.25 -13.28
CA ASN B 4 -43.18 -45.54 -13.67
C ASN B 4 -42.32 -45.76 -12.41
N ILE B 5 -42.64 -46.84 -11.70
CA ILE B 5 -41.92 -47.24 -10.49
C ILE B 5 -40.92 -48.32 -10.88
N VAL B 6 -39.65 -48.10 -10.57
CA VAL B 6 -38.58 -49.03 -10.89
C VAL B 6 -37.88 -49.40 -9.59
N VAL B 7 -37.92 -50.69 -9.25
CA VAL B 7 -37.23 -51.22 -8.09
C VAL B 7 -36.00 -51.98 -8.58
N GLU B 8 -34.81 -51.57 -8.13
CA GLU B 8 -33.57 -52.18 -8.56
C GLU B 8 -32.67 -52.46 -7.37
N GLU B 9 -31.89 -53.52 -7.49
CA GLU B 9 -30.85 -53.81 -6.50
C GLU B 9 -29.59 -53.02 -6.84
N ILE B 10 -28.94 -52.50 -5.81
CA ILE B 10 -27.65 -51.83 -5.95
C ILE B 10 -26.65 -52.48 -5.01
N VAL B 11 -25.42 -52.62 -5.46
CA VAL B 11 -24.33 -53.11 -4.65
C VAL B 11 -23.61 -51.90 -4.07
N ARG B 12 -23.43 -51.89 -2.75
CA ARG B 12 -22.67 -50.84 -2.10
C ARG B 12 -22.47 -51.19 -0.64
N THR B 13 -21.34 -50.77 -0.10
CA THR B 13 -21.09 -50.90 1.32
C THR B 13 -22.13 -50.10 2.08
N PRO B 14 -22.91 -50.71 2.98
CA PRO B 14 -23.87 -49.92 3.76
C PRO B 14 -23.17 -48.78 4.50
N VAL B 15 -23.91 -47.68 4.67
CA VAL B 15 -23.34 -46.50 5.33
C VAL B 15 -22.78 -46.87 6.70
N GLU B 16 -23.50 -47.71 7.45
CA GLU B 16 -23.04 -48.12 8.77
C GLU B 16 -21.68 -48.81 8.71
N MET B 17 -21.33 -49.41 7.56
CA MET B 17 -20.06 -50.12 7.41
C MET B 17 -18.98 -49.27 6.75
N GLN B 18 -19.33 -48.12 6.18
CA GLN B 18 -18.33 -47.24 5.59
C GLN B 18 -17.45 -46.64 6.66
N GLN B 19 -16.19 -46.36 6.29
CA GLN B 19 -15.20 -45.95 7.27
C GLN B 19 -15.44 -44.52 7.76
N VAL B 20 -15.84 -43.62 6.85
CA VAL B 20 -15.99 -42.21 7.16
C VAL B 20 -17.41 -41.79 6.84
N GLU B 21 -18.13 -41.32 7.86
CA GLU B 21 -19.50 -40.83 7.69
C GLU B 21 -19.59 -39.44 8.29
N LEU B 22 -20.15 -38.51 7.54
CA LEU B 22 -20.30 -37.12 7.97
C LEU B 22 -21.77 -36.74 7.89
N VAL B 23 -22.30 -36.22 8.99
CA VAL B 23 -23.69 -35.76 9.05
C VAL B 23 -23.71 -34.42 9.76
N GLU B 24 -24.55 -33.52 9.28
CA GLU B 24 -24.67 -32.19 9.85
C GLU B 24 -26.13 -31.80 9.91
N ARG B 25 -26.48 -31.03 10.95
CA ARG B 25 -27.82 -30.47 11.06
C ARG B 25 -27.72 -29.03 11.54
N LYS B 26 -28.48 -28.14 10.88
CA LYS B 26 -28.57 -26.74 11.26
C LYS B 26 -29.85 -26.56 12.07
N GLY B 27 -29.69 -26.22 13.34
CA GLY B 27 -30.82 -26.10 14.25
C GLY B 27 -31.79 -25.01 13.89
N ILE B 28 -32.85 -24.89 14.69
CA ILE B 28 -33.93 -23.96 14.38
C ILE B 28 -33.42 -22.52 14.32
N GLY B 29 -32.54 -22.15 15.25
CA GLY B 29 -32.05 -20.80 15.30
C GLY B 29 -30.96 -20.46 14.31
N HIS B 30 -30.51 -21.42 13.51
CA HIS B 30 -29.50 -21.13 12.51
C HIS B 30 -30.10 -20.24 11.43
N PRO B 31 -29.36 -19.22 10.97
CA PRO B 31 -29.97 -18.29 9.98
C PRO B 31 -30.58 -18.99 8.79
N ASP B 32 -29.88 -19.96 8.19
CA ASP B 32 -30.46 -20.72 7.08
C ASP B 32 -31.76 -21.39 7.49
N SER B 33 -31.77 -22.01 8.68
CA SER B 33 -32.99 -22.65 9.16
C SER B 33 -34.06 -21.63 9.55
N ILE B 34 -33.65 -20.44 10.02
CA ILE B 34 -34.61 -19.38 10.25
C ILE B 34 -35.28 -19.00 8.94
N ALA B 35 -34.49 -18.88 7.86
CA ALA B 35 -35.07 -18.58 6.55
C ALA B 35 -36.03 -19.68 6.14
N ASP B 36 -35.63 -20.95 6.31
CA ASP B 36 -36.52 -22.07 5.99
C ASP B 36 -37.81 -21.99 6.80
N GLY B 37 -37.69 -21.79 8.11
CA GLY B 37 -38.86 -21.75 8.96
C GLY B 37 -39.80 -20.61 8.60
N ILE B 38 -39.24 -19.43 8.32
CA ILE B 38 -40.06 -18.30 7.90
C ILE B 38 -40.77 -18.62 6.60
N ALA B 39 -40.02 -19.11 5.62
CA ALA B 39 -40.62 -19.49 4.34
C ALA B 39 -41.78 -20.45 4.55
N GLU B 40 -41.58 -21.48 5.38
CA GLU B 40 -42.63 -22.47 5.59
C GLU B 40 -43.81 -21.85 6.33
N ALA B 41 -43.54 -21.03 7.35
CA ALA B 41 -44.63 -20.41 8.10
C ALA B 41 -45.44 -19.47 7.20
N VAL B 42 -44.77 -18.73 6.33
CA VAL B 42 -45.48 -17.85 5.39
C VAL B 42 -46.35 -18.67 4.45
N SER B 43 -45.77 -19.74 3.88
CA SER B 43 -46.52 -20.58 2.96
C SER B 43 -47.77 -21.14 3.61
N ARG B 44 -47.62 -21.72 4.81
CA ARG B 44 -48.78 -22.32 5.48
C ARG B 44 -49.81 -21.26 5.84
N ALA B 45 -49.37 -20.10 6.29
CA ALA B 45 -50.30 -19.02 6.61
C ALA B 45 -51.09 -18.60 5.38
N LEU B 46 -50.42 -18.48 4.23
CA LEU B 46 -51.11 -18.12 2.99
C LEU B 46 -52.12 -19.19 2.61
N CYS B 47 -51.74 -20.48 2.70
CA CYS B 47 -52.69 -21.55 2.44
C CYS B 47 -53.94 -21.39 3.29
N ARG B 48 -53.76 -21.28 4.61
CA ARG B 48 -54.91 -21.17 5.50
C ARG B 48 -55.77 -19.96 5.17
N GLU B 49 -55.13 -18.84 4.83
CA GLU B 49 -55.91 -17.63 4.55
C GLU B 49 -56.61 -17.73 3.20
N TYR B 50 -55.94 -18.29 2.19
CA TYR B 50 -56.62 -18.55 0.92
C TYR B 50 -57.85 -19.42 1.13
N ILE B 51 -57.72 -20.46 1.95
CA ILE B 51 -58.86 -21.32 2.25
C ILE B 51 -59.91 -20.57 3.04
N ARG B 52 -59.49 -19.78 4.03
CA ARG B 52 -60.44 -19.06 4.88
C ARG B 52 -61.27 -18.09 4.07
N ARG B 53 -60.68 -17.46 3.05
CA ARG B 53 -61.38 -16.46 2.27
C ARG B 53 -62.08 -17.05 1.04
N TYR B 54 -61.46 -18.03 0.39
CA TYR B 54 -61.96 -18.55 -0.87
C TYR B 54 -62.20 -20.05 -0.89
N GLY B 55 -61.93 -20.75 0.20
CA GLY B 55 -62.16 -22.19 0.24
C GLY B 55 -61.27 -22.99 -0.70
N VAL B 56 -60.20 -22.39 -1.20
CA VAL B 56 -59.27 -23.07 -2.11
C VAL B 56 -57.91 -22.43 -1.95
N ILE B 57 -56.87 -23.24 -2.18
CA ILE B 57 -55.50 -22.74 -2.13
C ILE B 57 -55.16 -22.14 -3.49
N LEU B 58 -54.67 -20.91 -3.48
CA LEU B 58 -54.21 -20.24 -4.69
C LEU B 58 -52.70 -20.34 -4.82
N HIS B 59 -52.21 -20.12 -6.04
CA HIS B 59 -50.79 -20.33 -6.31
C HIS B 59 -49.93 -19.43 -5.44
N HIS B 60 -48.86 -20.01 -4.88
CA HIS B 60 -47.91 -19.25 -4.10
C HIS B 60 -46.75 -20.14 -3.69
N ASN B 61 -45.53 -19.66 -3.93
CA ASN B 61 -44.32 -20.33 -3.45
C ASN B 61 -43.46 -19.26 -2.77
N THR B 62 -43.44 -19.27 -1.45
CA THR B 62 -42.65 -18.33 -0.65
C THR B 62 -41.37 -18.98 -0.16
N ASP B 63 -40.73 -19.80 -0.99
CA ASP B 63 -39.48 -20.47 -0.66
C ASP B 63 -38.28 -19.57 -0.88
N GLN B 64 -38.44 -18.28 -0.61
CA GLN B 64 -37.39 -17.29 -0.84
C GLN B 64 -37.40 -16.30 0.31
N VAL B 65 -36.47 -16.49 1.25
CA VAL B 65 -36.32 -15.61 2.40
C VAL B 65 -34.84 -15.33 2.57
N GLU B 66 -34.50 -14.06 2.77
CA GLU B 66 -33.12 -13.64 2.96
C GLU B 66 -32.99 -13.03 4.35
N VAL B 67 -32.18 -13.65 5.19
CA VAL B 67 -31.90 -13.17 6.54
C VAL B 67 -30.57 -12.42 6.48
N VAL B 68 -30.63 -11.10 6.58
CA VAL B 68 -29.43 -10.27 6.57
C VAL B 68 -29.03 -10.03 8.02
N GLY B 69 -27.86 -10.54 8.41
CA GLY B 69 -27.47 -10.45 9.80
C GLY B 69 -27.36 -9.00 10.24
N GLY B 70 -27.71 -8.76 11.50
CA GLY B 70 -27.57 -7.46 12.11
C GLY B 70 -26.25 -7.30 12.82
N ARG B 71 -26.24 -6.46 13.85
CA ARG B 71 -25.05 -6.26 14.67
C ARG B 71 -25.49 -6.25 16.12
N ALA B 72 -24.67 -6.85 16.99
CA ALA B 72 -25.01 -6.95 18.39
C ALA B 72 -23.74 -6.93 19.23
N TYR B 73 -23.89 -6.51 20.49
CA TYR B 73 -22.81 -6.50 21.47
C TYR B 73 -23.23 -7.42 22.61
N PRO B 74 -22.98 -8.72 22.51
CA PRO B 74 -23.30 -9.61 23.64
C PRO B 74 -22.41 -9.32 24.84
N ARG B 75 -23.02 -9.35 26.02
CA ARG B 75 -22.32 -9.13 27.27
C ARG B 75 -22.88 -10.08 28.32
N PHE B 76 -21.99 -10.67 29.12
CA PHE B 76 -22.44 -11.52 30.21
C PHE B 76 -23.39 -10.75 31.12
N GLY B 77 -24.54 -11.34 31.40
CA GLY B 77 -25.58 -10.69 32.16
C GLY B 77 -26.61 -9.96 31.33
N GLY B 78 -26.35 -9.78 30.03
CA GLY B 78 -27.31 -9.13 29.15
C GLY B 78 -26.65 -8.17 28.17
N GLY B 79 -26.68 -8.53 26.88
CA GLY B 79 -26.15 -7.68 25.83
C GLY B 79 -27.22 -6.84 25.17
N GLU B 80 -26.91 -6.39 23.96
CA GLU B 80 -27.83 -5.55 23.20
C GLU B 80 -27.60 -5.76 21.71
N VAL B 81 -28.68 -5.72 20.93
CA VAL B 81 -28.56 -5.64 19.48
C VAL B 81 -28.40 -4.17 19.10
N VAL B 82 -27.48 -3.90 18.20
CA VAL B 82 -27.18 -2.54 17.78
C VAL B 82 -27.84 -2.19 16.45
N LYS B 83 -27.80 -3.12 15.50
CA LYS B 83 -28.45 -2.95 14.20
C LYS B 83 -29.39 -4.14 14.01
N PRO B 84 -30.68 -3.93 13.80
CA PRO B 84 -31.60 -5.06 13.76
C PRO B 84 -31.35 -5.98 12.58
N ILE B 85 -31.83 -7.22 12.73
CA ILE B 85 -31.80 -8.19 11.65
C ILE B 85 -32.79 -7.75 10.58
N TYR B 86 -32.38 -7.82 9.33
CA TYR B 86 -33.24 -7.49 8.20
C TYR B 86 -33.61 -8.78 7.46
N ILE B 87 -34.90 -9.02 7.34
CA ILE B 87 -35.43 -10.21 6.68
C ILE B 87 -36.28 -9.76 5.51
N LEU B 88 -35.90 -10.20 4.31
CA LEU B 88 -36.66 -9.91 3.09
C LEU B 88 -37.48 -11.14 2.74
N LEU B 89 -38.80 -10.99 2.74
CA LEU B 89 -39.69 -12.05 2.28
C LEU B 89 -39.87 -11.93 0.78
N SER B 90 -39.59 -13.01 0.06
CA SER B 90 -39.75 -13.03 -1.39
C SER B 90 -40.57 -14.25 -1.79
N GLY B 91 -40.64 -14.53 -3.08
CA GLY B 91 -41.45 -15.60 -3.60
C GLY B 91 -42.61 -15.11 -4.44
N ARG B 92 -43.62 -15.96 -4.57
CA ARG B 92 -44.79 -15.68 -5.39
C ARG B 92 -46.04 -15.95 -4.58
N ALA B 93 -47.06 -15.13 -4.80
CA ALA B 93 -48.37 -15.34 -4.17
C ALA B 93 -49.41 -14.56 -4.96
N VAL B 94 -50.64 -15.05 -4.92
CA VAL B 94 -51.75 -14.39 -5.60
C VAL B 94 -52.20 -13.21 -4.74
N GLU B 95 -52.08 -12.00 -5.28
CA GLU B 95 -52.54 -10.81 -4.60
C GLU B 95 -53.84 -10.25 -5.18
N LEU B 96 -54.17 -10.59 -6.43
CA LEU B 96 -55.39 -10.12 -7.08
C LEU B 96 -56.34 -11.30 -7.23
N VAL B 97 -57.47 -11.25 -6.53
CA VAL B 97 -58.48 -12.30 -6.55
C VAL B 97 -59.80 -11.64 -6.92
N ASP B 98 -60.20 -11.74 -8.17
CA ASP B 98 -61.45 -11.15 -8.65
C ASP B 98 -61.53 -9.67 -8.31
N GLN B 99 -60.47 -8.93 -8.70
CA GLN B 99 -60.41 -7.48 -8.52
C GLN B 99 -60.26 -7.08 -7.06
N GLU B 100 -60.37 -8.04 -6.15
CA GLU B 100 -60.13 -7.77 -4.74
C GLU B 100 -58.68 -8.08 -4.40
N LEU B 101 -58.17 -7.38 -3.41
CA LEU B 101 -56.76 -7.47 -3.03
C LEU B 101 -56.61 -8.47 -1.89
N PHE B 102 -55.64 -9.37 -2.02
CA PHE B 102 -55.35 -10.37 -0.98
C PHE B 102 -54.25 -9.85 -0.07
N PRO B 103 -54.39 -9.94 1.27
CA PRO B 103 -53.33 -9.39 2.14
C PRO B 103 -52.07 -10.23 2.15
N VAL B 104 -51.42 -10.34 0.99
CA VAL B 104 -50.21 -11.15 0.86
C VAL B 104 -49.18 -10.72 1.89
N HIS B 105 -48.81 -9.43 1.86
CA HIS B 105 -47.71 -8.95 2.69
C HIS B 105 -48.11 -8.93 4.17
N GLU B 106 -49.36 -8.57 4.45
CA GLU B 106 -49.84 -8.58 5.83
C GLU B 106 -49.79 -9.99 6.42
N VAL B 107 -50.27 -10.98 5.65
CA VAL B 107 -50.23 -12.36 6.11
C VAL B 107 -48.80 -12.85 6.23
N ALA B 108 -47.98 -12.58 5.21
CA ALA B 108 -46.61 -13.09 5.21
C ALA B 108 -45.81 -12.50 6.37
N ILE B 109 -45.87 -11.18 6.54
CA ILE B 109 -45.11 -10.53 7.60
C ILE B 109 -45.60 -10.98 8.96
N LYS B 110 -46.92 -11.08 9.14
CA LYS B 110 -47.45 -11.53 10.42
C LYS B 110 -47.05 -12.97 10.70
N ALA B 111 -47.06 -13.83 9.68
CA ALA B 111 -46.65 -15.21 9.87
C ALA B 111 -45.17 -15.31 10.19
N ALA B 112 -44.34 -14.55 9.48
CA ALA B 112 -42.90 -14.55 9.74
C ALA B 112 -42.62 -14.12 11.18
N LYS B 113 -43.26 -13.03 11.61
CA LYS B 113 -43.05 -12.54 12.97
C LYS B 113 -43.52 -13.57 13.99
N ASN B 114 -44.71 -14.14 13.78
CA ASN B 114 -45.23 -15.13 14.71
C ASN B 114 -44.30 -16.33 14.81
N TYR B 115 -43.71 -16.75 13.69
CA TYR B 115 -42.77 -17.86 13.74
C TYR B 115 -41.53 -17.49 14.55
N LEU B 116 -40.99 -16.29 14.32
CA LEU B 116 -39.83 -15.86 15.08
C LEU B 116 -40.14 -15.77 16.57
N LYS B 117 -41.33 -15.27 16.91
CA LYS B 117 -41.71 -15.17 18.32
C LYS B 117 -41.72 -16.53 19.00
N ASN B 118 -42.25 -17.55 18.31
CA ASN B 118 -42.35 -18.88 18.89
C ASN B 118 -41.10 -19.72 18.70
N ALA B 119 -40.22 -19.35 17.78
CA ALA B 119 -39.04 -20.14 17.50
C ALA B 119 -37.82 -19.64 18.28
N ILE B 120 -37.63 -18.33 18.37
CA ILE B 120 -36.49 -17.74 19.07
C ILE B 120 -37.05 -17.00 20.28
N ARG B 121 -36.84 -17.58 21.47
CA ARG B 121 -37.50 -17.09 22.67
C ARG B 121 -36.93 -15.77 23.17
N HIS B 122 -35.62 -15.55 23.02
CA HIS B 122 -35.00 -14.32 23.50
C HIS B 122 -34.80 -13.29 22.39
N LEU B 123 -35.54 -13.41 21.30
CA LEU B 123 -35.49 -12.47 20.19
C LEU B 123 -36.68 -11.52 20.29
N ASP B 124 -36.41 -10.23 20.47
CA ASP B 124 -37.44 -9.21 20.47
C ASP B 124 -37.78 -8.88 19.02
N VAL B 125 -38.82 -9.53 18.50
CA VAL B 125 -39.15 -9.40 17.08
C VAL B 125 -39.48 -7.96 16.73
N GLU B 126 -40.08 -7.21 17.65
CA GLU B 126 -40.55 -5.87 17.33
C GLU B 126 -39.40 -4.88 17.20
N ASN B 127 -38.28 -5.14 17.88
CA ASN B 127 -37.15 -4.21 17.90
C ASN B 127 -35.86 -4.78 17.36
N HIS B 128 -35.72 -6.11 17.31
CA HIS B 128 -34.50 -6.73 16.81
C HIS B 128 -34.58 -7.13 15.35
N VAL B 129 -35.75 -7.01 14.72
CA VAL B 129 -35.97 -7.55 13.39
C VAL B 129 -36.72 -6.52 12.56
N ILE B 130 -36.26 -6.29 11.34
CA ILE B 130 -37.01 -5.59 10.31
C ILE B 130 -37.43 -6.65 9.29
N ILE B 131 -38.73 -6.77 9.06
CA ILE B 131 -39.27 -7.73 8.10
C ILE B 131 -39.98 -6.94 7.01
N ASP B 132 -39.42 -6.98 5.81
CA ASP B 132 -40.05 -6.40 4.63
C ASP B 132 -40.48 -7.52 3.70
N SER B 133 -41.51 -7.23 2.90
CA SER B 133 -42.07 -8.22 1.98
C SER B 133 -42.01 -7.67 0.56
N ARG B 134 -41.45 -8.47 -0.34
CA ARG B 134 -41.40 -8.15 -1.76
C ARG B 134 -42.00 -9.29 -2.57
N ILE B 135 -42.92 -10.04 -1.96
CA ILE B 135 -43.52 -11.20 -2.64
C ILE B 135 -44.26 -10.73 -3.89
N GLY B 136 -43.89 -11.31 -5.03
CA GLY B 136 -44.48 -10.98 -6.30
C GLY B 136 -45.62 -11.92 -6.67
N GLN B 137 -46.16 -11.70 -7.86
CA GLN B 137 -47.23 -12.52 -8.44
C GLN B 137 -46.63 -13.46 -9.48
N GLY B 138 -47.03 -14.73 -9.42
CA GLY B 138 -46.52 -15.71 -10.36
C GLY B 138 -46.85 -15.36 -11.81
N SER B 139 -46.14 -16.03 -12.71
CA SER B 139 -46.28 -15.80 -14.14
C SER B 139 -47.60 -16.37 -14.66
N VAL B 140 -48.16 -15.67 -15.64
CA VAL B 140 -49.45 -16.04 -16.23
C VAL B 140 -49.50 -17.51 -16.65
N ASP B 141 -48.35 -18.10 -16.97
CA ASP B 141 -48.35 -19.50 -17.41
C ASP B 141 -48.19 -20.48 -16.26
N LEU B 142 -47.20 -20.27 -15.39
CA LEU B 142 -47.03 -21.16 -14.25
C LEU B 142 -48.25 -21.17 -13.35
N VAL B 143 -48.93 -20.03 -13.22
CA VAL B 143 -50.16 -19.98 -12.42
C VAL B 143 -51.24 -20.85 -13.05
N SER B 144 -51.24 -20.98 -14.38
CA SER B 144 -52.31 -21.72 -15.05
C SER B 144 -52.27 -23.21 -14.71
N VAL B 145 -51.07 -23.81 -14.65
CA VAL B 145 -51.00 -25.24 -14.30
C VAL B 145 -51.50 -25.45 -12.88
N PHE B 146 -51.19 -24.52 -11.98
CA PHE B 146 -51.69 -24.62 -10.62
C PHE B 146 -53.21 -24.47 -10.57
N ASN B 147 -53.77 -23.60 -11.41
CA ASN B 147 -55.21 -23.34 -11.37
C ASN B 147 -56.03 -24.54 -11.80
N LYS B 148 -55.44 -25.48 -12.53
CA LYS B 148 -56.15 -26.68 -12.95
C LYS B 148 -56.44 -27.51 -11.71
N ALA B 149 -57.44 -27.07 -10.95
CA ALA B 149 -57.89 -27.77 -9.75
C ALA B 149 -58.86 -28.89 -10.11
N ARG B 150 -60.16 -28.60 -10.07
CA ARG B 150 -61.16 -29.61 -10.42
C ARG B 150 -60.89 -30.23 -11.79
N GLU B 151 -60.35 -29.45 -12.73
CA GLU B 151 -60.02 -29.99 -14.05
C GLU B 151 -59.12 -31.21 -13.91
N ASN B 152 -58.26 -31.22 -12.90
CA ASN B 152 -57.36 -32.33 -12.61
C ASN B 152 -57.47 -32.60 -11.11
N PRO B 153 -58.32 -33.54 -10.69
CA PRO B 153 -58.45 -33.81 -9.25
C PRO B 153 -57.11 -33.95 -8.56
N ILE B 154 -56.16 -34.60 -9.21
CA ILE B 154 -54.78 -34.64 -8.75
C ILE B 154 -54.04 -33.47 -9.41
N PRO B 155 -53.45 -32.56 -8.65
CA PRO B 155 -52.84 -31.38 -9.27
C PRO B 155 -51.69 -31.76 -10.21
N LEU B 156 -51.46 -30.90 -11.20
CA LEU B 156 -50.37 -31.12 -12.14
C LEU B 156 -49.07 -30.57 -11.58
N ALA B 157 -47.97 -31.17 -12.00
CA ALA B 157 -46.66 -30.74 -11.52
C ALA B 157 -46.31 -29.37 -12.11
N ASN B 158 -45.87 -28.47 -11.25
CA ASN B 158 -45.51 -27.12 -11.67
C ASN B 158 -44.07 -27.01 -12.16
N ASP B 159 -43.26 -28.04 -11.98
CA ASP B 159 -41.88 -28.00 -12.44
C ASP B 159 -41.39 -29.41 -12.77
N THR B 160 -40.28 -29.46 -13.50
CA THR B 160 -39.58 -30.71 -13.78
C THR B 160 -38.46 -30.80 -12.75
N SER B 161 -38.75 -31.47 -11.64
CA SER B 161 -37.82 -31.56 -10.52
C SER B 161 -37.95 -32.94 -9.88
N PHE B 162 -36.93 -33.30 -9.12
CA PHE B 162 -36.90 -34.60 -8.46
C PHE B 162 -36.72 -34.44 -6.96
N GLY B 163 -37.31 -35.37 -6.22
CA GLY B 163 -37.13 -35.43 -4.78
C GLY B 163 -36.45 -36.74 -4.41
N VAL B 164 -35.61 -36.68 -3.38
CA VAL B 164 -34.77 -37.80 -3.01
C VAL B 164 -34.91 -38.06 -1.52
N GLY B 165 -35.19 -39.31 -1.16
CA GLY B 165 -35.25 -39.71 0.23
C GLY B 165 -34.59 -41.05 0.39
N TYR B 166 -34.41 -41.45 1.65
CA TYR B 166 -33.74 -42.70 1.94
C TYR B 166 -34.09 -43.13 3.35
N ALA B 167 -33.82 -44.39 3.64
CA ALA B 167 -34.10 -44.97 4.95
C ALA B 167 -33.39 -46.32 5.04
N PRO B 168 -33.10 -46.80 6.27
CA PRO B 168 -33.29 -46.09 7.54
C PRO B 168 -32.15 -45.15 7.82
N LEU B 169 -32.24 -44.39 8.92
CA LEU B 169 -31.15 -43.53 9.34
C LEU B 169 -30.08 -44.35 10.04
N SER B 170 -28.83 -43.98 9.80
CA SER B 170 -27.72 -44.58 10.52
C SER B 170 -27.72 -44.13 11.97
N GLU B 171 -26.84 -44.73 12.78
CA GLU B 171 -26.71 -44.31 14.17
C GLU B 171 -26.21 -42.88 14.27
N THR B 172 -25.23 -42.52 13.43
CA THR B 172 -24.72 -41.16 13.44
C THR B 172 -25.78 -40.17 12.98
N GLU B 173 -26.57 -40.53 11.97
CA GLU B 173 -27.64 -39.65 11.52
C GLU B 173 -28.67 -39.45 12.62
N ARG B 174 -29.12 -40.54 13.25
CA ARG B 174 -30.09 -40.42 14.33
C ARG B 174 -29.51 -39.63 15.49
N LEU B 175 -28.21 -39.80 15.76
CA LEU B 175 -27.58 -39.07 16.86
C LEU B 175 -27.57 -37.57 16.60
N VAL B 176 -27.13 -37.16 15.41
CA VAL B 176 -27.13 -35.75 15.06
C VAL B 176 -28.53 -35.19 15.10
N LEU B 177 -29.48 -35.89 14.47
CA LEU B 177 -30.85 -35.40 14.43
C LEU B 177 -31.43 -35.24 15.83
N GLU B 178 -31.31 -36.27 16.66
CA GLU B 178 -31.91 -36.22 17.99
C GLU B 178 -31.14 -35.28 18.93
N THR B 179 -29.86 -35.05 18.67
CA THR B 179 -29.11 -34.09 19.48
C THR B 179 -29.69 -32.69 19.33
N GLU B 180 -29.88 -32.25 18.08
CA GLU B 180 -30.47 -30.94 17.83
C GLU B 180 -31.89 -30.87 18.39
N LYS B 181 -32.70 -31.90 18.11
CA LYS B 181 -34.07 -31.91 18.61
C LYS B 181 -34.12 -31.84 20.12
N LEU B 182 -33.21 -32.55 20.79
CA LEU B 182 -33.17 -32.52 22.25
C LEU B 182 -32.81 -31.13 22.75
N LEU B 183 -31.69 -30.58 22.27
CA LEU B 183 -31.23 -29.28 22.75
C LEU B 183 -32.18 -28.15 22.40
N ASN B 184 -33.03 -28.33 21.39
CA ASN B 184 -34.01 -27.32 21.02
C ASN B 184 -35.43 -27.70 21.41
N SER B 185 -35.60 -28.75 22.20
CA SER B 185 -36.93 -29.11 22.68
C SER B 185 -37.33 -28.20 23.83
N GLU B 186 -38.64 -28.01 23.98
CA GLU B 186 -39.14 -27.16 25.08
C GLU B 186 -38.70 -27.73 26.42
N LYS B 187 -38.71 -29.05 26.56
CA LYS B 187 -38.28 -29.67 27.81
C LYS B 187 -36.86 -29.26 28.17
N PHE B 188 -35.93 -29.40 27.22
CA PHE B 188 -34.55 -29.02 27.50
C PHE B 188 -34.43 -27.52 27.74
N LYS B 189 -35.21 -26.71 27.04
CA LYS B 189 -35.18 -25.26 27.27
C LYS B 189 -35.67 -24.93 28.66
N LYS B 190 -36.72 -25.61 29.12
CA LYS B 190 -37.18 -25.42 30.50
C LYS B 190 -36.06 -25.73 31.49
N GLU B 191 -35.22 -26.72 31.17
CA GLU B 191 -34.16 -27.12 32.08
C GLU B 191 -32.96 -26.17 32.01
N TYR B 192 -32.65 -25.67 30.82
CA TYR B 192 -31.48 -24.80 30.61
C TYR B 192 -31.86 -23.67 29.66
N PRO B 193 -32.54 -22.65 30.16
CA PRO B 193 -32.96 -21.54 29.28
C PRO B 193 -31.82 -20.82 28.60
N ALA B 194 -30.58 -20.97 29.10
CA ALA B 194 -29.46 -20.24 28.52
C ALA B 194 -29.10 -20.75 27.13
N VAL B 195 -29.51 -21.96 26.77
CA VAL B 195 -29.15 -22.56 25.49
C VAL B 195 -30.05 -21.95 24.41
N GLY B 196 -29.46 -21.18 23.51
CA GLY B 196 -30.20 -20.58 22.43
C GLY B 196 -30.66 -21.63 21.43
N GLU B 197 -31.29 -21.14 20.36
CA GLU B 197 -31.82 -22.03 19.32
C GLU B 197 -30.87 -22.23 18.17
N ASP B 198 -29.88 -21.35 17.98
CA ASP B 198 -28.92 -21.49 16.89
C ASP B 198 -27.95 -22.60 17.29
N ILE B 199 -28.33 -23.83 16.97
CA ILE B 199 -27.56 -25.02 17.32
C ILE B 199 -27.14 -25.71 16.04
N LYS B 200 -25.85 -25.89 15.85
CA LYS B 200 -25.29 -26.61 14.71
C LYS B 200 -24.63 -27.87 15.22
N VAL B 201 -25.03 -29.01 14.66
CA VAL B 201 -24.53 -30.32 15.09
C VAL B 201 -23.82 -30.97 13.91
N MET B 202 -22.57 -31.36 14.12
CA MET B 202 -21.80 -32.11 13.13
C MET B 202 -21.40 -33.45 13.74
N GLY B 203 -21.84 -34.53 13.11
CA GLY B 203 -21.40 -35.85 13.49
C GLY B 203 -20.44 -36.42 12.46
N LEU B 204 -19.20 -36.67 12.87
CA LEU B 204 -18.19 -37.25 11.99
C LEU B 204 -17.77 -38.59 12.60
N ARG B 205 -18.11 -39.67 11.92
CA ARG B 205 -17.74 -41.02 12.36
C ARG B 205 -16.54 -41.50 11.57
N ARG B 206 -15.50 -41.93 12.28
CA ARG B 206 -14.35 -42.60 11.70
C ARG B 206 -14.28 -44.00 12.30
N GLY B 207 -14.68 -45.00 11.53
CA GLY B 207 -14.77 -46.35 12.03
C GLY B 207 -15.89 -46.50 13.04
N ASN B 208 -15.54 -46.82 14.29
CA ASN B 208 -16.53 -46.95 15.36
C ASN B 208 -16.35 -45.85 16.42
N GLU B 209 -15.84 -44.69 16.01
CA GLU B 209 -15.68 -43.55 16.89
C GLU B 209 -16.32 -42.33 16.24
N ILE B 210 -17.24 -41.69 16.95
CA ILE B 210 -17.99 -40.54 16.44
C ILE B 210 -17.53 -39.29 17.17
N ASP B 211 -17.14 -38.27 16.40
CA ASP B 211 -16.91 -36.94 16.92
C ASP B 211 -18.15 -36.10 16.69
N LEU B 212 -18.79 -35.67 17.77
CA LEU B 212 -20.03 -34.91 17.73
C LEU B 212 -19.72 -33.48 18.15
N THR B 213 -19.59 -32.58 17.17
CA THR B 213 -19.30 -31.17 17.43
C THR B 213 -20.61 -30.40 17.46
N ILE B 214 -20.82 -29.65 18.55
CA ILE B 214 -22.03 -28.87 18.75
C ILE B 214 -21.63 -27.41 18.88
N ALA B 215 -22.25 -26.56 18.07
CA ALA B 215 -22.13 -25.11 18.19
C ALA B 215 -23.48 -24.59 18.64
N ALA B 216 -23.58 -24.19 19.90
CA ALA B 216 -24.84 -23.79 20.51
C ALA B 216 -24.71 -22.37 21.04
N ALA B 217 -25.44 -21.44 20.44
CA ALA B 217 -25.47 -20.07 20.92
C ALA B 217 -26.09 -20.02 22.32
N ILE B 218 -25.38 -19.40 23.26
CA ILE B 218 -25.86 -19.25 24.62
C ILE B 218 -26.37 -17.84 24.79
N VAL B 219 -27.53 -17.70 25.41
CA VAL B 219 -28.14 -16.39 25.62
C VAL B 219 -27.42 -15.71 26.77
N ASP B 220 -26.83 -14.54 26.50
CA ASP B 220 -25.97 -13.88 27.48
C ASP B 220 -26.75 -13.38 28.69
N SER B 221 -28.06 -13.15 28.55
CA SER B 221 -28.87 -12.74 29.70
C SER B 221 -29.11 -13.87 30.69
N GLU B 222 -28.79 -15.11 30.31
CA GLU B 222 -28.97 -16.27 31.18
C GLU B 222 -27.67 -16.74 31.80
N VAL B 223 -26.53 -16.20 31.39
CA VAL B 223 -25.24 -16.52 31.97
C VAL B 223 -24.57 -15.21 32.38
N ALA B 224 -24.30 -15.07 33.69
CA ALA B 224 -23.74 -13.84 34.22
C ALA B 224 -22.23 -13.78 34.15
N THR B 225 -21.56 -14.93 34.06
CA THR B 225 -20.10 -14.99 34.08
C THR B 225 -19.63 -16.09 33.14
N PRO B 226 -18.36 -16.07 32.74
CA PRO B 226 -17.83 -17.17 31.94
C PRO B 226 -18.00 -18.53 32.59
N LYS B 227 -17.95 -18.60 33.92
CA LYS B 227 -18.11 -19.87 34.62
C LYS B 227 -19.50 -20.45 34.38
N GLU B 228 -20.53 -19.61 34.51
CA GLU B 228 -21.88 -20.08 34.21
C GLU B 228 -21.99 -20.55 32.77
N TYR B 229 -21.27 -19.90 31.86
CA TYR B 229 -21.28 -20.31 30.46
C TYR B 229 -20.65 -21.69 30.30
N LEU B 230 -19.49 -21.90 30.92
CA LEU B 230 -18.85 -23.22 30.85
C LEU B 230 -19.71 -24.30 31.49
N GLU B 231 -20.45 -23.96 32.55
CA GLU B 231 -21.32 -24.93 33.17
C GLU B 231 -22.48 -25.29 32.25
N VAL B 232 -23.06 -24.30 31.55
CA VAL B 232 -24.09 -24.59 30.56
C VAL B 232 -23.55 -25.54 29.50
N LYS B 233 -22.31 -25.31 29.05
CA LYS B 233 -21.71 -26.20 28.06
C LYS B 233 -21.61 -27.62 28.59
N ASP B 234 -21.18 -27.78 29.85
CA ASP B 234 -21.06 -29.12 30.41
C ASP B 234 -22.41 -29.81 30.49
N LYS B 235 -23.46 -29.07 30.83
CA LYS B 235 -24.78 -29.68 30.91
C LYS B 235 -25.29 -30.08 29.52
N ILE B 236 -25.00 -29.27 28.51
CA ILE B 236 -25.27 -29.70 27.14
C ILE B 236 -24.54 -31.00 26.86
N LYS B 237 -23.24 -31.05 27.14
CA LYS B 237 -22.47 -32.26 26.89
C LYS B 237 -23.08 -33.46 27.62
N GLU B 238 -23.37 -33.30 28.91
CA GLU B 238 -23.89 -34.42 29.69
C GLU B 238 -25.21 -34.91 29.13
N ALA B 239 -26.12 -34.00 28.79
CA ALA B 239 -27.40 -34.40 28.21
C ALA B 239 -27.20 -35.19 26.93
N VAL B 240 -26.25 -34.76 26.10
CA VAL B 240 -26.00 -35.45 24.83
C VAL B 240 -25.30 -36.79 25.07
N GLU B 241 -24.47 -36.87 26.11
CA GLU B 241 -23.88 -38.16 26.47
C GLU B 241 -24.96 -39.18 26.81
N GLU B 242 -25.90 -38.79 27.67
CA GLU B 242 -27.00 -39.68 28.02
C GLU B 242 -27.79 -40.08 26.79
N LEU B 243 -28.01 -39.13 25.87
CA LEU B 243 -28.72 -39.44 24.62
C LEU B 243 -27.92 -40.39 23.75
N ALA B 244 -26.62 -40.16 23.62
CA ALA B 244 -25.81 -40.99 22.73
C ALA B 244 -25.79 -42.44 23.20
N LYS B 245 -25.69 -42.67 24.51
CA LYS B 245 -25.69 -44.04 25.02
C LYS B 245 -26.96 -44.77 24.65
N GLU B 246 -28.05 -44.04 24.41
CA GLU B 246 -29.32 -44.64 24.00
C GLU B 246 -29.38 -44.90 22.50
N ILE B 247 -28.49 -44.31 21.71
CA ILE B 247 -28.58 -44.36 20.25
C ILE B 247 -27.50 -45.26 19.65
N THR B 248 -26.30 -45.28 20.23
CA THR B 248 -25.20 -46.02 19.65
C THR B 248 -24.27 -46.52 20.74
N SER B 249 -23.71 -47.70 20.51
CA SER B 249 -22.71 -48.27 21.40
C SER B 249 -21.28 -47.84 21.03
N ARG B 250 -21.12 -47.15 19.92
CA ARG B 250 -19.81 -46.63 19.53
C ARG B 250 -19.35 -45.57 20.51
N LYS B 251 -18.04 -45.33 20.52
CA LYS B 251 -17.49 -44.24 21.32
C LYS B 251 -17.89 -42.92 20.70
N VAL B 252 -18.45 -42.02 21.51
CA VAL B 252 -18.94 -40.73 21.05
C VAL B 252 -18.18 -39.64 21.80
N ASN B 253 -17.38 -38.88 21.07
CA ASN B 253 -16.67 -37.73 21.62
C ASN B 253 -17.49 -36.48 21.30
N ILE B 254 -17.80 -35.71 22.34
CA ILE B 254 -18.70 -34.57 22.23
C ILE B 254 -17.90 -33.30 22.48
N TYR B 255 -18.02 -32.35 21.54
CA TYR B 255 -17.36 -31.06 21.63
C TYR B 255 -18.42 -29.97 21.52
N VAL B 256 -18.36 -29.00 22.42
CA VAL B 256 -19.36 -27.94 22.51
C VAL B 256 -18.67 -26.60 22.31
N ASN B 257 -19.10 -25.86 21.30
CA ASN B 257 -18.57 -24.53 20.99
C ASN B 257 -17.05 -24.56 20.95
N THR B 258 -16.54 -25.20 19.90
CA THR B 258 -15.11 -25.45 19.76
C THR B 258 -14.32 -24.18 19.50
N ALA B 259 -14.96 -23.12 19.01
CA ALA B 259 -14.26 -21.87 18.74
C ALA B 259 -13.96 -21.07 20.00
N ASP B 260 -14.48 -21.48 21.15
CA ASP B 260 -14.26 -20.75 22.38
C ASP B 260 -12.78 -20.72 22.73
N ASP B 261 -12.36 -19.59 23.31
CA ASP B 261 -11.00 -19.42 23.82
C ASP B 261 -11.09 -18.65 25.11
N PRO B 262 -11.39 -19.33 26.23
CA PRO B 262 -11.53 -18.61 27.51
C PRO B 262 -10.32 -17.76 27.86
N GLU B 263 -9.12 -18.20 27.51
CA GLU B 263 -7.93 -17.40 27.78
C GLU B 263 -7.93 -16.09 27.01
N ARG B 264 -8.64 -16.02 25.88
CA ARG B 264 -8.78 -14.79 25.12
C ARG B 264 -10.16 -14.15 25.28
N GLY B 265 -10.98 -14.67 26.20
CA GLY B 265 -12.29 -14.11 26.43
C GLY B 265 -13.27 -14.29 25.28
N ILE B 266 -12.99 -15.21 24.36
CA ILE B 266 -13.87 -15.46 23.23
C ILE B 266 -14.88 -16.53 23.63
N TYR B 267 -16.16 -16.18 23.57
CA TYR B 267 -17.25 -17.05 24.00
C TYR B 267 -18.40 -16.93 23.01
N TYR B 268 -19.08 -18.05 22.77
CA TYR B 268 -20.22 -18.06 21.86
C TYR B 268 -21.49 -17.71 22.64
N ILE B 269 -21.53 -16.46 23.08
CA ILE B 269 -22.71 -15.91 23.74
C ILE B 269 -23.40 -14.97 22.77
N THR B 270 -24.72 -14.85 22.91
CA THR B 270 -25.51 -14.00 22.04
C THR B 270 -26.56 -13.25 22.86
N VAL B 271 -27.09 -12.20 22.27
CA VAL B 271 -28.15 -11.43 22.91
C VAL B 271 -29.49 -12.15 22.77
N THR B 272 -29.74 -12.74 21.59
CA THR B 272 -31.04 -13.29 21.26
C THR B 272 -31.05 -14.81 21.15
N GLY B 273 -29.88 -15.45 21.13
CA GLY B 273 -29.82 -16.89 20.92
C GLY B 273 -29.66 -17.30 19.48
N THR B 274 -29.49 -16.36 18.56
CA THR B 274 -29.25 -16.67 17.16
C THR B 274 -28.12 -15.80 16.64
N SER B 275 -27.18 -16.42 15.92
CA SER B 275 -26.07 -15.67 15.34
C SER B 275 -26.51 -14.76 14.20
N ALA B 276 -27.78 -14.82 13.80
CA ALA B 276 -28.30 -13.84 12.85
C ALA B 276 -28.20 -12.43 13.38
N GLU B 277 -28.11 -12.26 14.70
CA GLU B 277 -27.95 -10.95 15.30
C GLU B 277 -26.58 -10.33 14.99
N ALA B 278 -25.59 -11.15 14.64
CA ALA B 278 -24.21 -10.69 14.58
C ALA B 278 -23.59 -10.85 13.19
N GLY B 279 -24.30 -10.45 12.15
CA GLY B 279 -23.72 -10.44 10.82
C GLY B 279 -23.66 -11.78 10.13
N ASP B 280 -24.42 -12.78 10.59
CA ASP B 280 -24.49 -14.07 9.93
C ASP B 280 -25.81 -14.15 9.16
N ASP B 281 -25.73 -14.58 7.92
CA ASP B 281 -26.83 -14.51 6.99
C ASP B 281 -27.45 -15.88 6.77
N GLY B 282 -28.69 -15.86 6.28
CA GLY B 282 -29.40 -17.08 5.99
C GLY B 282 -30.29 -16.92 4.78
N SER B 283 -30.58 -18.04 4.13
CA SER B 283 -31.52 -18.07 3.02
C SER B 283 -32.08 -19.48 2.91
N VAL B 284 -33.13 -19.61 2.09
CA VAL B 284 -33.85 -20.87 2.00
C VAL B 284 -33.02 -21.90 1.24
N GLY B 285 -33.22 -23.16 1.59
CA GLY B 285 -32.58 -24.24 0.85
C GLY B 285 -31.08 -24.35 1.06
N ARG B 286 -30.56 -23.76 2.12
CA ARG B 286 -29.13 -23.77 2.39
C ARG B 286 -28.75 -24.69 3.54
N GLY B 287 -29.71 -25.44 4.08
CA GLY B 287 -29.44 -26.31 5.23
C GLY B 287 -30.00 -27.70 5.08
N ASN B 288 -30.78 -28.11 6.08
CA ASN B 288 -31.23 -29.49 6.18
C ASN B 288 -32.18 -29.85 5.04
N ARG B 289 -32.18 -31.15 4.71
CA ARG B 289 -33.19 -31.71 3.82
C ARG B 289 -34.44 -32.05 4.63
N VAL B 290 -35.45 -32.59 3.94
CA VAL B 290 -36.74 -32.83 4.59
C VAL B 290 -36.60 -33.78 5.77
N ASN B 291 -35.58 -34.63 5.78
CA ASN B 291 -35.35 -35.52 6.92
C ASN B 291 -34.61 -34.82 8.05
N GLY B 292 -34.29 -33.53 7.88
CA GLY B 292 -33.66 -32.76 8.93
C GLY B 292 -32.17 -32.89 9.00
N LEU B 293 -31.52 -33.46 7.99
CA LEU B 293 -30.09 -33.72 8.05
C LEU B 293 -29.42 -33.36 6.73
N ILE B 294 -28.12 -33.13 6.81
CA ILE B 294 -27.26 -32.94 5.64
C ILE B 294 -26.32 -34.13 5.61
N THR B 295 -26.47 -35.00 4.61
CA THR B 295 -25.84 -36.32 4.61
C THR B 295 -25.11 -36.55 3.29
N PRO B 296 -23.84 -36.14 3.19
CA PRO B 296 -23.09 -36.39 1.96
C PRO B 296 -22.77 -37.86 1.73
N ASN B 297 -22.78 -38.70 2.77
CA ASN B 297 -22.64 -40.13 2.57
C ASN B 297 -23.88 -40.74 1.93
N ARG B 298 -24.97 -39.99 1.89
CA ARG B 298 -26.23 -40.40 1.30
C ARG B 298 -26.43 -39.67 -0.02
N HIS B 299 -27.66 -39.65 -0.50
CA HIS B 299 -28.05 -38.89 -1.68
C HIS B 299 -29.14 -37.91 -1.31
N MET B 300 -29.14 -36.77 -1.99
CA MET B 300 -30.06 -35.69 -1.67
CA MET B 300 -30.06 -35.69 -1.67
C MET B 300 -30.51 -35.00 -2.95
N SER B 301 -31.63 -34.30 -2.85
CA SER B 301 -32.11 -33.40 -3.87
C SER B 301 -31.71 -31.98 -3.48
N MET B 302 -31.39 -31.17 -4.50
CA MET B 302 -31.11 -29.76 -4.24
C MET B 302 -32.38 -28.94 -4.06
N GLU B 303 -33.55 -29.54 -4.32
CA GLU B 303 -34.81 -28.83 -4.19
C GLU B 303 -35.05 -28.50 -2.71
N ALA B 304 -35.20 -27.21 -2.43
CA ALA B 304 -35.65 -26.79 -1.10
C ALA B 304 -37.12 -27.14 -0.92
N ALA B 305 -37.49 -27.51 0.30
CA ALA B 305 -38.89 -27.81 0.60
C ALA B 305 -39.61 -26.65 1.27
N ALA B 306 -38.91 -25.86 2.09
CA ALA B 306 -39.55 -24.82 2.89
C ALA B 306 -40.12 -23.73 2.00
N GLY B 307 -41.37 -23.34 2.28
CA GLY B 307 -42.01 -22.23 1.61
C GLY B 307 -42.80 -22.60 0.37
N LYS B 308 -42.64 -23.81 -0.16
CA LYS B 308 -43.33 -24.22 -1.36
C LYS B 308 -44.73 -24.72 -1.03
N ASN B 309 -45.68 -24.45 -1.93
CA ASN B 309 -47.04 -24.85 -1.67
C ASN B 309 -47.14 -26.38 -1.65
N PRO B 310 -47.88 -26.96 -0.69
CA PRO B 310 -48.00 -28.41 -0.62
C PRO B 310 -48.95 -29.02 -1.64
N VAL B 311 -49.45 -28.25 -2.59
CA VAL B 311 -50.44 -28.72 -3.55
C VAL B 311 -49.80 -29.18 -4.85
N SER B 312 -48.91 -28.35 -5.41
CA SER B 312 -48.38 -28.60 -6.74
C SER B 312 -46.86 -28.69 -6.83
N HIS B 313 -46.11 -28.10 -5.89
CA HIS B 313 -44.67 -28.05 -6.03
C HIS B 313 -44.07 -29.40 -5.64
N VAL B 314 -43.38 -30.03 -6.58
CA VAL B 314 -42.86 -31.37 -6.36
C VAL B 314 -41.58 -31.35 -5.54
N GLY B 315 -40.77 -30.29 -5.67
CA GLY B 315 -39.58 -30.17 -4.85
C GLY B 315 -39.88 -30.45 -3.39
N LYS B 316 -41.02 -29.96 -2.91
CA LYS B 316 -41.46 -30.24 -1.54
C LYS B 316 -42.18 -31.58 -1.46
N ILE B 317 -43.15 -31.81 -2.35
CA ILE B 317 -44.00 -32.99 -2.23
C ILE B 317 -43.21 -34.27 -2.48
N TYR B 318 -42.35 -34.26 -3.50
CA TYR B 318 -41.60 -35.48 -3.82
C TYR B 318 -40.51 -35.76 -2.81
N ASN B 319 -39.87 -34.72 -2.26
CA ASN B 319 -38.90 -34.97 -1.20
C ASN B 319 -39.56 -35.61 0.01
N ILE B 320 -40.75 -35.13 0.38
CA ILE B 320 -41.49 -35.73 1.49
C ILE B 320 -41.90 -37.15 1.13
N LEU B 321 -42.48 -37.33 -0.07
CA LEU B 321 -42.99 -38.63 -0.45
C LEU B 321 -41.88 -39.66 -0.56
N ALA B 322 -40.75 -39.28 -1.17
CA ALA B 322 -39.62 -40.20 -1.25
C ALA B 322 -39.17 -40.64 0.15
N MET B 323 -39.09 -39.69 1.08
CA MET B 323 -38.73 -40.02 2.45
C MET B 323 -39.74 -41.00 3.05
N LEU B 324 -41.03 -40.71 2.89
CA LEU B 324 -42.05 -41.59 3.46
C LEU B 324 -42.05 -42.96 2.80
N ILE B 325 -41.90 -43.02 1.48
CA ILE B 325 -41.80 -44.29 0.79
C ILE B 325 -40.61 -45.09 1.32
N ALA B 326 -39.45 -44.42 1.43
CA ALA B 326 -38.26 -45.09 1.94
C ALA B 326 -38.49 -45.61 3.37
N GLU B 327 -39.10 -44.79 4.22
CA GLU B 327 -39.34 -45.21 5.60
C GLU B 327 -40.22 -46.46 5.64
N ASP B 328 -41.31 -46.46 4.86
CA ASP B 328 -42.21 -47.62 4.86
C ASP B 328 -41.49 -48.86 4.37
N ILE B 329 -40.69 -48.73 3.30
CA ILE B 329 -39.94 -49.88 2.79
C ILE B 329 -38.99 -50.40 3.87
N ALA B 330 -38.23 -49.49 4.49
CA ALA B 330 -37.29 -49.91 5.52
C ALA B 330 -38.01 -50.53 6.72
N LYS B 331 -39.23 -50.09 7.01
CA LYS B 331 -39.95 -50.56 8.18
C LYS B 331 -40.58 -51.93 7.96
N THR B 332 -40.95 -52.26 6.73
CA THR B 332 -41.72 -53.46 6.45
C THR B 332 -40.95 -54.54 5.70
N LEU B 333 -39.92 -54.19 4.94
CA LEU B 333 -39.25 -55.14 4.07
C LEU B 333 -37.81 -55.35 4.49
N PRO B 334 -37.22 -56.51 4.17
CA PRO B 334 -35.84 -56.82 4.60
C PRO B 334 -34.78 -56.12 3.75
N VAL B 335 -34.54 -54.85 4.06
CA VAL B 335 -33.57 -54.03 3.35
C VAL B 335 -32.61 -53.40 4.35
N GLU B 336 -31.32 -53.42 4.02
CA GLU B 336 -30.36 -52.63 4.78
C GLU B 336 -30.57 -51.14 4.54
N GLU B 337 -30.73 -50.75 3.28
CA GLU B 337 -30.93 -49.37 2.91
C GLU B 337 -31.85 -49.32 1.70
N VAL B 338 -32.56 -48.20 1.56
CA VAL B 338 -33.42 -47.94 0.41
C VAL B 338 -33.31 -46.47 0.09
N TYR B 339 -33.03 -46.16 -1.18
CA TYR B 339 -32.99 -44.79 -1.66
C TYR B 339 -34.10 -44.62 -2.69
N VAL B 340 -34.90 -43.57 -2.53
CA VAL B 340 -36.04 -43.31 -3.40
C VAL B 340 -35.80 -42.00 -4.12
N ARG B 341 -35.96 -42.02 -5.44
CA ARG B 341 -35.87 -40.82 -6.27
C ARG B 341 -37.12 -40.76 -7.13
N ILE B 342 -37.80 -39.62 -7.08
CA ILE B 342 -39.04 -39.40 -7.81
C ILE B 342 -38.86 -38.15 -8.65
N LEU B 343 -39.07 -38.28 -9.96
CA LEU B 343 -38.90 -37.18 -10.90
C LEU B 343 -40.23 -36.81 -11.52
N SER B 344 -40.56 -35.52 -11.46
CA SER B 344 -41.76 -34.98 -12.07
C SER B 344 -41.50 -34.56 -13.51
N GLN B 345 -42.58 -34.43 -14.27
CA GLN B 345 -42.57 -33.81 -15.58
C GLN B 345 -43.53 -32.63 -15.51
N ILE B 346 -43.03 -31.43 -15.80
CA ILE B 346 -43.85 -30.23 -15.63
C ILE B 346 -45.08 -30.35 -16.50
N GLY B 347 -46.25 -30.19 -15.89
CA GLY B 347 -47.52 -30.35 -16.56
C GLY B 347 -48.07 -31.75 -16.57
N LYS B 348 -47.48 -32.66 -15.79
CA LYS B 348 -48.02 -33.99 -15.60
C LYS B 348 -48.58 -34.12 -14.19
N PRO B 349 -49.63 -34.91 -13.99
CA PRO B 349 -50.15 -35.08 -12.63
C PRO B 349 -49.07 -35.60 -11.69
N ILE B 350 -49.08 -35.06 -10.46
CA ILE B 350 -48.00 -35.38 -9.53
C ILE B 350 -48.03 -36.84 -9.09
N ASP B 351 -49.13 -37.54 -9.29
CA ASP B 351 -49.18 -38.97 -9.00
C ASP B 351 -48.65 -39.82 -10.15
N GLN B 352 -48.21 -39.21 -11.24
CA GLN B 352 -47.67 -39.92 -12.40
C GLN B 352 -46.24 -39.44 -12.67
N PRO B 353 -45.34 -39.59 -11.70
CA PRO B 353 -43.97 -39.11 -11.91
C PRO B 353 -43.35 -39.77 -13.13
N LEU B 354 -42.42 -39.03 -13.77
CA LEU B 354 -41.73 -39.60 -14.92
C LEU B 354 -40.96 -40.86 -14.55
N VAL B 355 -40.50 -40.95 -13.31
CA VAL B 355 -39.90 -42.18 -12.79
C VAL B 355 -39.90 -42.10 -11.28
N ALA B 356 -40.12 -43.25 -10.64
CA ALA B 356 -40.01 -43.39 -9.19
C ALA B 356 -38.97 -44.49 -8.94
N SER B 357 -37.71 -44.06 -8.79
CA SER B 357 -36.61 -45.01 -8.66
C SER B 357 -36.47 -45.45 -7.21
N ILE B 358 -36.41 -46.76 -7.00
CA ILE B 358 -36.21 -47.36 -5.68
C ILE B 358 -34.97 -48.25 -5.77
N GLN B 359 -33.87 -47.81 -5.19
CA GLN B 359 -32.63 -48.58 -5.14
C GLN B 359 -32.48 -49.17 -3.75
N VAL B 360 -32.27 -50.48 -3.66
CA VAL B 360 -32.34 -51.20 -2.40
C VAL B 360 -31.05 -51.99 -2.21
N ILE B 361 -30.49 -51.91 -0.99
CA ILE B 361 -29.49 -52.85 -0.53
C ILE B 361 -30.21 -53.86 0.36
N PRO B 362 -30.38 -55.12 -0.07
CA PRO B 362 -31.09 -56.08 0.77
C PRO B 362 -30.26 -56.50 1.98
N LYS B 363 -30.96 -56.91 3.02
CA LYS B 363 -30.28 -57.47 4.17
C LYS B 363 -29.61 -58.79 3.80
N PRO B 364 -28.52 -59.14 4.48
CA PRO B 364 -27.83 -60.39 4.14
C PRO B 364 -28.79 -61.58 4.15
N GLY B 365 -28.71 -62.39 3.11
CA GLY B 365 -29.56 -63.56 2.97
C GLY B 365 -30.85 -63.34 2.20
N HIS B 366 -31.21 -62.08 1.91
CA HIS B 366 -32.42 -61.76 1.18
C HIS B 366 -32.09 -61.28 -0.22
N SER B 367 -33.01 -61.53 -1.13
CA SER B 367 -32.91 -61.07 -2.51
C SER B 367 -34.05 -60.10 -2.80
N VAL B 368 -33.79 -59.15 -3.69
CA VAL B 368 -34.77 -58.12 -3.99
C VAL B 368 -36.01 -58.71 -4.66
N LYS B 369 -35.83 -59.77 -5.45
CA LYS B 369 -37.00 -60.41 -6.08
C LYS B 369 -38.01 -60.88 -5.06
N GLU B 370 -37.58 -61.15 -3.82
CA GLU B 370 -38.49 -61.63 -2.79
C GLU B 370 -39.51 -60.56 -2.39
N PHE B 371 -39.13 -59.27 -2.45
CA PHE B 371 -39.98 -58.20 -1.98
C PHE B 371 -40.07 -57.02 -2.94
N GLU B 372 -39.59 -57.16 -4.18
CA GLU B 372 -39.61 -56.01 -5.09
C GLU B 372 -41.03 -55.55 -5.35
N LYS B 373 -41.98 -56.49 -5.50
CA LYS B 373 -43.36 -56.11 -5.71
C LYS B 373 -43.96 -55.47 -4.47
N ASP B 374 -43.49 -55.86 -3.28
CA ASP B 374 -43.94 -55.21 -2.06
C ASP B 374 -43.47 -53.77 -2.01
N ALA B 375 -42.21 -53.52 -2.35
CA ALA B 375 -41.71 -52.15 -2.43
C ALA B 375 -42.43 -51.38 -3.52
N TYR B 376 -42.68 -52.02 -4.67
CA TYR B 376 -43.47 -51.39 -5.73
C TYR B 376 -44.83 -50.95 -5.21
N SER B 377 -45.51 -51.84 -4.48
CA SER B 377 -46.84 -51.50 -3.98
C SER B 377 -46.78 -50.33 -3.00
N ILE B 378 -45.77 -50.30 -2.14
CA ILE B 378 -45.64 -49.22 -1.17
C ILE B 378 -45.54 -47.87 -1.88
N ALA B 379 -44.63 -47.78 -2.84
CA ALA B 379 -44.47 -46.54 -3.58
C ALA B 379 -45.72 -46.20 -4.39
N ASP B 380 -46.35 -47.22 -4.97
CA ASP B 380 -47.56 -46.98 -5.76
C ASP B 380 -48.69 -46.44 -4.89
N GLU B 381 -48.84 -46.97 -3.68
CA GLU B 381 -49.89 -46.50 -2.79
C GLU B 381 -49.62 -45.07 -2.34
N TRP B 382 -48.36 -44.75 -2.03
CA TRP B 382 -48.03 -43.38 -1.63
C TRP B 382 -48.26 -42.41 -2.79
N LEU B 383 -47.83 -42.78 -3.99
CA LEU B 383 -48.07 -41.94 -5.15
C LEU B 383 -49.57 -41.84 -5.46
N ALA B 384 -50.32 -42.90 -5.21
CA ALA B 384 -51.76 -42.86 -5.41
C ALA B 384 -52.47 -42.01 -4.37
N ASN B 385 -51.84 -41.80 -3.20
CA ASN B 385 -52.39 -40.99 -2.14
C ASN B 385 -51.51 -39.76 -1.87
N ILE B 386 -50.81 -39.29 -2.89
CA ILE B 386 -49.92 -38.14 -2.75
C ILE B 386 -50.66 -36.95 -2.17
N THR B 387 -51.96 -36.82 -2.46
CA THR B 387 -52.72 -35.68 -1.96
C THR B 387 -52.76 -35.64 -0.45
N LYS B 388 -52.65 -36.80 0.21
CA LYS B 388 -52.62 -36.82 1.68
C LYS B 388 -51.46 -35.98 2.21
N VAL B 389 -50.33 -35.98 1.50
CA VAL B 389 -49.17 -35.20 1.93
C VAL B 389 -49.56 -33.74 2.11
N GLN B 390 -50.40 -33.22 1.21
CA GLN B 390 -50.88 -31.85 1.35
C GLN B 390 -51.51 -31.63 2.72
N LYS B 391 -52.40 -32.52 3.13
CA LYS B 391 -53.04 -32.41 4.44
C LYS B 391 -52.00 -32.53 5.56
N MET B 392 -51.00 -33.40 5.38
CA MET B 392 -49.97 -33.55 6.39
C MET B 392 -49.23 -32.24 6.64
N ILE B 393 -49.04 -31.44 5.60
CA ILE B 393 -48.39 -30.14 5.76
C ILE B 393 -49.28 -29.19 6.55
N LEU B 394 -50.51 -28.99 6.08
CA LEU B 394 -51.37 -27.99 6.69
C LEU B 394 -51.74 -28.34 8.13
N GLU B 395 -51.80 -29.64 8.45
CA GLU B 395 -52.07 -30.07 9.81
C GLU B 395 -50.81 -30.17 10.65
N ASP B 396 -49.68 -29.62 10.17
CA ASP B 396 -48.45 -29.53 10.94
C ASP B 396 -47.96 -30.90 11.43
N LYS B 397 -48.21 -31.94 10.63
CA LYS B 397 -47.82 -33.30 11.00
C LYS B 397 -46.43 -33.67 10.50
N ILE B 398 -45.81 -32.86 9.66
CA ILE B 398 -44.50 -33.17 9.09
C ILE B 398 -43.69 -31.89 8.96
N SER B 399 -42.40 -31.98 9.27
CA SER B 399 -41.46 -30.89 9.08
C SER B 399 -40.73 -31.08 7.75
N VAL B 400 -40.22 -29.97 7.22
CA VAL B 400 -39.56 -29.96 5.93
C VAL B 400 -38.09 -29.56 6.02
N PHE B 401 -37.55 -29.47 7.22
CA PHE B 401 -36.13 -29.16 7.41
C PHE B 401 -35.73 -29.42 8.85
N ALA C 2 -26.20 44.49 23.19
CA ALA C 2 -25.19 44.07 22.21
C ALA C 2 -25.84 43.29 21.06
N ARG C 3 -27.09 42.87 21.27
CA ARG C 3 -27.82 42.15 20.24
C ARG C 3 -28.50 43.14 19.31
N ASN C 4 -28.37 42.90 18.00
CA ASN C 4 -28.89 43.81 16.98
C ASN C 4 -30.39 43.55 16.80
N ILE C 5 -31.16 43.90 17.83
CA ILE C 5 -32.60 43.77 17.80
C ILE C 5 -33.17 45.11 17.34
N VAL C 6 -33.94 45.08 16.26
CA VAL C 6 -34.45 46.30 15.63
C VAL C 6 -35.97 46.24 15.70
N VAL C 7 -36.55 47.17 16.45
CA VAL C 7 -38.00 47.28 16.60
C VAL C 7 -38.48 48.42 15.72
N GLU C 8 -39.34 48.10 14.75
CA GLU C 8 -39.86 49.09 13.80
C GLU C 8 -41.37 48.97 13.74
N GLU C 9 -42.03 50.11 13.59
CA GLU C 9 -43.43 50.12 13.22
C GLU C 9 -43.58 49.82 11.73
N ILE C 10 -44.58 49.01 11.40
CA ILE C 10 -44.93 48.74 10.01
C ILE C 10 -46.39 49.10 9.82
N VAL C 11 -46.69 49.77 8.71
CA VAL C 11 -48.06 50.09 8.34
C VAL C 11 -48.50 49.08 7.29
N ARG C 12 -49.52 48.29 7.61
CA ARG C 12 -50.04 47.34 6.66
C ARG C 12 -51.40 46.84 7.16
N THR C 13 -52.23 46.43 6.22
CA THR C 13 -53.56 45.94 6.56
C THR C 13 -53.44 44.72 7.48
N PRO C 14 -53.97 44.77 8.69
CA PRO C 14 -53.95 43.56 9.54
C PRO C 14 -54.65 42.40 8.85
N VAL C 15 -54.16 41.19 9.11
CA VAL C 15 -54.77 40.00 8.54
C VAL C 15 -56.25 39.94 8.89
N GLU C 16 -56.60 40.27 10.14
CA GLU C 16 -58.00 40.26 10.55
C GLU C 16 -58.85 41.21 9.71
N MET C 17 -58.23 42.21 9.08
CA MET C 17 -58.96 43.18 8.29
C MET C 17 -59.00 42.86 6.81
N GLN C 18 -58.15 41.94 6.36
CA GLN C 18 -58.18 41.52 4.97
C GLN C 18 -59.46 40.73 4.70
N GLN C 19 -59.93 40.82 3.45
CA GLN C 19 -61.23 40.25 3.11
C GLN C 19 -61.18 38.72 3.09
N VAL C 20 -60.07 38.14 2.63
CA VAL C 20 -59.95 36.69 2.49
C VAL C 20 -58.73 36.23 3.28
N GLU C 21 -58.94 35.26 4.16
CA GLU C 21 -57.88 34.63 4.93
C GLU C 21 -57.98 33.12 4.78
N LEU C 22 -56.84 32.48 4.54
CA LEU C 22 -56.76 31.04 4.35
C LEU C 22 -55.81 30.46 5.39
N VAL C 23 -56.28 29.44 6.12
CA VAL C 23 -55.47 28.76 7.12
C VAL C 23 -55.76 27.27 7.05
N GLU C 24 -54.70 26.47 7.15
CA GLU C 24 -54.82 25.02 7.06
C GLU C 24 -53.97 24.38 8.14
N ARG C 25 -54.47 23.27 8.70
CA ARG C 25 -53.70 22.46 9.64
C ARG C 25 -53.89 21.00 9.31
N LYS C 26 -52.79 20.27 9.25
CA LYS C 26 -52.80 18.82 9.03
C LYS C 26 -52.63 18.14 10.38
N GLY C 27 -53.65 17.42 10.83
CA GLY C 27 -53.62 16.78 12.13
C GLY C 27 -52.52 15.74 12.26
N ILE C 28 -52.38 15.18 13.46
CA ILE C 28 -51.26 14.28 13.73
C ILE C 28 -51.34 13.04 12.84
N GLY C 29 -52.54 12.54 12.59
CA GLY C 29 -52.69 11.35 11.78
C GLY C 29 -52.55 11.57 10.30
N HIS C 30 -52.34 12.79 9.85
CA HIS C 30 -52.15 13.05 8.43
C HIS C 30 -50.78 12.54 7.99
N PRO C 31 -50.69 11.88 6.81
CA PRO C 31 -49.40 11.29 6.42
C PRO C 31 -48.21 12.23 6.52
N ASP C 32 -48.36 13.47 6.04
CA ASP C 32 -47.28 14.45 6.15
C ASP C 32 -46.92 14.71 7.60
N SER C 33 -47.93 14.86 8.46
CA SER C 33 -47.66 15.10 9.88
C SER C 33 -47.13 13.86 10.56
N ILE C 34 -47.52 12.67 10.09
CA ILE C 34 -46.91 11.44 10.57
C ILE C 34 -45.42 11.45 10.27
N ALA C 35 -45.05 11.86 9.06
CA ALA C 35 -43.63 11.98 8.71
C ALA C 35 -42.93 13.00 9.60
N ASP C 36 -43.55 14.16 9.79
CA ASP C 36 -42.98 15.17 10.69
C ASP C 36 -42.84 14.60 12.10
N GLY C 37 -43.92 13.99 12.62
CA GLY C 37 -43.87 13.46 13.97
C GLY C 37 -42.81 12.39 14.13
N ILE C 38 -42.69 11.49 13.16
CA ILE C 38 -41.66 10.46 13.22
C ILE C 38 -40.28 11.09 13.19
N ALA C 39 -40.06 12.02 12.25
CA ALA C 39 -38.76 12.67 12.14
C ALA C 39 -38.34 13.28 13.47
N GLU C 40 -39.25 14.01 14.13
CA GLU C 40 -38.93 14.66 15.39
C GLU C 40 -38.80 13.62 16.50
N ALA C 41 -39.66 12.60 16.50
CA ALA C 41 -39.57 11.56 17.52
C ALA C 41 -38.25 10.82 17.43
N VAL C 42 -37.79 10.51 16.21
CA VAL C 42 -36.49 9.87 16.04
C VAL C 42 -35.39 10.79 16.55
N SER C 43 -35.46 12.06 16.19
CA SER C 43 -34.44 13.01 16.63
C SER C 43 -34.32 13.04 18.15
N ARG C 44 -35.46 13.16 18.85
CA ARG C 44 -35.41 13.22 20.31
C ARG C 44 -34.88 11.91 20.89
N ALA C 45 -35.31 10.77 20.35
CA ALA C 45 -34.83 9.50 20.85
C ALA C 45 -33.32 9.37 20.68
N LEU C 46 -32.80 9.78 19.52
CA LEU C 46 -31.35 9.77 19.32
C LEU C 46 -30.66 10.70 20.32
N CYS C 47 -31.22 11.90 20.52
CA CYS C 47 -30.67 12.81 21.50
C CYS C 47 -30.57 12.15 22.87
N ARG C 48 -31.68 11.56 23.34
CA ARG C 48 -31.68 10.93 24.66
C ARG C 48 -30.65 9.81 24.74
N GLU C 49 -30.55 9.00 23.70
CA GLU C 49 -29.63 7.86 23.74
C GLU C 49 -28.17 8.31 23.65
N TYR C 50 -27.90 9.33 22.84
CA TYR C 50 -26.56 9.93 22.84
C TYR C 50 -26.18 10.45 24.22
N ILE C 51 -27.12 11.13 24.88
CA ILE C 51 -26.85 11.63 26.22
C ILE C 51 -26.71 10.47 27.21
N ARG C 52 -27.51 9.43 27.02
CA ARG C 52 -27.47 8.29 27.94
C ARG C 52 -26.11 7.61 27.92
N ARG C 53 -25.48 7.54 26.74
CA ARG C 53 -24.22 6.82 26.57
C ARG C 53 -22.99 7.71 26.73
N TYR C 54 -23.07 8.96 26.25
CA TYR C 54 -21.90 9.83 26.21
C TYR C 54 -22.08 11.16 26.91
N GLY C 55 -23.27 11.44 27.46
CA GLY C 55 -23.50 12.69 28.14
C GLY C 55 -23.49 13.91 27.25
N VAL C 56 -23.55 13.72 25.93
CA VAL C 56 -23.55 14.83 24.99
C VAL C 56 -24.30 14.40 23.75
N ILE C 57 -24.95 15.35 23.10
CA ILE C 57 -25.68 15.09 21.86
C ILE C 57 -24.69 15.14 20.71
N LEU C 58 -24.70 14.10 19.88
CA LEU C 58 -23.86 14.03 18.69
C LEU C 58 -24.66 14.47 17.47
N HIS C 59 -23.92 14.91 16.45
CA HIS C 59 -24.58 15.49 15.28
C HIS C 59 -25.44 14.45 14.58
N HIS C 60 -26.63 14.87 14.16
CA HIS C 60 -27.59 13.98 13.54
C HIS C 60 -28.74 14.81 13.00
N ASN C 61 -29.26 14.41 11.85
CA ASN C 61 -30.44 15.04 11.27
C ASN C 61 -31.31 13.94 10.67
N THR C 62 -32.53 13.82 11.18
CA THR C 62 -33.49 12.84 10.69
C THR C 62 -34.71 13.53 10.10
N ASP C 63 -34.49 14.66 9.44
CA ASP C 63 -35.55 15.42 8.80
C ASP C 63 -35.89 14.85 7.43
N GLN C 64 -35.79 13.53 7.30
CA GLN C 64 -36.06 12.83 6.05
C GLN C 64 -36.81 11.55 6.42
N VAL C 65 -38.13 11.59 6.27
CA VAL C 65 -38.99 10.43 6.54
C VAL C 65 -39.98 10.33 5.40
N GLU C 66 -40.12 9.13 4.83
CA GLU C 66 -41.03 8.89 3.72
C GLU C 66 -42.08 7.89 4.18
N VAL C 67 -43.35 8.33 4.18
CA VAL C 67 -44.47 7.47 4.51
C VAL C 67 -45.10 7.02 3.21
N VAL C 68 -44.89 5.75 2.85
CA VAL C 68 -45.46 5.17 1.64
C VAL C 68 -46.78 4.52 2.02
N GLY C 69 -47.88 5.06 1.51
CA GLY C 69 -49.18 4.54 1.86
C GLY C 69 -49.35 3.09 1.42
N GLY C 70 -50.11 2.34 2.21
CA GLY C 70 -50.45 0.97 1.90
C GLY C 70 -51.78 0.86 1.19
N ARG C 71 -52.46 -0.27 1.40
CA ARG C 71 -53.79 -0.49 0.85
C ARG C 71 -54.67 -1.10 1.92
N ALA C 72 -55.95 -0.75 1.89
CA ALA C 72 -56.89 -1.21 2.90
C ALA C 72 -58.28 -1.31 2.29
N TYR C 73 -59.11 -2.15 2.92
CA TYR C 73 -60.51 -2.31 2.54
C TYR C 73 -61.38 -1.94 3.73
N PRO C 74 -61.69 -0.66 3.91
CA PRO C 74 -62.58 -0.27 5.02
C PRO C 74 -63.99 -0.78 4.80
N ARG C 75 -64.62 -1.21 5.89
CA ARG C 75 -65.98 -1.71 5.86
C ARG C 75 -66.68 -1.33 7.16
N PHE C 76 -67.95 -0.93 7.05
CA PHE C 76 -68.73 -0.62 8.24
C PHE C 76 -68.74 -1.82 9.18
N GLY C 77 -68.42 -1.56 10.45
CA GLY C 77 -68.28 -2.61 11.43
C GLY C 77 -66.88 -3.16 11.59
N GLY C 78 -65.97 -2.83 10.66
CA GLY C 78 -64.60 -3.30 10.75
C GLY C 78 -64.03 -3.73 9.42
N GLY C 79 -63.06 -2.98 8.91
CA GLY C 79 -62.35 -3.31 7.70
C GLY C 79 -61.05 -4.03 7.99
N GLU C 80 -60.17 -4.04 7.00
CA GLU C 80 -58.89 -4.72 7.14
C GLU C 80 -57.82 -4.03 6.29
N VAL C 81 -56.60 -4.01 6.81
CA VAL C 81 -55.45 -3.56 6.04
C VAL C 81 -54.95 -4.74 5.20
N VAL C 82 -54.69 -4.48 3.93
CA VAL C 82 -54.25 -5.50 2.99
C VAL C 82 -52.76 -5.42 2.70
N LYS C 83 -52.25 -4.21 2.50
CA LYS C 83 -50.83 -3.99 2.26
C LYS C 83 -50.35 -2.99 3.29
N PRO C 84 -49.32 -3.30 4.08
CA PRO C 84 -48.94 -2.40 5.18
C PRO C 84 -48.35 -1.10 4.67
N ILE C 85 -48.37 -0.09 5.54
CA ILE C 85 -47.68 1.16 5.30
C ILE C 85 -46.18 0.92 5.41
N TYR C 86 -45.42 1.49 4.47
CA TYR C 86 -43.97 1.42 4.48
C TYR C 86 -43.40 2.78 4.83
N ILE C 87 -42.57 2.83 5.86
CA ILE C 87 -41.96 4.07 6.35
C ILE C 87 -40.46 3.92 6.24
N LEU C 88 -39.83 4.83 5.49
CA LEU C 88 -38.37 4.86 5.34
C LEU C 88 -37.81 5.99 6.20
N LEU C 89 -36.97 5.64 7.16
CA LEU C 89 -36.26 6.62 7.95
C LEU C 89 -34.93 6.94 7.26
N SER C 90 -34.71 8.22 7.00
CA SER C 90 -33.46 8.66 6.36
C SER C 90 -32.82 9.78 7.17
N GLY C 91 -31.81 10.40 6.59
CA GLY C 91 -31.02 11.40 7.27
C GLY C 91 -29.61 10.94 7.54
N ARG C 92 -29.00 11.56 8.54
CA ARG C 92 -27.64 11.21 8.95
C ARG C 92 -27.57 11.21 10.46
N ALA C 93 -26.76 10.31 11.01
CA ALA C 93 -26.55 10.25 12.44
C ALA C 93 -25.22 9.56 12.69
N VAL C 94 -24.62 9.88 13.84
CA VAL C 94 -23.35 9.28 14.22
C VAL C 94 -23.63 7.88 14.77
N GLU C 95 -23.19 6.86 14.05
CA GLU C 95 -23.28 5.49 14.54
C GLU C 95 -21.92 4.92 14.96
N LEU C 96 -20.82 5.52 14.54
CA LEU C 96 -19.48 5.10 14.92
C LEU C 96 -18.91 6.15 15.87
N VAL C 97 -18.75 5.76 17.13
CA VAL C 97 -18.26 6.65 18.19
C VAL C 97 -17.04 5.98 18.80
N ASP C 98 -15.84 6.45 18.44
CA ASP C 98 -14.61 5.87 18.95
C ASP C 98 -14.57 4.37 18.70
N GLN C 99 -14.77 4.01 17.43
CA GLN C 99 -14.64 2.64 16.95
C GLN C 99 -15.81 1.74 17.35
N GLU C 100 -16.63 2.15 18.33
CA GLU C 100 -17.77 1.36 18.75
C GLU C 100 -19.03 1.83 18.03
N LEU C 101 -20.00 0.93 17.95
CA LEU C 101 -21.23 1.17 17.20
C LEU C 101 -22.33 1.67 18.13
N PHE C 102 -23.02 2.73 17.68
CA PHE C 102 -24.17 3.31 18.35
C PHE C 102 -25.43 2.78 17.70
N PRO C 103 -26.45 2.35 18.46
CA PRO C 103 -27.63 1.74 17.82
C PRO C 103 -28.54 2.74 17.14
N VAL C 104 -28.03 3.44 16.12
CA VAL C 104 -28.84 4.44 15.42
C VAL C 104 -30.16 3.84 14.95
N HIS C 105 -30.08 2.74 14.20
CA HIS C 105 -31.26 2.21 13.52
C HIS C 105 -32.25 1.60 14.52
N GLU C 106 -31.74 0.91 15.54
CA GLU C 106 -32.62 0.36 16.56
C GLU C 106 -33.37 1.47 17.28
N VAL C 107 -32.66 2.53 17.67
CA VAL C 107 -33.30 3.65 18.36
C VAL C 107 -34.32 4.31 17.43
N ALA C 108 -33.94 4.57 16.19
CA ALA C 108 -34.81 5.29 15.27
C ALA C 108 -36.08 4.51 14.99
N ILE C 109 -35.95 3.22 14.66
CA ILE C 109 -37.12 2.41 14.34
C ILE C 109 -38.02 2.26 15.56
N LYS C 110 -37.43 2.06 16.74
CA LYS C 110 -38.23 1.97 17.95
C LYS C 110 -38.98 3.28 18.22
N ALA C 111 -38.31 4.41 18.03
CA ALA C 111 -38.97 5.69 18.26
C ALA C 111 -40.09 5.93 17.27
N ALA C 112 -39.87 5.61 16.00
CA ALA C 112 -40.92 5.76 15.00
C ALA C 112 -42.12 4.88 15.36
N LYS C 113 -41.85 3.64 15.79
CA LYS C 113 -42.93 2.73 16.16
C LYS C 113 -43.70 3.25 17.37
N ASN C 114 -42.98 3.67 18.41
CA ASN C 114 -43.65 4.18 19.60
C ASN C 114 -44.52 5.38 19.27
N TYR C 115 -44.03 6.28 18.41
CA TYR C 115 -44.81 7.46 18.06
C TYR C 115 -46.11 7.06 17.35
N LEU C 116 -46.02 6.13 16.40
CA LEU C 116 -47.23 5.65 15.73
C LEU C 116 -48.18 4.99 16.71
N LYS C 117 -47.65 4.14 17.60
CA LYS C 117 -48.49 3.45 18.57
C LYS C 117 -49.29 4.45 19.39
N ASN C 118 -48.65 5.55 19.80
CA ASN C 118 -49.26 6.52 20.70
C ASN C 118 -50.01 7.62 19.97
N ALA C 119 -49.77 7.81 18.67
CA ALA C 119 -50.42 8.86 17.92
C ALA C 119 -51.71 8.37 17.25
N ILE C 120 -51.70 7.17 16.68
CA ILE C 120 -52.84 6.61 15.98
C ILE C 120 -53.34 5.41 16.78
N ARG C 121 -54.52 5.56 17.39
CA ARG C 121 -54.99 4.60 18.37
C ARG C 121 -55.34 3.26 17.73
N HIS C 122 -55.91 3.28 16.54
CA HIS C 122 -56.39 2.07 15.87
C HIS C 122 -55.42 1.56 14.82
N LEU C 123 -54.15 1.97 14.88
CA LEU C 123 -53.12 1.50 13.95
C LEU C 123 -52.33 0.39 14.62
N ASP C 124 -52.38 -0.81 14.04
CA ASP C 124 -51.57 -1.93 14.52
C ASP C 124 -50.19 -1.81 13.89
N VAL C 125 -49.27 -1.18 14.64
CA VAL C 125 -47.96 -0.84 14.09
C VAL C 125 -47.21 -2.10 13.66
N GLU C 126 -47.36 -3.20 14.39
CA GLU C 126 -46.58 -4.39 14.10
C GLU C 126 -47.07 -5.12 12.85
N ASN C 127 -48.35 -4.95 12.48
CA ASN C 127 -48.91 -5.64 11.33
C ASN C 127 -49.36 -4.71 10.21
N HIS C 128 -49.56 -3.42 10.49
CA HIS C 128 -49.97 -2.46 9.48
C HIS C 128 -48.83 -1.61 8.94
N VAL C 129 -47.63 -1.70 9.51
CA VAL C 129 -46.54 -0.80 9.16
C VAL C 129 -45.25 -1.59 9.06
N ILE C 130 -44.49 -1.34 7.99
CA ILE C 130 -43.11 -1.77 7.86
C ILE C 130 -42.24 -0.53 7.99
N ILE C 131 -41.34 -0.53 8.98
CA ILE C 131 -40.45 0.59 9.21
C ILE C 131 -39.02 0.12 9.01
N ASP C 132 -38.38 0.64 7.97
CA ASP C 132 -36.97 0.40 7.70
C ASP C 132 -36.21 1.71 7.86
N SER C 133 -34.90 1.59 8.11
CA SER C 133 -34.03 2.74 8.34
C SER C 133 -32.88 2.70 7.35
N ARG C 134 -32.65 3.84 6.69
CA ARG C 134 -31.48 4.02 5.83
C ARG C 134 -30.70 5.26 6.25
N ILE C 135 -30.75 5.59 7.55
CA ILE C 135 -30.02 6.74 8.07
C ILE C 135 -28.54 6.56 7.81
N GLY C 136 -27.88 7.66 7.40
CA GLY C 136 -26.50 7.58 7.01
C GLY C 136 -25.56 7.45 8.19
N GLN C 137 -24.31 7.13 7.88
CA GLN C 137 -23.30 6.77 8.87
C GLN C 137 -22.34 7.93 9.10
N GLY C 138 -22.29 8.45 10.32
CA GLY C 138 -21.30 9.42 10.73
C GLY C 138 -20.32 8.82 11.71
N SER C 139 -19.07 9.29 11.64
CA SER C 139 -18.01 8.89 12.58
C SER C 139 -17.58 10.10 13.40
N VAL C 140 -17.48 9.93 14.72
CA VAL C 140 -17.10 11.00 15.62
C VAL C 140 -16.06 10.51 16.63
N ASP C 141 -15.19 11.43 17.06
CA ASP C 141 -14.32 11.24 18.21
C ASP C 141 -14.92 12.00 19.39
N LEU C 142 -15.24 11.28 20.47
CA LEU C 142 -15.88 11.91 21.62
C LEU C 142 -15.07 13.09 22.14
N VAL C 143 -13.74 12.97 22.16
CA VAL C 143 -12.90 14.06 22.65
C VAL C 143 -13.15 15.33 21.84
N SER C 144 -13.42 15.18 20.54
CA SER C 144 -13.65 16.34 19.70
C SER C 144 -14.95 17.04 20.06
N VAL C 145 -16.01 16.27 20.32
CA VAL C 145 -17.31 16.88 20.62
C VAL C 145 -17.24 17.71 21.89
N PHE C 146 -16.63 17.16 22.94
CA PHE C 146 -16.44 17.94 24.16
C PHE C 146 -15.52 19.12 23.93
N ASN C 147 -14.57 18.99 23.00
CA ASN C 147 -13.67 20.10 22.71
C ASN C 147 -14.38 21.19 21.93
N LYS C 148 -15.31 20.83 21.04
CA LYS C 148 -16.09 21.84 20.33
C LYS C 148 -17.20 22.42 21.19
N ALA C 149 -17.44 21.84 22.37
CA ALA C 149 -18.36 22.45 23.34
C ALA C 149 -17.60 23.49 24.14
N ARG C 150 -16.79 23.04 25.10
CA ARG C 150 -15.83 23.87 25.82
C ARG C 150 -15.51 25.18 25.11
N GLU C 151 -15.22 25.11 23.81
CA GLU C 151 -14.84 26.31 23.06
C GLU C 151 -16.01 27.29 22.96
N ASN C 152 -17.20 26.79 22.63
CA ASN C 152 -18.36 27.65 22.42
C ASN C 152 -19.62 26.97 22.95
N PRO C 153 -20.00 27.24 24.19
CA PRO C 153 -21.26 26.67 24.71
C PRO C 153 -22.45 26.97 23.82
N ILE C 154 -22.55 28.20 23.33
CA ILE C 154 -23.56 28.57 22.34
C ILE C 154 -22.96 28.32 20.96
N PRO C 155 -23.58 27.51 20.10
CA PRO C 155 -22.96 27.20 18.80
C PRO C 155 -22.80 28.46 17.95
N LEU C 156 -21.77 28.44 17.12
CA LEU C 156 -21.54 29.51 16.17
C LEU C 156 -22.28 29.22 14.87
N ALA C 157 -22.74 30.29 14.23
CA ALA C 157 -23.45 30.17 12.96
C ALA C 157 -22.45 29.97 11.83
N ASN C 158 -22.64 28.91 11.06
CA ASN C 158 -21.82 28.66 9.88
C ASN C 158 -22.46 29.20 8.60
N ASP C 159 -23.72 29.61 8.66
CA ASP C 159 -24.43 30.12 7.50
C ASP C 159 -25.38 31.22 7.97
N THR C 160 -26.01 31.88 7.00
CA THR C 160 -27.02 32.89 7.31
C THR C 160 -28.36 32.17 7.41
N SER C 161 -28.66 31.67 8.61
CA SER C 161 -29.91 30.97 8.86
C SER C 161 -31.01 31.96 9.24
N PHE C 162 -32.24 31.58 8.95
CA PHE C 162 -33.38 32.48 9.02
C PHE C 162 -34.52 31.83 9.79
N GLY C 163 -35.12 32.60 10.69
CA GLY C 163 -36.34 32.18 11.36
C GLY C 163 -37.38 33.27 11.26
N VAL C 164 -38.64 32.85 11.11
CA VAL C 164 -39.75 33.79 10.97
C VAL C 164 -40.91 33.30 11.85
N GLY C 165 -41.43 34.21 12.67
CA GLY C 165 -42.62 33.92 13.46
C GLY C 165 -43.50 35.15 13.54
N TYR C 166 -44.68 34.97 14.11
CA TYR C 166 -45.65 36.07 14.17
C TYR C 166 -46.62 35.81 15.30
N ALA C 167 -47.33 36.86 15.70
CA ALA C 167 -48.34 36.78 16.74
C ALA C 167 -49.13 38.08 16.74
N PRO C 168 -50.36 38.07 17.27
CA PRO C 168 -51.06 36.89 17.80
C PRO C 168 -51.75 36.12 16.68
N LEU C 169 -52.37 34.99 17.00
CA LEU C 169 -53.12 34.25 16.00
C LEU C 169 -54.46 34.95 15.75
N SER C 170 -54.86 35.00 14.48
CA SER C 170 -56.16 35.54 14.15
C SER C 170 -57.25 34.58 14.63
N GLU C 171 -58.50 35.06 14.56
CA GLU C 171 -59.61 34.21 14.98
C GLU C 171 -59.71 32.98 14.10
N THR C 172 -59.50 33.14 12.79
CA THR C 172 -59.54 31.99 11.90
C THR C 172 -58.37 31.05 12.17
N GLU C 173 -57.17 31.61 12.41
CA GLU C 173 -56.02 30.78 12.72
C GLU C 173 -56.26 29.98 14.00
N ARG C 174 -56.70 30.66 15.07
CA ARG C 174 -56.96 29.96 16.32
C ARG C 174 -58.07 28.94 16.17
N LEU C 175 -59.07 29.23 15.33
CA LEU C 175 -60.17 28.29 15.12
C LEU C 175 -59.68 27.02 14.44
N VAL C 176 -58.89 27.15 13.38
CA VAL C 176 -58.36 25.98 12.68
C VAL C 176 -57.48 25.17 13.62
N LEU C 177 -56.57 25.84 14.33
CA LEU C 177 -55.67 25.15 15.24
C LEU C 177 -56.46 24.40 16.31
N GLU C 178 -57.37 25.09 16.98
CA GLU C 178 -58.10 24.50 18.09
C GLU C 178 -59.11 23.46 17.63
N THR C 179 -59.58 23.55 16.38
CA THR C 179 -60.47 22.52 15.84
C THR C 179 -59.74 21.19 15.76
N GLU C 180 -58.57 21.17 15.12
CA GLU C 180 -57.78 19.94 15.05
C GLU C 180 -57.36 19.48 16.44
N LYS C 181 -56.89 20.41 17.28
CA LYS C 181 -56.49 20.04 18.64
C LYS C 181 -57.67 19.43 19.40
N LEU C 182 -58.86 20.01 19.25
CA LEU C 182 -60.03 19.48 19.95
C LEU C 182 -60.36 18.08 19.45
N LEU C 183 -60.53 17.92 18.14
CA LEU C 183 -60.94 16.63 17.60
C LEU C 183 -59.90 15.54 17.82
N ASN C 184 -58.64 15.92 18.02
CA ASN C 184 -57.58 14.94 18.29
C ASN C 184 -57.15 14.93 19.75
N SER C 185 -57.87 15.62 20.63
CA SER C 185 -57.56 15.57 22.05
C SER C 185 -58.09 14.28 22.63
N GLU C 186 -57.44 13.80 23.69
CA GLU C 186 -57.85 12.54 24.29
C GLU C 186 -59.29 12.63 24.81
N LYS C 187 -59.65 13.77 25.40
CA LYS C 187 -61.01 13.93 25.93
C LYS C 187 -62.04 13.66 24.85
N PHE C 188 -61.88 14.29 23.68
CA PHE C 188 -62.85 14.10 22.60
C PHE C 188 -62.82 12.66 22.08
N LYS C 189 -61.64 12.04 22.04
CA LYS C 189 -61.55 10.67 21.56
C LYS C 189 -62.28 9.70 22.48
N LYS C 190 -62.17 9.91 23.80
CA LYS C 190 -62.86 9.02 24.74
C LYS C 190 -64.36 9.01 24.46
N GLU C 191 -64.93 10.17 24.15
CA GLU C 191 -66.37 10.26 23.93
C GLU C 191 -66.75 9.80 22.52
N TYR C 192 -65.87 9.95 21.55
CA TYR C 192 -66.14 9.61 20.15
C TYR C 192 -64.97 8.82 19.59
N PRO C 193 -64.85 7.54 19.94
CA PRO C 193 -63.72 6.74 19.43
C PRO C 193 -63.69 6.62 17.91
N ALA C 194 -64.82 6.87 17.23
CA ALA C 194 -64.87 6.70 15.79
C ALA C 194 -64.06 7.73 15.03
N VAL C 195 -63.72 8.86 15.68
CA VAL C 195 -63.00 9.93 15.00
C VAL C 195 -61.52 9.55 14.95
N GLY C 196 -61.01 9.30 13.74
CA GLY C 196 -59.61 8.99 13.57
C GLY C 196 -58.73 10.20 13.82
N GLU C 197 -57.43 10.01 13.61
CA GLU C 197 -56.46 11.06 13.86
C GLU C 197 -56.07 11.84 12.60
N ASP C 198 -56.34 11.29 11.41
CA ASP C 198 -56.03 12.00 10.17
C ASP C 198 -57.10 13.05 9.98
N ILE C 199 -56.90 14.21 10.59
CA ILE C 199 -57.83 15.33 10.53
C ILE C 199 -57.12 16.49 9.88
N LYS C 200 -57.68 16.97 8.78
CA LYS C 200 -57.17 18.15 8.09
C LYS C 200 -58.25 19.23 8.11
N VAL C 201 -57.90 20.40 8.63
CA VAL C 201 -58.83 21.49 8.83
C VAL C 201 -58.40 22.66 7.97
N MET C 202 -59.32 23.17 7.16
CA MET C 202 -59.10 24.34 6.33
C MET C 202 -60.08 25.42 6.74
N GLY C 203 -59.55 26.57 7.13
CA GLY C 203 -60.37 27.72 7.48
C GLY C 203 -60.32 28.78 6.40
N LEU C 204 -61.48 29.12 5.86
CA LEU C 204 -61.60 30.19 4.87
C LEU C 204 -62.49 31.29 5.45
N ARG C 205 -61.90 32.44 5.73
CA ARG C 205 -62.64 33.60 6.19
C ARG C 205 -62.87 34.54 5.02
N ARG C 206 -64.14 34.80 4.70
CA ARG C 206 -64.54 35.82 3.75
C ARG C 206 -65.20 36.94 4.54
N GLY C 207 -64.55 38.10 4.60
CA GLY C 207 -65.06 39.16 5.43
C GLY C 207 -65.17 38.67 6.86
N ASN C 208 -66.40 38.65 7.38
CA ASN C 208 -66.66 38.21 8.75
C ASN C 208 -67.47 36.92 8.79
N GLU C 209 -67.31 36.06 7.79
CA GLU C 209 -67.94 34.75 7.73
C GLU C 209 -66.86 33.72 7.44
N ILE C 210 -66.79 32.69 8.28
CA ILE C 210 -65.75 31.67 8.19
C ILE C 210 -66.37 30.36 7.71
N ASP C 211 -65.79 29.79 6.67
CA ASP C 211 -66.11 28.44 6.22
C ASP C 211 -65.00 27.50 6.70
N LEU C 212 -65.36 26.54 7.54
CA LEU C 212 -64.41 25.63 8.16
C LEU C 212 -64.65 24.23 7.62
N THR C 213 -63.76 23.77 6.73
CA THR C 213 -63.86 22.44 6.14
C THR C 213 -63.00 21.47 6.93
N ILE C 214 -63.61 20.38 7.40
CA ILE C 214 -62.92 19.39 8.22
C ILE C 214 -62.98 18.06 7.48
N ALA C 215 -61.80 17.47 7.24
CA ALA C 215 -61.68 16.13 6.69
C ALA C 215 -61.16 15.24 7.80
N ALA C 216 -62.05 14.41 8.36
CA ALA C 216 -61.73 13.57 9.51
C ALA C 216 -61.98 12.11 9.14
N ALA C 217 -60.91 11.33 9.07
CA ALA C 217 -61.05 9.90 8.83
C ALA C 217 -61.76 9.25 10.01
N ILE C 218 -62.84 8.51 9.71
CA ILE C 218 -63.63 7.84 10.74
C ILE C 218 -63.24 6.37 10.77
N VAL C 219 -63.06 5.84 11.98
CA VAL C 219 -62.66 4.45 12.15
C VAL C 219 -63.85 3.56 11.86
N ASP C 220 -63.70 2.67 10.88
CA ASP C 220 -64.83 1.87 10.42
C ASP C 220 -65.28 0.84 11.45
N SER C 221 -64.42 0.46 12.39
CA SER C 221 -64.82 -0.47 13.43
C SER C 221 -65.70 0.18 14.49
N GLU C 222 -65.80 1.51 14.50
CA GLU C 222 -66.61 2.22 15.48
C GLU C 222 -67.94 2.69 14.92
N VAL C 223 -68.19 2.53 13.63
CA VAL C 223 -69.47 2.84 13.00
C VAL C 223 -69.95 1.59 12.29
N ALA C 224 -71.10 1.07 12.72
CA ALA C 224 -71.63 -0.17 12.16
C ALA C 224 -72.45 0.04 10.90
N THR C 225 -72.99 1.24 10.69
CA THR C 225 -73.82 1.53 9.54
C THR C 225 -73.56 2.96 9.10
N PRO C 226 -73.91 3.30 7.86
CA PRO C 226 -73.78 4.70 7.42
C PRO C 226 -74.51 5.67 8.34
N LYS C 227 -75.59 5.23 8.99
CA LYS C 227 -76.30 6.11 9.93
C LYS C 227 -75.38 6.56 11.05
N GLU C 228 -74.70 5.61 11.69
CA GLU C 228 -73.76 5.96 12.74
C GLU C 228 -72.65 6.85 12.22
N TYR C 229 -72.23 6.65 10.97
CA TYR C 229 -71.18 7.49 10.40
C TYR C 229 -71.64 8.94 10.29
N LEU C 230 -72.84 9.15 9.73
CA LEU C 230 -73.37 10.51 9.65
C LEU C 230 -73.61 11.10 11.03
N GLU C 231 -73.98 10.26 12.01
CA GLU C 231 -74.20 10.74 13.36
C GLU C 231 -72.88 11.24 13.98
N VAL C 232 -71.79 10.50 13.76
CA VAL C 232 -70.49 10.96 14.22
C VAL C 232 -70.12 12.28 13.59
N LYS C 233 -70.40 12.45 12.29
CA LYS C 233 -70.14 13.72 11.63
C LYS C 233 -70.91 14.85 12.30
N ASP C 234 -72.18 14.61 12.63
CA ASP C 234 -72.97 15.63 13.31
C ASP C 234 -72.36 15.99 14.66
N LYS C 235 -71.83 15.00 15.38
CA LYS C 235 -71.18 15.29 16.65
C LYS C 235 -69.91 16.10 16.46
N ILE C 236 -69.15 15.81 15.40
CA ILE C 236 -68.00 16.64 15.07
C ILE C 236 -68.43 18.08 14.85
N LYS C 237 -69.46 18.28 14.02
CA LYS C 237 -69.94 19.63 13.73
C LYS C 237 -70.33 20.36 15.01
N GLU C 238 -71.12 19.70 15.87
CA GLU C 238 -71.57 20.35 17.10
C GLU C 238 -70.39 20.72 17.98
N ALA C 239 -69.44 19.80 18.15
CA ALA C 239 -68.28 20.09 19.00
C ALA C 239 -67.52 21.31 18.49
N VAL C 240 -67.39 21.43 17.16
CA VAL C 240 -66.66 22.57 16.60
C VAL C 240 -67.51 23.84 16.70
N GLU C 241 -68.84 23.70 16.63
CA GLU C 241 -69.70 24.86 16.86
C GLU C 241 -69.50 25.43 18.25
N GLU C 242 -69.51 24.57 19.27
CA GLU C 242 -69.25 25.03 20.62
C GLU C 242 -67.89 25.73 20.72
N LEU C 243 -66.88 25.15 20.06
CA LEU C 243 -65.55 25.77 20.09
C LEU C 243 -65.56 27.12 19.39
N ALA C 244 -66.25 27.21 18.25
CA ALA C 244 -66.24 28.45 17.47
C ALA C 244 -66.82 29.62 18.28
N LYS C 245 -67.94 29.39 18.96
CA LYS C 245 -68.53 30.43 19.80
C LYS C 245 -67.57 30.87 20.89
N GLU C 246 -66.58 30.05 21.24
CA GLU C 246 -65.60 30.41 22.26
C GLU C 246 -64.51 31.32 21.71
N ILE C 247 -64.35 31.38 20.40
CA ILE C 247 -63.21 32.06 19.77
C ILE C 247 -63.64 33.33 19.06
N THR C 248 -64.80 33.34 18.42
CA THR C 248 -65.16 34.45 17.53
C THR C 248 -66.66 34.67 17.55
N SER C 249 -67.05 35.92 17.29
CA SER C 249 -68.44 36.29 17.08
C SER C 249 -68.83 36.24 15.61
N ARG C 250 -67.89 35.95 14.71
CA ARG C 250 -68.21 35.82 13.30
C ARG C 250 -69.07 34.59 13.05
N LYS C 251 -69.78 34.61 11.93
CA LYS C 251 -70.52 33.44 11.50
C LYS C 251 -69.55 32.36 11.05
N VAL C 252 -69.74 31.14 11.54
CA VAL C 252 -68.84 30.03 11.26
C VAL C 252 -69.66 28.91 10.63
N ASN C 253 -69.33 28.58 9.39
CA ASN C 253 -69.92 27.44 8.69
C ASN C 253 -68.96 26.27 8.79
N ILE C 254 -69.46 25.12 9.25
CA ILE C 254 -68.64 23.95 9.50
C ILE C 254 -69.10 22.83 8.57
N TYR C 255 -68.16 22.28 7.81
CA TYR C 255 -68.43 21.20 6.88
C TYR C 255 -67.49 20.04 7.21
N VAL C 256 -68.03 18.82 7.25
CA VAL C 256 -67.29 17.64 7.66
C VAL C 256 -67.29 16.66 6.50
N ASN C 257 -66.10 16.27 6.04
CA ASN C 257 -65.92 15.29 4.99
C ASN C 257 -66.79 15.61 3.78
N THR C 258 -66.42 16.72 3.13
CA THR C 258 -67.17 17.20 1.98
C THR C 258 -67.04 16.25 0.79
N ALA C 259 -66.03 15.40 0.77
CA ALA C 259 -65.87 14.44 -0.31
C ALA C 259 -66.85 13.28 -0.21
N ASP C 260 -67.54 13.14 0.92
CA ASP C 260 -68.50 12.05 1.06
C ASP C 260 -69.55 12.13 -0.03
N ASP C 261 -69.99 10.97 -0.49
CA ASP C 261 -71.02 10.88 -1.54
C ASP C 261 -71.95 9.73 -1.19
N PRO C 262 -72.92 9.96 -0.31
CA PRO C 262 -73.89 8.90 0.01
C PRO C 262 -74.55 8.32 -1.23
N GLU C 263 -74.67 9.11 -2.30
CA GLU C 263 -75.32 8.62 -3.50
C GLU C 263 -74.57 7.45 -4.10
N ARG C 264 -73.24 7.42 -3.97
CA ARG C 264 -72.41 6.32 -4.46
C ARG C 264 -71.85 5.46 -3.33
N GLY C 265 -72.33 5.66 -2.09
CA GLY C 265 -71.82 4.89 -0.98
C GLY C 265 -70.41 5.24 -0.57
N ILE C 266 -69.92 6.42 -0.96
CA ILE C 266 -68.56 6.85 -0.63
C ILE C 266 -68.60 7.55 0.72
N TYR C 267 -67.82 7.02 1.67
CA TYR C 267 -67.77 7.54 3.03
C TYR C 267 -66.31 7.57 3.46
N TYR C 268 -65.93 8.58 4.23
CA TYR C 268 -64.54 8.71 4.67
C TYR C 268 -64.32 7.85 5.91
N ILE C 269 -64.41 6.53 5.70
CA ILE C 269 -64.14 5.55 6.73
C ILE C 269 -62.79 4.92 6.46
N THR C 270 -62.10 4.55 7.54
CA THR C 270 -60.78 3.93 7.44
C THR C 270 -60.69 2.81 8.46
N VAL C 271 -59.74 1.91 8.23
CA VAL C 271 -59.49 0.81 9.15
C VAL C 271 -58.72 1.30 10.37
N THR C 272 -57.73 2.18 10.16
CA THR C 272 -56.80 2.56 11.20
C THR C 272 -56.99 3.99 11.69
N GLY C 273 -57.79 4.79 11.02
CA GLY C 273 -57.94 6.19 11.35
C GLY C 273 -56.97 7.12 10.66
N THR C 274 -56.16 6.61 9.73
CA THR C 274 -55.27 7.44 8.94
C THR C 274 -55.37 7.03 7.47
N SER C 275 -55.45 8.02 6.59
CA SER C 275 -55.54 7.75 5.16
C SER C 275 -54.24 7.19 4.59
N ALA C 276 -53.15 7.19 5.38
CA ALA C 276 -51.93 6.53 4.93
C ALA C 276 -52.14 5.04 4.71
N GLU C 277 -53.17 4.44 5.35
CA GLU C 277 -53.46 3.03 5.15
C GLU C 277 -53.93 2.72 3.75
N ALA C 278 -54.44 3.71 3.01
CA ALA C 278 -55.21 3.47 1.81
C ALA C 278 -54.52 3.91 0.53
N GLY C 279 -53.45 4.68 0.61
CA GLY C 279 -52.71 5.03 -0.58
C GLY C 279 -52.23 6.47 -0.60
N ASP C 280 -52.26 7.14 0.55
CA ASP C 280 -51.83 8.53 0.66
C ASP C 280 -50.47 8.56 1.34
N ASP C 281 -49.55 9.32 0.77
CA ASP C 281 -48.17 9.32 1.20
C ASP C 281 -47.84 10.61 1.94
N GLY C 282 -46.74 10.57 2.69
CA GLY C 282 -46.29 11.73 3.43
C GLY C 282 -44.77 11.79 3.46
N SER C 283 -44.27 12.99 3.69
CA SER C 283 -42.85 13.20 3.90
C SER C 283 -42.67 14.46 4.73
N VAL C 284 -41.45 14.68 5.20
CA VAL C 284 -41.18 15.73 6.17
C VAL C 284 -41.19 17.09 5.49
N GLY C 285 -41.64 18.11 6.23
CA GLY C 285 -41.60 19.45 5.72
C GLY C 285 -42.64 19.76 4.67
N ARG C 286 -43.72 18.97 4.61
CA ARG C 286 -44.76 19.15 3.61
C ARG C 286 -46.03 19.74 4.18
N GLY C 287 -46.07 20.06 5.47
CA GLY C 287 -47.28 20.53 6.09
C GLY C 287 -47.09 21.72 7.02
N ASN C 288 -47.51 21.55 8.27
CA ASN C 288 -47.60 22.66 9.20
C ASN C 288 -46.23 23.27 9.50
N ARG C 289 -46.24 24.55 9.83
CA ARG C 289 -45.07 25.23 10.35
C ARG C 289 -44.96 24.99 11.86
N VAL C 290 -43.89 25.50 12.46
CA VAL C 290 -43.64 25.21 13.87
C VAL C 290 -44.79 25.67 14.75
N ASN C 291 -45.56 26.67 14.29
CA ASN C 291 -46.74 27.10 15.03
C ASN C 291 -47.93 26.18 14.81
N GLY C 292 -47.78 25.12 14.01
CA GLY C 292 -48.82 24.16 13.80
C GLY C 292 -49.81 24.51 12.71
N LEU C 293 -49.53 25.51 11.89
CA LEU C 293 -50.47 25.99 10.90
C LEU C 293 -49.78 26.24 9.57
N ILE C 294 -50.57 26.22 8.51
CA ILE C 294 -50.15 26.63 7.18
C ILE C 294 -50.92 27.90 6.88
N THR C 295 -50.20 29.01 6.77
CA THR C 295 -50.81 30.35 6.76
C THR C 295 -50.28 31.13 5.57
N PRO C 296 -50.93 31.03 4.41
CA PRO C 296 -50.48 31.80 3.24
C PRO C 296 -50.69 33.30 3.39
N ASN C 297 -51.52 33.75 4.32
CA ASN C 297 -51.63 35.18 4.60
C ASN C 297 -50.47 35.71 5.42
N ARG C 298 -49.60 34.85 5.92
CA ARG C 298 -48.47 35.26 6.75
C ARG C 298 -47.16 35.07 5.99
N HIS C 299 -46.06 35.24 6.71
CA HIS C 299 -44.72 35.01 6.18
C HIS C 299 -44.15 33.82 6.96
N MET C 300 -44.10 32.67 6.31
CA MET C 300 -43.59 31.46 6.93
C MET C 300 -42.34 30.99 6.19
N SER C 301 -41.53 30.21 6.90
CA SER C 301 -40.31 29.65 6.35
C SER C 301 -40.59 28.36 5.61
N MET C 302 -39.80 28.09 4.57
CA MET C 302 -39.86 26.80 3.88
C MET C 302 -39.11 25.71 4.62
N GLU C 303 -38.27 26.07 5.58
CA GLU C 303 -37.45 25.08 6.25
C GLU C 303 -38.30 24.12 7.08
N ALA C 304 -38.12 22.83 6.85
CA ALA C 304 -38.73 21.83 7.70
C ALA C 304 -38.05 21.83 9.06
N ALA C 305 -38.86 21.77 10.12
CA ALA C 305 -38.31 21.74 11.48
C ALA C 305 -38.17 20.32 12.01
N ALA C 306 -39.08 19.43 11.65
CA ALA C 306 -39.08 18.09 12.21
C ALA C 306 -37.82 17.34 11.81
N GLY C 307 -37.18 16.71 12.80
CA GLY C 307 -36.02 15.88 12.56
C GLY C 307 -34.69 16.58 12.61
N LYS C 308 -34.68 17.91 12.62
CA LYS C 308 -33.43 18.65 12.69
C LYS C 308 -32.92 18.74 14.12
N ASN C 309 -31.61 18.72 14.26
CA ASN C 309 -30.97 18.72 15.56
C ASN C 309 -31.37 19.96 16.35
N PRO C 310 -31.94 19.83 17.56
CA PRO C 310 -32.34 21.01 18.31
C PRO C 310 -31.19 21.74 19.01
N VAL C 311 -29.96 21.26 18.86
CA VAL C 311 -28.80 21.88 19.48
C VAL C 311 -27.96 22.65 18.46
N SER C 312 -27.86 22.14 17.23
CA SER C 312 -26.92 22.67 16.25
C SER C 312 -27.58 23.35 15.06
N HIS C 313 -28.82 22.99 14.71
CA HIS C 313 -29.44 23.56 13.53
C HIS C 313 -30.03 24.93 13.87
N VAL C 314 -29.48 25.98 13.25
CA VAL C 314 -29.85 27.35 13.59
C VAL C 314 -31.25 27.66 13.10
N GLY C 315 -31.60 27.20 11.90
CA GLY C 315 -32.89 27.53 11.33
C GLY C 315 -34.05 27.02 12.16
N LYS C 316 -33.90 25.85 12.76
CA LYS C 316 -34.97 25.29 13.59
C LYS C 316 -35.14 26.11 14.86
N ILE C 317 -34.03 26.45 15.50
CA ILE C 317 -34.10 27.21 16.76
C ILE C 317 -34.63 28.61 16.49
N TYR C 318 -34.20 29.23 15.39
CA TYR C 318 -34.63 30.58 15.08
C TYR C 318 -36.11 30.64 14.75
N ASN C 319 -36.63 29.65 14.03
CA ASN C 319 -38.05 29.63 13.71
C ASN C 319 -38.89 29.47 14.97
N ILE C 320 -38.48 28.58 15.87
CA ILE C 320 -39.16 28.41 17.15
C ILE C 320 -39.03 29.68 17.98
N LEU C 321 -37.81 30.24 18.04
CA LEU C 321 -37.58 31.42 18.87
C LEU C 321 -38.35 32.62 18.34
N ALA C 322 -38.40 32.79 17.02
CA ALA C 322 -39.20 33.87 16.44
C ALA C 322 -40.66 33.73 16.83
N MET C 323 -41.19 32.51 16.80
CA MET C 323 -42.56 32.26 17.24
C MET C 323 -42.74 32.67 18.70
N LEU C 324 -41.80 32.27 19.55
CA LEU C 324 -41.93 32.55 20.99
C LEU C 324 -41.81 34.03 21.27
N ILE C 325 -40.87 34.72 20.62
CA ILE C 325 -40.73 36.16 20.82
C ILE C 325 -42.00 36.88 20.43
N ALA C 326 -42.52 36.58 19.23
CA ALA C 326 -43.76 37.22 18.79
C ALA C 326 -44.89 36.92 19.75
N GLU C 327 -45.02 35.66 20.18
CA GLU C 327 -46.08 35.28 21.12
C GLU C 327 -45.97 36.09 22.41
N ASP C 328 -44.75 36.23 22.93
CA ASP C 328 -44.56 36.99 24.17
C ASP C 328 -44.92 38.46 23.96
N ILE C 329 -44.46 39.04 22.85
CA ILE C 329 -44.76 40.45 22.57
C ILE C 329 -46.27 40.66 22.45
N ALA C 330 -46.93 39.83 21.64
CA ALA C 330 -48.36 39.98 21.43
C ALA C 330 -49.14 39.79 22.73
N LYS C 331 -48.60 38.99 23.67
CA LYS C 331 -49.32 38.68 24.90
C LYS C 331 -49.23 39.82 25.91
N THR C 332 -48.13 40.59 25.89
CA THR C 332 -47.88 41.60 26.91
C THR C 332 -48.00 43.03 26.42
N LEU C 333 -47.83 43.29 25.12
CA LEU C 333 -47.78 44.65 24.63
C LEU C 333 -48.93 44.93 23.66
N PRO C 334 -49.39 46.20 23.58
CA PRO C 334 -50.55 46.55 22.74
C PRO C 334 -50.23 46.63 21.25
N VAL C 335 -50.22 45.48 20.59
CA VAL C 335 -49.90 45.36 19.18
C VAL C 335 -51.06 44.65 18.48
N GLU C 336 -51.41 45.15 17.29
CA GLU C 336 -52.33 44.42 16.42
C GLU C 336 -51.66 43.14 15.93
N GLU C 337 -50.43 43.27 15.46
CA GLU C 337 -49.65 42.14 14.96
C GLU C 337 -48.19 42.41 15.22
N VAL C 338 -47.41 41.33 15.31
CA VAL C 338 -45.96 41.42 15.45
C VAL C 338 -45.34 40.29 14.64
N TYR C 339 -44.39 40.64 13.79
CA TYR C 339 -43.64 39.67 13.00
C TYR C 339 -42.19 39.71 13.43
N VAL C 340 -41.63 38.54 13.72
CA VAL C 340 -40.26 38.42 14.21
C VAL C 340 -39.45 37.65 13.17
N ARG C 341 -38.34 38.23 12.75
CA ARG C 341 -37.40 37.60 11.83
C ARG C 341 -36.02 37.64 12.45
N ILE C 342 -35.33 36.51 12.45
CA ILE C 342 -33.99 36.40 13.02
C ILE C 342 -33.05 35.87 11.94
N LEU C 343 -31.97 36.61 11.68
CA LEU C 343 -30.94 36.22 10.73
C LEU C 343 -29.63 36.06 11.48
N SER C 344 -28.95 34.93 11.27
CA SER C 344 -27.71 34.69 11.98
C SER C 344 -26.55 35.43 11.32
N GLN C 345 -25.49 35.64 12.11
CA GLN C 345 -24.27 36.28 11.67
C GLN C 345 -23.15 35.25 11.60
N ILE C 346 -22.47 35.21 10.46
CA ILE C 346 -21.47 34.16 10.21
C ILE C 346 -20.39 34.23 11.27
N GLY C 347 -19.97 33.05 11.74
CA GLY C 347 -18.94 32.95 12.76
C GLY C 347 -19.21 33.71 14.03
N LYS C 348 -20.46 34.08 14.29
CA LYS C 348 -20.85 34.65 15.56
C LYS C 348 -21.83 33.72 16.27
N PRO C 349 -21.86 33.73 17.61
CA PRO C 349 -22.83 32.88 18.31
C PRO C 349 -24.25 33.17 17.85
N ILE C 350 -25.08 32.12 17.86
CA ILE C 350 -26.44 32.25 17.31
C ILE C 350 -27.33 33.14 18.17
N ASP C 351 -26.95 33.38 19.43
CA ASP C 351 -27.68 34.35 20.25
C ASP C 351 -27.28 35.78 19.93
N GLN C 352 -26.32 35.99 19.03
CA GLN C 352 -25.97 37.30 18.52
C GLN C 352 -26.32 37.36 17.04
N PRO C 353 -27.60 37.32 16.70
CA PRO C 353 -27.99 37.25 15.28
C PRO C 353 -27.51 38.46 14.50
N LEU C 354 -27.39 38.27 13.18
CA LEU C 354 -27.08 39.39 12.30
C LEU C 354 -28.09 40.51 12.47
N VAL C 355 -29.36 40.16 12.66
CA VAL C 355 -30.40 41.11 12.96
C VAL C 355 -31.61 40.33 13.46
N ALA C 356 -32.30 40.91 14.45
CA ALA C 356 -33.55 40.37 14.97
C ALA C 356 -34.61 41.44 14.71
N SER C 357 -35.31 41.31 13.59
CA SER C 357 -36.29 42.31 13.18
C SER C 357 -37.59 42.08 13.92
N ILE C 358 -38.06 43.10 14.62
CA ILE C 358 -39.32 43.05 15.36
C ILE C 358 -40.21 44.12 14.73
N GLN C 359 -41.12 43.70 13.86
CA GLN C 359 -42.03 44.61 13.17
C GLN C 359 -43.40 44.52 13.82
N VAL C 360 -43.92 45.67 14.25
CA VAL C 360 -45.13 45.72 15.08
C VAL C 360 -46.14 46.67 14.43
N ILE C 361 -47.39 46.26 14.41
CA ILE C 361 -48.51 47.15 14.14
C ILE C 361 -49.13 47.51 15.49
N PRO C 362 -48.99 48.73 15.99
CA PRO C 362 -49.57 49.06 17.28
C PRO C 362 -51.09 49.11 17.19
N LYS C 363 -51.74 48.83 18.32
CA LYS C 363 -53.18 48.97 18.38
C LYS C 363 -53.58 50.43 18.20
N PRO C 364 -54.78 50.70 17.68
CA PRO C 364 -55.20 52.09 17.53
C PRO C 364 -55.09 52.84 18.85
N GLY C 365 -54.52 54.04 18.79
CA GLY C 365 -54.30 54.85 19.96
C GLY C 365 -52.95 54.67 20.62
N HIS C 366 -52.18 53.67 20.20
CA HIS C 366 -50.88 53.39 20.78
C HIS C 366 -49.77 53.72 19.80
N SER C 367 -48.60 54.05 20.34
CA SER C 367 -47.40 54.31 19.57
C SER C 367 -46.33 53.29 19.94
N VAL C 368 -45.46 52.96 18.97
CA VAL C 368 -44.41 52.00 19.23
C VAL C 368 -43.43 52.53 20.27
N LYS C 369 -43.25 53.85 20.32
CA LYS C 369 -42.40 54.44 21.34
C LYS C 369 -42.86 54.09 22.75
N GLU C 370 -44.14 53.73 22.90
CA GLU C 370 -44.64 53.36 24.23
C GLU C 370 -44.09 52.00 24.68
N PHE C 371 -43.86 51.09 23.74
CA PHE C 371 -43.47 49.72 24.09
C PHE C 371 -42.28 49.21 23.29
N GLU C 372 -41.59 50.07 22.54
CA GLU C 372 -40.47 49.60 21.73
C GLU C 372 -39.35 49.04 22.59
N LYS C 373 -39.09 49.66 23.75
CA LYS C 373 -38.07 49.16 24.64
C LYS C 373 -38.48 47.85 25.30
N ASP C 374 -39.79 47.68 25.57
CA ASP C 374 -40.26 46.42 26.12
C ASP C 374 -40.13 45.28 25.11
N ALA C 375 -40.49 45.53 23.86
CA ALA C 375 -40.33 44.51 22.83
C ALA C 375 -38.86 44.15 22.65
N TYR C 376 -37.98 45.14 22.68
CA TYR C 376 -36.54 44.87 22.62
C TYR C 376 -36.13 43.93 23.75
N SER C 377 -36.54 44.25 24.99
CA SER C 377 -36.14 43.42 26.13
C SER C 377 -36.69 42.01 26.00
N ILE C 378 -37.92 41.86 25.51
CA ILE C 378 -38.50 40.54 25.34
C ILE C 378 -37.68 39.71 24.36
N ALA C 379 -37.39 40.27 23.19
CA ALA C 379 -36.57 39.56 22.21
C ALA C 379 -35.16 39.33 22.74
N ASP C 380 -34.62 40.30 23.46
CA ASP C 380 -33.27 40.17 24.01
C ASP C 380 -33.20 39.03 25.01
N GLU C 381 -34.23 38.87 25.84
CA GLU C 381 -34.22 37.82 26.85
C GLU C 381 -34.38 36.44 26.22
N TRP C 382 -35.26 36.31 25.22
CA TRP C 382 -35.43 35.04 24.54
C TRP C 382 -34.16 34.61 23.83
N LEU C 383 -33.51 35.56 23.15
CA LEU C 383 -32.21 35.26 22.53
C LEU C 383 -31.18 34.87 23.58
N ALA C 384 -31.29 35.42 24.79
CA ALA C 384 -30.37 35.09 25.87
C ALA C 384 -30.64 33.72 26.48
N ASN C 385 -31.84 33.17 26.30
CA ASN C 385 -32.19 31.85 26.81
C ASN C 385 -32.38 30.85 25.68
N ILE C 386 -31.66 31.05 24.56
CA ILE C 386 -31.79 30.16 23.42
C ILE C 386 -31.53 28.72 23.83
N THR C 387 -30.59 28.50 24.76
CA THR C 387 -30.27 27.15 25.19
C THR C 387 -31.42 26.55 25.99
N LYS C 388 -32.11 27.36 26.79
CA LYS C 388 -33.30 26.87 27.48
C LYS C 388 -34.35 26.41 26.47
N VAL C 389 -34.51 27.17 25.38
CA VAL C 389 -35.46 26.78 24.34
C VAL C 389 -35.06 25.45 23.74
N GLN C 390 -33.76 25.22 23.53
CA GLN C 390 -33.29 23.93 23.06
C GLN C 390 -33.77 22.81 23.98
N LYS C 391 -33.57 22.99 25.28
CA LYS C 391 -33.99 21.97 26.25
C LYS C 391 -35.50 21.78 26.20
N MET C 392 -36.25 22.87 26.04
CA MET C 392 -37.70 22.76 25.91
C MET C 392 -38.09 21.88 24.72
N ILE C 393 -37.30 21.91 23.65
CA ILE C 393 -37.55 21.04 22.50
C ILE C 393 -37.32 19.59 22.89
N LEU C 394 -36.17 19.30 23.51
CA LEU C 394 -35.87 17.92 23.88
C LEU C 394 -36.84 17.39 24.92
N GLU C 395 -37.36 18.26 25.80
CA GLU C 395 -38.34 17.84 26.79
C GLU C 395 -39.75 17.82 26.26
N ASP C 396 -39.92 17.94 24.94
CA ASP C 396 -41.22 17.79 24.29
C ASP C 396 -42.25 18.77 24.86
N LYS C 397 -41.79 19.94 25.31
CA LYS C 397 -42.70 20.97 25.84
C LYS C 397 -43.19 21.93 24.77
N ILE C 398 -42.65 21.86 23.56
CA ILE C 398 -43.11 22.69 22.45
C ILE C 398 -43.10 21.84 21.18
N SER C 399 -44.13 21.99 20.37
CA SER C 399 -44.27 21.22 19.14
C SER C 399 -43.65 21.97 17.97
N VAL C 400 -43.30 21.21 16.93
CA VAL C 400 -42.64 21.75 15.75
C VAL C 400 -43.48 21.53 14.50
N PHE C 401 -44.73 21.15 14.65
CA PHE C 401 -45.65 21.00 13.51
C PHE C 401 -47.08 20.89 14.01
N ALA D 2 -69.73 34.01 -11.77
CA ALA D 2 -70.17 32.98 -10.85
C ALA D 2 -69.00 32.45 -10.02
N ARG D 3 -67.78 32.80 -10.43
CA ARG D 3 -66.59 32.35 -9.72
C ARG D 3 -66.34 33.21 -8.49
N ASN D 4 -65.94 32.57 -7.39
CA ASN D 4 -65.72 33.25 -6.11
C ASN D 4 -64.37 33.97 -6.15
N ILE D 5 -64.29 34.97 -7.03
CA ILE D 5 -63.09 35.79 -7.18
C ILE D 5 -63.27 37.05 -6.33
N VAL D 6 -62.32 37.29 -5.44
CA VAL D 6 -62.35 38.43 -4.52
C VAL D 6 -61.10 39.27 -4.75
N VAL D 7 -61.30 40.50 -5.20
CA VAL D 7 -60.22 41.47 -5.36
C VAL D 7 -60.31 42.46 -4.20
N GLU D 8 -59.18 42.69 -3.54
CA GLU D 8 -59.13 43.62 -2.42
C GLU D 8 -57.82 44.39 -2.44
N GLU D 9 -57.87 45.62 -1.95
CA GLU D 9 -56.68 46.43 -1.77
C GLU D 9 -56.07 46.15 -0.40
N ILE D 10 -54.75 46.07 -0.36
CA ILE D 10 -54.01 45.91 0.89
C ILE D 10 -52.98 47.02 0.98
N VAL D 11 -52.76 47.50 2.20
CA VAL D 11 -51.72 48.48 2.48
C VAL D 11 -50.50 47.72 2.98
N ARG D 12 -49.35 47.98 2.38
CA ARG D 12 -48.11 47.37 2.85
C ARG D 12 -46.93 48.01 2.13
N THR D 13 -45.82 48.09 2.82
CA THR D 13 -44.58 48.56 2.23
C THR D 13 -44.17 47.59 1.13
N PRO D 14 -43.99 48.03 -0.12
CA PRO D 14 -43.52 47.11 -1.16
C PRO D 14 -42.20 46.46 -0.75
N VAL D 15 -42.02 45.21 -1.19
CA VAL D 15 -40.82 44.45 -0.81
C VAL D 15 -39.58 45.23 -1.20
N GLU D 16 -39.58 45.86 -2.38
CA GLU D 16 -38.45 46.68 -2.80
C GLU D 16 -38.16 47.80 -1.83
N MET D 17 -39.15 48.22 -1.04
CA MET D 17 -38.98 49.29 -0.07
C MET D 17 -38.71 48.77 1.34
N GLN D 18 -38.93 47.49 1.59
CA GLN D 18 -38.64 46.92 2.90
C GLN D 18 -37.13 46.89 3.13
N GLN D 19 -36.73 47.01 4.40
CA GLN D 19 -35.32 47.17 4.73
C GLN D 19 -34.56 45.85 4.61
N VAL D 20 -35.17 44.73 4.97
CA VAL D 20 -34.50 43.44 4.98
C VAL D 20 -35.30 42.48 4.10
N GLU D 21 -34.65 41.97 3.05
CA GLU D 21 -35.27 41.01 2.15
C GLU D 21 -34.36 39.80 2.01
N LEU D 22 -34.95 38.61 2.13
CA LEU D 22 -34.22 37.35 2.03
C LEU D 22 -34.82 36.51 0.91
N VAL D 23 -33.97 36.01 0.03
CA VAL D 23 -34.40 35.16 -1.08
C VAL D 23 -33.39 34.03 -1.23
N GLU D 24 -33.90 32.83 -1.50
CA GLU D 24 -33.06 31.65 -1.68
C GLU D 24 -33.58 30.83 -2.84
N ARG D 25 -32.65 30.23 -3.58
CA ARG D 25 -32.98 29.29 -4.64
C ARG D 25 -32.05 28.08 -4.54
N LYS D 26 -32.63 26.90 -4.64
CA LYS D 26 -31.89 25.65 -4.65
C LYS D 26 -31.75 25.19 -6.10
N GLY D 27 -30.51 25.15 -6.59
CA GLY D 27 -30.24 24.82 -7.97
C GLY D 27 -30.65 23.42 -8.37
N ILE D 28 -30.46 23.09 -9.66
CA ILE D 28 -30.93 21.82 -10.19
C ILE D 28 -30.24 20.65 -9.49
N GLY D 29 -28.94 20.80 -9.20
CA GLY D 29 -28.20 19.72 -8.58
C GLY D 29 -28.38 19.57 -7.10
N HIS D 30 -29.18 20.44 -6.48
CA HIS D 30 -29.41 20.33 -5.05
C HIS D 30 -30.27 19.10 -4.76
N PRO D 31 -29.97 18.35 -3.70
CA PRO D 31 -30.73 17.11 -3.44
C PRO D 31 -32.24 17.31 -3.44
N ASP D 32 -32.73 18.33 -2.74
CA ASP D 32 -34.16 18.62 -2.73
C ASP D 32 -34.68 18.89 -4.14
N SER D 33 -33.92 19.66 -4.92
CA SER D 33 -34.31 19.93 -6.30
C SER D 33 -34.17 18.69 -7.17
N ILE D 34 -33.20 17.82 -6.86
CA ILE D 34 -33.11 16.53 -7.56
C ILE D 34 -34.38 15.73 -7.32
N ALA D 35 -34.86 15.70 -6.08
CA ALA D 35 -36.10 15.01 -5.78
C ALA D 35 -37.27 15.63 -6.55
N ASP D 36 -37.37 16.97 -6.52
CA ASP D 36 -38.42 17.64 -7.29
C ASP D 36 -38.30 17.30 -8.77
N GLY D 37 -37.09 17.43 -9.33
CA GLY D 37 -36.92 17.15 -10.74
C GLY D 37 -37.28 15.73 -11.12
N ILE D 38 -36.87 14.76 -10.30
CA ILE D 38 -37.22 13.37 -10.57
C ILE D 38 -38.73 13.18 -10.49
N ALA D 39 -39.34 13.70 -9.41
CA ALA D 39 -40.78 13.58 -9.25
C ALA D 39 -41.52 14.09 -10.48
N GLU D 40 -41.13 15.28 -10.97
CA GLU D 40 -41.78 15.85 -12.14
C GLU D 40 -41.49 15.02 -13.39
N ALA D 41 -40.24 14.57 -13.54
CA ALA D 41 -39.88 13.77 -14.70
C ALA D 41 -40.67 12.47 -14.73
N VAL D 42 -40.81 11.81 -13.58
CA VAL D 42 -41.62 10.59 -13.51
C VAL D 42 -43.07 10.90 -13.83
N SER D 43 -43.61 11.97 -13.24
CA SER D 43 -44.99 12.33 -13.48
C SER D 43 -45.23 12.60 -14.96
N ARG D 44 -44.39 13.42 -15.58
CA ARG D 44 -44.59 13.75 -16.99
C ARG D 44 -44.41 12.52 -17.86
N ALA D 45 -43.44 11.67 -17.54
CA ALA D 45 -43.25 10.43 -18.29
C ALA D 45 -44.48 9.53 -18.18
N LEU D 46 -45.08 9.45 -16.99
CA LEU D 46 -46.30 8.68 -16.84
C LEU D 46 -47.43 9.26 -17.67
N CYS D 47 -47.60 10.59 -17.63
CA CYS D 47 -48.61 11.23 -18.46
C CYS D 47 -48.44 10.87 -19.93
N ARG D 48 -47.23 11.11 -20.46
CA ARG D 48 -47.00 10.89 -21.89
C ARG D 48 -47.29 9.45 -22.28
N GLU D 49 -46.87 8.50 -21.45
CA GLU D 49 -47.06 7.09 -21.78
C GLU D 49 -48.53 6.69 -21.64
N TYR D 50 -49.22 7.20 -20.62
CA TYR D 50 -50.66 6.96 -20.51
C TYR D 50 -51.38 7.46 -21.76
N ILE D 51 -51.03 8.65 -22.23
CA ILE D 51 -51.68 9.19 -23.42
C ILE D 51 -51.30 8.35 -24.64
N ARG D 52 -50.02 8.01 -24.78
CA ARG D 52 -49.57 7.26 -25.96
C ARG D 52 -50.28 5.92 -26.06
N ARG D 53 -50.57 5.29 -24.92
CA ARG D 53 -51.21 3.97 -24.92
C ARG D 53 -52.73 4.05 -24.94
N TYR D 54 -53.31 5.02 -24.22
CA TYR D 54 -54.76 5.09 -24.07
C TYR D 54 -55.35 6.43 -24.46
N GLY D 55 -54.54 7.41 -24.87
CA GLY D 55 -55.07 8.70 -25.24
C GLY D 55 -55.70 9.48 -24.11
N VAL D 56 -55.45 9.09 -22.85
CA VAL D 56 -56.01 9.77 -21.70
C VAL D 56 -55.05 9.59 -20.54
N ILE D 57 -54.99 10.60 -19.67
CA ILE D 57 -54.15 10.54 -18.48
C ILE D 57 -54.92 9.83 -17.37
N LEU D 58 -54.27 8.85 -16.74
CA LEU D 58 -54.83 8.13 -15.63
C LEU D 58 -54.29 8.71 -14.32
N HIS D 59 -54.98 8.38 -13.22
CA HIS D 59 -54.63 8.97 -11.94
C HIS D 59 -53.23 8.56 -11.52
N HIS D 60 -52.47 9.54 -11.02
CA HIS D 60 -51.14 9.28 -10.51
C HIS D 60 -50.56 10.53 -9.85
N ASN D 61 -49.98 10.37 -8.67
CA ASN D 61 -49.24 11.44 -8.00
C ASN D 61 -47.90 10.86 -7.55
N THR D 62 -46.82 11.28 -8.21
CA THR D 62 -45.46 10.86 -7.88
C THR D 62 -44.71 11.99 -7.18
N ASP D 63 -45.40 12.73 -6.32
CA ASP D 63 -44.81 13.83 -5.56
C ASP D 63 -44.09 13.32 -4.33
N GLN D 64 -43.51 12.12 -4.41
CA GLN D 64 -42.85 11.48 -3.27
C GLN D 64 -41.57 10.84 -3.78
N VAL D 65 -40.46 11.54 -3.60
CA VAL D 65 -39.13 11.06 -3.98
C VAL D 65 -38.20 11.32 -2.81
N GLU D 66 -37.41 10.32 -2.45
CA GLU D 66 -36.47 10.43 -1.34
C GLU D 66 -35.06 10.18 -1.88
N VAL D 67 -34.22 11.20 -1.82
CA VAL D 67 -32.83 11.11 -2.24
C VAL D 67 -31.99 10.91 -0.97
N VAL D 68 -31.46 9.69 -0.80
CA VAL D 68 -30.62 9.35 0.34
C VAL D 68 -29.17 9.49 -0.09
N GLY D 69 -28.45 10.41 0.55
CA GLY D 69 -27.10 10.69 0.11
C GLY D 69 -26.19 9.48 0.24
N GLY D 70 -25.26 9.36 -0.69
CA GLY D 70 -24.24 8.32 -0.66
C GLY D 70 -22.97 8.79 0.01
N ARG D 71 -21.85 8.21 -0.43
CA ARG D 71 -20.54 8.58 0.10
C ARG D 71 -19.55 8.71 -1.05
N ALA D 72 -18.65 9.69 -0.94
CA ALA D 72 -17.69 9.95 -2.00
C ALA D 72 -16.40 10.49 -1.40
N TYR D 73 -15.31 10.29 -2.13
CA TYR D 73 -13.99 10.82 -1.78
C TYR D 73 -13.55 11.75 -2.91
N PRO D 74 -13.95 13.02 -2.88
CA PRO D 74 -13.48 13.94 -3.93
C PRO D 74 -11.99 14.21 -3.79
N ARG D 75 -11.31 14.26 -4.94
CA ARG D 75 -9.89 14.54 -4.99
C ARG D 75 -9.59 15.35 -6.24
N PHE D 76 -8.70 16.33 -6.12
CA PHE D 76 -8.32 17.14 -7.26
C PHE D 76 -7.78 16.24 -8.37
N GLY D 77 -8.29 16.45 -9.59
CA GLY D 77 -7.97 15.62 -10.71
C GLY D 77 -8.93 14.47 -10.93
N GLY D 78 -9.78 14.15 -9.96
CA GLY D 78 -10.73 13.07 -10.10
C GLY D 78 -10.85 12.22 -8.85
N GLY D 79 -12.01 12.29 -8.20
CA GLY D 79 -12.31 11.47 -7.05
C GLY D 79 -13.11 10.24 -7.43
N GLU D 80 -13.78 9.66 -6.44
CA GLU D 80 -14.55 8.45 -6.67
C GLU D 80 -15.74 8.42 -5.72
N VAL D 81 -16.86 7.89 -6.22
CA VAL D 81 -18.00 7.59 -5.38
C VAL D 81 -17.75 6.25 -4.69
N VAL D 82 -17.99 6.20 -3.39
CA VAL D 82 -17.74 5.01 -2.59
C VAL D 82 -19.01 4.22 -2.32
N LYS D 83 -20.10 4.91 -1.99
CA LYS D 83 -21.39 4.28 -1.76
C LYS D 83 -22.40 5.02 -2.62
N PRO D 84 -23.14 4.32 -3.49
CA PRO D 84 -24.02 5.04 -4.43
C PRO D 84 -25.15 5.74 -3.71
N ILE D 85 -25.69 6.76 -4.40
CA ILE D 85 -26.88 7.45 -3.95
C ILE D 85 -28.08 6.52 -4.06
N TYR D 86 -28.95 6.55 -3.07
CA TYR D 86 -30.17 5.74 -3.07
C TYR D 86 -31.37 6.67 -3.24
N ILE D 87 -32.17 6.42 -4.26
CA ILE D 87 -33.34 7.23 -4.58
C ILE D 87 -34.57 6.31 -4.53
N LEU D 88 -35.51 6.65 -3.66
CA LEU D 88 -36.78 5.93 -3.55
C LEU D 88 -37.87 6.71 -4.26
N LEU D 89 -38.45 6.11 -5.30
CA LEU D 89 -39.61 6.69 -5.97
C LEU D 89 -40.87 6.19 -5.28
N SER D 90 -41.72 7.11 -4.86
CA SER D 90 -42.97 6.75 -4.21
C SER D 90 -44.14 7.47 -4.85
N GLY D 91 -45.32 7.36 -4.24
CA GLY D 91 -46.54 7.86 -4.81
C GLY D 91 -47.46 6.73 -5.24
N ARG D 92 -48.38 7.06 -6.13
CA ARG D 92 -49.29 6.07 -6.68
C ARG D 92 -49.45 6.33 -8.18
N ALA D 93 -49.76 5.27 -8.90
CA ALA D 93 -50.02 5.35 -10.34
C ALA D 93 -50.85 4.14 -10.73
N VAL D 94 -51.56 4.27 -11.83
CA VAL D 94 -52.37 3.17 -12.36
C VAL D 94 -51.47 2.21 -13.10
N GLU D 95 -51.36 0.98 -12.60
CA GLU D 95 -50.58 -0.06 -13.26
C GLU D 95 -51.44 -1.11 -13.95
N LEU D 96 -52.71 -1.23 -13.58
CA LEU D 96 -53.62 -2.18 -14.22
C LEU D 96 -54.69 -1.39 -14.96
N VAL D 97 -54.72 -1.52 -16.28
CA VAL D 97 -55.64 -0.79 -17.14
C VAL D 97 -56.46 -1.84 -17.89
N ASP D 98 -57.70 -2.05 -17.46
CA ASP D 98 -58.57 -3.06 -18.06
C ASP D 98 -57.89 -4.43 -18.04
N GLN D 99 -57.39 -4.82 -16.87
CA GLN D 99 -56.80 -6.13 -16.65
C GLN D 99 -55.45 -6.30 -17.34
N GLU D 100 -55.09 -5.41 -18.26
CA GLU D 100 -53.78 -5.45 -18.89
C GLU D 100 -52.86 -4.46 -18.16
N LEU D 101 -51.57 -4.76 -18.17
CA LEU D 101 -50.63 -4.12 -17.27
C LEU D 101 -49.92 -2.93 -17.92
N PHE D 102 -49.80 -1.84 -17.14
CA PHE D 102 -49.05 -0.64 -17.50
C PHE D 102 -47.70 -0.66 -16.81
N PRO D 103 -46.58 -0.45 -17.51
CA PRO D 103 -45.25 -0.54 -16.87
C PRO D 103 -44.91 0.67 -16.01
N VAL D 104 -45.64 0.84 -14.90
CA VAL D 104 -45.45 2.00 -14.03
C VAL D 104 -43.99 2.12 -13.61
N HIS D 105 -43.48 1.07 -12.95
CA HIS D 105 -42.15 1.18 -12.35
C HIS D 105 -41.07 1.29 -13.42
N GLU D 106 -41.23 0.59 -14.54
CA GLU D 106 -40.26 0.70 -15.62
C GLU D 106 -40.21 2.12 -16.18
N VAL D 107 -41.38 2.75 -16.34
CA VAL D 107 -41.43 4.13 -16.83
C VAL D 107 -40.80 5.07 -15.81
N ALA D 108 -41.12 4.90 -14.52
CA ALA D 108 -40.65 5.81 -13.50
C ALA D 108 -39.13 5.77 -13.39
N ILE D 109 -38.55 4.56 -13.31
CA ILE D 109 -37.12 4.42 -13.18
C ILE D 109 -36.41 4.92 -14.42
N LYS D 110 -36.96 4.61 -15.60
CA LYS D 110 -36.39 5.13 -16.84
C LYS D 110 -36.40 6.66 -16.86
N ALA D 111 -37.50 7.26 -16.42
CA ALA D 111 -37.59 8.72 -16.40
C ALA D 111 -36.66 9.33 -15.36
N ALA D 112 -36.60 8.73 -14.16
CA ALA D 112 -35.71 9.24 -13.13
C ALA D 112 -34.26 9.22 -13.59
N LYS D 113 -33.85 8.09 -14.19
CA LYS D 113 -32.47 7.97 -14.67
C LYS D 113 -32.20 8.93 -15.81
N ASN D 114 -33.13 9.02 -16.77
CA ASN D 114 -32.93 9.94 -17.90
C ASN D 114 -32.81 11.38 -17.41
N TYR D 115 -33.62 11.77 -16.43
CA TYR D 115 -33.52 13.12 -15.89
C TYR D 115 -32.17 13.34 -15.22
N LEU D 116 -31.72 12.37 -14.41
CA LEU D 116 -30.43 12.51 -13.75
C LEU D 116 -29.31 12.64 -14.78
N LYS D 117 -29.33 11.82 -15.82
CA LYS D 117 -28.28 11.88 -16.84
C LYS D 117 -28.25 13.25 -17.52
N ASN D 118 -29.43 13.82 -17.79
CA ASN D 118 -29.48 15.12 -18.46
C ASN D 118 -29.32 16.30 -17.50
N ALA D 119 -29.56 16.09 -16.21
CA ALA D 119 -29.47 17.18 -15.25
C ALA D 119 -28.09 17.27 -14.59
N ILE D 120 -27.50 16.14 -14.22
CA ILE D 120 -26.19 16.11 -13.58
C ILE D 120 -25.22 15.48 -14.57
N ARG D 121 -24.36 16.31 -15.17
CA ARG D 121 -23.54 15.83 -16.27
C ARG D 121 -22.48 14.83 -15.81
N HIS D 122 -21.91 15.03 -14.62
CA HIS D 122 -20.82 14.20 -14.13
C HIS D 122 -21.29 13.11 -13.18
N LEU D 123 -22.57 12.78 -13.19
CA LEU D 123 -23.12 11.72 -12.37
C LEU D 123 -23.26 10.46 -13.21
N ASP D 124 -22.54 9.41 -12.84
CA ASP D 124 -22.65 8.11 -13.49
C ASP D 124 -23.89 7.42 -12.91
N VAL D 125 -25.02 7.63 -13.56
CA VAL D 125 -26.29 7.15 -13.01
C VAL D 125 -26.29 5.64 -12.89
N GLU D 126 -25.57 4.94 -13.77
CA GLU D 126 -25.62 3.48 -13.77
C GLU D 126 -24.84 2.89 -12.59
N ASN D 127 -23.85 3.62 -12.08
CA ASN D 127 -23.01 3.12 -11.00
C ASN D 127 -23.00 3.98 -9.75
N HIS D 128 -23.42 5.25 -9.84
CA HIS D 128 -23.45 6.16 -8.70
C HIS D 128 -24.82 6.24 -8.05
N VAL D 129 -25.85 5.61 -8.61
CA VAL D 129 -27.21 5.80 -8.16
C VAL D 129 -27.92 4.44 -8.14
N ILE D 130 -28.64 4.19 -7.05
CA ILE D 130 -29.61 3.11 -6.97
C ILE D 130 -30.99 3.75 -6.96
N ILE D 131 -31.84 3.36 -7.90
CA ILE D 131 -33.20 3.88 -7.97
C ILE D 131 -34.15 2.71 -7.76
N ASP D 132 -34.87 2.74 -6.63
CA ASP D 132 -35.91 1.78 -6.31
C ASP D 132 -37.26 2.48 -6.38
N SER D 133 -38.31 1.70 -6.66
CA SER D 133 -39.65 2.25 -6.80
C SER D 133 -40.62 1.47 -5.92
N ARG D 134 -41.37 2.20 -5.11
CA ARG D 134 -42.46 1.64 -4.32
C ARG D 134 -43.78 2.32 -4.65
N ILE D 135 -43.89 2.83 -5.89
CA ILE D 135 -45.12 3.51 -6.32
C ILE D 135 -46.29 2.54 -6.19
N GLY D 136 -47.41 3.06 -5.70
CA GLY D 136 -48.56 2.24 -5.40
C GLY D 136 -49.32 1.77 -6.64
N GLN D 137 -50.28 0.87 -6.38
CA GLN D 137 -51.02 0.18 -7.43
C GLN D 137 -52.39 0.82 -7.63
N GLY D 138 -52.65 1.28 -8.85
CA GLY D 138 -53.97 1.77 -9.24
C GLY D 138 -54.58 0.87 -10.31
N SER D 139 -55.90 0.70 -10.25
CA SER D 139 -56.66 -0.03 -11.26
C SER D 139 -57.76 0.87 -11.81
N VAL D 140 -57.90 0.92 -13.13
CA VAL D 140 -58.96 1.69 -13.77
C VAL D 140 -59.67 0.83 -14.81
N ASP D 141 -60.97 1.07 -14.97
CA ASP D 141 -61.74 0.59 -16.12
C ASP D 141 -61.87 1.77 -17.09
N LEU D 142 -61.17 1.67 -18.22
CA LEU D 142 -61.10 2.82 -19.14
C LEU D 142 -62.47 3.39 -19.47
N VAL D 143 -63.50 2.55 -19.56
CA VAL D 143 -64.84 3.08 -19.82
C VAL D 143 -65.23 4.07 -18.74
N SER D 144 -64.82 3.81 -17.49
CA SER D 144 -65.10 4.74 -16.41
C SER D 144 -64.29 6.02 -16.55
N VAL D 145 -63.02 5.90 -16.98
CA VAL D 145 -62.18 7.08 -17.15
C VAL D 145 -62.80 8.00 -18.21
N PHE D 146 -63.26 7.41 -19.32
CA PHE D 146 -63.91 8.21 -20.35
C PHE D 146 -65.21 8.81 -19.83
N ASN D 147 -65.91 8.09 -18.95
CA ASN D 147 -67.16 8.61 -18.39
C ASN D 147 -66.91 9.71 -17.36
N LYS D 148 -65.80 9.64 -16.61
CA LYS D 148 -65.46 10.73 -15.70
C LYS D 148 -64.91 11.93 -16.43
N ALA D 149 -64.60 11.81 -17.71
CA ALA D 149 -64.21 12.94 -18.54
C ALA D 149 -65.48 13.61 -19.05
N ARG D 150 -66.06 13.07 -20.11
CA ARG D 150 -67.37 13.48 -20.62
C ARG D 150 -68.25 14.12 -19.56
N GLU D 151 -68.40 13.45 -18.40
CA GLU D 151 -69.28 13.98 -17.36
C GLU D 151 -68.73 15.26 -16.76
N ASN D 152 -67.42 15.39 -16.64
CA ASN D 152 -66.78 16.58 -16.06
C ASN D 152 -65.64 17.01 -16.99
N PRO D 153 -65.93 17.85 -17.99
CA PRO D 153 -64.86 18.32 -18.87
C PRO D 153 -63.71 18.93 -18.12
N ILE D 154 -63.99 19.75 -17.11
CA ILE D 154 -62.98 20.28 -16.21
C ILE D 154 -62.89 19.33 -15.02
N PRO D 155 -61.71 18.79 -14.70
CA PRO D 155 -61.62 17.81 -13.62
C PRO D 155 -62.12 18.37 -12.29
N LEU D 156 -62.63 17.46 -11.45
CA LEU D 156 -63.10 17.82 -10.12
C LEU D 156 -61.94 17.85 -9.15
N ALA D 157 -62.05 18.72 -8.15
CA ALA D 157 -61.00 18.82 -7.15
C ALA D 157 -61.08 17.63 -6.20
N ASN D 158 -59.94 16.93 -6.04
CA ASN D 158 -59.87 15.78 -5.16
C ASN D 158 -59.47 16.13 -3.74
N ASP D 159 -59.07 17.38 -3.49
CA ASP D 159 -58.60 17.76 -2.17
C ASP D 159 -58.97 19.21 -1.89
N THR D 160 -58.94 19.56 -0.60
CA THR D 160 -59.13 20.94 -0.16
C THR D 160 -57.75 21.54 0.07
N SER D 161 -57.25 22.26 -0.93
CA SER D 161 -55.90 22.79 -0.87
C SER D 161 -55.88 24.13 -1.59
N PHE D 162 -54.80 24.89 -1.36
CA PHE D 162 -54.67 26.21 -1.95
C PHE D 162 -53.30 26.39 -2.56
N GLY D 163 -53.26 27.19 -3.63
CA GLY D 163 -52.01 27.57 -4.27
C GLY D 163 -51.85 29.08 -4.18
N VAL D 164 -50.60 29.52 -4.08
CA VAL D 164 -50.28 30.91 -3.82
C VAL D 164 -49.25 31.39 -4.83
N GLY D 165 -49.50 32.55 -5.44
CA GLY D 165 -48.52 33.17 -6.31
C GLY D 165 -48.49 34.67 -6.08
N TYR D 166 -47.53 35.32 -6.73
CA TYR D 166 -47.36 36.76 -6.55
C TYR D 166 -46.55 37.29 -7.72
N ALA D 167 -46.61 38.60 -7.90
CA ALA D 167 -45.87 39.29 -8.95
C ALA D 167 -45.93 40.79 -8.67
N PRO D 168 -44.95 41.56 -9.17
CA PRO D 168 -43.77 41.11 -9.91
C PRO D 168 -42.64 40.67 -8.98
N LEU D 169 -41.54 40.19 -9.55
CA LEU D 169 -40.37 39.85 -8.75
C LEU D 169 -39.56 41.09 -8.42
N SER D 170 -39.00 41.12 -7.21
CA SER D 170 -38.10 42.19 -6.83
C SER D 170 -36.75 42.02 -7.54
N GLU D 171 -35.90 43.04 -7.40
CA GLU D 171 -34.56 42.96 -7.97
C GLU D 171 -33.77 41.83 -7.33
N THR D 172 -33.89 41.68 -6.01
CA THR D 172 -33.17 40.61 -5.33
C THR D 172 -33.69 39.24 -5.76
N GLU D 173 -35.00 39.11 -5.89
CA GLU D 173 -35.58 37.85 -6.36
C GLU D 173 -35.08 37.50 -7.76
N ARG D 174 -35.10 38.48 -8.67
CA ARG D 174 -34.59 38.23 -10.01
C ARG D 174 -33.10 37.93 -9.98
N LEU D 175 -32.35 38.60 -9.10
CA LEU D 175 -30.91 38.38 -9.02
C LEU D 175 -30.61 36.95 -8.58
N VAL D 176 -31.30 36.48 -7.54
CA VAL D 176 -31.09 35.12 -7.07
C VAL D 176 -31.48 34.13 -8.17
N LEU D 177 -32.65 34.33 -8.77
CA LEU D 177 -33.14 33.40 -9.78
C LEU D 177 -32.17 33.34 -10.97
N GLU D 178 -31.79 34.49 -11.49
CA GLU D 178 -30.96 34.52 -12.69
C GLU D 178 -29.53 34.08 -12.40
N THR D 179 -29.07 34.23 -11.16
CA THR D 179 -27.73 33.73 -10.81
C THR D 179 -27.68 32.21 -10.93
N GLU D 180 -28.65 31.52 -10.32
CA GLU D 180 -28.69 30.07 -10.42
C GLU D 180 -28.89 29.63 -11.87
N LYS D 181 -29.86 30.24 -12.56
CA LYS D 181 -30.10 29.86 -13.95
C LYS D 181 -28.87 30.09 -14.81
N LEU D 182 -28.14 31.18 -14.57
CA LEU D 182 -26.93 31.44 -15.34
C LEU D 182 -25.89 30.35 -15.09
N LEU D 183 -25.55 30.11 -13.83
CA LEU D 183 -24.49 29.17 -13.49
C LEU D 183 -24.84 27.74 -13.89
N ASN D 184 -26.12 27.43 -14.06
CA ASN D 184 -26.56 26.11 -14.50
C ASN D 184 -27.03 26.09 -15.95
N SER D 185 -26.79 27.16 -16.70
CA SER D 185 -27.17 27.20 -18.10
C SER D 185 -26.16 26.43 -18.94
N GLU D 186 -26.62 25.97 -20.12
CA GLU D 186 -25.74 25.20 -20.99
C GLU D 186 -24.54 26.02 -21.43
N LYS D 187 -24.74 27.30 -21.73
CA LYS D 187 -23.63 28.14 -22.17
C LYS D 187 -22.55 28.21 -21.09
N PHE D 188 -22.95 28.54 -19.86
CA PHE D 188 -21.96 28.67 -18.79
C PHE D 188 -21.31 27.34 -18.47
N LYS D 189 -22.08 26.24 -18.52
CA LYS D 189 -21.51 24.92 -18.28
C LYS D 189 -20.50 24.55 -19.37
N LYS D 190 -20.83 24.82 -20.63
CA LYS D 190 -19.90 24.53 -21.72
C LYS D 190 -18.62 25.35 -21.56
N GLU D 191 -18.74 26.59 -21.11
CA GLU D 191 -17.57 27.46 -20.96
C GLU D 191 -16.78 27.14 -19.70
N TYR D 192 -17.44 26.64 -18.66
CA TYR D 192 -16.79 26.30 -17.39
C TYR D 192 -17.33 24.94 -16.94
N PRO D 193 -16.84 23.86 -17.53
CA PRO D 193 -17.37 22.53 -17.16
C PRO D 193 -17.16 22.16 -15.69
N ALA D 194 -16.23 22.83 -15.01
CA ALA D 194 -15.93 22.48 -13.63
C ALA D 194 -17.07 22.82 -12.67
N VAL D 195 -17.99 23.70 -13.06
CA VAL D 195 -19.07 24.11 -12.18
C VAL D 195 -20.15 23.05 -12.21
N GLY D 196 -20.36 22.38 -11.08
CA GLY D 196 -21.41 21.39 -10.96
C GLY D 196 -22.78 22.03 -10.98
N GLU D 197 -23.80 21.20 -10.79
CA GLU D 197 -25.18 21.66 -10.85
C GLU D 197 -25.79 21.92 -9.48
N ASP D 198 -25.18 21.42 -8.41
CA ASP D 198 -25.67 21.68 -7.05
C ASP D 198 -25.25 23.09 -6.69
N ILE D 199 -26.10 24.05 -7.05
CA ILE D 199 -25.83 25.47 -6.83
C ILE D 199 -26.93 26.02 -5.94
N LYS D 200 -26.54 26.58 -4.80
CA LYS D 200 -27.44 27.22 -3.86
C LYS D 200 -27.12 28.71 -3.81
N VAL D 201 -28.13 29.53 -4.05
CA VAL D 201 -27.97 30.98 -4.08
C VAL D 201 -28.87 31.59 -3.01
N MET D 202 -28.27 32.43 -2.16
CA MET D 202 -29.01 33.18 -1.15
C MET D 202 -28.79 34.66 -1.43
N GLY D 203 -29.88 35.39 -1.62
CA GLY D 203 -29.82 36.84 -1.72
C GLY D 203 -30.34 37.48 -0.46
N LEU D 204 -29.49 38.25 0.23
CA LEU D 204 -29.87 38.99 1.42
C LEU D 204 -29.68 40.47 1.15
N ARG D 205 -30.78 41.20 1.03
CA ARG D 205 -30.73 42.64 0.82
C ARG D 205 -30.96 43.36 2.14
N ARG D 206 -30.10 44.33 2.42
CA ARG D 206 -30.28 45.25 3.54
C ARG D 206 -30.15 46.66 3.00
N GLY D 207 -31.25 47.40 2.99
CA GLY D 207 -31.23 48.71 2.36
C GLY D 207 -30.96 48.57 0.87
N ASN D 208 -29.86 49.17 0.41
CA ASN D 208 -29.46 49.12 -0.99
C ASN D 208 -28.16 48.33 -1.18
N GLU D 209 -27.92 47.35 -0.32
CA GLU D 209 -26.75 46.50 -0.40
C GLU D 209 -27.20 45.05 -0.33
N ILE D 210 -26.81 44.25 -1.31
CA ILE D 210 -27.20 42.84 -1.40
C ILE D 210 -25.97 41.98 -1.16
N ASP D 211 -26.08 41.03 -0.23
CA ASP D 211 -25.10 39.97 -0.08
C ASP D 211 -25.61 38.76 -0.82
N LEU D 212 -24.89 38.35 -1.86
CA LEU D 212 -25.29 37.23 -2.72
C LEU D 212 -24.32 36.09 -2.46
N THR D 213 -24.77 35.11 -1.67
CA THR D 213 -23.95 33.97 -1.33
C THR D 213 -24.24 32.83 -2.31
N ILE D 214 -23.19 32.31 -2.92
CA ILE D 214 -23.31 31.23 -3.91
C ILE D 214 -22.52 30.03 -3.38
N ALA D 215 -23.21 28.91 -3.24
CA ALA D 215 -22.58 27.63 -2.93
C ALA D 215 -22.69 26.77 -4.18
N ALA D 216 -21.56 26.58 -4.87
CA ALA D 216 -21.54 25.88 -6.15
C ALA D 216 -20.56 24.71 -6.04
N ALA D 217 -21.10 23.50 -6.12
CA ALA D 217 -20.27 22.31 -6.12
C ALA D 217 -19.41 22.27 -7.38
N ILE D 218 -18.10 22.09 -7.21
CA ILE D 218 -17.15 22.03 -8.31
C ILE D 218 -16.80 20.57 -8.56
N VAL D 219 -16.78 20.19 -9.84
CA VAL D 219 -16.45 18.82 -10.23
C VAL D 219 -14.95 18.64 -10.16
N ASP D 220 -14.49 17.70 -9.32
CA ASP D 220 -13.07 17.57 -9.04
C ASP D 220 -12.28 17.03 -10.23
N SER D 221 -12.91 16.33 -11.16
CA SER D 221 -12.19 15.88 -12.34
C SER D 221 -11.93 17.01 -13.33
N GLU D 222 -12.56 18.17 -13.14
CA GLU D 222 -12.37 19.32 -14.01
C GLU D 222 -11.40 20.35 -13.42
N VAL D 223 -10.99 20.18 -12.17
CA VAL D 223 -10.00 21.04 -11.54
C VAL D 223 -8.90 20.14 -11.00
N ALA D 224 -7.68 20.29 -11.54
CA ALA D 224 -6.57 19.43 -11.18
C ALA D 224 -5.83 19.89 -9.93
N THR D 225 -5.95 21.17 -9.58
CA THR D 225 -5.26 21.74 -8.43
C THR D 225 -6.15 22.77 -7.77
N PRO D 226 -5.88 23.11 -6.51
CA PRO D 226 -6.63 24.20 -5.87
C PRO D 226 -6.57 25.50 -6.65
N LYS D 227 -5.48 25.74 -7.37
CA LYS D 227 -5.37 26.95 -8.18
C LYS D 227 -6.47 27.02 -9.23
N GLU D 228 -6.65 25.92 -9.98
CA GLU D 228 -7.75 25.87 -10.94
C GLU D 228 -9.09 26.02 -10.25
N TYR D 229 -9.22 25.48 -9.04
CA TYR D 229 -10.48 25.60 -8.30
C TYR D 229 -10.76 27.06 -7.94
N LEU D 230 -9.78 27.75 -7.37
CA LEU D 230 -9.96 29.16 -7.04
C LEU D 230 -10.20 29.99 -8.29
N GLU D 231 -9.61 29.60 -9.42
CA GLU D 231 -9.85 30.32 -10.67
C GLU D 231 -11.29 30.14 -11.12
N VAL D 232 -11.83 28.93 -11.00
CA VAL D 232 -13.24 28.71 -11.32
C VAL D 232 -14.13 29.59 -10.45
N LYS D 233 -13.79 29.70 -9.16
CA LYS D 233 -14.58 30.56 -8.27
C LYS D 233 -14.53 32.01 -8.73
N ASP D 234 -13.35 32.50 -9.13
CA ASP D 234 -13.25 33.88 -9.59
C ASP D 234 -14.10 34.09 -10.85
N LYS D 235 -14.11 33.11 -11.76
CA LYS D 235 -14.93 33.23 -12.96
C LYS D 235 -16.41 33.18 -12.63
N ILE D 236 -16.80 32.36 -11.64
CA ILE D 236 -18.17 32.41 -11.14
C ILE D 236 -18.49 33.81 -10.65
N LYS D 237 -17.64 34.36 -9.79
CA LYS D 237 -17.86 35.71 -9.28
C LYS D 237 -17.95 36.72 -10.43
N GLU D 238 -17.01 36.64 -11.37
CA GLU D 238 -16.98 37.59 -12.48
C GLU D 238 -18.27 37.53 -13.29
N ALA D 239 -18.73 36.33 -13.62
CA ALA D 239 -19.95 36.19 -14.39
C ALA D 239 -21.14 36.78 -13.65
N VAL D 240 -21.20 36.58 -12.33
CA VAL D 240 -22.33 37.09 -11.56
C VAL D 240 -22.23 38.60 -11.38
N GLU D 241 -21.01 39.14 -11.30
CA GLU D 241 -20.85 40.59 -11.25
C GLU D 241 -21.45 41.23 -12.49
N GLU D 242 -21.13 40.71 -13.67
CA GLU D 242 -21.72 41.20 -14.91
C GLU D 242 -23.24 41.11 -14.86
N LEU D 243 -23.76 40.00 -14.34
CA LEU D 243 -25.21 39.84 -14.25
C LEU D 243 -25.81 40.83 -13.25
N ALA D 244 -25.15 41.04 -12.11
CA ALA D 244 -25.68 41.94 -11.09
C ALA D 244 -25.81 43.36 -11.61
N LYS D 245 -24.79 43.85 -12.32
CA LYS D 245 -24.85 45.19 -12.88
C LYS D 245 -26.01 45.35 -13.86
N GLU D 246 -26.48 44.25 -14.46
CA GLU D 246 -27.60 44.30 -15.39
C GLU D 246 -28.96 44.21 -14.70
N ILE D 247 -29.01 43.76 -13.45
CA ILE D 247 -30.27 43.51 -12.77
C ILE D 247 -30.62 44.60 -11.77
N THR D 248 -29.62 45.18 -11.12
CA THR D 248 -29.88 46.16 -10.08
C THR D 248 -28.75 47.18 -10.03
N SER D 249 -29.07 48.37 -9.55
CA SER D 249 -28.06 49.40 -9.30
C SER D 249 -27.53 49.36 -7.87
N ARG D 250 -28.17 48.60 -7.00
CA ARG D 250 -27.71 48.45 -5.63
C ARG D 250 -26.34 47.77 -5.60
N LYS D 251 -25.61 48.00 -4.51
CA LYS D 251 -24.34 47.32 -4.31
C LYS D 251 -24.57 45.84 -4.09
N VAL D 252 -23.81 45.01 -4.80
CA VAL D 252 -23.95 43.55 -4.73
C VAL D 252 -22.60 42.96 -4.31
N ASN D 253 -22.59 42.32 -3.15
CA ASN D 253 -21.43 41.61 -2.66
C ASN D 253 -21.62 40.12 -2.95
N ILE D 254 -20.67 39.53 -3.67
CA ILE D 254 -20.80 38.17 -4.18
C ILE D 254 -19.80 37.29 -3.44
N TYR D 255 -20.32 36.21 -2.84
CA TYR D 255 -19.53 35.25 -2.09
C TYR D 255 -19.74 33.87 -2.69
N VAL D 256 -18.64 33.16 -2.93
CA VAL D 256 -18.67 31.86 -3.60
C VAL D 256 -18.05 30.83 -2.66
N ASN D 257 -18.86 29.83 -2.29
CA ASN D 257 -18.39 28.73 -1.44
C ASN D 257 -17.70 29.27 -0.19
N THR D 258 -18.51 29.87 0.67
CA THR D 258 -18.02 30.56 1.86
C THR D 258 -17.41 29.59 2.86
N ALA D 259 -17.76 28.31 2.79
CA ALA D 259 -17.21 27.32 3.71
C ALA D 259 -15.79 26.88 3.34
N ASP D 260 -15.27 27.33 2.19
CA ASP D 260 -13.92 26.95 1.79
C ASP D 260 -12.90 27.46 2.80
N ASP D 261 -11.82 26.70 2.96
CA ASP D 261 -10.70 27.08 3.82
C ASP D 261 -9.42 26.60 3.16
N PRO D 262 -8.91 27.35 2.18
CA PRO D 262 -7.70 26.91 1.47
C PRO D 262 -6.53 26.60 2.39
N GLU D 263 -6.38 27.33 3.50
CA GLU D 263 -5.27 27.07 4.41
C GLU D 263 -5.36 25.68 5.01
N ARG D 264 -6.58 25.17 5.20
CA ARG D 264 -6.80 23.83 5.75
C ARG D 264 -7.17 22.82 4.67
N GLY D 265 -7.05 23.17 3.40
CA GLY D 265 -7.36 22.24 2.33
C GLY D 265 -8.83 21.93 2.17
N ILE D 266 -9.71 22.77 2.70
CA ILE D 266 -11.15 22.56 2.60
C ILE D 266 -11.64 23.26 1.33
N TYR D 267 -12.20 22.48 0.41
CA TYR D 267 -12.67 22.97 -0.88
C TYR D 267 -13.99 22.30 -1.20
N TYR D 268 -14.90 23.05 -1.81
CA TYR D 268 -16.21 22.49 -2.18
C TYR D 268 -16.09 21.80 -3.53
N ILE D 269 -15.34 20.70 -3.52
CA ILE D 269 -15.18 19.84 -4.70
C ILE D 269 -16.01 18.58 -4.52
N THR D 270 -16.52 18.07 -5.62
CA THR D 270 -17.33 16.86 -5.63
C THR D 270 -16.93 16.01 -6.81
N VAL D 271 -17.31 14.73 -6.75
CA VAL D 271 -17.04 13.82 -7.86
C VAL D 271 -18.06 14.03 -8.99
N THR D 272 -19.32 14.27 -8.64
CA THR D 272 -20.41 14.29 -9.60
C THR D 272 -21.00 15.67 -9.83
N GLY D 273 -20.66 16.66 -9.02
CA GLY D 273 -21.28 17.97 -9.12
C GLY D 273 -22.52 18.13 -8.27
N THR D 274 -22.85 17.15 -7.43
CA THR D 274 -23.96 17.24 -6.52
C THR D 274 -23.53 16.74 -5.15
N SER D 275 -23.94 17.48 -4.10
CA SER D 275 -23.62 17.08 -2.74
C SER D 275 -24.38 15.84 -2.29
N ALA D 276 -25.36 15.38 -3.08
CA ALA D 276 -26.04 14.14 -2.77
C ALA D 276 -25.08 12.96 -2.75
N GLU D 277 -23.93 13.08 -3.42
CA GLU D 277 -22.93 12.03 -3.43
C GLU D 277 -22.27 11.83 -2.07
N ALA D 278 -22.36 12.82 -1.17
CA ALA D 278 -21.52 12.85 0.01
C ALA D 278 -22.27 12.67 1.32
N GLY D 279 -23.60 12.78 1.31
CA GLY D 279 -24.36 12.51 2.52
C GLY D 279 -25.52 13.46 2.73
N ASP D 280 -25.89 14.21 1.71
CA ASP D 280 -26.96 15.18 1.81
C ASP D 280 -28.20 14.61 1.14
N ASP D 281 -29.33 14.75 1.81
CA ASP D 281 -30.56 14.11 1.39
C ASP D 281 -31.50 15.12 0.74
N GLY D 282 -32.47 14.58 0.01
CA GLY D 282 -33.47 15.42 -0.63
C GLY D 282 -34.82 14.73 -0.62
N SER D 283 -35.86 15.56 -0.71
CA SER D 283 -37.21 15.06 -0.84
C SER D 283 -38.04 16.13 -1.51
N VAL D 284 -39.24 15.72 -1.98
CA VAL D 284 -40.07 16.62 -2.77
C VAL D 284 -40.70 17.68 -1.87
N GLY D 285 -40.91 18.86 -2.44
CA GLY D 285 -41.58 19.93 -1.73
C GLY D 285 -40.78 20.58 -0.63
N ARG D 286 -39.46 20.43 -0.66
CA ARG D 286 -38.59 20.99 0.36
C ARG D 286 -37.79 22.19 -0.10
N GLY D 287 -38.00 22.65 -1.33
CA GLY D 287 -37.21 23.74 -1.87
C GLY D 287 -38.03 24.81 -2.54
N ASN D 288 -37.68 25.12 -3.79
CA ASN D 288 -38.26 26.26 -4.47
C ASN D 288 -39.75 26.06 -4.69
N ARG D 289 -40.47 27.18 -4.73
CA ARG D 289 -41.86 27.17 -5.16
C ARG D 289 -41.91 27.16 -6.69
N VAL D 290 -43.12 27.15 -7.24
CA VAL D 290 -43.26 27.05 -8.70
C VAL D 290 -42.55 28.20 -9.40
N ASN D 291 -42.41 29.35 -8.74
CA ASN D 291 -41.70 30.47 -9.34
C ASN D 291 -40.19 30.32 -9.23
N GLY D 292 -39.70 29.23 -8.62
CA GLY D 292 -38.28 28.95 -8.57
C GLY D 292 -37.55 29.59 -7.42
N LEU D 293 -38.26 30.10 -6.41
CA LEU D 293 -37.63 30.86 -5.34
C LEU D 293 -38.24 30.48 -4.00
N ILE D 294 -37.47 30.76 -2.95
CA ILE D 294 -37.93 30.69 -1.57
C ILE D 294 -37.89 32.12 -1.05
N THR D 295 -39.06 32.68 -0.74
CA THR D 295 -39.20 34.11 -0.47
C THR D 295 -40.02 34.34 0.79
N PRO D 296 -39.37 34.42 1.95
CA PRO D 296 -40.11 34.71 3.19
C PRO D 296 -40.70 36.11 3.24
N ASN D 297 -40.18 37.06 2.45
CA ASN D 297 -40.80 38.37 2.36
C ASN D 297 -42.13 38.31 1.61
N ARG D 298 -42.41 37.20 0.92
CA ARG D 298 -43.60 37.03 0.13
C ARG D 298 -44.55 36.08 0.85
N HIS D 299 -45.54 35.56 0.11
CA HIS D 299 -46.45 34.53 0.60
C HIS D 299 -46.33 33.32 -0.31
N MET D 300 -46.57 32.14 0.26
CA MET D 300 -46.38 30.91 -0.47
C MET D 300 -47.39 29.86 0.00
N SER D 301 -47.53 28.83 -0.80
CA SER D 301 -48.27 27.63 -0.44
C SER D 301 -47.28 26.56 0.00
N MET D 302 -47.67 25.76 0.98
CA MET D 302 -46.86 24.61 1.35
C MET D 302 -47.08 23.43 0.42
N GLU D 303 -48.05 23.51 -0.48
CA GLU D 303 -48.28 22.43 -1.43
C GLU D 303 -47.09 22.27 -2.35
N ALA D 304 -46.51 21.07 -2.36
CA ALA D 304 -45.48 20.76 -3.34
C ALA D 304 -46.09 20.63 -4.71
N ALA D 305 -45.38 21.10 -5.73
CA ALA D 305 -45.84 21.01 -7.10
C ALA D 305 -45.26 19.83 -7.86
N ALA D 306 -44.00 19.49 -7.60
CA ALA D 306 -43.31 18.48 -8.39
C ALA D 306 -43.94 17.11 -8.19
N GLY D 307 -44.20 16.41 -9.30
CA GLY D 307 -44.69 15.05 -9.26
C GLY D 307 -46.19 14.90 -9.25
N LYS D 308 -46.94 15.97 -9.01
CA LYS D 308 -48.38 15.89 -8.97
C LYS D 308 -48.96 15.93 -10.38
N ASN D 309 -50.07 15.22 -10.58
CA ASN D 309 -50.67 15.14 -11.90
C ASN D 309 -51.15 16.52 -12.33
N PRO D 310 -50.87 16.96 -13.56
CA PRO D 310 -51.31 18.28 -14.02
C PRO D 310 -52.79 18.36 -14.36
N VAL D 311 -53.57 17.32 -14.10
CA VAL D 311 -54.98 17.27 -14.50
C VAL D 311 -55.91 17.63 -13.34
N SER D 312 -55.73 17.00 -12.19
CA SER D 312 -56.69 17.12 -11.10
C SER D 312 -56.12 17.66 -9.80
N HIS D 313 -54.82 17.53 -9.55
CA HIS D 313 -54.27 17.92 -8.25
C HIS D 313 -54.11 19.44 -8.22
N VAL D 314 -54.94 20.10 -7.41
CA VAL D 314 -54.93 21.55 -7.35
C VAL D 314 -53.62 22.07 -6.77
N GLY D 315 -52.99 21.31 -5.87
CA GLY D 315 -51.74 21.75 -5.30
C GLY D 315 -50.74 22.22 -6.34
N LYS D 316 -50.70 21.53 -7.48
CA LYS D 316 -49.83 21.93 -8.58
C LYS D 316 -50.48 22.99 -9.45
N ILE D 317 -51.74 22.75 -9.83
CA ILE D 317 -52.39 23.61 -10.82
C ILE D 317 -52.65 25.00 -10.24
N TYR D 318 -53.07 25.07 -8.97
CA TYR D 318 -53.40 26.35 -8.37
C TYR D 318 -52.14 27.18 -8.11
N ASN D 319 -51.06 26.54 -7.69
CA ASN D 319 -49.82 27.27 -7.50
C ASN D 319 -49.32 27.85 -8.82
N ILE D 320 -49.43 27.08 -9.91
CA ILE D 320 -49.08 27.61 -11.22
C ILE D 320 -50.04 28.72 -11.62
N LEU D 321 -51.33 28.48 -11.49
CA LEU D 321 -52.32 29.44 -11.93
C LEU D 321 -52.22 30.74 -11.13
N ALA D 322 -52.04 30.62 -9.82
CA ALA D 322 -51.87 31.81 -8.99
C ALA D 322 -50.68 32.64 -9.46
N MET D 323 -49.57 31.97 -9.81
CA MET D 323 -48.42 32.68 -10.35
C MET D 323 -48.77 33.38 -11.65
N LEU D 324 -49.42 32.66 -12.56
CA LEU D 324 -49.72 33.23 -13.87
C LEU D 324 -50.72 34.38 -13.76
N ILE D 325 -51.74 34.24 -12.91
CA ILE D 325 -52.68 35.33 -12.70
C ILE D 325 -51.97 36.55 -12.14
N ALA D 326 -51.11 36.33 -11.14
CA ALA D 326 -50.35 37.44 -10.57
C ALA D 326 -49.51 38.14 -11.62
N GLU D 327 -48.86 37.36 -12.49
CA GLU D 327 -48.01 37.95 -13.53
C GLU D 327 -48.84 38.82 -14.47
N ASP D 328 -50.00 38.33 -14.92
CA ASP D 328 -50.83 39.13 -15.82
C ASP D 328 -51.29 40.43 -15.15
N ILE D 329 -51.74 40.36 -13.89
CA ILE D 329 -52.17 41.57 -13.19
C ILE D 329 -51.02 42.54 -13.07
N ALA D 330 -49.85 42.05 -12.66
CA ALA D 330 -48.69 42.93 -12.49
C ALA D 330 -48.28 43.56 -13.81
N LYS D 331 -48.42 42.83 -14.92
CA LYS D 331 -47.97 43.31 -16.22
C LYS D 331 -48.99 44.24 -16.88
N THR D 332 -50.27 44.11 -16.53
CA THR D 332 -51.35 44.79 -17.25
C THR D 332 -51.94 45.98 -16.51
N LEU D 333 -51.90 45.99 -15.19
CA LEU D 333 -52.60 46.99 -14.40
C LEU D 333 -51.62 47.77 -13.52
N PRO D 334 -51.99 49.00 -13.11
CA PRO D 334 -51.07 49.79 -12.29
C PRO D 334 -51.00 49.30 -10.86
N VAL D 335 -50.18 48.27 -10.62
CA VAL D 335 -50.05 47.65 -9.31
C VAL D 335 -48.58 47.59 -8.94
N GLU D 336 -48.27 47.90 -7.67
CA GLU D 336 -46.93 47.63 -7.16
C GLU D 336 -46.72 46.13 -6.97
N GLU D 337 -47.68 45.47 -6.33
CA GLU D 337 -47.59 44.04 -6.05
C GLU D 337 -48.98 43.45 -6.08
N VAL D 338 -49.06 42.16 -6.38
CA VAL D 338 -50.32 41.43 -6.38
C VAL D 338 -50.05 40.02 -5.87
N TYR D 339 -50.84 39.59 -4.90
CA TYR D 339 -50.76 38.24 -4.35
C TYR D 339 -52.06 37.50 -4.65
N VAL D 340 -51.94 36.29 -5.18
CA VAL D 340 -53.08 35.49 -5.59
C VAL D 340 -53.12 34.23 -4.75
N ARG D 341 -54.27 33.97 -4.13
CA ARG D 341 -54.49 32.78 -3.34
C ARG D 341 -55.77 32.11 -3.84
N ILE D 342 -55.66 30.82 -4.18
CA ILE D 342 -56.76 30.08 -4.77
C ILE D 342 -56.97 28.82 -3.95
N LEU D 343 -58.18 28.62 -3.43
CA LEU D 343 -58.53 27.48 -2.60
C LEU D 343 -59.53 26.61 -3.33
N SER D 344 -59.24 25.31 -3.42
CA SER D 344 -60.08 24.39 -4.16
C SER D 344 -61.31 24.02 -3.34
N GLN D 345 -62.36 23.59 -4.05
CA GLN D 345 -63.59 23.11 -3.44
C GLN D 345 -63.76 21.64 -3.80
N ILE D 346 -63.88 20.79 -2.79
CA ILE D 346 -63.92 19.36 -3.01
C ILE D 346 -65.12 18.99 -3.87
N GLY D 347 -64.91 18.05 -4.79
CA GLY D 347 -65.94 17.59 -5.68
C GLY D 347 -66.60 18.67 -6.52
N LYS D 348 -65.97 19.84 -6.63
CA LYS D 348 -66.39 20.84 -7.61
C LYS D 348 -65.29 21.02 -8.64
N PRO D 349 -65.63 21.42 -9.86
CA PRO D 349 -64.59 21.59 -10.89
C PRO D 349 -63.51 22.55 -10.42
N ILE D 350 -62.27 22.26 -10.83
CA ILE D 350 -61.13 23.07 -10.39
C ILE D 350 -61.16 24.48 -10.94
N ASP D 351 -62.00 24.75 -11.94
CA ASP D 351 -62.21 26.13 -12.38
C ASP D 351 -63.24 26.86 -11.54
N GLN D 352 -63.87 26.18 -10.58
CA GLN D 352 -64.81 26.79 -9.65
C GLN D 352 -64.22 26.75 -8.25
N PRO D 353 -63.11 27.45 -8.01
CA PRO D 353 -62.50 27.39 -6.67
C PRO D 353 -63.43 27.92 -5.61
N LEU D 354 -63.24 27.45 -4.38
CA LEU D 354 -64.02 27.98 -3.26
C LEU D 354 -63.79 29.48 -3.11
N VAL D 355 -62.59 29.95 -3.41
CA VAL D 355 -62.31 31.39 -3.45
C VAL D 355 -61.03 31.60 -4.23
N ALA D 356 -60.98 32.67 -5.01
CA ALA D 356 -59.78 33.11 -5.72
C ALA D 356 -59.47 34.52 -5.23
N SER D 357 -58.63 34.61 -4.19
CA SER D 357 -58.33 35.88 -3.56
C SER D 357 -57.21 36.60 -4.31
N ILE D 358 -57.44 37.88 -4.61
CA ILE D 358 -56.47 38.74 -5.27
C ILE D 358 -56.26 39.96 -4.39
N GLN D 359 -55.11 40.01 -3.72
CA GLN D 359 -54.74 41.16 -2.90
C GLN D 359 -53.72 41.99 -3.65
N VAL D 360 -54.00 43.28 -3.79
CA VAL D 360 -53.23 44.17 -4.67
C VAL D 360 -52.70 45.34 -3.84
N ILE D 361 -51.43 45.68 -4.04
CA ILE D 361 -50.88 46.96 -3.64
C ILE D 361 -50.83 47.82 -4.91
N PRO D 362 -51.67 48.85 -5.03
CA PRO D 362 -51.66 49.65 -6.26
C PRO D 362 -50.42 50.53 -6.33
N LYS D 363 -50.09 50.92 -7.56
CA LYS D 363 -49.04 51.91 -7.73
C LYS D 363 -49.49 53.22 -7.06
N PRO D 364 -48.56 54.02 -6.55
CA PRO D 364 -48.95 55.27 -5.90
C PRO D 364 -49.84 56.11 -6.81
N GLY D 365 -50.94 56.62 -6.24
CA GLY D 365 -51.90 57.42 -6.98
C GLY D 365 -53.08 56.65 -7.54
N HIS D 366 -53.03 55.31 -7.52
CA HIS D 366 -54.09 54.48 -8.03
C HIS D 366 -54.81 53.77 -6.89
N SER D 367 -56.09 53.49 -7.10
CA SER D 367 -56.89 52.68 -6.19
C SER D 367 -57.38 51.43 -6.91
N VAL D 368 -57.54 50.35 -6.15
CA VAL D 368 -57.89 49.07 -6.76
C VAL D 368 -59.27 49.10 -7.38
N LYS D 369 -60.20 49.88 -6.80
CA LYS D 369 -61.54 49.95 -7.39
C LYS D 369 -61.50 50.49 -8.81
N GLU D 370 -60.45 51.22 -9.19
CA GLU D 370 -60.34 51.73 -10.55
C GLU D 370 -60.13 50.59 -11.54
N PHE D 371 -59.50 49.49 -11.11
CA PHE D 371 -59.19 48.37 -11.99
C PHE D 371 -59.57 47.02 -11.40
N GLU D 372 -60.37 46.99 -10.34
CA GLU D 372 -60.68 45.71 -9.69
C GLU D 372 -61.39 44.77 -10.64
N LYS D 373 -62.29 45.28 -11.47
CA LYS D 373 -63.00 44.42 -12.40
C LYS D 373 -62.09 43.87 -13.48
N ASP D 374 -61.05 44.63 -13.85
CA ASP D 374 -60.07 44.12 -14.81
C ASP D 374 -59.28 42.95 -14.22
N ALA D 375 -58.81 43.11 -12.98
CA ALA D 375 -58.13 42.01 -12.30
C ALA D 375 -59.07 40.82 -12.13
N TYR D 376 -60.32 41.08 -11.78
CA TYR D 376 -61.33 40.02 -11.72
C TYR D 376 -61.40 39.28 -13.04
N SER D 377 -61.46 40.03 -14.15
CA SER D 377 -61.58 39.41 -15.46
C SER D 377 -60.35 38.55 -15.79
N ILE D 378 -59.15 39.02 -15.43
CA ILE D 378 -57.94 38.26 -15.69
C ILE D 378 -58.01 36.91 -14.98
N ALA D 379 -58.31 36.92 -13.69
CA ALA D 379 -58.39 35.66 -12.94
C ALA D 379 -59.52 34.79 -13.47
N ASP D 380 -60.65 35.41 -13.83
CA ASP D 380 -61.76 34.65 -14.38
C ASP D 380 -61.37 33.94 -15.68
N GLU D 381 -60.60 34.62 -16.53
CA GLU D 381 -60.17 34.01 -17.78
C GLU D 381 -59.19 32.88 -17.52
N TRP D 382 -58.26 33.07 -16.58
CA TRP D 382 -57.31 32.02 -16.27
C TRP D 382 -57.99 30.80 -15.66
N LEU D 383 -58.93 31.02 -14.73
CA LEU D 383 -59.65 29.90 -14.15
C LEU D 383 -60.48 29.17 -15.20
N ALA D 384 -61.08 29.91 -16.13
CA ALA D 384 -61.87 29.27 -17.18
C ALA D 384 -61.00 28.51 -18.17
N ASN D 385 -59.71 28.84 -18.26
CA ASN D 385 -58.77 28.16 -19.12
C ASN D 385 -57.75 27.35 -18.32
N ILE D 386 -58.15 26.90 -17.13
CA ILE D 386 -57.24 26.15 -16.27
C ILE D 386 -56.62 24.96 -16.97
N THR D 387 -57.37 24.32 -17.88
CA THR D 387 -56.86 23.15 -18.58
C THR D 387 -55.63 23.49 -19.42
N LYS D 388 -55.50 24.74 -19.85
CA LYS D 388 -54.30 25.14 -20.60
C LYS D 388 -53.04 24.83 -19.80
N VAL D 389 -53.11 24.97 -18.47
CA VAL D 389 -51.95 24.66 -17.62
C VAL D 389 -51.50 23.21 -17.84
N GLN D 390 -52.46 22.30 -18.01
CA GLN D 390 -52.12 20.89 -18.23
C GLN D 390 -51.16 20.73 -19.39
N LYS D 391 -51.49 21.32 -20.55
CA LYS D 391 -50.61 21.21 -21.70
C LYS D 391 -49.27 21.90 -21.47
N MET D 392 -49.29 23.03 -20.76
CA MET D 392 -48.05 23.77 -20.51
C MET D 392 -47.05 22.88 -19.75
N ILE D 393 -47.56 22.03 -18.86
CA ILE D 393 -46.68 21.09 -18.15
C ILE D 393 -46.17 20.01 -19.10
N LEU D 394 -47.09 19.35 -19.80
CA LEU D 394 -46.70 18.21 -20.62
C LEU D 394 -45.77 18.61 -21.75
N GLU D 395 -45.91 19.83 -22.27
CA GLU D 395 -45.03 20.33 -23.30
C GLU D 395 -43.81 21.04 -22.73
N ASP D 396 -43.55 20.89 -21.43
CA ASP D 396 -42.34 21.42 -20.79
C ASP D 396 -42.22 22.94 -21.00
N LYS D 397 -43.37 23.63 -20.99
CA LYS D 397 -43.38 25.07 -21.20
C LYS D 397 -43.25 25.86 -19.91
N ILE D 398 -43.42 25.22 -18.75
CA ILE D 398 -43.31 25.89 -17.46
C ILE D 398 -42.70 24.92 -16.46
N SER D 399 -41.81 25.44 -15.62
CA SER D 399 -41.19 24.66 -14.56
C SER D 399 -41.96 24.86 -13.26
N VAL D 400 -41.83 23.88 -12.36
CA VAL D 400 -42.56 23.87 -11.10
C VAL D 400 -41.63 23.95 -9.90
N PHE D 401 -40.36 24.26 -10.11
CA PHE D 401 -39.42 24.48 -9.02
C PHE D 401 -38.17 25.16 -9.55
N ALA E 2 74.36 -32.63 -7.91
CA ALA E 2 74.42 -32.21 -6.51
C ALA E 2 73.01 -31.89 -5.97
N ARG E 3 72.04 -31.76 -6.87
CA ARG E 3 70.68 -31.48 -6.47
C ARG E 3 69.98 -32.76 -6.03
N ASN E 4 69.26 -32.68 -4.91
CA ASN E 4 68.61 -33.84 -4.30
C ASN E 4 67.36 -34.20 -5.08
N ILE E 5 67.57 -34.64 -6.32
CA ILE E 5 66.50 -35.13 -7.19
C ILE E 5 66.48 -36.64 -7.05
N VAL E 6 65.32 -37.18 -6.64
CA VAL E 6 65.16 -38.60 -6.35
C VAL E 6 64.10 -39.14 -7.29
N VAL E 7 64.48 -40.03 -8.19
CA VAL E 7 63.57 -40.64 -9.15
C VAL E 7 63.24 -42.04 -8.64
N GLU E 8 61.96 -42.28 -8.36
CA GLU E 8 61.50 -43.54 -7.80
C GLU E 8 60.35 -44.09 -8.64
N GLU E 9 60.30 -45.42 -8.71
CA GLU E 9 59.11 -46.09 -9.21
C GLU E 9 58.09 -46.20 -8.08
N ILE E 10 56.84 -45.93 -8.40
CA ILE E 10 55.73 -46.05 -7.45
C ILE E 10 54.69 -46.98 -8.03
N VAL E 11 54.11 -47.81 -7.18
CA VAL E 11 53.03 -48.70 -7.56
C VAL E 11 51.73 -48.10 -7.06
N ARG E 12 50.83 -47.77 -7.99
CA ARG E 12 49.51 -47.28 -7.61
C ARG E 12 48.62 -47.27 -8.84
N THR E 13 47.33 -47.38 -8.61
CA THR E 13 46.36 -47.33 -9.70
C THR E 13 46.50 -46.02 -10.46
N PRO E 14 46.86 -46.04 -11.74
CA PRO E 14 46.88 -44.78 -12.51
C PRO E 14 45.49 -44.15 -12.53
N VAL E 15 45.48 -42.80 -12.59
CA VAL E 15 44.21 -42.08 -12.62
C VAL E 15 43.35 -42.59 -13.76
N GLU E 16 43.95 -42.77 -14.94
CA GLU E 16 43.20 -43.31 -16.08
C GLU E 16 42.56 -44.65 -15.78
N MET E 17 43.08 -45.39 -14.80
CA MET E 17 42.60 -46.72 -14.50
C MET E 17 41.60 -46.75 -13.35
N GLN E 18 41.47 -45.66 -12.60
CA GLN E 18 40.49 -45.59 -11.53
C GLN E 18 39.07 -45.53 -12.12
N GLN E 19 38.11 -46.01 -11.34
CA GLN E 19 36.75 -46.15 -11.85
C GLN E 19 36.07 -44.79 -11.99
N VAL E 20 36.34 -43.87 -11.06
CA VAL E 20 35.69 -42.55 -11.05
C VAL E 20 36.76 -41.47 -11.01
N GLU E 21 36.68 -40.52 -11.94
CA GLU E 21 37.59 -39.39 -12.01
C GLU E 21 36.80 -38.10 -12.11
N LEU E 22 37.23 -37.08 -11.36
CA LEU E 22 36.56 -35.78 -11.32
C LEU E 22 37.55 -34.70 -11.71
N VAL E 23 37.16 -33.84 -12.65
CA VAL E 23 37.98 -32.72 -13.09
C VAL E 23 37.09 -31.50 -13.31
N GLU E 24 37.60 -30.33 -12.94
CA GLU E 24 36.87 -29.09 -13.09
C GLU E 24 37.81 -27.99 -13.57
N ARG E 25 37.30 -27.10 -14.40
CA ARG E 25 38.02 -25.91 -14.82
C ARG E 25 37.07 -24.72 -14.83
N LYS E 26 37.53 -23.60 -14.25
CA LYS E 26 36.77 -22.36 -14.24
C LYS E 26 37.32 -21.42 -15.31
N GLY E 27 36.47 -21.08 -16.28
CA GLY E 27 36.89 -20.27 -17.40
C GLY E 27 37.34 -18.86 -17.05
N ILE E 28 37.79 -18.12 -18.08
CA ILE E 28 38.41 -16.81 -17.86
C ILE E 28 37.41 -15.84 -17.23
N GLY E 29 36.15 -15.92 -17.65
CA GLY E 29 35.14 -15.02 -17.13
C GLY E 29 34.56 -15.42 -15.79
N HIS E 30 35.00 -16.52 -15.22
CA HIS E 30 34.50 -16.92 -13.92
C HIS E 30 35.01 -15.95 -12.85
N PRO E 31 34.16 -15.56 -11.90
CA PRO E 31 34.60 -14.55 -10.91
C PRO E 31 35.90 -14.91 -10.22
N ASP E 32 36.04 -16.15 -9.74
CA ASP E 32 37.31 -16.56 -9.14
C ASP E 32 38.45 -16.45 -10.12
N SER E 33 38.23 -16.85 -11.37
CA SER E 33 39.29 -16.74 -12.38
C SER E 33 39.58 -15.29 -12.73
N ILE E 34 38.56 -14.43 -12.67
CA ILE E 34 38.81 -13.00 -12.84
C ILE E 34 39.73 -12.49 -11.75
N ALA E 35 39.46 -12.90 -10.50
CA ALA E 35 40.32 -12.49 -9.39
C ALA E 35 41.74 -12.98 -9.60
N ASP E 36 41.90 -14.26 -9.98
CA ASP E 36 43.23 -14.79 -10.28
C ASP E 36 43.89 -14.02 -11.40
N GLY E 37 43.17 -13.80 -12.51
CA GLY E 37 43.76 -13.11 -13.63
C GLY E 37 44.19 -11.70 -13.29
N ILE E 38 43.34 -10.96 -12.57
CA ILE E 38 43.70 -9.62 -12.14
C ILE E 38 44.92 -9.67 -11.23
N ALA E 39 44.91 -10.59 -10.26
CA ALA E 39 46.02 -10.72 -9.33
C ALA E 39 47.35 -10.88 -10.08
N GLU E 40 47.38 -11.76 -11.08
CA GLU E 40 48.61 -11.99 -11.80
C GLU E 40 48.94 -10.81 -12.72
N ALA E 41 47.92 -10.23 -13.36
CA ALA E 41 48.14 -9.10 -14.24
C ALA E 41 48.68 -7.90 -13.47
N VAL E 42 48.16 -7.66 -12.27
CA VAL E 42 48.70 -6.60 -11.42
C VAL E 42 50.14 -6.89 -11.09
N SER E 43 50.44 -8.14 -10.69
CA SER E 43 51.80 -8.52 -10.36
C SER E 43 52.75 -8.26 -11.52
N ARG E 44 52.39 -8.72 -12.73
CA ARG E 44 53.28 -8.55 -13.86
C ARG E 44 53.46 -7.06 -14.20
N ALA E 45 52.38 -6.28 -14.11
CA ALA E 45 52.50 -4.85 -14.37
C ALA E 45 53.45 -4.19 -13.37
N LEU E 46 53.31 -4.53 -12.09
CA LEU E 46 54.23 -4.02 -11.09
C LEU E 46 55.66 -4.45 -11.38
N CYS E 47 55.83 -5.72 -11.75
CA CYS E 47 57.16 -6.23 -12.10
C CYS E 47 57.78 -5.39 -13.21
N ARG E 48 57.06 -5.22 -14.33
CA ARG E 48 57.59 -4.48 -15.45
C ARG E 48 57.96 -3.05 -15.06
N GLU E 49 57.11 -2.40 -14.26
CA GLU E 49 57.36 -1.01 -13.89
C GLU E 49 58.54 -0.92 -12.92
N TYR E 50 58.65 -1.86 -11.98
CA TYR E 50 59.84 -1.91 -11.13
C TYR E 50 61.10 -2.05 -11.96
N ILE E 51 61.07 -2.91 -12.98
CA ILE E 51 62.25 -3.10 -13.83
C ILE E 51 62.52 -1.84 -14.63
N ARG E 52 61.48 -1.21 -15.16
CA ARG E 52 61.66 -0.01 -15.99
C ARG E 52 62.30 1.11 -15.18
N ARG E 53 61.97 1.22 -13.90
CA ARG E 53 62.47 2.31 -13.08
C ARG E 53 63.79 1.98 -12.39
N TYR E 54 63.96 0.74 -11.94
CA TYR E 54 65.11 0.38 -11.12
C TYR E 54 65.91 -0.80 -11.65
N GLY E 55 65.51 -1.40 -12.76
CA GLY E 55 66.22 -2.55 -13.28
C GLY E 55 66.13 -3.79 -12.39
N VAL E 56 65.19 -3.81 -11.44
CA VAL E 56 65.01 -4.94 -10.54
C VAL E 56 63.57 -4.95 -10.09
N ILE E 57 63.06 -6.14 -9.82
CA ILE E 57 61.72 -6.31 -9.26
C ILE E 57 61.83 -6.20 -7.74
N LEU E 58 60.99 -5.35 -7.16
CA LEU E 58 60.93 -5.18 -5.71
C LEU E 58 59.81 -6.04 -5.15
N HIS E 59 59.89 -6.32 -3.85
CA HIS E 59 58.93 -7.20 -3.21
CA HIS E 59 58.93 -7.21 -3.21
C HIS E 59 57.51 -6.70 -3.44
N HIS E 60 56.60 -7.64 -3.64
CA HIS E 60 55.20 -7.31 -3.84
C HIS E 60 54.44 -8.63 -3.92
N ASN E 61 53.23 -8.61 -3.37
CA ASN E 61 52.29 -9.72 -3.51
C ASN E 61 50.89 -9.14 -3.66
N THR E 62 50.26 -9.44 -4.78
CA THR E 62 48.91 -8.98 -5.09
C THR E 62 47.98 -10.19 -5.27
N ASP E 63 48.22 -11.24 -4.48
CA ASP E 63 47.40 -12.45 -4.51
C ASP E 63 46.16 -12.28 -3.63
N GLN E 64 45.63 -11.06 -3.58
CA GLN E 64 44.44 -10.74 -2.79
C GLN E 64 43.58 -9.84 -3.66
N VAL E 65 42.56 -10.41 -4.30
CA VAL E 65 41.63 -9.68 -5.13
C VAL E 65 40.23 -10.16 -4.76
N GLU E 66 39.31 -9.21 -4.61
CA GLU E 66 37.93 -9.51 -4.28
C GLU E 66 37.04 -8.99 -5.40
N VAL E 67 36.36 -9.90 -6.09
CA VAL E 67 35.39 -9.55 -7.11
C VAL E 67 34.03 -9.58 -6.44
N VAL E 68 33.49 -8.42 -6.13
CA VAL E 68 32.20 -8.30 -5.45
C VAL E 68 31.12 -8.25 -6.50
N GLY E 69 30.23 -9.23 -6.48
CA GLY E 69 29.17 -9.28 -7.48
C GLY E 69 28.31 -8.03 -7.42
N GLY E 70 27.90 -7.56 -8.59
CA GLY E 70 27.01 -6.42 -8.70
C GLY E 70 25.56 -6.84 -8.79
N ARG E 71 24.77 -6.02 -9.49
CA ARG E 71 23.38 -6.34 -9.77
C ARG E 71 23.09 -6.06 -11.22
N ALA E 72 22.32 -6.96 -11.84
CA ALA E 72 21.90 -6.80 -13.22
C ALA E 72 20.56 -7.50 -13.39
N TYR E 73 19.77 -7.03 -14.35
CA TYR E 73 18.48 -7.64 -14.68
C TYR E 73 18.55 -8.04 -16.14
N PRO E 74 19.06 -9.23 -16.46
CA PRO E 74 19.19 -9.62 -17.86
C PRO E 74 17.83 -9.71 -18.53
N ARG E 75 17.80 -9.30 -19.81
CA ARG E 75 16.59 -9.33 -20.61
C ARG E 75 16.95 -9.84 -22.00
N PHE E 76 16.12 -10.73 -22.52
CA PHE E 76 16.34 -11.23 -23.88
C PHE E 76 16.36 -10.07 -24.86
N GLY E 77 17.40 -10.03 -25.70
CA GLY E 77 17.60 -8.93 -26.63
C GLY E 77 18.49 -7.82 -26.10
N GLY E 78 18.81 -7.81 -24.81
CA GLY E 78 19.67 -6.80 -24.24
C GLY E 78 19.22 -6.35 -22.87
N GLY E 79 19.98 -6.73 -21.84
CA GLY E 79 19.71 -6.33 -20.48
C GLY E 79 20.56 -5.16 -20.07
N GLU E 80 20.64 -4.94 -18.76
CA GLU E 80 21.38 -3.81 -18.21
C GLU E 80 21.96 -4.19 -16.86
N VAL E 81 23.15 -3.68 -16.58
CA VAL E 81 23.72 -3.73 -15.25
C VAL E 81 23.20 -2.54 -14.46
N VAL E 82 22.75 -2.79 -13.23
CA VAL E 82 22.20 -1.74 -12.39
C VAL E 82 23.19 -1.32 -11.32
N LYS E 83 23.94 -2.28 -10.76
CA LYS E 83 24.99 -2.00 -9.80
C LYS E 83 26.29 -2.58 -10.34
N PRO E 84 27.35 -1.79 -10.46
CA PRO E 84 28.56 -2.30 -11.10
C PRO E 84 29.27 -3.34 -10.24
N ILE E 85 30.13 -4.11 -10.90
CA ILE E 85 31.02 -5.01 -10.19
C ILE E 85 32.05 -4.17 -9.45
N TYR E 86 32.30 -4.51 -8.18
CA TYR E 86 33.28 -3.82 -7.36
C TYR E 86 34.45 -4.76 -7.15
N ILE E 87 35.64 -4.31 -7.52
CA ILE E 87 36.86 -5.10 -7.40
C ILE E 87 37.81 -4.39 -6.45
N LEU E 88 38.17 -5.08 -5.38
CA LEU E 88 39.15 -4.57 -4.41
C LEU E 88 40.49 -5.22 -4.68
N LEU E 89 41.48 -4.42 -5.04
CA LEU E 89 42.86 -4.91 -5.14
C LEU E 89 43.50 -4.77 -3.77
N SER E 90 43.98 -5.88 -3.24
CA SER E 90 44.66 -5.89 -1.95
C SER E 90 46.01 -6.57 -2.11
N GLY E 91 46.65 -6.85 -0.99
CA GLY E 91 48.00 -7.34 -0.98
C GLY E 91 48.97 -6.31 -0.47
N ARG E 92 50.21 -6.46 -0.91
CA ARG E 92 51.28 -5.58 -0.52
C ARG E 92 52.17 -5.31 -1.72
N ALA E 93 52.75 -4.11 -1.75
CA ALA E 93 53.71 -3.74 -2.78
C ALA E 93 54.58 -2.62 -2.23
N VAL E 94 55.79 -2.52 -2.78
CA VAL E 94 56.71 -1.45 -2.42
C VAL E 94 56.22 -0.16 -3.07
N GLU E 95 55.85 0.81 -2.23
CA GLU E 95 55.41 2.11 -2.71
C GLU E 95 56.43 3.22 -2.48
N LEU E 96 57.36 3.04 -1.53
CA LEU E 96 58.39 4.02 -1.24
C LEU E 96 59.75 3.43 -1.62
N VAL E 97 60.41 4.04 -2.59
CA VAL E 97 61.70 3.57 -3.09
C VAL E 97 62.69 4.72 -2.92
N ASP E 98 63.49 4.67 -1.86
CA ASP E 98 64.45 5.73 -1.55
C ASP E 98 63.74 7.08 -1.48
N GLN E 99 62.68 7.13 -0.68
CA GLN E 99 61.93 8.35 -0.40
C GLN E 99 61.05 8.79 -1.57
N GLU E 100 61.26 8.22 -2.75
CA GLU E 100 60.43 8.56 -3.90
C GLU E 100 59.27 7.56 -4.03
N LEU E 101 58.18 8.03 -4.61
CA LEU E 101 56.95 7.26 -4.65
C LEU E 101 56.84 6.44 -5.94
N PHE E 102 56.44 5.18 -5.79
CA PHE E 102 56.21 4.25 -6.88
C PHE E 102 54.72 4.20 -7.18
N PRO E 103 54.29 4.27 -8.45
CA PRO E 103 52.85 4.29 -8.73
C PRO E 103 52.17 2.94 -8.55
N VAL E 104 52.16 2.43 -7.33
CA VAL E 104 51.56 1.12 -7.06
C VAL E 104 50.11 1.10 -7.54
N HIS E 105 49.31 2.05 -7.06
CA HIS E 105 47.87 1.97 -7.28
C HIS E 105 47.49 2.31 -8.72
N GLU E 106 48.18 3.27 -9.33
CA GLU E 106 47.92 3.58 -10.74
C GLU E 106 48.25 2.37 -11.62
N VAL E 107 49.37 1.71 -11.37
CA VAL E 107 49.75 0.54 -12.15
C VAL E 107 48.76 -0.60 -11.90
N ALA E 108 48.43 -0.84 -10.63
CA ALA E 108 47.58 -1.99 -10.29
C ALA E 108 46.20 -1.85 -10.89
N ILE E 109 45.56 -0.69 -10.70
CA ILE E 109 44.21 -0.51 -11.21
C ILE E 109 44.20 -0.50 -12.74
N LYS E 110 45.18 0.14 -13.36
CA LYS E 110 45.28 0.14 -14.81
C LYS E 110 45.45 -1.29 -15.34
N ALA E 111 46.28 -2.09 -14.66
CA ALA E 111 46.48 -3.46 -15.10
C ALA E 111 45.20 -4.28 -14.96
N ALA E 112 44.51 -4.14 -13.82
CA ALA E 112 43.26 -4.85 -13.62
C ALA E 112 42.23 -4.46 -14.68
N LYS E 113 42.12 -3.16 -14.98
CA LYS E 113 41.19 -2.72 -16.01
C LYS E 113 41.59 -3.29 -17.37
N ASN E 114 42.87 -3.20 -17.71
CA ASN E 114 43.32 -3.73 -18.99
C ASN E 114 43.06 -5.22 -19.10
N TYR E 115 43.24 -5.96 -18.01
CA TYR E 115 42.98 -7.40 -18.06
C TYR E 115 41.51 -7.68 -18.31
N LEU E 116 40.61 -6.96 -17.62
CA LEU E 116 39.19 -7.14 -17.85
C LEU E 116 38.80 -6.73 -19.27
N LYS E 117 39.32 -5.59 -19.74
CA LYS E 117 38.98 -5.13 -21.08
C LYS E 117 39.36 -6.18 -22.11
N ASN E 118 40.52 -6.82 -21.95
CA ASN E 118 40.99 -7.81 -22.92
C ASN E 118 40.41 -9.19 -22.66
N ALA E 119 39.86 -9.45 -21.48
CA ALA E 119 39.38 -10.78 -21.12
C ALA E 119 37.89 -10.98 -21.38
N ILE E 120 37.05 -9.99 -21.06
CA ILE E 120 35.61 -10.10 -21.19
C ILE E 120 35.15 -9.07 -22.22
N ARG E 121 34.69 -9.54 -23.38
CA ARG E 121 34.45 -8.67 -24.52
C ARG E 121 33.27 -7.74 -24.28
N HIS E 122 32.21 -8.23 -23.62
CA HIS E 122 30.98 -7.48 -23.47
C HIS E 122 30.85 -6.80 -22.11
N LEU E 123 31.96 -6.63 -21.40
CA LEU E 123 31.96 -5.94 -20.10
C LEU E 123 32.47 -4.52 -20.30
N ASP E 124 31.64 -3.54 -20.00
CA ASP E 124 32.04 -2.13 -20.05
C ASP E 124 32.77 -1.80 -18.75
N VAL E 125 34.09 -1.93 -18.77
CA VAL E 125 34.88 -1.79 -17.56
C VAL E 125 34.72 -0.41 -16.96
N GLU E 126 34.58 0.63 -17.79
CA GLU E 126 34.51 1.99 -17.29
C GLU E 126 33.18 2.32 -16.65
N ASN E 127 32.11 1.61 -17.00
CA ASN E 127 30.79 1.89 -16.46
C ASN E 127 30.15 0.72 -15.73
N HIS E 128 30.64 -0.50 -15.93
CA HIS E 128 30.11 -1.68 -15.25
C HIS E 128 30.97 -2.13 -14.08
N VAL E 129 32.14 -1.53 -13.89
CA VAL E 129 33.12 -2.02 -12.92
C VAL E 129 33.70 -0.84 -12.16
N ILE E 130 33.74 -0.96 -10.83
CA ILE E 130 34.52 -0.07 -9.97
C ILE E 130 35.70 -0.87 -9.46
N ILE E 131 36.91 -0.38 -9.71
CA ILE E 131 38.13 -1.03 -9.25
C ILE E 131 38.84 -0.05 -8.32
N ASP E 132 38.88 -0.39 -7.03
CA ASP E 132 39.64 0.37 -6.06
C ASP E 132 40.80 -0.48 -5.55
N SER E 133 41.82 0.21 -5.03
CA SER E 133 43.04 -0.43 -4.56
C SER E 133 43.26 -0.12 -3.10
N ARG E 134 43.52 -1.16 -2.31
CA ARG E 134 43.96 -1.02 -0.93
C ARG E 134 45.28 -1.76 -0.72
N ILE E 135 46.08 -1.88 -1.78
CA ILE E 135 47.36 -2.56 -1.69
C ILE E 135 48.23 -1.87 -0.64
N GLY E 136 48.87 -2.68 0.20
CA GLY E 136 49.62 -2.11 1.31
C GLY E 136 50.92 -1.47 0.85
N GLN E 137 51.48 -0.68 1.76
CA GLN E 137 52.62 0.17 1.45
C GLN E 137 53.92 -0.47 1.96
N GLY E 138 54.82 -0.76 1.04
CA GLY E 138 56.16 -1.24 1.37
C GLY E 138 57.20 -0.18 1.06
N SER E 139 58.24 -0.13 1.88
CA SER E 139 59.37 0.76 1.67
C SER E 139 60.66 -0.04 1.61
N VAL E 140 61.49 0.22 0.60
CA VAL E 140 62.82 -0.37 0.51
C VAL E 140 63.82 0.73 0.16
N ASP E 141 65.08 0.47 0.50
CA ASP E 141 66.21 1.21 -0.05
C ASP E 141 66.87 0.34 -1.11
N LEU E 142 67.01 0.89 -2.32
CA LEU E 142 67.51 0.09 -3.44
C LEU E 142 68.85 -0.57 -3.13
N VAL E 143 69.71 0.12 -2.36
CA VAL E 143 71.03 -0.42 -2.06
C VAL E 143 70.90 -1.79 -1.39
N SER E 144 69.90 -1.95 -0.52
CA SER E 144 69.69 -3.23 0.14
C SER E 144 69.24 -4.30 -0.85
N VAL E 145 68.39 -3.91 -1.81
CA VAL E 145 67.90 -4.87 -2.80
C VAL E 145 69.05 -5.41 -3.64
N PHE E 146 69.93 -4.52 -4.09
CA PHE E 146 71.09 -4.94 -4.86
C PHE E 146 72.08 -5.72 -4.00
N ASN E 147 72.16 -5.41 -2.71
CA ASN E 147 73.09 -6.13 -1.84
C ASN E 147 72.63 -7.56 -1.60
N LYS E 148 71.32 -7.77 -1.42
CA LYS E 148 70.81 -9.12 -1.25
C LYS E 148 70.66 -9.85 -2.58
N ALA E 149 70.91 -9.17 -3.69
CA ALA E 149 70.99 -9.81 -4.99
C ALA E 149 72.41 -10.31 -5.18
N ARG E 150 73.29 -9.46 -5.72
CA ARG E 150 74.72 -9.70 -5.79
C ARG E 150 75.21 -10.75 -4.79
N GLU E 151 74.76 -10.66 -3.54
CA GLU E 151 75.20 -11.63 -2.53
C GLU E 151 74.69 -13.03 -2.85
N ASN E 152 73.42 -13.14 -3.26
CA ASN E 152 72.82 -14.42 -3.59
C ASN E 152 71.91 -14.24 -4.80
N PRO E 153 72.45 -14.41 -6.02
CA PRO E 153 71.61 -14.24 -7.22
C PRO E 153 70.34 -15.09 -7.18
N ILE E 154 70.44 -16.34 -6.73
CA ILE E 154 69.26 -17.17 -6.48
C ILE E 154 68.87 -16.98 -5.01
N PRO E 155 67.64 -16.56 -4.73
CA PRO E 155 67.28 -16.31 -3.33
C PRO E 155 67.37 -17.57 -2.48
N LEU E 156 67.67 -17.38 -1.20
CA LEU E 156 67.73 -18.48 -0.25
C LEU E 156 66.35 -18.74 0.33
N ALA E 157 66.09 -20.00 0.68
CA ALA E 157 64.80 -20.40 1.21
C ALA E 157 64.69 -19.97 2.67
N ASN E 158 63.64 -19.20 2.98
CA ASN E 158 63.36 -18.77 4.34
C ASN E 158 62.41 -19.71 5.07
N ASP E 159 61.75 -20.61 4.34
CA ASP E 159 60.79 -21.54 4.91
C ASP E 159 60.82 -22.81 4.09
N THR E 160 60.12 -23.84 4.58
CA THR E 160 59.96 -25.08 3.83
C THR E 160 58.71 -24.95 2.97
N SER E 161 58.90 -24.56 1.72
CA SER E 161 57.83 -24.42 0.76
CA SER E 161 57.82 -24.42 0.77
C SER E 161 57.69 -25.68 -0.07
N PHE E 162 56.57 -25.77 -0.79
CA PHE E 162 56.19 -27.01 -1.45
C PHE E 162 55.56 -26.71 -2.81
N GLY E 163 55.98 -27.45 -3.82
CA GLY E 163 55.32 -27.42 -5.12
C GLY E 163 55.05 -28.83 -5.60
N VAL E 164 53.89 -29.02 -6.21
CA VAL E 164 53.45 -30.33 -6.66
C VAL E 164 52.90 -30.21 -8.07
N GLY E 165 53.39 -31.07 -8.97
CA GLY E 165 52.88 -31.14 -10.31
C GLY E 165 52.83 -32.59 -10.78
N TYR E 166 52.24 -32.79 -11.95
CA TYR E 166 52.07 -34.13 -12.48
C TYR E 166 51.87 -34.05 -13.98
N ALA E 167 52.04 -35.18 -14.64
CA ALA E 167 51.88 -35.30 -16.08
C ALA E 167 51.90 -36.79 -16.44
N PRO E 168 51.34 -37.16 -17.60
CA PRO E 168 50.61 -36.29 -18.52
C PRO E 168 49.19 -36.09 -18.04
N LEU E 169 48.42 -35.26 -18.73
CA LEU E 169 47.02 -35.10 -18.39
C LEU E 169 46.22 -36.31 -18.89
N SER E 170 45.29 -36.75 -18.06
CA SER E 170 44.40 -37.82 -18.46
C SER E 170 43.47 -37.34 -19.57
N GLU E 171 42.74 -38.28 -20.17
CA GLU E 171 41.80 -37.90 -21.23
C GLU E 171 40.73 -36.95 -20.69
N THR E 172 40.23 -37.21 -19.48
CA THR E 172 39.24 -36.32 -18.89
C THR E 172 39.83 -34.96 -18.59
N GLU E 173 41.03 -34.92 -18.02
CA GLU E 173 41.68 -33.65 -17.72
C GLU E 173 41.91 -32.83 -18.98
N ARG E 174 42.46 -33.46 -20.03
CA ARG E 174 42.65 -32.76 -21.29
C ARG E 174 41.32 -32.36 -21.91
N LEU E 175 40.28 -33.17 -21.72
CA LEU E 175 38.98 -32.84 -22.28
C LEU E 175 38.39 -31.60 -21.60
N VAL E 176 38.45 -31.55 -20.27
CA VAL E 176 37.95 -30.39 -19.54
C VAL E 176 38.76 -29.16 -19.91
N LEU E 177 40.09 -29.29 -19.92
CA LEU E 177 40.94 -28.14 -20.24
C LEU E 177 40.64 -27.61 -21.63
N GLU E 178 40.62 -28.48 -22.64
CA GLU E 178 40.43 -28.04 -24.01
C GLU E 178 39.00 -27.59 -24.27
N THR E 179 38.03 -28.09 -23.49
CA THR E 179 36.67 -27.61 -23.63
C THR E 179 36.58 -26.13 -23.29
N GLU E 180 37.13 -25.74 -22.14
CA GLU E 180 37.16 -24.33 -21.78
C GLU E 180 38.00 -23.52 -22.76
N LYS E 181 39.17 -24.05 -23.15
CA LYS E 181 40.02 -23.34 -24.09
C LYS E 181 39.30 -23.11 -25.41
N LEU E 182 38.57 -24.11 -25.90
CA LEU E 182 37.85 -23.98 -27.16
C LEU E 182 36.74 -22.94 -27.05
N LEU E 183 35.89 -23.07 -26.03
CA LEU E 183 34.74 -22.17 -25.91
C LEU E 183 35.16 -20.73 -25.63
N ASN E 184 36.37 -20.51 -25.13
CA ASN E 184 36.86 -19.16 -24.87
C ASN E 184 37.95 -18.74 -25.86
N SER E 185 38.16 -19.50 -26.92
CA SER E 185 39.15 -19.15 -27.93
C SER E 185 38.61 -18.06 -28.85
N GLU E 186 39.53 -17.35 -29.50
CA GLU E 186 39.15 -16.25 -30.37
C GLU E 186 38.22 -16.74 -31.49
N LYS E 187 38.54 -17.88 -32.10
CA LYS E 187 37.73 -18.38 -33.20
C LYS E 187 36.30 -18.65 -32.75
N PHE E 188 36.13 -19.39 -31.65
CA PHE E 188 34.80 -19.76 -31.21
C PHE E 188 33.98 -18.52 -30.86
N LYS E 189 34.62 -17.50 -30.28
CA LYS E 189 33.91 -16.26 -29.97
C LYS E 189 33.48 -15.56 -31.25
N LYS E 190 34.33 -15.56 -32.27
CA LYS E 190 33.95 -14.97 -33.55
C LYS E 190 32.73 -15.66 -34.13
N GLU E 191 32.65 -16.98 -33.99
CA GLU E 191 31.53 -17.73 -34.54
C GLU E 191 30.29 -17.65 -33.66
N TYR E 192 30.46 -17.54 -32.35
CA TYR E 192 29.34 -17.51 -31.41
C TYR E 192 29.59 -16.43 -30.36
N PRO E 193 29.37 -15.16 -30.72
CA PRO E 193 29.56 -14.07 -29.75
C PRO E 193 28.64 -14.19 -28.54
N ALA E 194 27.56 -14.97 -28.63
CA ALA E 194 26.61 -15.06 -27.52
C ALA E 194 27.18 -15.78 -26.32
N VAL E 195 28.20 -16.61 -26.50
CA VAL E 195 28.78 -17.38 -25.41
C VAL E 195 29.73 -16.45 -24.65
N GLY E 196 29.38 -16.14 -23.40
CA GLY E 196 30.24 -15.32 -22.58
C GLY E 196 31.51 -16.04 -22.20
N GLU E 197 32.32 -15.36 -21.40
CA GLU E 197 33.61 -15.90 -20.98
C GLU E 197 33.52 -16.67 -19.67
N ASP E 198 32.44 -16.50 -18.91
CA ASP E 198 32.25 -17.22 -17.65
C ASP E 198 31.79 -18.64 -17.99
N ILE E 199 32.76 -19.52 -18.22
CA ILE E 199 32.51 -20.90 -18.60
C ILE E 199 33.16 -21.79 -17.55
N LYS E 200 32.36 -22.67 -16.94
CA LYS E 200 32.85 -23.64 -15.97
C LYS E 200 32.53 -25.04 -16.48
N VAL E 201 33.56 -25.88 -16.56
CA VAL E 201 33.45 -27.22 -17.12
C VAL E 201 33.73 -28.23 -16.02
N MET E 202 32.82 -29.16 -15.83
CA MET E 202 32.97 -30.25 -14.87
C MET E 202 33.01 -31.57 -15.63
N GLY E 203 34.11 -32.28 -15.52
CA GLY E 203 34.23 -33.60 -16.12
C GLY E 203 34.13 -34.74 -15.14
N LEU E 204 33.16 -35.63 -15.34
CA LEU E 204 33.01 -36.82 -14.50
C LEU E 204 33.18 -38.06 -15.39
N ARG E 205 34.24 -38.82 -15.15
CA ARG E 205 34.43 -40.10 -15.82
C ARG E 205 34.01 -41.22 -14.89
N ARG E 206 33.08 -42.05 -15.33
CA ARG E 206 32.71 -43.28 -14.64
C ARG E 206 33.12 -44.45 -15.54
N GLY E 207 34.21 -45.11 -15.19
CA GLY E 207 34.74 -46.15 -16.04
C GLY E 207 35.20 -45.56 -17.36
N ASN E 208 34.51 -45.90 -18.45
CA ASN E 208 34.83 -45.39 -19.78
C ASN E 208 33.69 -44.54 -20.34
N GLU E 209 32.96 -43.87 -19.46
CA GLU E 209 31.89 -42.95 -19.85
C GLU E 209 32.12 -41.62 -19.13
N ILE E 210 32.19 -40.53 -19.90
CA ILE E 210 32.47 -39.21 -19.37
C ILE E 210 31.20 -38.37 -19.46
N ASP E 211 30.79 -37.81 -18.32
CA ASP E 211 29.74 -36.80 -18.29
C ASP E 211 30.41 -35.44 -18.14
N LEU E 212 30.21 -34.58 -19.14
CA LEU E 212 30.86 -33.27 -19.19
C LEU E 212 29.79 -32.20 -19.01
N THR E 213 29.72 -31.65 -17.81
CA THR E 213 28.74 -30.61 -17.48
C THR E 213 29.37 -29.25 -17.70
N ILE E 214 28.69 -28.40 -18.47
CA ILE E 214 29.19 -27.08 -18.85
C ILE E 214 28.21 -26.04 -18.34
N ALA E 215 28.73 -25.04 -17.64
CA ALA E 215 27.98 -23.85 -17.24
C ALA E 215 28.54 -22.67 -18.03
N ALA E 216 27.75 -22.16 -18.97
CA ALA E 216 28.19 -21.11 -19.89
C ALA E 216 27.25 -19.92 -19.80
N ALA E 217 27.77 -18.79 -19.30
CA ALA E 217 26.99 -17.56 -19.27
C ALA E 217 26.75 -17.06 -20.69
N ILE E 218 25.49 -16.85 -21.04
CA ILE E 218 25.10 -16.42 -22.37
C ILE E 218 24.81 -14.92 -22.34
N VAL E 219 25.35 -14.19 -23.31
CA VAL E 219 25.14 -12.75 -23.40
C VAL E 219 23.73 -12.50 -23.92
N ASP E 220 22.91 -11.81 -23.13
CA ASP E 220 21.51 -11.63 -23.48
C ASP E 220 21.33 -10.72 -24.70
N SER E 221 22.31 -9.87 -25.00
CA SER E 221 22.22 -9.03 -26.19
C SER E 221 22.42 -9.81 -27.48
N GLU E 222 22.90 -11.04 -27.40
CA GLU E 222 23.13 -11.89 -28.56
C GLU E 222 22.04 -12.94 -28.74
N VAL E 223 21.09 -13.04 -27.81
CA VAL E 223 19.94 -13.93 -27.92
C VAL E 223 18.69 -13.10 -27.74
N ALA E 224 17.85 -13.06 -28.78
CA ALA E 224 16.64 -12.24 -28.73
C ALA E 224 15.47 -12.95 -28.09
N THR E 225 15.45 -14.28 -28.08
CA THR E 225 14.34 -15.04 -27.53
C THR E 225 14.90 -16.30 -26.89
N PRO E 226 14.12 -16.94 -26.01
CA PRO E 226 14.56 -18.24 -25.46
C PRO E 226 14.92 -19.25 -26.53
N LYS E 227 14.31 -19.14 -27.72
CA LYS E 227 14.63 -20.08 -28.79
C LYS E 227 16.10 -20.00 -29.18
N GLU E 228 16.61 -18.77 -29.37
CA GLU E 228 18.01 -18.60 -29.69
C GLU E 228 18.90 -19.07 -28.54
N TYR E 229 18.45 -18.88 -27.30
CA TYR E 229 19.24 -19.29 -26.15
C TYR E 229 19.43 -20.80 -26.13
N LEU E 230 18.33 -21.55 -26.26
CA LEU E 230 18.44 -23.00 -26.33
C LEU E 230 19.22 -23.44 -27.56
N GLU E 231 19.15 -22.66 -28.64
CA GLU E 231 19.93 -22.96 -29.84
C GLU E 231 21.42 -22.77 -29.59
N VAL E 232 21.80 -21.71 -28.88
CA VAL E 232 23.21 -21.51 -28.53
C VAL E 232 23.71 -22.68 -27.69
N LYS E 233 22.89 -23.18 -26.79
CA LYS E 233 23.28 -24.33 -25.97
C LYS E 233 23.59 -25.54 -26.84
N ASP E 234 22.76 -25.79 -27.86
CA ASP E 234 23.02 -26.92 -28.75
C ASP E 234 24.31 -26.73 -29.52
N LYS E 235 24.61 -25.48 -29.93
CA LYS E 235 25.85 -25.22 -30.66
C LYS E 235 27.06 -25.47 -29.77
N ILE E 236 26.99 -25.07 -28.50
CA ILE E 236 28.05 -25.39 -27.56
C ILE E 236 28.23 -26.90 -27.47
N LYS E 237 27.13 -27.63 -27.29
CA LYS E 237 27.20 -29.08 -27.18
C LYS E 237 27.87 -29.69 -28.41
N GLU E 238 27.45 -29.25 -29.60
CA GLU E 238 27.99 -29.81 -30.83
C GLU E 238 29.50 -29.56 -30.92
N ALA E 239 29.94 -28.34 -30.63
CA ALA E 239 31.35 -28.02 -30.70
C ALA E 239 32.17 -28.91 -29.77
N VAL E 240 31.63 -29.19 -28.58
CA VAL E 240 32.35 -30.01 -27.61
C VAL E 240 32.32 -31.48 -28.02
N GLU E 241 31.24 -31.93 -28.67
CA GLU E 241 31.22 -33.29 -29.20
C GLU E 241 32.36 -33.51 -30.19
N GLU E 242 32.51 -32.59 -31.13
CA GLU E 242 33.62 -32.67 -32.08
C GLU E 242 34.96 -32.69 -31.37
N LEU E 243 35.11 -31.86 -30.33
CA LEU E 243 36.37 -31.82 -29.59
C LEU E 243 36.64 -33.14 -28.87
N ALA E 244 35.61 -33.70 -28.23
CA ALA E 244 35.80 -34.93 -27.47
C ALA E 244 36.28 -36.06 -28.38
N LYS E 245 35.73 -36.14 -29.59
CA LYS E 245 36.13 -37.18 -30.53
C LYS E 245 37.62 -37.10 -30.87
N GLU E 246 38.24 -35.92 -30.71
CA GLU E 246 39.66 -35.76 -30.97
C GLU E 246 40.53 -36.26 -29.82
N ILE E 247 39.97 -36.46 -28.64
CA ILE E 247 40.74 -36.70 -27.43
C ILE E 247 40.58 -38.13 -26.94
N THR E 248 39.38 -38.70 -27.04
CA THR E 248 39.10 -39.98 -26.40
C THR E 248 38.12 -40.77 -27.24
N SER E 249 38.19 -42.09 -27.10
CA SER E 249 37.23 -43.00 -27.69
C SER E 249 36.20 -43.48 -26.68
N ARG E 250 36.16 -42.86 -25.51
CA ARG E 250 35.13 -43.14 -24.52
C ARG E 250 33.83 -42.44 -24.91
N LYS E 251 32.73 -42.94 -24.36
CA LYS E 251 31.45 -42.28 -24.52
C LYS E 251 31.45 -40.98 -23.71
N VAL E 252 31.02 -39.89 -24.34
CA VAL E 252 31.04 -38.57 -23.73
C VAL E 252 29.64 -37.98 -23.79
N ASN E 253 29.07 -37.70 -22.62
CA ASN E 253 27.80 -37.02 -22.49
C ASN E 253 28.04 -35.56 -22.10
N ILE E 254 27.42 -34.64 -22.83
CA ILE E 254 27.64 -33.21 -22.66
C ILE E 254 26.33 -32.55 -22.23
N TYR E 255 26.37 -31.80 -21.13
CA TYR E 255 25.23 -31.05 -20.63
C TYR E 255 25.62 -29.60 -20.46
N VAL E 256 24.74 -28.69 -20.90
CA VAL E 256 25.03 -27.26 -20.92
C VAL E 256 23.96 -26.54 -20.11
N ASN E 257 24.41 -25.82 -19.07
CA ASN E 257 23.53 -25.00 -18.22
C ASN E 257 22.33 -25.81 -17.74
N THR E 258 22.63 -26.75 -16.84
CA THR E 258 21.63 -27.70 -16.36
C THR E 258 20.58 -27.04 -15.47
N ALA E 259 20.88 -25.86 -14.91
CA ALA E 259 19.94 -25.18 -14.03
C ALA E 259 18.78 -24.55 -14.77
N ASP E 260 18.81 -24.54 -16.11
CA ASP E 260 17.76 -23.90 -16.88
C ASP E 260 16.41 -24.56 -16.64
N ASP E 261 15.36 -23.75 -16.68
CA ASP E 261 13.99 -24.22 -16.56
C ASP E 261 13.15 -23.41 -17.54
N PRO E 262 13.19 -23.76 -18.82
CA PRO E 262 12.46 -22.93 -19.81
C PRO E 262 10.99 -22.77 -19.50
N GLU E 263 10.34 -23.80 -18.96
CA GLU E 263 8.91 -23.70 -18.66
C GLU E 263 8.63 -22.65 -17.60
N ARG E 264 9.57 -22.43 -16.69
CA ARG E 264 9.41 -21.45 -15.61
C ARG E 264 10.22 -20.19 -15.84
N GLY E 265 10.75 -19.98 -17.03
CA GLY E 265 11.46 -18.76 -17.35
C GLY E 265 12.82 -18.60 -16.73
N ILE E 266 13.43 -19.69 -16.27
CA ILE E 266 14.78 -19.63 -15.70
C ILE E 266 15.78 -19.90 -16.82
N TYR E 267 16.65 -18.94 -17.09
CA TYR E 267 17.67 -19.06 -18.12
C TYR E 267 18.96 -18.46 -17.61
N TYR E 268 20.08 -19.07 -18.00
CA TYR E 268 21.40 -18.55 -17.63
C TYR E 268 21.85 -17.53 -18.68
N ILE E 269 21.14 -16.41 -18.70
CA ILE E 269 21.47 -15.29 -19.57
C ILE E 269 22.08 -14.18 -18.73
N THR E 270 23.02 -13.45 -19.32
CA THR E 270 23.72 -12.37 -18.64
C THR E 270 23.85 -11.19 -19.58
N VAL E 271 24.11 -10.02 -19.00
CA VAL E 271 24.28 -8.82 -19.81
C VAL E 271 25.70 -8.75 -20.38
N THR E 272 26.69 -9.14 -19.58
CA THR E 272 28.09 -8.97 -19.95
C THR E 272 28.81 -10.26 -20.26
N GLY E 273 28.21 -11.41 -20.00
CA GLY E 273 28.88 -12.68 -20.19
C GLY E 273 29.61 -13.21 -18.97
N THR E 274 29.47 -12.57 -17.81
CA THR E 274 30.07 -13.05 -16.58
C THR E 274 29.06 -12.95 -15.46
N SER E 275 28.95 -14.02 -14.65
CA SER E 275 28.04 -14.03 -13.52
C SER E 275 28.50 -13.11 -12.39
N ALA E 276 29.71 -12.56 -12.48
CA ALA E 276 30.14 -11.54 -11.53
C ALA E 276 29.22 -10.33 -11.56
N GLU E 277 28.51 -10.11 -12.66
CA GLU E 277 27.59 -8.98 -12.74
C GLU E 277 26.42 -9.14 -11.78
N ALA E 278 26.09 -10.37 -11.37
CA ALA E 278 24.85 -10.62 -10.64
C ALA E 278 25.09 -11.38 -9.34
N GLY E 279 25.02 -12.71 -9.39
CA GLY E 279 24.97 -13.50 -8.17
C GLY E 279 26.18 -14.36 -7.81
N ASP E 280 27.33 -14.14 -8.44
CA ASP E 280 28.54 -14.86 -8.06
C ASP E 280 29.66 -13.88 -7.76
N ASP E 281 30.42 -14.19 -6.72
CA ASP E 281 31.60 -13.42 -6.32
C ASP E 281 32.85 -14.24 -6.58
N GLY E 282 33.99 -13.57 -6.54
CA GLY E 282 35.26 -14.24 -6.77
C GLY E 282 36.37 -13.69 -5.89
N SER E 283 37.36 -14.53 -5.66
CA SER E 283 38.58 -14.14 -4.97
C SER E 283 39.71 -15.06 -5.41
N VAL E 284 40.94 -14.67 -5.06
CA VAL E 284 42.10 -15.36 -5.56
C VAL E 284 42.26 -16.71 -4.86
N GLY E 285 42.81 -17.69 -5.57
CA GLY E 285 43.09 -18.98 -4.99
C GLY E 285 41.88 -19.84 -4.75
N ARG E 286 40.76 -19.57 -5.40
CA ARG E 286 39.53 -20.32 -5.21
C ARG E 286 39.22 -21.23 -6.39
N GLY E 287 40.09 -21.29 -7.39
CA GLY E 287 39.80 -22.05 -8.59
C GLY E 287 40.95 -22.90 -9.09
N ASN E 288 41.32 -22.71 -10.35
CA ASN E 288 42.24 -23.60 -11.02
C ASN E 288 43.63 -23.56 -10.38
N ARG E 289 44.35 -24.67 -10.52
CA ARG E 289 45.76 -24.72 -10.17
C ARG E 289 46.58 -24.23 -11.36
N VAL E 290 47.91 -24.19 -11.18
CA VAL E 290 48.79 -23.67 -12.22
C VAL E 290 48.64 -24.43 -13.52
N ASN E 291 48.20 -25.69 -13.47
CA ASN E 291 47.94 -26.45 -14.69
C ASN E 291 46.58 -26.16 -15.28
N GLY E 292 45.81 -25.25 -14.69
CA GLY E 292 44.53 -24.83 -15.22
C GLY E 292 43.36 -25.71 -14.84
N LEU E 293 43.51 -26.61 -13.88
CA LEU E 293 42.47 -27.57 -13.56
C LEU E 293 42.33 -27.71 -12.06
N ILE E 294 41.16 -28.22 -11.65
CA ILE E 294 40.91 -28.65 -10.29
C ILE E 294 40.74 -30.16 -10.35
N THR E 295 41.69 -30.89 -9.74
CA THR E 295 41.80 -32.33 -9.94
C THR E 295 41.86 -33.03 -8.59
N PRO E 296 40.72 -33.42 -8.03
CA PRO E 296 40.74 -34.14 -6.75
C PRO E 296 41.29 -35.56 -6.85
N ASN E 297 41.33 -36.15 -8.06
CA ASN E 297 42.01 -37.42 -8.22
C ASN E 297 43.53 -37.29 -8.16
N ARG E 298 44.04 -36.07 -8.19
CA ARG E 298 45.47 -35.81 -8.15
C ARG E 298 45.84 -35.23 -6.79
N HIS E 299 47.09 -34.78 -6.66
CA HIS E 299 47.57 -34.12 -5.46
C HIS E 299 47.78 -32.65 -5.81
N MET E 300 47.04 -31.77 -5.14
CA MET E 300 47.03 -30.36 -5.45
C MET E 300 47.66 -29.56 -4.32
N SER E 301 48.18 -28.40 -4.67
CA SER E 301 48.60 -27.39 -3.70
C SER E 301 47.40 -26.50 -3.36
N MET E 302 47.30 -26.12 -2.09
CA MET E 302 46.32 -25.11 -1.71
C MET E 302 46.79 -23.70 -1.97
N GLU E 303 48.09 -23.52 -2.23
CA GLU E 303 48.65 -22.19 -2.37
C GLU E 303 48.13 -21.52 -3.64
N ALA E 304 47.59 -20.32 -3.48
CA ALA E 304 47.26 -19.50 -4.64
C ALA E 304 48.53 -18.99 -5.28
N ALA E 305 48.66 -19.17 -6.59
CA ALA E 305 49.83 -18.71 -7.31
C ALA E 305 49.62 -17.34 -7.92
N ALA E 306 48.38 -17.01 -8.30
CA ALA E 306 48.12 -15.75 -8.97
C ALA E 306 48.40 -14.58 -8.04
N GLY E 307 49.19 -13.62 -8.52
CA GLY E 307 49.50 -12.44 -7.76
C GLY E 307 50.76 -12.53 -6.92
N LYS E 308 51.32 -13.72 -6.75
CA LYS E 308 52.52 -13.87 -5.95
C LYS E 308 53.76 -13.51 -6.76
N ASN E 309 54.74 -12.94 -6.07
CA ASN E 309 55.93 -12.45 -6.76
C ASN E 309 56.62 -13.60 -7.48
N PRO E 310 56.88 -13.49 -8.78
CA PRO E 310 57.52 -14.61 -9.49
C PRO E 310 59.03 -14.73 -9.29
N VAL E 311 59.67 -13.82 -8.54
CA VAL E 311 61.12 -13.89 -8.39
C VAL E 311 61.45 -14.36 -6.98
N SER E 312 60.57 -14.02 -6.03
CA SER E 312 60.88 -14.30 -4.63
C SER E 312 59.99 -15.35 -3.99
N HIS E 313 58.76 -15.53 -4.43
CA HIS E 313 57.89 -16.49 -3.77
C HIS E 313 58.23 -17.90 -4.26
N VAL E 314 58.83 -18.68 -3.37
CA VAL E 314 59.30 -20.01 -3.72
C VAL E 314 58.14 -20.97 -3.97
N GLY E 315 57.02 -20.79 -3.26
CA GLY E 315 55.89 -21.66 -3.46
C GLY E 315 55.31 -21.56 -4.87
N LYS E 316 55.34 -20.36 -5.44
CA LYS E 316 54.81 -20.18 -6.79
C LYS E 316 55.74 -20.79 -7.83
N ILE E 317 57.04 -20.50 -7.71
CA ILE E 317 57.99 -21.00 -8.71
C ILE E 317 58.06 -22.52 -8.65
N TYR E 318 57.99 -23.10 -7.45
CA TYR E 318 58.08 -24.56 -7.32
C TYR E 318 56.86 -25.24 -7.91
N ASN E 319 55.67 -24.66 -7.70
CA ASN E 319 54.47 -25.25 -8.29
C ASN E 319 54.50 -25.18 -9.81
N ILE E 320 54.96 -24.06 -10.37
CA ILE E 320 55.14 -23.96 -11.81
C ILE E 320 56.25 -24.90 -12.26
N LEU E 321 57.37 -24.91 -11.53
CA LEU E 321 58.52 -25.71 -11.94
C LEU E 321 58.19 -27.20 -11.89
N ALA E 322 57.49 -27.64 -10.84
CA ALA E 322 57.07 -29.04 -10.75
C ALA E 322 56.20 -29.41 -11.95
N MET E 323 55.27 -28.55 -12.33
CA MET E 323 54.43 -28.80 -13.49
C MET E 323 55.29 -28.99 -14.75
N LEU E 324 56.22 -28.06 -15.00
CA LEU E 324 57.03 -28.12 -16.20
C LEU E 324 57.90 -29.36 -16.22
N ILE E 325 58.51 -29.70 -15.07
CA ILE E 325 59.34 -30.89 -15.00
C ILE E 325 58.52 -32.12 -15.34
N ALA E 326 57.34 -32.25 -14.72
CA ALA E 326 56.48 -33.40 -14.99
C ALA E 326 56.10 -33.46 -16.47
N GLU E 327 55.73 -32.32 -17.05
CA GLU E 327 55.32 -32.29 -18.45
C GLU E 327 56.46 -32.73 -19.36
N ASP E 328 57.66 -32.20 -19.14
CA ASP E 328 58.80 -32.59 -19.97
C ASP E 328 59.10 -34.08 -19.85
N ILE E 329 59.04 -34.62 -18.63
CA ILE E 329 59.26 -36.05 -18.44
C ILE E 329 58.19 -36.85 -19.18
N ALA E 330 56.93 -36.47 -18.98
CA ALA E 330 55.83 -37.23 -19.57
C ALA E 330 55.89 -37.25 -21.10
N LYS E 331 56.37 -36.16 -21.72
CA LYS E 331 56.42 -36.12 -23.18
C LYS E 331 57.67 -36.77 -23.73
N THR E 332 58.75 -36.89 -22.95
CA THR E 332 60.01 -37.39 -23.45
C THR E 332 60.31 -38.82 -23.03
N LEU E 333 59.75 -39.28 -21.91
CA LEU E 333 60.10 -40.58 -21.36
C LEU E 333 58.88 -41.48 -21.29
N PRO E 334 59.08 -42.81 -21.34
CA PRO E 334 57.95 -43.75 -21.33
C PRO E 334 57.37 -43.97 -19.93
N VAL E 335 56.50 -43.05 -19.51
CA VAL E 335 55.88 -43.10 -18.20
C VAL E 335 54.37 -43.07 -18.37
N GLU E 336 53.69 -43.92 -17.61
CA GLU E 336 52.23 -43.82 -17.50
C GLU E 336 51.85 -42.57 -16.73
N GLU E 337 52.54 -42.30 -15.62
CA GLU E 337 52.32 -41.10 -14.83
C GLU E 337 53.63 -40.69 -14.19
N VAL E 338 53.75 -39.40 -13.88
CA VAL E 338 54.88 -38.86 -13.16
C VAL E 338 54.36 -37.78 -12.22
N TYR E 339 54.72 -37.88 -10.94
CA TYR E 339 54.38 -36.85 -9.96
C TYR E 339 55.68 -36.21 -9.47
N VAL E 340 55.72 -34.89 -9.48
CA VAL E 340 56.89 -34.11 -9.10
C VAL E 340 56.54 -33.29 -7.87
N ARG E 341 57.36 -33.41 -6.83
CA ARG E 341 57.24 -32.61 -5.62
C ARG E 341 58.58 -31.98 -5.32
N ILE E 342 58.57 -30.68 -5.04
CA ILE E 342 59.79 -29.94 -4.77
C ILE E 342 59.65 -29.28 -3.41
N LEU E 343 60.59 -29.56 -2.51
CA LEU E 343 60.63 -28.98 -1.18
C LEU E 343 61.93 -28.20 -1.03
N SER E 344 61.83 -26.94 -0.59
CA SER E 344 63.01 -26.11 -0.42
C SER E 344 63.71 -26.45 0.90
N GLN E 345 65.00 -26.09 0.96
CA GLN E 345 65.81 -26.31 2.15
C GLN E 345 66.21 -24.97 2.73
N ILE E 346 65.99 -24.81 4.04
CA ILE E 346 66.21 -23.53 4.70
C ILE E 346 67.67 -23.09 4.52
N GLY E 347 67.85 -21.81 4.22
CA GLY E 347 69.17 -21.25 4.02
C GLY E 347 69.96 -21.84 2.88
N LYS E 348 69.31 -22.56 1.96
CA LYS E 348 69.94 -22.97 0.72
C LYS E 348 69.29 -22.26 -0.46
N PRO E 349 70.03 -21.98 -1.53
CA PRO E 349 69.40 -21.38 -2.70
C PRO E 349 68.29 -22.28 -3.24
N ILE E 350 67.24 -21.65 -3.75
CA ILE E 350 66.03 -22.39 -4.11
C ILE E 350 66.23 -23.30 -5.32
N ASP E 351 67.33 -23.15 -6.06
CA ASP E 351 67.68 -24.15 -7.05
C ASP E 351 68.30 -25.39 -6.42
N GLN E 352 68.59 -25.36 -5.13
N GLN E 352 68.60 -25.36 -5.12
CA GLN E 352 69.12 -26.52 -4.40
CA GLN E 352 69.11 -26.51 -4.39
C GLN E 352 68.08 -26.98 -3.39
C GLN E 352 68.07 -26.97 -3.39
N PRO E 353 66.97 -27.57 -3.85
CA PRO E 353 65.90 -27.94 -2.92
C PRO E 353 66.29 -29.02 -1.94
N LEU E 354 65.55 -29.08 -0.83
CA LEU E 354 65.73 -30.15 0.13
C LEU E 354 65.54 -31.51 -0.53
N VAL E 355 64.56 -31.60 -1.42
CA VAL E 355 64.33 -32.82 -2.18
C VAL E 355 63.41 -32.48 -3.34
N ALA E 356 63.70 -33.08 -4.50
CA ALA E 356 62.86 -32.98 -5.68
C ALA E 356 62.42 -34.42 -5.99
N SER E 357 61.29 -34.81 -5.43
CA SER E 357 60.80 -36.18 -5.57
C SER E 357 60.14 -36.34 -6.93
N ILE E 358 60.61 -37.31 -7.71
CA ILE E 358 60.05 -37.63 -9.00
C ILE E 358 59.57 -39.07 -8.92
N GLN E 359 58.26 -39.24 -8.72
CA GLN E 359 57.66 -40.56 -8.62
C GLN E 359 57.01 -40.89 -9.96
N VAL E 360 57.42 -42.00 -10.55
CA VAL E 360 57.08 -42.34 -11.93
C VAL E 360 56.43 -43.71 -11.95
N ILE E 361 55.32 -43.82 -12.67
CA ILE E 361 54.75 -45.11 -13.06
C ILE E 361 55.18 -45.40 -14.49
N PRO E 362 56.08 -46.34 -14.73
CA PRO E 362 56.54 -46.58 -16.10
C PRO E 362 55.46 -47.27 -16.92
N LYS E 363 55.51 -47.04 -18.24
CA LYS E 363 54.63 -47.76 -19.13
C LYS E 363 54.98 -49.25 -19.11
N PRO E 364 54.02 -50.13 -19.40
CA PRO E 364 54.30 -51.57 -19.38
C PRO E 364 55.48 -51.91 -20.27
N GLY E 365 56.35 -52.78 -19.76
CA GLY E 365 57.54 -53.18 -20.48
C GLY E 365 58.76 -52.33 -20.21
N HIS E 366 58.60 -51.20 -19.54
CA HIS E 366 59.70 -50.31 -19.20
C HIS E 366 59.94 -50.31 -17.70
N SER E 367 61.20 -50.09 -17.33
CA SER E 367 61.61 -49.95 -15.94
C SER E 367 62.21 -48.57 -15.73
N VAL E 368 62.03 -48.03 -14.53
CA VAL E 368 62.47 -46.67 -14.25
C VAL E 368 63.98 -46.53 -14.36
N LYS E 369 64.73 -47.57 -14.00
CA LYS E 369 66.18 -47.49 -14.13
C LYS E 369 66.61 -47.29 -15.58
N GLU E 370 65.74 -47.64 -16.54
CA GLU E 370 66.07 -47.46 -17.95
C GLU E 370 66.11 -45.99 -18.35
N PHE E 371 65.32 -45.15 -17.67
CA PHE E 371 65.25 -43.72 -17.98
C PHE E 371 65.44 -42.87 -16.73
N GLU E 372 66.00 -43.46 -15.67
CA GLU E 372 66.19 -42.73 -14.43
C GLU E 372 67.12 -41.53 -14.63
N LYS E 373 68.18 -41.70 -15.44
CA LYS E 373 69.11 -40.61 -15.67
C LYS E 373 68.47 -39.50 -16.50
N ASP E 374 67.57 -39.85 -17.42
CA ASP E 374 66.91 -38.83 -18.23
C ASP E 374 65.98 -37.97 -17.39
N ALA E 375 65.17 -38.60 -16.54
CA ALA E 375 64.28 -37.83 -15.67
C ALA E 375 65.08 -36.95 -14.72
N TYR E 376 66.18 -37.47 -14.17
CA TYR E 376 67.04 -36.64 -13.34
C TYR E 376 67.55 -35.43 -14.12
N SER E 377 68.04 -35.66 -15.34
CA SER E 377 68.60 -34.57 -16.13
C SER E 377 67.55 -33.49 -16.42
N ILE E 378 66.33 -33.91 -16.76
CA ILE E 378 65.27 -32.95 -17.04
C ILE E 378 65.01 -32.08 -15.83
N ALA E 379 64.79 -32.70 -14.66
CA ALA E 379 64.53 -31.94 -13.45
C ALA E 379 65.71 -31.07 -13.08
N ASP E 380 66.93 -31.58 -13.26
CA ASP E 380 68.12 -30.81 -12.94
C ASP E 380 68.23 -29.57 -13.82
N GLU E 381 67.87 -29.70 -15.10
CA GLU E 381 67.94 -28.56 -16.01
C GLU E 381 66.90 -27.50 -15.64
N TRP E 382 65.68 -27.92 -15.32
CA TRP E 382 64.65 -26.94 -14.94
C TRP E 382 65.02 -26.25 -13.64
N LEU E 383 65.51 -27.00 -12.65
CA LEU E 383 65.92 -26.40 -11.39
C LEU E 383 67.07 -25.43 -11.59
N ALA E 384 67.98 -25.73 -12.51
CA ALA E 384 69.08 -24.83 -12.81
C ALA E 384 68.65 -23.62 -13.63
N ASN E 385 67.46 -23.66 -14.24
CA ASN E 385 66.95 -22.58 -15.07
C ASN E 385 65.74 -21.89 -14.45
N ILE E 386 65.70 -21.80 -13.11
CA ILE E 386 64.62 -21.09 -12.45
C ILE E 386 64.48 -19.68 -13.04
N THR E 387 65.60 -19.07 -13.41
CA THR E 387 65.55 -17.72 -13.96
C THR E 387 64.81 -17.69 -15.29
N LYS E 388 65.04 -18.70 -16.14
CA LYS E 388 64.29 -18.78 -17.38
C LYS E 388 62.79 -18.86 -17.12
N VAL E 389 62.39 -19.68 -16.14
CA VAL E 389 60.97 -19.80 -15.81
C VAL E 389 60.42 -18.46 -15.35
N GLN E 390 61.15 -17.77 -14.49
CA GLN E 390 60.71 -16.47 -14.00
C GLN E 390 60.44 -15.52 -15.16
N LYS E 391 61.40 -15.41 -16.09
CA LYS E 391 61.19 -14.56 -17.26
C LYS E 391 60.03 -15.07 -18.10
N MET E 392 59.89 -16.38 -18.23
CA MET E 392 58.74 -16.94 -18.94
C MET E 392 57.43 -16.48 -18.29
N ILE E 393 57.41 -16.37 -16.96
CA ILE E 393 56.21 -15.89 -16.28
C ILE E 393 55.96 -14.43 -16.62
N LEU E 394 56.99 -13.58 -16.52
CA LEU E 394 56.82 -12.17 -16.81
C LEU E 394 56.48 -11.93 -18.27
N GLU E 395 56.98 -12.77 -19.17
CA GLU E 395 56.66 -12.66 -20.59
C GLU E 395 55.34 -13.34 -20.95
N ASP E 396 54.55 -13.71 -19.94
CA ASP E 396 53.22 -14.28 -20.14
C ASP E 396 53.26 -15.55 -20.99
N LYS E 397 54.36 -16.30 -20.88
CA LYS E 397 54.51 -17.56 -21.61
C LYS E 397 53.96 -18.77 -20.86
N ILE E 398 53.62 -18.61 -19.58
CA ILE E 398 53.03 -19.69 -18.80
C ILE E 398 51.95 -19.10 -17.91
N SER E 399 50.85 -19.83 -17.79
CA SER E 399 49.72 -19.42 -16.97
C SER E 399 49.82 -20.02 -15.56
N VAL E 400 49.12 -19.38 -14.63
CA VAL E 400 49.10 -19.81 -13.24
C VAL E 400 47.70 -20.20 -12.79
N PHE E 401 46.76 -20.31 -13.72
CA PHE E 401 45.39 -20.72 -13.41
C PHE E 401 44.64 -21.04 -14.70
N ALA F 2 19.53 -46.39 -6.07
CA ALA F 2 19.26 -45.42 -7.14
C ALA F 2 20.26 -44.27 -7.10
N ARG F 3 20.98 -44.15 -5.99
CA ARG F 3 22.00 -43.11 -5.87
C ARG F 3 23.30 -43.60 -6.50
N ASN F 4 23.98 -42.68 -7.20
CA ASN F 4 25.19 -43.00 -7.95
C ASN F 4 26.39 -43.11 -7.00
N ILE F 5 26.33 -44.13 -6.14
CA ILE F 5 27.39 -44.42 -5.19
C ILE F 5 28.27 -45.51 -5.80
N VAL F 6 29.56 -45.21 -5.95
CA VAL F 6 30.51 -46.11 -6.58
C VAL F 6 31.64 -46.37 -5.60
N VAL F 7 31.80 -47.63 -5.21
CA VAL F 7 32.90 -48.06 -4.35
C VAL F 7 33.89 -48.81 -5.21
N GLU F 8 35.17 -48.43 -5.11
CA GLU F 8 36.22 -49.08 -5.88
C GLU F 8 37.44 -49.28 -5.00
N GLU F 9 38.27 -50.24 -5.39
CA GLU F 9 39.56 -50.47 -4.75
C GLU F 9 40.64 -49.70 -5.51
N ILE F 10 41.57 -49.12 -4.76
CA ILE F 10 42.71 -48.42 -5.34
C ILE F 10 43.99 -49.00 -4.75
N VAL F 11 45.01 -49.14 -5.58
CA VAL F 11 46.33 -49.56 -5.16
C VAL F 11 47.20 -48.32 -5.00
N ARG F 12 47.81 -48.17 -3.83
CA ARG F 12 48.82 -47.13 -3.62
C ARG F 12 49.43 -47.22 -2.23
N THR F 13 50.67 -46.77 -2.08
CA THR F 13 51.30 -46.77 -0.78
C THR F 13 50.48 -45.93 0.21
N PRO F 14 50.03 -46.50 1.33
CA PRO F 14 49.33 -45.67 2.33
C PRO F 14 50.19 -44.50 2.77
N VAL F 15 49.53 -43.41 3.14
CA VAL F 15 50.25 -42.19 3.54
C VAL F 15 51.23 -42.49 4.67
N GLU F 16 50.80 -43.28 5.66
CA GLU F 16 51.68 -43.63 6.76
C GLU F 16 52.95 -44.32 6.26
N MET F 17 52.89 -44.95 5.08
CA MET F 17 54.03 -45.67 4.52
C MET F 17 54.83 -44.84 3.52
N GLN F 18 54.28 -43.72 3.05
CA GLN F 18 55.01 -42.88 2.12
C GLN F 18 56.22 -42.24 2.80
N GLN F 19 57.26 -41.98 2.01
CA GLN F 19 58.52 -41.53 2.58
C GLN F 19 58.43 -40.06 2.99
N VAL F 20 57.74 -39.23 2.22
CA VAL F 20 57.65 -37.79 2.47
C VAL F 20 56.19 -37.42 2.62
N GLU F 21 55.85 -36.84 3.76
CA GLU F 21 54.50 -36.37 4.05
C GLU F 21 54.57 -34.93 4.54
N LEU F 22 53.74 -34.07 3.97
CA LEU F 22 53.69 -32.66 4.32
C LEU F 22 52.27 -32.30 4.73
N VAL F 23 52.14 -31.66 5.89
CA VAL F 23 50.84 -31.25 6.43
C VAL F 23 50.99 -29.86 7.01
N GLU F 24 49.95 -29.03 6.84
CA GLU F 24 49.95 -27.68 7.34
C GLU F 24 48.57 -27.35 7.91
N ARG F 25 48.56 -26.50 8.94
CA ARG F 25 47.32 -25.97 9.48
C ARG F 25 47.49 -24.48 9.77
N LYS F 26 46.52 -23.69 9.34
CA LYS F 26 46.49 -22.26 9.62
C LYS F 26 45.56 -22.03 10.81
N GLY F 27 46.12 -21.59 11.93
CA GLY F 27 45.35 -21.45 13.15
C GLY F 27 44.27 -20.41 13.04
N ILE F 28 43.49 -20.34 14.12
CA ILE F 28 42.28 -19.51 14.14
C ILE F 28 42.63 -18.05 13.88
N GLY F 29 43.74 -17.58 14.42
CA GLY F 29 44.15 -16.20 14.25
C GLY F 29 44.87 -15.89 12.96
N HIS F 30 45.10 -16.89 12.11
CA HIS F 30 45.75 -16.63 10.84
C HIS F 30 44.81 -15.84 9.94
N PRO F 31 45.31 -14.83 9.21
CA PRO F 31 44.39 -13.97 8.42
C PRO F 31 43.43 -14.74 7.54
N ASP F 32 43.92 -15.75 6.81
CA ASP F 32 43.02 -16.58 6.01
C ASP F 32 41.97 -17.25 6.88
N SER F 33 42.37 -17.76 8.05
CA SER F 33 41.41 -18.38 8.95
C SER F 33 40.48 -17.34 9.57
N ILE F 34 40.98 -16.13 9.80
CA ILE F 34 40.11 -15.04 10.23
C ILE F 34 39.02 -14.79 9.20
N ALA F 35 39.41 -14.73 7.93
CA ALA F 35 38.43 -14.53 6.86
C ALA F 35 37.42 -15.66 6.82
N ASP F 36 37.89 -16.90 6.92
CA ASP F 36 36.99 -18.04 6.96
C ASP F 36 36.04 -17.95 8.14
N GLY F 37 36.57 -17.72 9.34
CA GLY F 37 35.73 -17.67 10.52
C GLY F 37 34.70 -16.56 10.45
N ILE F 38 35.11 -15.38 9.99
CA ILE F 38 34.17 -14.28 9.83
C ILE F 38 33.07 -14.67 8.84
N ALA F 39 33.45 -15.21 7.69
CA ALA F 39 32.48 -15.64 6.71
C ALA F 39 31.46 -16.58 7.32
N GLU F 40 31.92 -17.58 8.08
CA GLU F 40 31.01 -18.55 8.66
C GLU F 40 30.11 -17.89 9.72
N ALA F 41 30.69 -17.02 10.55
CA ALA F 41 29.89 -16.34 11.56
C ALA F 41 28.82 -15.46 10.91
N VAL F 42 29.16 -14.79 9.81
CA VAL F 42 28.17 -13.97 9.10
C VAL F 42 27.05 -14.86 8.57
N SER F 43 27.41 -15.97 7.93
CA SER F 43 26.40 -16.87 7.38
C SER F 43 25.45 -17.37 8.46
N ARG F 44 26.01 -17.82 9.59
CA ARG F 44 25.18 -18.35 10.66
C ARG F 44 24.29 -17.27 11.26
N ALA F 45 24.81 -16.05 11.42
CA ALA F 45 23.99 -14.96 11.94
C ALA F 45 22.83 -14.65 11.01
N LEU F 46 23.07 -14.66 9.69
CA LEU F 46 22.00 -14.42 8.74
C LEU F 46 20.96 -15.53 8.79
N CYS F 47 21.39 -16.79 8.88
CA CYS F 47 20.44 -17.89 9.03
C CYS F 47 19.53 -17.65 10.22
N ARG F 48 20.10 -17.41 11.40
CA ARG F 48 19.31 -17.22 12.60
C ARG F 48 18.35 -16.05 12.45
N GLU F 49 18.82 -14.96 11.85
CA GLU F 49 17.97 -13.77 11.73
C GLU F 49 16.88 -13.97 10.70
N TYR F 50 17.20 -14.62 9.58
CA TYR F 50 16.16 -14.97 8.62
C TYR F 50 15.07 -15.82 9.28
N ILE F 51 15.46 -16.80 10.08
CA ILE F 51 14.49 -17.64 10.76
C ILE F 51 13.73 -16.84 11.80
N ARG F 52 14.45 -15.99 12.56
CA ARG F 52 13.79 -15.21 13.62
C ARG F 52 12.73 -14.29 13.05
N ARG F 53 12.98 -13.70 11.88
CA ARG F 53 12.07 -12.73 11.30
C ARG F 53 11.02 -13.36 10.40
N TYR F 54 11.38 -14.42 9.67
CA TYR F 54 10.48 -15.02 8.69
C TYR F 54 10.27 -16.51 8.90
N GLY F 55 10.93 -17.12 9.89
CA GLY F 55 10.76 -18.54 10.14
C GLY F 55 11.33 -19.43 9.06
N VAL F 56 12.18 -18.90 8.18
CA VAL F 56 12.77 -19.69 7.10
C VAL F 56 14.09 -19.05 6.72
N ILE F 57 15.03 -19.88 6.26
CA ILE F 57 16.31 -19.39 5.78
C ILE F 57 16.16 -18.93 4.34
N LEU F 58 16.59 -17.71 4.06
CA LEU F 58 16.58 -17.17 2.71
C LEU F 58 17.98 -17.30 2.10
N HIS F 59 18.05 -17.13 0.79
CA HIS F 59 19.30 -17.34 0.07
C HIS F 59 20.39 -16.39 0.58
N HIS F 60 21.60 -16.91 0.68
CA HIS F 60 22.76 -16.12 1.08
C HIS F 60 24.02 -16.98 1.06
N ASN F 61 25.13 -16.42 0.59
CA ASN F 61 26.43 -17.08 0.67
C ASN F 61 27.47 -15.99 0.92
N THR F 62 27.95 -15.91 2.16
CA THR F 62 28.94 -14.91 2.56
C THR F 62 30.34 -15.52 2.63
N ASP F 63 30.66 -16.39 1.68
CA ASP F 63 31.97 -17.03 1.62
C ASP F 63 33.00 -16.10 0.96
N GLN F 64 32.86 -14.80 1.19
CA GLN F 64 33.71 -13.81 0.54
C GLN F 64 34.06 -12.77 1.59
N VAL F 65 35.24 -12.90 2.19
CA VAL F 65 35.74 -11.96 3.20
C VAL F 65 37.18 -11.67 2.86
N GLU F 66 37.54 -10.38 2.87
CA GLU F 66 38.89 -9.93 2.55
C GLU F 66 39.46 -9.24 3.78
N VAL F 67 40.53 -9.80 4.33
CA VAL F 67 41.23 -9.20 5.46
C VAL F 67 42.42 -8.46 4.91
N VAL F 68 42.38 -7.14 4.94
CA VAL F 68 43.46 -6.29 4.47
C VAL F 68 44.31 -5.92 5.68
N GLY F 69 45.56 -6.38 5.70
CA GLY F 69 46.41 -6.16 6.86
C GLY F 69 46.60 -4.69 7.14
N GLY F 70 46.71 -4.37 8.43
CA GLY F 70 46.99 -3.02 8.88
C GLY F 70 48.48 -2.78 9.06
N ARG F 71 48.80 -1.87 9.97
CA ARG F 71 50.17 -1.59 10.35
C ARG F 71 50.26 -1.47 11.86
N ALA F 72 51.36 -1.95 12.43
CA ALA F 72 51.52 -1.92 13.87
C ALA F 72 52.98 -1.77 14.21
N TYR F 73 53.24 -1.26 15.42
CA TYR F 73 54.58 -1.13 15.98
C TYR F 73 54.62 -1.95 17.26
N PRO F 74 54.86 -3.26 17.16
CA PRO F 74 54.93 -4.08 18.36
C PRO F 74 56.12 -3.71 19.22
N ARG F 75 55.90 -3.67 20.53
CA ARG F 75 56.93 -3.33 21.49
C ARG F 75 56.79 -4.22 22.71
N PHE F 76 57.92 -4.72 23.22
CA PHE F 76 57.90 -5.48 24.45
C PHE F 76 57.24 -4.66 25.56
N GLY F 77 56.29 -5.27 26.24
CA GLY F 77 55.50 -4.60 27.26
C GLY F 77 54.21 -3.98 26.75
N GLY F 78 54.04 -3.88 25.44
CA GLY F 78 52.82 -3.34 24.87
C GLY F 78 53.08 -2.41 23.70
N GLY F 79 52.70 -2.84 22.50
CA GLY F 79 52.83 -2.04 21.31
C GLY F 79 51.55 -1.33 20.96
N GLU F 80 51.43 -0.95 19.69
CA GLU F 80 50.25 -0.24 19.20
C GLU F 80 50.05 -0.57 17.74
N VAL F 81 48.79 -0.65 17.33
CA VAL F 81 48.46 -0.63 15.91
C VAL F 81 48.40 0.82 15.46
N VAL F 82 49.03 1.12 14.33
CA VAL F 82 49.08 2.47 13.81
C VAL F 82 48.06 2.68 12.70
N LYS F 83 47.84 1.67 11.87
CA LYS F 83 46.81 1.71 10.85
C LYS F 83 45.90 0.51 11.05
N PRO F 84 44.59 0.69 11.20
CA PRO F 84 43.73 -0.45 11.54
C PRO F 84 43.61 -1.47 10.40
N ILE F 85 43.22 -2.67 10.79
CA ILE F 85 42.86 -3.71 9.83
C ILE F 85 41.56 -3.33 9.14
N TYR F 86 41.50 -3.52 7.83
CA TYR F 86 40.29 -3.29 7.06
C TYR F 86 39.75 -4.64 6.60
N ILE F 87 38.50 -4.93 6.94
CA ILE F 87 37.85 -6.18 6.59
C ILE F 87 36.64 -5.86 5.72
N LEU F 88 36.62 -6.40 4.51
CA LEU F 88 35.50 -6.24 3.59
C LEU F 88 34.66 -7.50 3.61
N LEU F 89 33.41 -7.37 4.03
CA LEU F 89 32.45 -8.47 3.98
C LEU F 89 31.76 -8.44 2.63
N SER F 90 31.83 -9.57 1.91
CA SER F 90 31.18 -9.68 0.61
C SER F 90 30.33 -10.93 0.56
N GLY F 91 29.85 -11.28 -0.63
CA GLY F 91 28.90 -12.36 -0.78
C GLY F 91 27.55 -11.86 -1.24
N ARG F 92 26.54 -12.69 -1.04
CA ARG F 92 25.17 -12.32 -1.37
C ARG F 92 24.24 -12.75 -0.24
N ALA F 93 23.16 -11.99 -0.09
CA ALA F 93 22.12 -12.29 0.89
C ALA F 93 20.85 -11.58 0.46
N VAL F 94 19.71 -12.11 0.88
CA VAL F 94 18.42 -11.50 0.56
C VAL F 94 18.26 -10.27 1.45
N GLU F 95 18.19 -9.09 0.80
CA GLU F 95 18.01 -7.85 1.53
C GLU F 95 16.59 -7.32 1.44
N LEU F 96 15.82 -7.72 0.43
CA LEU F 96 14.43 -7.30 0.28
C LEU F 96 13.54 -8.52 0.42
N VAL F 97 12.70 -8.53 1.45
CA VAL F 97 11.79 -9.64 1.75
C VAL F 97 10.39 -9.06 1.79
N ASP F 98 9.61 -9.26 0.74
CA ASP F 98 8.24 -8.78 0.67
C ASP F 98 8.17 -7.27 0.93
N GLN F 99 8.94 -6.53 0.12
CA GLN F 99 8.91 -5.07 0.10
C GLN F 99 9.62 -4.43 1.30
N GLU F 100 9.86 -5.18 2.37
CA GLU F 100 10.57 -4.65 3.53
C GLU F 100 12.04 -5.05 3.46
N LEU F 101 12.88 -4.23 4.08
CA LEU F 101 14.33 -4.35 3.96
C LEU F 101 14.89 -5.16 5.13
N PHE F 102 15.81 -6.08 4.80
CA PHE F 102 16.45 -6.94 5.79
C PHE F 102 17.80 -6.34 6.20
N PRO F 103 18.10 -6.22 7.51
CA PRO F 103 19.36 -5.57 7.90
C PRO F 103 20.59 -6.42 7.63
N VAL F 104 20.86 -6.69 6.36
CA VAL F 104 21.99 -7.55 5.99
C VAL F 104 23.27 -7.04 6.62
N HIS F 105 23.61 -5.77 6.36
CA HIS F 105 24.90 -5.25 6.75
C HIS F 105 25.03 -5.12 8.26
N GLU F 106 23.94 -4.74 8.93
CA GLU F 106 23.97 -4.65 10.38
C GLU F 106 24.24 -6.01 11.01
N VAL F 107 23.55 -7.04 10.53
CA VAL F 107 23.77 -8.40 11.06
C VAL F 107 25.17 -8.87 10.73
N ALA F 108 25.59 -8.72 9.47
CA ALA F 108 26.87 -9.26 9.04
C ALA F 108 28.02 -8.62 9.80
N ILE F 109 28.01 -7.28 9.92
CA ILE F 109 29.08 -6.59 10.62
C ILE F 109 29.08 -6.96 12.10
N LYS F 110 27.89 -7.04 12.70
CA LYS F 110 27.81 -7.43 14.11
C LYS F 110 28.38 -8.83 14.32
N ALA F 111 28.07 -9.75 13.40
CA ALA F 111 28.61 -11.11 13.51
C ALA F 111 30.11 -11.11 13.33
N ALA F 112 30.61 -10.36 12.34
CA ALA F 112 32.05 -10.27 12.12
C ALA F 112 32.75 -9.71 13.34
N LYS F 113 32.22 -8.64 13.92
CA LYS F 113 32.84 -8.03 15.09
C LYS F 113 32.82 -8.97 16.28
N ASN F 114 31.66 -9.57 16.57
CA ASN F 114 31.56 -10.47 17.72
C ASN F 114 32.48 -11.69 17.55
N TYR F 115 32.60 -12.21 16.33
CA TYR F 115 33.51 -13.33 16.11
C TYR F 115 34.96 -12.93 16.39
N LEU F 116 35.37 -11.75 15.93
CA LEU F 116 36.72 -11.29 16.22
C LEU F 116 36.92 -11.08 17.71
N LYS F 117 35.92 -10.53 18.39
CA LYS F 117 36.04 -10.30 19.83
C LYS F 117 36.26 -11.61 20.58
N ASN F 118 35.55 -12.67 20.18
CA ASN F 118 35.68 -13.96 20.85
C ASN F 118 36.84 -14.80 20.33
N ALA F 119 37.36 -14.48 19.14
CA ALA F 119 38.42 -15.29 18.55
C ALA F 119 39.80 -14.74 18.86
N ILE F 120 39.97 -13.43 18.82
CA ILE F 120 41.26 -12.79 19.08
C ILE F 120 41.13 -12.03 20.40
N ARG F 121 41.79 -12.53 21.44
CA ARG F 121 41.55 -11.98 22.78
C ARG F 121 42.10 -10.56 22.90
N HIS F 122 43.27 -10.30 22.32
CA HIS F 122 43.97 -9.04 22.49
C HIS F 122 43.75 -8.07 21.33
N LEU F 123 42.71 -8.29 20.53
CA LEU F 123 42.39 -7.41 19.43
C LEU F 123 41.29 -6.45 19.85
N ASP F 124 41.58 -5.15 19.80
CA ASP F 124 40.57 -4.12 20.08
C ASP F 124 39.78 -3.92 18.78
N VAL F 125 38.67 -4.66 18.67
CA VAL F 125 37.91 -4.67 17.42
C VAL F 125 37.39 -3.28 17.08
N GLU F 126 37.05 -2.48 18.10
CA GLU F 126 36.41 -1.20 17.85
C GLU F 126 37.38 -0.14 17.31
N ASN F 127 38.67 -0.29 17.59
CA ASN F 127 39.67 0.68 17.16
C ASN F 127 40.74 0.12 16.25
N HIS F 128 40.95 -1.21 16.23
CA HIS F 128 41.95 -1.83 15.39
C HIS F 128 41.40 -2.36 14.08
N VAL F 129 40.08 -2.34 13.90
CA VAL F 129 39.46 -3.00 12.76
C VAL F 129 38.41 -2.07 12.17
N ILE F 130 38.40 -1.96 10.84
CA ILE F 130 37.32 -1.34 10.09
C ILE F 130 36.62 -2.47 9.34
N ILE F 131 35.32 -2.62 9.57
CA ILE F 131 34.53 -3.65 8.91
C ILE F 131 33.48 -2.96 8.06
N ASP F 132 33.65 -3.05 6.74
CA ASP F 132 32.67 -2.57 5.78
C ASP F 132 32.04 -3.76 5.07
N SER F 133 30.81 -3.57 4.59
CA SER F 133 30.06 -4.63 3.94
C SER F 133 29.60 -4.17 2.57
N ARG F 134 29.82 -5.01 1.55
CA ARG F 134 29.30 -4.78 0.21
C ARG F 134 28.49 -5.97 -0.27
N ILE F 135 27.87 -6.69 0.67
CA ILE F 135 27.03 -7.83 0.32
C ILE F 135 25.85 -7.36 -0.51
N GLY F 136 25.69 -7.94 -1.69
CA GLY F 136 24.56 -7.68 -2.56
C GLY F 136 23.50 -8.76 -2.44
N GLN F 137 22.44 -8.61 -3.23
CA GLN F 137 21.41 -9.63 -3.33
C GLN F 137 21.65 -10.44 -4.60
N GLY F 138 21.49 -11.75 -4.49
CA GLY F 138 21.91 -12.65 -5.55
C GLY F 138 21.01 -12.62 -6.77
N SER F 139 21.56 -13.16 -7.86
CA SER F 139 20.87 -13.21 -9.14
C SER F 139 19.51 -13.85 -9.01
N VAL F 140 18.56 -13.37 -9.84
CA VAL F 140 17.18 -13.82 -9.80
C VAL F 140 17.00 -15.25 -10.29
N ASP F 141 18.01 -15.83 -10.95
CA ASP F 141 17.89 -17.22 -11.39
C ASP F 141 18.42 -18.18 -10.33
N LEU F 142 19.61 -17.92 -9.79
CA LEU F 142 20.14 -18.77 -8.73
C LEU F 142 19.24 -18.75 -7.51
N VAL F 143 18.68 -17.58 -7.17
CA VAL F 143 17.78 -17.48 -6.03
C VAL F 143 16.55 -18.36 -6.25
N SER F 144 16.09 -18.47 -7.50
CA SER F 144 14.92 -19.30 -7.79
C SER F 144 15.20 -20.76 -7.47
N VAL F 145 16.41 -21.24 -7.78
CA VAL F 145 16.78 -22.60 -7.44
C VAL F 145 16.79 -22.78 -5.92
N PHE F 146 17.27 -21.76 -5.20
CA PHE F 146 17.28 -21.83 -3.75
C PHE F 146 15.86 -21.83 -3.19
N ASN F 147 14.94 -21.11 -3.83
CA ASN F 147 13.57 -20.98 -3.36
C ASN F 147 12.76 -22.27 -3.49
N LYS F 148 13.33 -23.34 -4.03
CA LYS F 148 12.60 -24.60 -4.19
C LYS F 148 12.33 -25.29 -2.86
N ALA F 149 11.82 -24.55 -1.87
CA ALA F 149 11.42 -25.15 -0.61
C ALA F 149 10.03 -25.75 -0.73
N ARG F 150 9.80 -26.88 -0.05
CA ARG F 150 8.51 -27.58 -0.05
C ARG F 150 8.16 -28.11 -1.44
N GLU F 151 8.35 -27.30 -2.48
CA GLU F 151 8.27 -27.82 -3.83
C GLU F 151 9.29 -28.95 -4.01
N ASN F 152 10.41 -28.87 -3.30
CA ASN F 152 11.43 -29.92 -3.28
C ASN F 152 11.88 -30.08 -1.84
N PRO F 153 11.34 -31.06 -1.10
CA PRO F 153 11.74 -31.21 0.31
C PRO F 153 13.23 -31.26 0.53
N ILE F 154 13.97 -31.95 -0.33
CA ILE F 154 15.43 -31.93 -0.32
C ILE F 154 15.86 -30.76 -1.19
N PRO F 155 16.65 -29.82 -0.68
CA PRO F 155 17.02 -28.66 -1.50
C PRO F 155 17.75 -29.08 -2.76
N LEU F 156 17.58 -28.30 -3.82
CA LEU F 156 18.30 -28.55 -5.06
C LEU F 156 19.69 -27.95 -4.98
N ALA F 157 20.62 -28.57 -5.69
CA ALA F 157 22.00 -28.10 -5.67
C ALA F 157 22.10 -26.77 -6.39
N ASN F 158 22.75 -25.80 -5.75
CA ASN F 158 22.91 -24.48 -6.36
C ASN F 158 24.10 -24.39 -7.30
N ASP F 159 24.95 -25.41 -7.34
CA ASP F 159 26.11 -25.38 -8.21
C ASP F 159 26.48 -26.80 -8.62
N THR F 160 27.30 -26.88 -9.67
CA THR F 160 27.90 -28.14 -10.12
C THR F 160 29.31 -28.19 -9.54
N SER F 161 29.42 -28.79 -8.36
CA SER F 161 30.67 -28.78 -7.61
C SER F 161 30.80 -30.09 -6.85
N PHE F 162 32.02 -30.39 -6.41
CA PHE F 162 32.29 -31.63 -5.70
C PHE F 162 32.97 -31.33 -4.36
N GLY F 163 32.70 -32.22 -3.40
CA GLY F 163 33.35 -32.16 -2.11
C GLY F 163 34.18 -33.41 -1.90
N VAL F 164 35.29 -33.25 -1.19
CA VAL F 164 36.28 -34.31 -1.04
C VAL F 164 36.64 -34.46 0.43
N GLY F 165 36.58 -35.69 0.93
CA GLY F 165 37.02 -35.99 2.27
C GLY F 165 37.74 -37.33 2.29
N TYR F 166 38.35 -37.62 3.44
CA TYR F 166 39.14 -38.84 3.56
C TYR F 166 39.26 -39.19 5.03
N ALA F 167 39.65 -40.44 5.28
CA ALA F 167 39.83 -40.94 6.63
C ALA F 167 40.57 -42.27 6.55
N PRO F 168 41.29 -42.68 7.62
CA PRO F 168 41.51 -41.91 8.84
C PRO F 168 42.64 -40.90 8.68
N LEU F 169 42.87 -40.07 9.70
CA LEU F 169 43.98 -39.14 9.69
C LEU F 169 45.28 -39.85 10.05
N SER F 170 46.36 -39.46 9.40
CA SER F 170 47.67 -40.00 9.71
C SER F 170 48.17 -39.43 11.03
N GLU F 171 49.28 -39.98 11.52
CA GLU F 171 49.90 -39.47 12.74
C GLU F 171 50.37 -38.03 12.56
N THR F 172 50.98 -37.73 11.42
CA THR F 172 51.44 -36.37 11.16
C THR F 172 50.27 -35.40 11.06
N GLU F 173 49.18 -35.84 10.41
CA GLU F 173 47.99 -35.01 10.31
C GLU F 173 47.40 -34.72 11.68
N ARG F 174 47.21 -35.76 12.50
CA ARG F 174 46.68 -35.54 13.83
C ARG F 174 47.62 -34.70 14.68
N LEU F 175 48.93 -34.84 14.46
CA LEU F 175 49.90 -34.04 15.20
C LEU F 175 49.76 -32.57 14.86
N VAL F 176 49.72 -32.24 13.57
CA VAL F 176 49.54 -30.84 13.15
C VAL F 176 48.21 -30.31 13.67
N LEU F 177 47.14 -31.07 13.48
CA LEU F 177 45.82 -30.61 13.88
C LEU F 177 45.78 -30.32 15.38
N GLU F 178 46.20 -31.28 16.20
CA GLU F 178 46.10 -31.14 17.64
C GLU F 178 47.09 -30.15 18.21
N THR F 179 48.22 -29.90 17.52
CA THR F 179 49.13 -28.87 17.97
C THR F 179 48.48 -27.50 17.95
N GLU F 180 47.86 -27.15 16.81
CA GLU F 180 47.17 -25.87 16.70
C GLU F 180 46.01 -25.79 17.69
N LYS F 181 45.17 -26.82 17.74
CA LYS F 181 44.04 -26.80 18.65
C LYS F 181 44.49 -26.70 20.09
N LEU F 182 45.61 -27.36 20.44
CA LEU F 182 46.13 -27.27 21.79
C LEU F 182 46.57 -25.84 22.10
N LEU F 183 47.41 -25.26 21.24
CA LEU F 183 47.92 -23.91 21.48
C LEU F 183 46.82 -22.87 21.41
N ASN F 184 45.69 -23.16 20.77
CA ASN F 184 44.58 -22.24 20.69
C ASN F 184 43.42 -22.65 21.60
N SER F 185 43.62 -23.63 22.47
CA SER F 185 42.58 -24.05 23.40
C SER F 185 42.51 -23.08 24.58
N GLU F 186 41.32 -23.02 25.18
CA GLU F 186 41.11 -22.10 26.31
C GLU F 186 42.06 -22.41 27.45
N LYS F 187 42.29 -23.70 27.74
CA LYS F 187 43.17 -24.08 28.84
C LYS F 187 44.59 -23.56 28.61
N PHE F 188 45.15 -23.85 27.42
CA PHE F 188 46.52 -23.42 27.14
C PHE F 188 46.63 -21.91 27.11
N LYS F 189 45.59 -21.23 26.62
CA LYS F 189 45.61 -19.77 26.61
C LYS F 189 45.59 -19.21 28.04
N LYS F 190 44.79 -19.81 28.91
CA LYS F 190 44.74 -19.35 30.30
C LYS F 190 46.10 -19.49 30.98
N GLU F 191 46.82 -20.58 30.67
CA GLU F 191 48.13 -20.79 31.27
C GLU F 191 49.21 -19.93 30.63
N TYR F 192 49.08 -19.60 29.36
CA TYR F 192 50.07 -18.81 28.63
C TYR F 192 49.36 -17.75 27.81
N PRO F 193 48.93 -16.65 28.44
CA PRO F 193 48.24 -15.60 27.69
C PRO F 193 49.09 -14.97 26.60
N ALA F 194 50.41 -15.13 26.64
CA ALA F 194 51.28 -14.49 25.65
C ALA F 194 51.14 -15.11 24.27
N VAL F 195 50.66 -16.34 24.17
CA VAL F 195 50.55 -17.01 22.88
C VAL F 195 49.33 -16.46 22.16
N GLY F 196 49.55 -15.76 21.06
CA GLY F 196 48.46 -15.26 20.24
C GLY F 196 47.72 -16.39 19.56
N GLU F 197 46.73 -16.00 18.75
CA GLU F 197 45.91 -16.97 18.05
C GLU F 197 46.39 -17.26 16.64
N ASP F 198 47.22 -16.40 16.07
CA ASP F 198 47.75 -16.60 14.72
C ASP F 198 48.87 -17.63 14.81
N ILE F 199 48.50 -18.90 14.65
CA ILE F 199 49.42 -20.02 14.77
C ILE F 199 49.45 -20.79 13.46
N LYS F 200 50.66 -21.00 12.94
CA LYS F 200 50.89 -21.80 11.75
C LYS F 200 51.65 -23.06 12.16
N VAL F 201 51.13 -24.23 11.80
CA VAL F 201 51.76 -25.51 12.13
C VAL F 201 52.03 -26.25 10.82
N MET F 202 53.29 -26.59 10.60
CA MET F 202 53.71 -27.40 9.46
C MET F 202 54.37 -28.66 9.97
N GLY F 203 53.83 -29.81 9.59
CA GLY F 203 54.46 -31.09 9.87
C GLY F 203 55.06 -31.68 8.61
N LEU F 204 56.38 -31.86 8.60
CA LEU F 204 57.09 -32.46 7.47
C LEU F 204 57.72 -33.76 7.96
N ARG F 205 57.20 -34.88 7.49
CA ARG F 205 57.73 -36.19 7.85
C ARG F 205 58.58 -36.74 6.70
N ARG F 206 59.80 -37.16 7.03
CA ARG F 206 60.69 -37.84 6.08
CA ARG F 206 60.69 -37.84 6.08
C ARG F 206 61.11 -39.15 6.73
N GLY F 207 60.39 -40.22 6.40
CA GLY F 207 60.62 -41.51 7.02
C GLY F 207 59.90 -41.61 8.35
N ASN F 208 60.66 -41.79 9.43
CA ASN F 208 60.10 -41.84 10.77
C ASN F 208 60.56 -40.65 11.62
N GLU F 209 60.88 -39.53 10.96
CA GLU F 209 61.28 -38.31 11.64
C GLU F 209 60.41 -37.17 11.13
N ILE F 210 59.75 -36.48 12.07
CA ILE F 210 58.83 -35.40 11.74
C ILE F 210 59.46 -34.09 12.21
N ASP F 211 59.51 -33.12 11.30
CA ASP F 211 59.85 -31.74 11.65
C ASP F 211 58.55 -30.97 11.78
N LEU F 212 58.26 -30.48 12.98
CA LEU F 212 57.03 -29.74 13.26
C LEU F 212 57.43 -28.29 13.49
N THR F 213 57.23 -27.45 12.48
CA THR F 213 57.56 -26.04 12.55
C THR F 213 56.32 -25.25 12.95
N ILE F 214 56.44 -24.46 14.02
CA ILE F 214 55.35 -23.67 14.56
C ILE F 214 55.70 -22.20 14.43
N ALA F 215 54.80 -21.43 13.83
CA ALA F 215 54.87 -19.98 13.83
C ALA F 215 53.74 -19.47 14.69
N ALA F 216 54.05 -18.97 15.88
CA ALA F 216 53.05 -18.55 16.85
C ALA F 216 53.25 -17.08 17.17
N ALA F 217 52.26 -16.26 16.81
CA ALA F 217 52.30 -14.84 17.14
C ALA F 217 52.20 -14.67 18.65
N ILE F 218 53.16 -13.97 19.24
CA ILE F 218 53.20 -13.73 20.67
C ILE F 218 52.72 -12.30 20.94
N VAL F 219 51.86 -12.15 21.93
CA VAL F 219 51.31 -10.85 22.28
C VAL F 219 52.38 -10.08 23.04
N ASP F 220 52.76 -8.91 22.52
CA ASP F 220 53.89 -8.18 23.08
C ASP F 220 53.59 -7.59 24.45
N SER F 221 52.32 -7.38 24.79
CA SER F 221 51.96 -6.90 26.13
C SER F 221 52.07 -7.98 27.19
N GLU F 222 52.23 -9.24 26.79
CA GLU F 222 52.37 -10.35 27.73
C GLU F 222 53.82 -10.77 27.92
N VAL F 223 54.74 -10.22 27.13
CA VAL F 223 56.17 -10.46 27.28
C VAL F 223 56.85 -9.11 27.39
N ALA F 224 57.49 -8.86 28.54
CA ALA F 224 58.13 -7.58 28.78
C ALA F 224 59.55 -7.50 28.26
N THR F 225 60.19 -8.64 28.00
CA THR F 225 61.58 -8.66 27.59
C THR F 225 61.76 -9.77 26.56
N PRO F 226 62.85 -9.72 25.79
CA PRO F 226 63.15 -10.86 24.90
C PRO F 226 63.28 -12.19 25.63
N LYS F 227 63.76 -12.18 26.88
CA LYS F 227 63.93 -13.42 27.61
C LYS F 227 62.59 -14.09 27.90
N GLU F 228 61.60 -13.30 28.33
CA GLU F 228 60.27 -13.86 28.52
C GLU F 228 59.72 -14.41 27.21
N TYR F 229 60.04 -13.75 26.09
CA TYR F 229 59.57 -14.23 24.79
C TYR F 229 60.15 -15.60 24.47
N LEU F 230 61.46 -15.76 24.66
CA LEU F 230 62.09 -17.05 24.41
C LEU F 230 61.55 -18.11 25.36
N GLU F 231 61.23 -17.73 26.59
CA GLU F 231 60.65 -18.69 27.53
C GLU F 231 59.27 -19.14 27.09
N VAL F 232 58.46 -18.22 26.55
CA VAL F 232 57.17 -18.61 25.99
C VAL F 232 57.37 -19.61 24.86
N LYS F 233 58.38 -19.39 24.01
CA LYS F 233 58.67 -20.34 22.94
C LYS F 233 59.00 -21.71 23.52
N ASP F 234 59.81 -21.75 24.58
CA ASP F 234 60.16 -23.02 25.19
C ASP F 234 58.93 -23.72 25.75
N LYS F 235 58.01 -22.96 26.34
CA LYS F 235 56.78 -23.56 26.87
C LYS F 235 55.92 -24.13 25.76
N ILE F 236 55.84 -23.42 24.63
CA ILE F 236 55.18 -23.98 23.45
C ILE F 236 55.85 -25.29 23.06
N LYS F 237 57.19 -25.26 22.94
CA LYS F 237 57.92 -26.46 22.56
C LYS F 237 57.62 -27.62 23.52
N GLU F 238 57.67 -27.35 24.82
CA GLU F 238 57.45 -28.40 25.82
C GLU F 238 56.05 -28.98 25.69
N ALA F 239 55.03 -28.12 25.59
CA ALA F 239 53.66 -28.59 25.50
C ALA F 239 53.47 -29.49 24.28
N VAL F 240 54.07 -29.12 23.15
CA VAL F 240 53.92 -29.91 21.94
C VAL F 240 54.73 -31.19 22.03
N GLU F 241 55.88 -31.16 22.72
CA GLU F 241 56.62 -32.39 22.96
C GLU F 241 55.76 -33.41 23.70
N GLU F 242 55.10 -32.98 24.76
CA GLU F 242 54.20 -33.87 25.49
C GLU F 242 53.08 -34.38 24.59
N LEU F 243 52.51 -33.51 23.77
CA LEU F 243 51.43 -33.92 22.88
C LEU F 243 51.93 -34.89 21.81
N ALA F 244 53.11 -34.61 21.25
CA ALA F 244 53.64 -35.47 20.18
C ALA F 244 53.85 -36.90 20.67
N LYS F 245 54.37 -37.06 21.89
CA LYS F 245 54.56 -38.40 22.43
C LYS F 245 53.24 -39.15 22.55
N GLU F 246 52.13 -38.42 22.72
CA GLU F 246 50.83 -39.05 22.84
C GLU F 246 50.23 -39.44 21.49
N ILE F 247 50.73 -38.85 20.41
CA ILE F 247 50.15 -39.05 19.09
C ILE F 247 51.01 -39.95 18.21
N THR F 248 52.34 -39.88 18.33
CA THR F 248 53.23 -40.61 17.44
C THR F 248 54.49 -41.01 18.19
N SER F 249 54.95 -42.23 17.92
CA SER F 249 56.22 -42.72 18.44
C SER F 249 57.40 -42.33 17.57
N ARG F 250 57.14 -41.75 16.40
CA ARG F 250 58.22 -41.28 15.54
C ARG F 250 59.00 -40.15 16.23
N LYS F 251 60.22 -39.94 15.75
CA LYS F 251 61.02 -38.82 16.22
C LYS F 251 60.40 -37.52 15.73
N VAL F 252 60.19 -36.58 16.67
CA VAL F 252 59.52 -35.33 16.38
C VAL F 252 60.46 -34.19 16.78
N ASN F 253 60.86 -33.39 15.79
CA ASN F 253 61.64 -32.18 16.03
C ASN F 253 60.71 -30.99 15.94
N ILE F 254 60.71 -30.16 16.99
CA ILE F 254 59.79 -29.04 17.10
C ILE F 254 60.59 -27.75 17.01
N TYR F 255 60.19 -26.88 16.09
CA TYR F 255 60.81 -25.58 15.89
C TYR F 255 59.73 -24.52 16.00
N VAL F 256 60.02 -23.45 16.75
CA VAL F 256 59.04 -22.41 17.05
C VAL F 256 59.60 -21.08 16.53
N ASN F 257 58.83 -20.45 15.63
CA ASN F 257 59.17 -19.13 15.10
C ASN F 257 60.61 -19.10 14.57
N THR F 258 60.78 -19.80 13.45
CA THR F 258 62.11 -19.94 12.84
C THR F 258 62.66 -18.64 12.30
N ALA F 259 61.81 -17.65 12.01
CA ALA F 259 62.30 -16.38 11.50
C ALA F 259 62.95 -15.51 12.57
N ASP F 260 62.87 -15.91 13.85
CA ASP F 260 63.44 -15.13 14.93
C ASP F 260 64.96 -15.06 14.79
N ASP F 261 65.51 -13.91 15.20
CA ASP F 261 66.95 -13.72 15.25
C ASP F 261 67.27 -12.84 16.47
N PRO F 262 67.40 -13.45 17.65
CA PRO F 262 67.63 -12.63 18.86
C PRO F 262 68.81 -11.68 18.74
N GLU F 263 69.87 -12.09 18.05
CA GLU F 263 71.03 -11.20 17.90
C GLU F 263 70.67 -9.96 17.10
N ARG F 264 69.66 -10.04 16.25
CA ARG F 264 69.22 -8.90 15.45
C ARG F 264 67.98 -8.23 16.03
N GLY F 265 67.54 -8.65 17.21
CA GLY F 265 66.31 -8.10 17.78
C GLY F 265 65.06 -8.47 17.04
N ILE F 266 65.11 -9.51 16.20
CA ILE F 266 63.97 -9.93 15.40
C ILE F 266 63.18 -10.97 16.19
N TYR F 267 61.92 -10.64 16.49
CA TYR F 267 61.06 -11.49 17.29
C TYR F 267 59.66 -11.47 16.71
N TYR F 268 58.98 -12.62 16.76
CA TYR F 268 57.60 -12.70 16.27
C TYR F 268 56.64 -12.27 17.37
N ILE F 269 56.70 -10.98 17.68
CA ILE F 269 55.78 -10.37 18.65
C ILE F 269 54.79 -9.52 17.89
N THR F 270 53.57 -9.44 18.44
CA THR F 270 52.50 -8.67 17.83
C THR F 270 51.75 -7.93 18.92
N VAL F 271 51.05 -6.87 18.50
CA VAL F 271 50.25 -6.09 19.44
C VAL F 271 48.94 -6.80 19.76
N THR F 272 48.34 -7.47 18.78
CA THR F 272 47.03 -8.06 18.92
C THR F 272 47.04 -9.59 18.96
N GLY F 273 48.16 -10.22 18.65
CA GLY F 273 48.22 -11.66 18.56
C GLY F 273 47.94 -12.22 17.18
N THR F 274 47.76 -11.36 16.17
CA THR F 274 47.54 -11.80 14.81
C THR F 274 48.38 -10.96 13.86
N SER F 275 49.02 -11.62 12.89
CA SER F 275 49.82 -10.92 11.90
C SER F 275 48.98 -10.06 10.96
N ALA F 276 47.65 -10.16 11.02
CA ALA F 276 46.80 -9.27 10.24
C ALA F 276 47.01 -7.82 10.64
N GLU F 277 47.51 -7.56 11.85
CA GLU F 277 47.81 -6.19 12.26
C GLU F 277 48.97 -5.60 11.46
N ALA F 278 49.82 -6.45 10.87
CA ALA F 278 51.07 -5.99 10.28
C ALA F 278 51.21 -6.37 8.82
N GLY F 279 50.31 -5.88 7.97
CA GLY F 279 50.47 -6.02 6.54
C GLY F 279 50.31 -7.42 5.97
N ASP F 280 49.69 -8.34 6.71
CA ASP F 280 49.41 -9.68 6.22
C ASP F 280 47.92 -9.81 5.95
N ASP F 281 47.59 -10.34 4.78
CA ASP F 281 46.21 -10.36 4.30
C ASP F 281 45.65 -11.77 4.35
N GLY F 282 44.31 -11.84 4.34
CA GLY F 282 43.63 -13.11 4.33
C GLY F 282 42.36 -13.02 3.51
N SER F 283 41.89 -14.19 3.08
CA SER F 283 40.61 -14.28 2.38
C SER F 283 40.08 -15.70 2.55
N VAL F 284 38.80 -15.88 2.20
CA VAL F 284 38.12 -17.13 2.44
C VAL F 284 38.65 -18.22 1.51
N GLY F 285 38.68 -19.45 2.02
CA GLY F 285 39.05 -20.59 1.21
C GLY F 285 40.52 -20.67 0.86
N ARG F 286 41.37 -19.97 1.62
CA ARG F 286 42.81 -19.95 1.35
C ARG F 286 43.60 -20.81 2.32
N GLY F 287 42.93 -21.52 3.22
CA GLY F 287 43.62 -22.31 4.22
C GLY F 287 43.07 -23.71 4.38
N ASN F 288 42.68 -24.04 5.60
CA ASN F 288 42.34 -25.41 5.96
C ASN F 288 41.08 -25.87 5.23
N ARG F 289 41.02 -27.19 5.01
CA ARG F 289 39.79 -27.82 4.53
C ARG F 289 38.85 -28.05 5.71
N VAL F 290 37.70 -28.66 5.42
CA VAL F 290 36.69 -28.85 6.47
C VAL F 290 37.25 -29.70 7.61
N ASN F 291 38.23 -30.56 7.31
CA ASN F 291 38.87 -31.37 8.34
C ASN F 291 39.94 -30.61 9.11
N GLY F 292 40.18 -29.34 8.78
CA GLY F 292 41.10 -28.51 9.52
C GLY F 292 42.56 -28.61 9.09
N LEU F 293 42.84 -29.22 7.94
CA LEU F 293 44.22 -29.46 7.55
C LEU F 293 44.41 -29.16 6.07
N ILE F 294 45.67 -28.91 5.70
CA ILE F 294 46.11 -28.79 4.32
C ILE F 294 47.05 -29.95 4.06
N THR F 295 46.63 -30.88 3.20
CA THR F 295 47.29 -32.17 3.04
C THR F 295 47.54 -32.49 1.56
N PRO F 296 48.70 -32.10 1.02
CA PRO F 296 48.99 -32.44 -0.37
C PRO F 296 49.25 -33.93 -0.61
N ASN F 297 49.59 -34.70 0.42
CA ASN F 297 49.69 -36.15 0.26
C ASN F 297 48.31 -36.80 0.13
N ARG F 298 47.25 -36.06 0.40
CA ARG F 298 45.89 -36.54 0.34
C ARG F 298 45.21 -35.93 -0.90
N HIS F 299 43.89 -35.99 -0.93
CA HIS F 299 43.10 -35.36 -1.97
C HIS F 299 42.14 -34.37 -1.34
N MET F 300 41.97 -33.24 -1.99
CA MET F 300 41.18 -32.14 -1.45
CA MET F 300 41.18 -32.14 -1.45
C MET F 300 40.25 -31.59 -2.53
N SER F 301 39.29 -30.80 -2.08
CA SER F 301 38.43 -30.03 -2.96
C SER F 301 38.82 -28.58 -2.87
N MET F 302 38.77 -27.86 -3.99
CA MET F 302 39.04 -26.43 -3.96
C MET F 302 37.85 -25.63 -3.47
N GLU F 303 36.70 -26.26 -3.26
CA GLU F 303 35.53 -25.56 -2.77
C GLU F 303 35.77 -25.12 -1.32
N ALA F 304 35.68 -23.82 -1.08
CA ALA F 304 35.68 -23.30 0.27
C ALA F 304 34.37 -23.65 0.95
N ALA F 305 34.44 -23.92 2.26
CA ALA F 305 33.23 -24.20 3.04
C ALA F 305 32.76 -23.01 3.84
N ALA F 306 33.67 -22.17 4.33
CA ALA F 306 33.29 -21.11 5.25
C ALA F 306 32.38 -20.09 4.56
N GLY F 307 31.29 -19.74 5.24
CA GLY F 307 30.38 -18.72 4.77
C GLY F 307 29.27 -19.21 3.88
N LYS F 308 29.33 -20.43 3.39
CA LYS F 308 28.31 -20.95 2.48
C LYS F 308 27.11 -21.44 3.29
N ASN F 309 25.91 -21.19 2.76
CA ASN F 309 24.71 -21.55 3.49
C ASN F 309 24.62 -23.07 3.64
N PRO F 310 24.28 -23.57 4.83
CA PRO F 310 24.26 -25.02 5.07
C PRO F 310 23.05 -25.74 4.51
N VAL F 311 22.18 -25.08 3.74
CA VAL F 311 20.94 -25.69 3.28
C VAL F 311 21.07 -26.25 1.88
N SER F 312 21.63 -25.48 0.96
CA SER F 312 21.68 -25.86 -0.45
C SER F 312 23.07 -25.85 -1.06
N HIS F 313 24.05 -25.14 -0.48
CA HIS F 313 25.35 -25.00 -1.12
C HIS F 313 26.15 -26.29 -0.94
N VAL F 314 26.39 -26.97 -2.06
CA VAL F 314 27.04 -28.29 -2.00
C VAL F 314 28.52 -28.16 -1.63
N GLY F 315 29.18 -27.09 -2.09
CA GLY F 315 30.59 -26.92 -1.75
C GLY F 315 30.87 -27.11 -0.28
N LYS F 316 29.98 -26.61 0.57
CA LYS F 316 30.09 -26.80 2.01
C LYS F 316 29.51 -28.15 2.43
N ILE F 317 28.32 -28.48 1.92
CA ILE F 317 27.61 -29.66 2.39
C ILE F 317 28.35 -30.92 2.00
N TYR F 318 28.86 -30.98 0.76
CA TYR F 318 29.50 -32.20 0.28
C TYR F 318 30.89 -32.40 0.87
N ASN F 319 31.64 -31.33 1.09
CA ASN F 319 32.93 -31.48 1.76
C ASN F 319 32.76 -32.04 3.16
N ILE F 320 31.75 -31.56 3.88
CA ILE F 320 31.44 -32.11 5.20
C ILE F 320 30.94 -33.54 5.08
N LEU F 321 30.00 -33.77 4.15
CA LEU F 321 29.41 -35.09 4.01
C LEU F 321 30.46 -36.11 3.59
N ALA F 322 31.34 -35.73 2.65
CA ALA F 322 32.41 -36.63 2.23
C ALA F 322 33.32 -36.98 3.41
N MET F 323 33.68 -35.97 4.22
CA MET F 323 34.48 -36.23 5.41
C MET F 323 33.77 -37.20 6.35
N LEU F 324 32.47 -36.96 6.58
CA LEU F 324 31.72 -37.81 7.50
C LEU F 324 31.57 -39.22 6.97
N ILE F 325 31.28 -39.37 5.68
CA ILE F 325 31.20 -40.71 5.09
C ILE F 325 32.53 -41.43 5.23
N ALA F 326 33.63 -40.73 4.92
CA ALA F 326 34.94 -41.34 5.06
C ALA F 326 35.20 -41.76 6.50
N GLU F 327 34.85 -40.89 7.46
CA GLU F 327 35.09 -41.20 8.87
C GLU F 327 34.31 -42.44 9.29
N ASP F 328 33.04 -42.54 8.89
CA ASP F 328 32.24 -43.71 9.25
C ASP F 328 32.81 -44.97 8.63
N ILE F 329 33.21 -44.90 7.36
CA ILE F 329 33.80 -46.07 6.69
C ILE F 329 35.07 -46.48 7.42
N ALA F 330 35.94 -45.51 7.73
CA ALA F 330 37.22 -45.83 8.35
C ALA F 330 37.04 -46.47 9.72
N LYS F 331 36.03 -46.03 10.48
CA LYS F 331 35.83 -46.54 11.83
C LYS F 331 35.08 -47.87 11.84
N THR F 332 34.32 -48.17 10.79
CA THR F 332 33.45 -49.34 10.77
C THR F 332 33.95 -50.47 9.88
N LEU F 333 34.74 -50.17 8.86
CA LEU F 333 35.13 -51.18 7.88
C LEU F 333 36.65 -51.33 7.84
N PRO F 334 37.15 -52.50 7.43
CA PRO F 334 38.61 -52.74 7.43
C PRO F 334 39.32 -52.07 6.24
N VAL F 335 39.59 -50.77 6.40
CA VAL F 335 40.25 -49.99 5.37
C VAL F 335 41.45 -49.28 5.99
N GLU F 336 42.58 -49.30 5.28
CA GLU F 336 43.70 -48.44 5.67
C GLU F 336 43.38 -46.98 5.38
N GLU F 337 42.78 -46.71 4.22
CA GLU F 337 42.41 -45.36 3.83
C GLU F 337 41.13 -45.42 3.01
N VAL F 338 40.36 -44.35 3.05
CA VAL F 338 39.15 -44.20 2.24
C VAL F 338 39.05 -42.74 1.81
N TYR F 339 38.86 -42.52 0.51
CA TYR F 339 38.63 -41.19 -0.01
C TYR F 339 37.23 -41.12 -0.60
N VAL F 340 36.47 -40.11 -0.20
CA VAL F 340 35.08 -39.94 -0.63
C VAL F 340 35.00 -38.65 -1.43
N ARG F 341 34.44 -38.73 -2.64
CA ARG F 341 34.23 -37.57 -3.48
C ARG F 341 32.80 -37.58 -4.00
N ILE F 342 32.10 -36.47 -3.79
CA ILE F 342 30.68 -36.34 -4.12
C ILE F 342 30.53 -35.17 -5.07
N LEU F 343 29.91 -35.40 -6.23
CA LEU F 343 29.70 -34.37 -7.23
C LEU F 343 28.20 -34.14 -7.41
N SER F 344 27.77 -32.91 -7.23
CA SER F 344 26.39 -32.50 -7.47
C SER F 344 26.22 -32.05 -8.91
N GLN F 345 24.96 -31.96 -9.34
CA GLN F 345 24.58 -31.30 -10.58
C GLN F 345 23.61 -30.18 -10.22
N ILE F 346 23.90 -28.98 -10.72
CA ILE F 346 23.22 -27.77 -10.26
C ILE F 346 21.70 -27.81 -10.39
N GLY F 347 21.14 -28.81 -11.07
CA GLY F 347 19.69 -28.88 -11.21
C GLY F 347 19.05 -30.11 -10.62
N LYS F 348 19.81 -30.86 -9.81
CA LYS F 348 19.30 -32.06 -9.17
C LYS F 348 19.35 -31.93 -7.65
N PRO F 349 18.48 -32.65 -6.93
CA PRO F 349 18.52 -32.59 -5.46
C PRO F 349 19.89 -32.99 -4.92
N ILE F 350 20.26 -32.36 -3.79
CA ILE F 350 21.58 -32.59 -3.22
C ILE F 350 21.73 -34.00 -2.65
N ASP F 351 20.62 -34.69 -2.37
CA ASP F 351 20.69 -36.08 -1.96
C ASP F 351 20.85 -37.03 -3.15
N GLN F 352 20.66 -36.54 -4.37
CA GLN F 352 20.87 -37.33 -5.57
C GLN F 352 22.12 -36.85 -6.28
N PRO F 353 23.31 -37.09 -5.72
CA PRO F 353 24.53 -36.58 -6.36
C PRO F 353 24.75 -37.23 -7.72
N LEU F 354 25.46 -36.51 -8.58
CA LEU F 354 25.84 -37.08 -9.87
C LEU F 354 26.73 -38.30 -9.69
N VAL F 355 27.54 -38.32 -8.63
CA VAL F 355 28.31 -39.50 -8.26
C VAL F 355 28.80 -39.33 -6.83
N ALA F 356 28.84 -40.45 -6.11
CA ALA F 356 29.43 -40.51 -4.77
C ALA F 356 30.54 -41.55 -4.84
N SER F 357 31.75 -41.11 -5.17
CA SER F 357 32.88 -42.00 -5.36
C SER F 357 33.53 -42.34 -4.02
N ILE F 358 33.73 -43.63 -3.78
CA ILE F 358 34.39 -44.13 -2.58
C ILE F 358 35.58 -44.96 -3.04
N GLN F 359 36.78 -44.43 -2.89
CA GLN F 359 38.00 -45.16 -3.17
C GLN F 359 38.61 -45.61 -1.85
N VAL F 360 38.91 -46.90 -1.75
CA VAL F 360 39.31 -47.52 -0.50
C VAL F 360 40.61 -48.28 -0.70
N ILE F 361 41.54 -48.13 0.23
CA ILE F 361 42.68 -49.02 0.38
C ILE F 361 42.34 -49.99 1.50
N PRO F 362 42.09 -51.27 1.22
CA PRO F 362 41.76 -52.19 2.32
C PRO F 362 42.98 -52.51 3.17
N LYS F 363 42.71 -52.83 4.43
CA LYS F 363 43.78 -53.29 5.30
C LYS F 363 44.32 -54.64 4.79
N PRO F 364 45.60 -54.92 5.05
CA PRO F 364 46.19 -56.18 4.56
C PRO F 364 45.35 -57.38 4.97
N GLY F 365 45.14 -58.29 4.01
CA GLY F 365 44.34 -59.48 4.25
C GLY F 365 42.87 -59.34 3.91
N HIS F 366 42.39 -58.12 3.67
CA HIS F 366 40.99 -57.88 3.36
C HIS F 366 40.85 -57.47 1.89
N SER F 367 39.69 -57.79 1.32
CA SER F 367 39.33 -57.38 -0.02
C SER F 367 38.07 -56.52 0.04
N VAL F 368 37.98 -55.55 -0.87
CA VAL F 368 36.86 -54.61 -0.86
C VAL F 368 35.55 -55.32 -1.12
N LYS F 369 35.59 -56.43 -1.87
CA LYS F 369 34.37 -57.20 -2.11
C LYS F 369 33.73 -57.66 -0.81
N GLU F 370 34.50 -57.76 0.28
CA GLU F 370 33.95 -58.21 1.55
C GLU F 370 33.03 -57.17 2.18
N PHE F 371 33.31 -55.88 1.97
CA PHE F 371 32.58 -54.81 2.65
C PHE F 371 32.14 -53.69 1.71
N GLU F 372 32.20 -53.91 0.39
CA GLU F 372 31.86 -52.83 -0.54
C GLU F 372 30.42 -52.36 -0.34
N LYS F 373 29.50 -53.28 -0.11
CA LYS F 373 28.10 -52.91 0.09
C LYS F 373 27.89 -52.21 1.42
N ASP F 374 28.72 -52.52 2.43
CA ASP F 374 28.63 -51.79 3.68
C ASP F 374 29.01 -50.33 3.49
N ALA F 375 30.09 -50.06 2.75
CA ALA F 375 30.45 -48.68 2.43
C ALA F 375 29.36 -48.01 1.59
N TYR F 376 28.79 -48.75 0.64
CA TYR F 376 27.66 -48.24 -0.13
C TYR F 376 26.53 -47.81 0.80
N SER F 377 26.21 -48.64 1.80
CA SER F 377 25.14 -48.31 2.73
C SER F 377 25.48 -47.06 3.54
N ILE F 378 26.74 -46.93 3.96
CA ILE F 378 27.14 -45.75 4.73
C ILE F 378 26.88 -44.48 3.93
N ALA F 379 27.38 -44.43 2.70
CA ALA F 379 27.19 -43.25 1.87
C ALA F 379 25.72 -43.04 1.54
N ASP F 380 24.99 -44.12 1.28
CA ASP F 380 23.57 -43.99 0.95
C ASP F 380 22.79 -43.43 2.12
N GLU F 381 23.11 -43.85 3.34
CA GLU F 381 22.42 -43.32 4.52
C GLU F 381 22.75 -41.85 4.74
N TRP F 382 24.02 -41.47 4.57
CA TRP F 382 24.39 -40.08 4.72
C TRP F 382 23.72 -39.21 3.66
N LEU F 383 23.70 -39.67 2.41
CA LEU F 383 23.01 -38.92 1.37
C LEU F 383 21.52 -38.86 1.62
N ALA F 384 20.94 -39.91 2.22
CA ALA F 384 19.53 -39.89 2.56
C ALA F 384 19.23 -38.99 3.75
N ASN F 385 20.23 -38.70 4.59
CA ASN F 385 20.07 -37.83 5.74
C ASN F 385 20.89 -36.55 5.60
N ILE F 386 21.16 -36.14 4.35
CA ILE F 386 21.96 -34.94 4.09
C ILE F 386 21.40 -33.73 4.81
N THR F 387 20.08 -33.68 5.00
CA THR F 387 19.46 -32.49 5.60
C THR F 387 19.93 -32.27 7.03
N LYS F 388 20.20 -33.35 7.77
CA LYS F 388 20.66 -33.18 9.15
C LYS F 388 21.96 -32.38 9.22
N VAL F 389 22.78 -32.43 8.16
CA VAL F 389 24.01 -31.64 8.15
C VAL F 389 23.70 -30.18 8.41
N GLN F 390 22.59 -29.69 7.86
CA GLN F 390 22.17 -28.32 8.12
C GLN F 390 22.09 -28.04 9.61
N LYS F 391 21.36 -28.87 10.34
CA LYS F 391 21.21 -28.67 11.78
C LYS F 391 22.56 -28.76 12.48
N MET F 392 23.45 -29.64 12.00
CA MET F 392 24.79 -29.72 12.57
C MET F 392 25.52 -28.39 12.44
N ILE F 393 25.31 -27.67 11.33
CA ILE F 393 25.99 -26.39 11.13
C ILE F 393 25.44 -25.34 12.08
N LEU F 394 24.12 -25.13 12.05
CA LEU F 394 23.52 -24.04 12.82
C LEU F 394 23.68 -24.26 14.32
N GLU F 395 23.73 -25.51 14.76
CA GLU F 395 23.93 -25.81 16.17
C GLU F 395 25.41 -25.82 16.56
N ASP F 396 26.30 -25.32 15.69
CA ASP F 396 27.72 -25.19 16.01
C ASP F 396 28.33 -26.55 16.37
N LYS F 397 27.86 -27.62 15.74
CA LYS F 397 28.34 -28.96 16.03
C LYS F 397 29.55 -29.36 15.20
N ILE F 398 29.89 -28.60 14.15
CA ILE F 398 30.99 -28.96 13.27
C ILE F 398 31.66 -27.68 12.78
N SER F 399 32.97 -27.71 12.67
CA SER F 399 33.74 -26.62 12.09
C SER F 399 33.98 -26.89 10.61
N VAL F 400 34.25 -25.81 9.87
CA VAL F 400 34.46 -25.88 8.42
C VAL F 400 35.88 -25.49 8.03
N PHE F 401 36.77 -25.34 8.99
CA PHE F 401 38.16 -25.01 8.70
C PHE F 401 39.02 -25.22 9.94
N ALA G 2 50.65 50.65 14.10
CA ALA G 2 51.34 50.14 12.92
C ALA G 2 50.50 49.09 12.20
N ARG G 3 49.46 48.60 12.87
CA ARG G 3 48.58 47.60 12.29
C ARG G 3 47.50 48.30 11.46
N ASN G 4 47.25 47.76 10.27
CA ASN G 4 46.33 48.38 9.31
C ASN G 4 44.89 48.08 9.71
N ILE G 5 44.50 48.62 10.85
CA ILE G 5 43.12 48.54 11.34
C ILE G 5 42.42 49.82 10.94
N VAL G 6 41.34 49.71 10.17
CA VAL G 6 40.62 50.85 9.61
C VAL G 6 39.21 50.84 10.16
N VAL G 7 38.86 51.86 10.93
CA VAL G 7 37.53 52.01 11.49
C VAL G 7 36.80 53.06 10.66
N GLU G 8 35.65 52.68 10.10
N GLU G 8 35.66 52.69 10.08
CA GLU G 8 34.84 53.57 9.27
CA GLU G 8 34.86 53.59 9.28
C GLU G 8 33.39 53.47 9.70
C GLU G 8 33.39 53.48 9.69
N GLU G 9 32.70 54.61 9.68
CA GLU G 9 31.26 54.60 9.89
C GLU G 9 30.58 54.19 8.60
N ILE G 10 29.52 53.41 8.72
CA ILE G 10 28.72 52.99 7.57
C ILE G 10 27.28 53.39 7.81
N VAL G 11 26.65 53.93 6.78
CA VAL G 11 25.23 54.26 6.81
C VAL G 11 24.50 53.14 6.09
N ARG G 12 23.62 52.44 6.80
CA ARG G 12 22.84 51.40 6.17
C ARG G 12 21.74 50.96 7.12
N THR G 13 20.65 50.48 6.54
CA THR G 13 19.52 49.99 7.32
C THR G 13 19.97 48.85 8.23
N PRO G 14 19.89 49.01 9.55
CA PRO G 14 20.23 47.89 10.44
C PRO G 14 19.37 46.67 10.15
N VAL G 15 19.95 45.49 10.38
CA VAL G 15 19.21 44.24 10.15
C VAL G 15 17.93 44.25 10.97
N GLU G 16 18.00 44.70 12.22
CA GLU G 16 16.82 44.74 13.07
C GLU G 16 15.69 45.56 12.45
N MET G 17 16.01 46.48 11.54
CA MET G 17 15.02 47.37 10.97
C MET G 17 14.50 46.91 9.61
N GLN G 18 15.19 45.99 8.95
CA GLN G 18 14.71 45.49 7.67
C GLN G 18 13.40 44.72 7.87
N GLN G 19 12.56 44.73 6.83
CA GLN G 19 11.23 44.14 6.98
C GLN G 19 11.30 42.62 7.07
N VAL G 20 12.23 42.00 6.33
CA VAL G 20 12.33 40.54 6.28
C VAL G 20 13.74 40.14 6.69
N GLU G 21 13.82 39.25 7.68
CA GLU G 21 15.09 38.69 8.13
C GLU G 21 14.98 37.17 8.16
N LEU G 22 16.00 36.50 7.65
CA LEU G 22 16.05 35.05 7.57
C LEU G 22 17.29 34.57 8.32
N VAL G 23 17.08 33.61 9.22
CA VAL G 23 18.18 32.99 9.97
C VAL G 23 17.90 31.50 10.09
N GLU G 24 18.95 30.70 9.96
CA GLU G 24 18.85 29.25 10.04
C GLU G 24 20.02 28.71 10.85
N ARG G 25 19.75 27.65 11.60
CA ARG G 25 20.78 26.89 12.29
C ARG G 25 20.50 25.40 12.12
N LYS G 26 21.56 24.65 11.79
CA LYS G 26 21.47 23.19 11.71
C LYS G 26 22.04 22.63 13.00
N GLY G 27 21.20 21.97 13.79
CA GLY G 27 21.60 21.45 15.08
C GLY G 27 22.70 20.41 15.02
N ILE G 28 23.14 19.94 16.19
CA ILE G 28 24.29 19.04 16.25
C ILE G 28 24.01 17.75 15.48
N GLY G 29 22.78 17.24 15.58
CA GLY G 29 22.45 15.99 14.94
C GLY G 29 22.15 16.07 13.46
N HIS G 30 22.17 17.27 12.89
CA HIS G 30 21.92 17.40 11.46
C HIS G 30 23.08 16.81 10.67
N PRO G 31 22.81 16.07 9.58
CA PRO G 31 23.92 15.43 8.86
C PRO G 31 25.06 16.36 8.50
N ASP G 32 24.75 17.53 7.95
CA ASP G 32 25.80 18.50 7.63
C ASP G 32 26.59 18.88 8.88
N SER G 33 25.90 19.12 9.98
CA SER G 33 26.59 19.48 11.22
C SER G 33 27.34 18.29 11.80
N ILE G 34 26.85 17.06 11.57
CA ILE G 34 27.60 15.88 11.95
C ILE G 34 28.94 15.85 11.23
N ALA G 35 28.93 16.16 9.92
CA ALA G 35 30.17 16.20 9.16
C ALA G 35 31.10 17.27 9.69
N ASP G 36 30.57 18.47 9.94
CA ASP G 36 31.38 19.54 10.51
C ASP G 36 31.97 19.12 11.85
N GLY G 37 31.12 18.61 12.75
CA GLY G 37 31.61 18.21 14.06
C GLY G 37 32.67 17.13 13.98
N ILE G 38 32.46 16.14 13.11
CA ILE G 38 33.45 15.09 12.93
C ILE G 38 34.73 15.67 12.36
N ALA G 39 34.62 16.52 11.35
CA ALA G 39 35.80 17.14 10.76
C ALA G 39 36.62 17.85 11.82
N GLU G 40 35.96 18.64 12.66
CA GLU G 40 36.67 19.39 13.70
C GLU G 40 37.19 18.44 14.79
N ALA G 41 36.39 17.44 15.16
CA ALA G 41 36.84 16.50 16.19
C ALA G 41 38.06 15.73 15.74
N VAL G 42 38.10 15.30 14.47
CA VAL G 42 39.28 14.64 13.96
C VAL G 42 40.48 15.58 14.01
N SER G 43 40.27 16.83 13.61
CA SER G 43 41.37 17.80 13.64
C SER G 43 41.95 17.92 15.04
N ARG G 44 41.09 18.12 16.05
CA ARG G 44 41.59 18.29 17.41
C ARG G 44 42.29 17.03 17.90
N ALA G 45 41.72 15.86 17.59
CA ALA G 45 42.37 14.61 17.99
C ALA G 45 43.74 14.48 17.36
N LEU G 46 43.87 14.82 16.07
CA LEU G 46 45.18 14.79 15.43
C LEU G 46 46.13 15.76 16.10
N CYS G 47 45.66 16.98 16.38
CA CYS G 47 46.49 17.96 17.09
C CYS G 47 47.01 17.40 18.40
N ARG G 48 46.11 16.89 19.25
CA ARG G 48 46.51 16.39 20.55
C ARG G 48 47.54 15.28 20.43
N GLU G 49 47.33 14.35 19.48
CA GLU G 49 48.24 13.22 19.33
C GLU G 49 49.57 13.67 18.72
N TYR G 50 49.53 14.61 17.77
CA TYR G 50 50.76 15.19 17.25
C TYR G 50 51.58 15.82 18.37
N ILE G 51 50.91 16.57 19.26
CA ILE G 51 51.61 17.21 20.38
C ILE G 51 52.16 16.17 21.34
N ARG G 52 51.35 15.16 21.67
CA ARG G 52 51.77 14.16 22.64
C ARG G 52 53.00 13.40 22.17
N ARG G 53 53.12 13.17 20.86
CA ARG G 53 54.23 12.39 20.32
C ARG G 53 55.43 13.26 19.96
N TYR G 54 55.21 14.46 19.42
CA TYR G 54 56.29 15.29 18.91
C TYR G 54 56.33 16.68 19.55
N GLY G 55 55.40 16.99 20.45
CA GLY G 55 55.38 18.30 21.08
C GLY G 55 55.04 19.45 20.14
N VAL G 56 54.52 19.14 18.95
CA VAL G 56 54.15 20.18 17.98
C VAL G 56 53.06 19.60 17.09
N ILE G 57 52.19 20.49 16.61
CA ILE G 57 51.15 20.10 15.66
C ILE G 57 51.75 20.09 14.27
N LEU G 58 51.53 18.99 13.54
CA LEU G 58 52.01 18.86 12.17
C LEU G 58 50.88 19.19 11.20
N HIS G 59 51.26 19.63 10.01
CA HIS G 59 50.27 20.07 9.03
C HIS G 59 49.22 18.99 8.82
N HIS G 60 47.96 19.44 8.71
CA HIS G 60 46.83 18.55 8.52
C HIS G 60 45.52 19.31 8.30
N ASN G 61 44.65 18.82 7.43
CA ASN G 61 43.33 19.43 7.24
CA ASN G 61 43.33 19.42 7.23
C ASN G 61 42.33 18.30 6.99
N THR G 62 41.39 18.14 7.92
CA THR G 62 40.36 17.12 7.80
C THR G 62 38.99 17.74 7.56
N ASP G 63 38.97 18.83 6.79
CA ASP G 63 37.73 19.52 6.44
C ASP G 63 36.99 18.83 5.29
N GLN G 64 37.05 17.50 5.23
CA GLN G 64 36.42 16.72 4.16
C GLN G 64 35.82 15.48 4.81
N VAL G 65 34.51 15.50 5.06
CA VAL G 65 33.80 14.38 5.66
C VAL G 65 32.49 14.19 4.90
N GLU G 66 32.17 12.94 4.57
CA GLU G 66 30.93 12.60 3.88
C GLU G 66 30.12 11.69 4.78
N VAL G 67 28.91 12.11 5.13
CA VAL G 67 27.96 11.30 5.86
C VAL G 67 26.99 10.74 4.84
N VAL G 68 27.12 9.46 4.54
CA VAL G 68 26.23 8.80 3.58
C VAL G 68 25.08 8.19 4.39
N GLY G 69 23.88 8.73 4.21
CA GLY G 69 22.76 8.30 5.01
C GLY G 69 22.48 6.82 4.83
N GLY G 70 21.98 6.20 5.90
CA GLY G 70 21.55 4.82 5.87
C GLY G 70 20.08 4.68 5.61
N ARG G 71 19.51 3.58 6.13
CA ARG G 71 18.09 3.31 6.03
C ARG G 71 17.60 2.80 7.38
N ALA G 72 16.38 3.18 7.74
CA ALA G 72 15.83 2.77 9.02
C ALA G 72 14.32 2.67 8.91
N TYR G 73 13.73 1.87 9.80
CA TYR G 73 12.29 1.69 9.91
C TYR G 73 11.85 2.15 11.28
N PRO G 74 11.61 3.46 11.47
CA PRO G 74 11.16 3.93 12.78
C PRO G 74 9.78 3.40 13.12
N ARG G 75 9.60 3.03 14.38
CA ARG G 75 8.34 2.49 14.88
C ARG G 75 8.10 3.02 16.28
N PHE G 76 6.87 3.41 16.56
CA PHE G 76 6.52 3.85 17.90
C PHE G 76 6.86 2.75 18.91
N GLY G 77 7.59 3.13 19.95
CA GLY G 77 8.09 2.19 20.93
C GLY G 77 9.47 1.66 20.63
N GLY G 78 9.97 1.84 19.41
CA GLY G 78 11.31 1.39 19.06
C GLY G 78 11.40 0.76 17.69
N GLY G 79 12.09 1.43 16.78
CA GLY G 79 12.37 0.92 15.46
C GLY G 79 13.76 0.33 15.37
N GLU G 80 14.24 0.18 14.13
CA GLU G 80 15.56 -0.37 13.91
C GLU G 80 16.15 0.21 12.63
N VAL G 81 17.47 0.39 12.64
CA VAL G 81 18.19 0.74 11.42
C VAL G 81 18.46 -0.53 10.64
N VAL G 82 18.25 -0.46 9.32
CA VAL G 82 18.43 -1.61 8.44
C VAL G 82 19.75 -1.53 7.68
N LYS G 83 20.13 -0.33 7.25
CA LYS G 83 21.42 -0.11 6.59
C LYS G 83 22.19 0.93 7.38
N PRO G 84 23.41 0.64 7.84
CA PRO G 84 24.12 1.60 8.69
C PRO G 84 24.56 2.83 7.91
N ILE G 85 24.80 3.91 8.66
CA ILE G 85 25.38 5.12 8.08
C ILE G 85 26.83 4.86 7.73
N TYR G 86 27.26 5.36 6.57
CA TYR G 86 28.64 5.25 6.13
C TYR G 86 29.26 6.65 6.15
N ILE G 87 30.38 6.78 6.87
CA ILE G 87 31.08 8.05 6.99
C ILE G 87 32.48 7.87 6.45
N LEU G 88 32.85 8.70 5.47
CA LEU G 88 34.20 8.71 4.91
C LEU G 88 34.95 9.90 5.46
N LEU G 89 36.06 9.65 6.14
CA LEU G 89 36.96 10.70 6.60
C LEU G 89 37.98 10.96 5.51
N SER G 90 38.08 12.22 5.08
CA SER G 90 39.02 12.60 4.03
C SER G 90 39.84 13.80 4.47
N GLY G 91 40.60 14.37 3.55
CA GLY G 91 41.53 15.42 3.87
C GLY G 91 42.97 14.96 3.74
N ARG G 92 43.85 15.65 4.46
CA ARG G 92 45.26 15.31 4.46
C ARG G 92 45.80 15.44 5.88
N ALA G 93 46.78 14.60 6.19
CA ALA G 93 47.44 14.65 7.48
C ALA G 93 48.80 13.99 7.33
N VAL G 94 49.72 14.39 8.22
CA VAL G 94 51.07 13.83 8.21
C VAL G 94 51.00 12.43 8.79
N GLU G 95 51.28 11.43 7.96
CA GLU G 95 51.29 10.04 8.41
C GLU G 95 52.69 9.46 8.54
N LEU G 96 53.67 10.02 7.84
CA LEU G 96 55.06 9.58 7.93
C LEU G 96 55.88 10.70 8.55
N VAL G 97 56.47 10.43 9.72
CA VAL G 97 57.22 11.41 10.48
C VAL G 97 58.62 10.84 10.67
N ASP G 98 59.59 11.31 9.89
CA ASP G 98 60.96 10.84 9.98
C ASP G 98 61.00 9.32 9.88
N GLN G 99 60.36 8.79 8.83
CA GLN G 99 60.35 7.39 8.45
C GLN G 99 59.42 6.53 9.32
N GLU G 100 58.96 7.01 10.47
CA GLU G 100 58.04 6.26 11.31
C GLU G 100 56.61 6.69 11.00
N LEU G 101 55.67 5.78 11.27
CA LEU G 101 54.29 5.95 10.88
C LEU G 101 53.49 6.55 12.04
N PHE G 102 52.67 7.57 11.74
CA PHE G 102 51.78 8.20 12.70
C PHE G 102 50.37 7.65 12.56
N PRO G 103 49.68 7.30 13.66
CA PRO G 103 48.37 6.64 13.52
C PRO G 103 47.27 7.60 13.09
N VAL G 104 47.41 8.18 11.90
CA VAL G 104 46.41 9.13 11.41
C VAL G 104 45.03 8.51 11.44
N HIS G 105 44.88 7.37 10.77
CA HIS G 105 43.55 6.79 10.56
C HIS G 105 42.97 6.24 11.86
N GLU G 106 43.80 5.66 12.70
CA GLU G 106 43.32 5.17 14.00
C GLU G 106 42.80 6.32 14.85
N VAL G 107 43.56 7.43 14.91
CA VAL G 107 43.13 8.59 15.67
C VAL G 107 41.85 9.18 15.09
N ALA G 108 41.84 9.39 13.77
CA ALA G 108 40.71 10.06 13.13
C ALA G 108 39.43 9.25 13.28
N ILE G 109 39.51 7.93 13.04
CA ILE G 109 38.32 7.08 13.14
C ILE G 109 37.82 7.07 14.58
N LYS G 110 38.72 6.94 15.54
CA LYS G 110 38.31 6.96 16.94
C LYS G 110 37.70 8.30 17.31
N ALA G 111 38.27 9.40 16.80
CA ALA G 111 37.73 10.72 17.10
C ALA G 111 36.32 10.87 16.54
N ALA G 112 36.10 10.40 15.32
CA ALA G 112 34.76 10.45 14.73
C ALA G 112 33.78 9.63 15.57
N LYS G 113 34.18 8.43 15.99
CA LYS G 113 33.31 7.59 16.79
C LYS G 113 32.99 8.25 18.13
N ASN G 114 34.00 8.76 18.82
CA ASN G 114 33.76 9.39 20.12
C ASN G 114 32.84 10.60 19.99
N TYR G 115 33.00 11.38 18.92
CA TYR G 115 32.14 12.55 18.74
C TYR G 115 30.68 12.12 18.53
N LEU G 116 30.46 11.11 17.69
CA LEU G 116 29.10 10.63 17.47
C LEU G 116 28.51 10.06 18.76
N LYS G 117 29.30 9.30 19.52
CA LYS G 117 28.79 8.71 20.75
C LYS G 117 28.31 9.79 21.72
N ASN G 118 29.08 10.88 21.85
CA ASN G 118 28.74 11.93 22.79
C ASN G 118 27.79 12.97 22.21
N ALA G 119 27.63 13.01 20.89
CA ALA G 119 26.75 14.00 20.27
C ALA G 119 25.34 13.48 20.06
N ILE G 120 25.19 12.24 19.61
CA ILE G 120 23.88 11.64 19.33
C ILE G 120 23.69 10.51 20.34
N ARG G 121 22.77 10.71 21.28
CA ARG G 121 22.68 9.84 22.45
C ARG G 121 22.13 8.47 22.07
N HIS G 122 21.18 8.41 21.13
CA HIS G 122 20.51 7.16 20.79
C HIS G 122 21.08 6.51 19.53
N LEU G 123 22.31 6.86 19.15
CA LEU G 123 22.97 6.28 17.99
C LEU G 123 23.95 5.21 18.47
N ASP G 124 23.72 3.97 18.07
CA ASP G 124 24.65 2.87 18.36
C ASP G 124 25.76 2.94 17.30
N VAL G 125 26.82 3.67 17.64
CA VAL G 125 27.87 3.97 16.66
C VAL G 125 28.52 2.70 16.13
N GLU G 126 28.65 1.67 16.97
CA GLU G 126 29.35 0.46 16.55
C GLU G 126 28.52 -0.39 15.60
N ASN G 127 27.19 -0.26 15.62
CA ASN G 127 26.32 -1.04 14.76
C ASN G 127 25.52 -0.21 13.77
N HIS G 128 25.37 1.10 13.99
CA HIS G 128 24.64 1.96 13.08
C HIS G 128 25.54 2.74 12.13
N VAL G 129 26.85 2.69 12.31
CA VAL G 129 27.77 3.55 11.58
C VAL G 129 28.98 2.72 11.16
N ILE G 130 29.37 2.86 9.90
CA ILE G 130 30.63 2.36 9.38
C ILE G 130 31.49 3.58 9.06
N ILE G 131 32.67 3.66 9.68
CA ILE G 131 33.57 4.79 9.49
C ILE G 131 34.85 4.28 8.84
N ASP G 132 35.10 4.73 7.62
CA ASP G 132 36.35 4.49 6.92
C ASP G 132 37.08 5.81 6.72
N SER G 133 38.39 5.71 6.50
CA SER G 133 39.24 6.89 6.34
C SER G 133 40.03 6.79 5.05
N ARG G 134 40.01 7.86 4.26
CA ARG G 134 40.88 8.01 3.09
C ARG G 134 41.74 9.26 3.22
N ILE G 135 42.00 9.69 4.45
CA ILE G 135 42.84 10.86 4.67
C ILE G 135 44.18 10.65 3.99
N GLY G 136 44.66 11.69 3.30
CA GLY G 136 45.87 11.55 2.53
C GLY G 136 47.10 11.49 3.42
N GLN G 137 48.19 11.02 2.82
CA GLN G 137 49.44 10.74 3.52
C GLN G 137 50.45 11.85 3.24
N GLY G 138 50.84 12.56 4.29
CA GLY G 138 51.90 13.56 4.23
C GLY G 138 53.14 13.07 4.93
N SER G 139 54.30 13.47 4.42
CA SER G 139 55.60 13.15 5.02
C SER G 139 56.27 14.43 5.48
N VAL G 140 56.77 14.42 6.72
CA VAL G 140 57.49 15.57 7.26
C VAL G 140 58.83 15.12 7.82
N ASP G 141 59.81 16.02 7.78
CA ASP G 141 61.04 15.89 8.55
C ASP G 141 60.91 16.85 9.74
N LEU G 142 60.62 16.30 10.93
CA LEU G 142 60.35 17.13 12.09
C LEU G 142 61.35 18.26 12.24
N VAL G 143 62.61 18.04 11.87
CA VAL G 143 63.60 19.12 11.92
C VAL G 143 63.11 20.30 11.12
N SER G 144 62.41 20.05 10.01
CA SER G 144 61.88 21.13 9.19
C SER G 144 60.76 21.87 9.91
N VAL G 145 59.90 21.14 10.62
CA VAL G 145 58.80 21.78 11.32
C VAL G 145 59.31 22.70 12.41
N PHE G 146 60.30 22.23 13.19
CA PHE G 146 60.87 23.08 14.23
C PHE G 146 61.61 24.26 13.62
N ASN G 147 62.26 24.05 12.49
CA ASN G 147 63.05 25.11 11.87
C ASN G 147 62.13 26.17 11.25
N LYS G 148 60.99 25.77 10.69
CA LYS G 148 60.01 26.73 10.19
C LYS G 148 59.12 27.29 11.28
N ALA G 149 59.24 26.79 12.50
CA ALA G 149 58.64 27.45 13.66
C ALA G 149 59.59 28.53 14.14
N ARG G 150 60.66 28.14 14.85
CA ARG G 150 61.83 28.99 15.08
C ARG G 150 61.88 30.17 14.11
N GLU G 151 61.72 29.87 12.82
CA GLU G 151 61.80 30.89 11.79
C GLU G 151 60.70 31.94 11.95
N ASN G 152 59.49 31.50 12.29
CA ASN G 152 58.33 32.40 12.36
C ASN G 152 57.50 32.08 13.60
N PRO G 153 57.74 32.78 14.71
CA PRO G 153 56.88 32.57 15.88
C PRO G 153 55.41 32.70 15.55
N ILE G 154 55.04 33.75 14.84
CA ILE G 154 53.70 33.90 14.27
C ILE G 154 53.78 33.46 12.81
N PRO G 155 52.96 32.51 12.37
CA PRO G 155 53.07 32.04 10.98
C PRO G 155 52.80 33.17 9.99
N LEU G 156 53.49 33.11 8.86
CA LEU G 156 53.30 34.09 7.80
C LEU G 156 52.24 33.63 6.81
N ALA G 157 51.54 34.59 6.23
CA ALA G 157 50.48 34.31 5.27
C ALA G 157 51.08 34.03 3.89
N ASN G 158 50.71 32.89 3.31
CA ASN G 158 51.09 32.57 1.94
C ASN G 158 50.05 33.02 0.92
N ASP G 159 48.87 33.42 1.38
CA ASP G 159 47.82 33.90 0.50
C ASP G 159 47.03 34.98 1.23
N THR G 160 46.23 35.73 0.49
CA THR G 160 45.37 36.75 1.07
C THR G 160 44.03 36.11 1.37
N SER G 161 43.90 35.58 2.58
CA SER G 161 42.65 35.01 3.05
C SER G 161 41.87 36.04 3.82
N PHE G 162 40.55 35.87 3.86
CA PHE G 162 39.66 36.83 4.49
C PHE G 162 38.85 36.15 5.59
N GLY G 163 38.65 36.86 6.69
CA GLY G 163 37.72 36.46 7.73
C GLY G 163 36.70 37.55 7.91
N VAL G 164 35.45 37.15 8.11
CA VAL G 164 34.33 38.09 8.23
C VAL G 164 33.52 37.71 9.45
N GLY G 165 33.27 38.70 10.31
CA GLY G 165 32.42 38.51 11.46
C GLY G 165 31.56 39.74 11.67
N TYR G 166 30.63 39.63 12.61
CA TYR G 166 29.71 40.72 12.88
C TYR G 166 29.13 40.55 14.27
N ALA G 167 28.59 41.64 14.80
CA ALA G 167 27.95 41.63 16.10
C ALA G 167 27.22 42.97 16.28
N PRO G 168 26.22 43.02 17.16
CA PRO G 168 25.70 41.90 17.95
C PRO G 168 24.73 41.07 17.13
N LEU G 169 24.24 39.98 17.70
CA LEU G 169 23.22 39.19 17.04
C LEU G 169 21.87 39.88 17.17
N SER G 170 21.07 39.81 16.11
CA SER G 170 19.72 40.32 16.18
C SER G 170 18.87 39.42 17.08
N GLU G 171 17.66 39.89 17.39
CA GLU G 171 16.76 39.10 18.21
C GLU G 171 16.40 37.79 17.51
N THR G 172 16.19 37.84 16.19
CA THR G 172 15.88 36.62 15.45
C THR G 172 17.09 35.68 15.43
N GLU G 173 18.29 36.23 15.24
CA GLU G 173 19.49 35.41 15.27
C GLU G 173 19.68 34.77 16.64
N ARG G 174 19.56 35.56 17.71
CA ARG G 174 19.71 35.00 19.05
C ARG G 174 18.63 33.97 19.36
N LEU G 175 17.42 34.17 18.84
CA LEU G 175 16.35 33.20 19.07
C LEU G 175 16.61 31.88 18.37
N VAL G 176 17.06 31.92 17.11
CA VAL G 176 17.36 30.69 16.38
C VAL G 176 18.50 29.94 17.07
N LEU G 177 19.58 30.65 17.38
CA LEU G 177 20.73 30.00 18.01
C LEU G 177 20.35 29.38 19.35
N GLU G 178 19.71 30.17 20.22
CA GLU G 178 19.39 29.68 21.56
C GLU G 178 18.30 28.62 21.54
N THR G 179 17.45 28.60 20.51
CA THR G 179 16.46 27.55 20.39
C THR G 179 17.13 26.20 20.17
N GLU G 180 18.06 26.12 19.21
CA GLU G 180 18.80 24.88 18.96
C GLU G 180 19.63 24.51 20.18
N LYS G 181 20.34 25.49 20.75
CA LYS G 181 21.18 25.21 21.92
C LYS G 181 20.33 24.72 23.09
N LEU G 182 19.14 25.30 23.27
CA LEU G 182 18.26 24.86 24.34
C LEU G 182 17.79 23.42 24.11
N LEU G 183 17.20 23.16 22.94
CA LEU G 183 16.65 21.83 22.68
C LEU G 183 17.72 20.76 22.65
N ASN G 184 18.98 21.12 22.42
CA ASN G 184 20.09 20.17 22.43
C ASN G 184 20.95 20.28 23.68
N SER G 185 20.48 20.97 24.71
CA SER G 185 21.21 21.09 25.96
C SER G 185 21.00 19.83 26.80
N GLU G 186 21.98 19.56 27.67
CA GLU G 186 21.87 18.41 28.57
C GLU G 186 20.63 18.51 29.44
N LYS G 187 20.34 19.72 29.94
CA LYS G 187 19.17 19.91 30.79
C LYS G 187 17.89 19.50 30.08
N PHE G 188 17.66 20.05 28.88
CA PHE G 188 16.44 19.75 28.15
C PHE G 188 16.37 18.28 27.76
N LYS G 189 17.52 17.68 27.40
CA LYS G 189 17.53 16.28 27.02
C LYS G 189 17.15 15.38 28.19
N LYS G 190 17.69 15.65 29.38
CA LYS G 190 17.32 14.86 30.54
C LYS G 190 15.82 14.95 30.81
N GLU G 191 15.24 16.14 30.62
CA GLU G 191 13.82 16.33 30.87
C GLU G 191 12.96 15.77 29.75
N TYR G 192 13.46 15.75 28.52
CA TYR G 192 12.72 15.24 27.37
C TYR G 192 13.66 14.39 26.52
N PRO G 193 13.94 13.17 26.96
CA PRO G 193 14.82 12.30 26.17
C PRO G 193 14.27 11.98 24.78
N ALA G 194 12.98 12.19 24.54
CA ALA G 194 12.40 11.87 23.24
C ALA G 194 12.88 12.80 22.14
N VAL G 195 13.38 13.97 22.49
CA VAL G 195 13.81 14.95 21.50
C VAL G 195 15.21 14.55 21.01
N GLY G 196 15.32 14.18 19.73
CA GLY G 196 16.59 13.85 19.15
C GLY G 196 17.48 15.08 18.97
N GLU G 197 18.65 14.83 18.40
CA GLU G 197 19.64 15.89 18.22
C GLU G 197 19.59 16.55 16.85
N ASP G 198 18.96 15.91 15.87
CA ASP G 198 18.84 16.51 14.54
C ASP G 198 17.74 17.56 14.60
N ILE G 199 18.13 18.77 14.98
CA ILE G 199 17.21 19.89 15.13
C ILE G 199 17.66 20.97 14.16
N LYS G 200 16.77 21.36 13.26
CA LYS G 200 17.02 22.46 12.33
C LYS G 200 16.00 23.55 12.59
N VAL G 201 16.49 24.77 12.81
CA VAL G 201 15.64 25.89 13.21
C VAL G 201 15.74 26.95 12.12
N MET G 202 14.59 27.39 11.62
CA MET G 202 14.52 28.47 10.65
C MET G 202 13.74 29.61 11.27
N GLY G 203 14.37 30.77 11.38
CA GLY G 203 13.69 31.95 11.88
C GLY G 203 13.35 32.94 10.78
N LEU G 204 12.07 33.23 10.61
CA LEU G 204 11.61 34.22 9.64
C LEU G 204 10.96 35.36 10.40
N ARG G 205 11.59 36.54 10.36
CA ARG G 205 11.00 37.73 10.93
C ARG G 205 10.41 38.57 9.80
N ARG G 206 9.13 38.89 9.91
CA ARG G 206 8.47 39.84 9.01
C ARG G 206 8.01 41.01 9.85
N GLY G 207 8.65 42.15 9.69
CA GLY G 207 8.36 43.28 10.57
C GLY G 207 8.77 42.96 11.99
N ASN G 208 7.79 42.95 12.89
CA ASN G 208 8.02 42.64 14.29
C ASN G 208 7.33 41.33 14.70
N GLU G 209 7.18 40.41 13.76
CA GLU G 209 6.60 39.10 14.01
C GLU G 209 7.56 38.04 13.50
N ILE G 210 7.92 37.10 14.36
CA ILE G 210 8.87 36.05 14.03
C ILE G 210 8.12 34.73 13.91
N ASP G 211 8.28 34.06 12.77
CA ASP G 211 7.83 32.70 12.58
C ASP G 211 9.03 31.78 12.77
N LEU G 212 8.95 30.92 13.78
CA LEU G 212 10.07 30.05 14.15
C LEU G 212 9.68 28.61 13.84
N THR G 213 10.23 28.07 12.75
CA THR G 213 9.97 26.69 12.35
C THR G 213 11.07 25.79 12.88
N ILE G 214 10.67 24.73 13.59
CA ILE G 214 11.60 23.79 14.20
C ILE G 214 11.34 22.42 13.61
N ALA G 215 12.39 21.80 13.06
CA ALA G 215 12.36 20.42 12.61
C ALA G 215 13.22 19.62 13.59
N ALA G 216 12.56 18.87 14.47
CA ALA G 216 13.23 18.14 15.54
C ALA G 216 12.92 16.66 15.41
N ALA G 217 13.95 15.86 15.14
CA ALA G 217 13.79 14.41 15.10
C ALA G 217 13.46 13.88 16.48
N ILE G 218 12.39 13.10 16.59
CA ILE G 218 11.95 12.52 17.85
C ILE G 218 12.37 11.05 17.89
N VAL G 219 12.91 10.64 19.03
CA VAL G 219 13.38 9.27 19.20
C VAL G 219 12.18 8.34 19.37
N ASP G 220 12.06 7.36 18.48
CA ASP G 220 10.89 6.50 18.48
C ASP G 220 10.85 5.56 19.68
N SER G 221 11.99 5.25 20.28
CA SER G 221 12.02 4.40 21.47
C SER G 221 11.60 5.14 22.73
N GLU G 222 11.46 6.47 22.67
CA GLU G 222 11.05 7.27 23.81
C GLU G 222 9.59 7.68 23.77
N VAL G 223 8.90 7.44 22.67
CA VAL G 223 7.48 7.74 22.54
C VAL G 223 6.77 6.45 22.14
N ALA G 224 5.85 5.99 22.99
CA ALA G 224 5.17 4.73 22.77
C ALA G 224 3.96 4.85 21.86
N THR G 225 3.37 6.03 21.74
CA THR G 225 2.17 6.23 20.94
C THR G 225 2.25 7.57 20.25
N PRO G 226 1.48 7.77 19.17
CA PRO G 226 1.46 9.09 18.52
C PRO G 226 1.06 10.21 19.47
N LYS G 227 0.20 9.94 20.45
CA LYS G 227 -0.22 10.99 21.38
C LYS G 227 0.96 11.50 22.19
N GLU G 228 1.81 10.59 22.68
CA GLU G 228 3.02 11.01 23.36
C GLU G 228 3.90 11.84 22.44
N TYR G 229 3.92 11.51 21.14
CA TYR G 229 4.72 12.27 20.19
C TYR G 229 4.23 13.71 20.09
N LEU G 230 2.92 13.89 19.93
CA LEU G 230 2.36 15.25 19.88
C LEU G 230 2.60 15.99 21.20
N GLU G 231 2.60 15.26 22.32
CA GLU G 231 2.84 15.89 23.61
C GLU G 231 4.28 16.39 23.70
N VAL G 232 5.24 15.61 23.20
CA VAL G 232 6.63 16.07 23.15
C VAL G 232 6.74 17.32 22.29
N LYS G 233 6.00 17.36 21.17
CA LYS G 233 6.00 18.57 20.34
C LYS G 233 5.49 19.77 21.12
N ASP G 234 4.44 19.60 21.90
CA ASP G 234 3.91 20.70 22.69
C ASP G 234 4.93 21.19 23.71
N LYS G 235 5.67 20.25 24.33
CA LYS G 235 6.69 20.64 25.30
C LYS G 235 7.84 21.38 24.62
N ILE G 236 8.22 20.95 23.41
CA ILE G 236 9.17 21.73 22.63
C ILE G 236 8.65 23.14 22.42
N LYS G 237 7.40 23.26 21.96
CA LYS G 237 6.83 24.57 21.70
C LYS G 237 6.86 25.45 22.95
N GLU G 238 6.41 24.91 24.09
CA GLU G 238 6.36 25.68 25.31
C GLU G 238 7.76 26.13 25.73
N ALA G 239 8.73 25.22 25.69
CA ALA G 239 10.09 25.57 26.07
C ALA G 239 10.61 26.73 25.23
N VAL G 240 10.31 26.73 23.93
CA VAL G 240 10.79 27.80 23.06
C VAL G 240 9.99 29.07 23.30
N GLU G 241 8.71 28.96 23.65
CA GLU G 241 7.94 30.12 24.04
C GLU G 241 8.57 30.82 25.24
N GLU G 242 8.91 30.04 26.28
CA GLU G 242 9.59 30.60 27.43
C GLU G 242 10.89 31.27 27.04
N LEU G 243 11.65 30.64 26.13
CA LEU G 243 12.91 31.23 25.67
C LEU G 243 12.68 32.53 24.93
N ALA G 244 11.66 32.57 24.06
CA ALA G 244 11.40 33.77 23.26
C ALA G 244 11.12 34.97 24.16
N LYS G 245 10.34 34.77 25.22
CA LYS G 245 10.04 35.86 26.14
C LYS G 245 11.30 36.47 26.75
N GLU G 246 12.40 35.73 26.77
CA GLU G 246 13.66 36.24 27.31
C GLU G 246 14.44 37.07 26.31
N ILE G 247 14.12 36.97 25.02
CA ILE G 247 14.93 37.55 23.97
C ILE G 247 14.27 38.76 23.33
N THR G 248 12.95 38.71 23.11
CA THR G 248 12.31 39.75 22.32
C THR G 248 10.88 39.95 22.78
N SER G 249 10.41 41.19 22.66
CA SER G 249 9.01 41.52 22.87
CA SER G 249 9.02 41.53 22.87
C SER G 249 8.18 41.37 21.61
N ARG G 250 8.79 40.97 20.50
CA ARG G 250 8.09 40.76 19.25
C ARG G 250 7.18 39.54 19.34
N LYS G 251 6.19 39.52 18.45
CA LYS G 251 5.33 38.35 18.30
C LYS G 251 6.13 37.18 17.73
N VAL G 252 6.05 36.03 18.39
CA VAL G 252 6.81 34.85 18.00
C VAL G 252 5.84 33.69 17.79
N ASN G 253 5.76 33.21 16.56
CA ASN G 253 4.98 32.03 16.23
C ASN G 253 5.92 30.84 16.07
N ILE G 254 5.65 29.76 16.79
CA ILE G 254 6.52 28.60 16.87
C ILE G 254 5.82 27.41 16.22
N TYR G 255 6.50 26.77 15.27
CA TYR G 255 5.98 25.60 14.57
C TYR G 255 7.00 24.47 14.70
N VAL G 256 6.52 23.27 15.02
CA VAL G 256 7.37 22.11 15.26
C VAL G 256 6.98 21.01 14.29
N ASN G 257 7.94 20.60 13.46
CA ASN G 257 7.76 19.49 12.52
C ASN G 257 6.48 19.70 11.68
N THR G 258 6.56 20.71 10.81
CA THR G 258 5.41 21.08 10.00
C THR G 258 5.03 20.01 9.00
N ALA G 259 5.95 19.10 8.66
CA ALA G 259 5.67 18.04 7.70
C ALA G 259 4.81 16.92 8.28
N ASP G 260 4.56 16.92 9.59
CA ASP G 260 3.76 15.86 10.19
C ASP G 260 2.34 15.89 9.65
N ASP G 261 1.76 14.69 9.51
CA ASP G 261 0.38 14.53 9.06
C ASP G 261 -0.22 13.35 9.82
N PRO G 262 -0.74 13.59 11.03
CA PRO G 262 -1.27 12.48 11.83
C PRO G 262 -2.30 11.64 11.09
N GLU G 263 -3.13 12.24 10.25
CA GLU G 263 -4.15 11.48 9.53
C GLU G 263 -3.52 10.45 8.60
N ARG G 264 -2.31 10.72 8.11
CA ARG G 264 -1.57 9.78 7.27
C ARG G 264 -0.51 9.02 8.05
N GLY G 265 -0.49 9.15 9.37
CA GLY G 265 0.52 8.47 10.17
C GLY G 265 1.92 9.01 9.98
N ILE G 266 2.05 10.22 9.45
CA ILE G 266 3.36 10.82 9.19
C ILE G 266 3.81 11.56 10.43
N TYR G 267 4.94 11.12 10.99
CA TYR G 267 5.52 11.71 12.19
C TYR G 267 7.03 11.74 12.02
N TYR G 268 7.67 12.79 12.53
CA TYR G 268 9.12 12.91 12.43
C TYR G 268 9.77 12.12 13.57
N ILE G 269 9.62 10.80 13.49
CA ILE G 269 10.22 9.88 14.45
C ILE G 269 11.43 9.22 13.81
N THR G 270 12.44 8.94 14.63
CA THR G 270 13.67 8.32 14.18
C THR G 270 14.11 7.29 15.21
N VAL G 271 14.96 6.37 14.77
CA VAL G 271 15.51 5.37 15.68
C VAL G 271 16.64 5.97 16.50
N THR G 272 17.47 6.82 15.89
CA THR G 272 18.70 7.30 16.51
C THR G 272 18.66 8.77 16.89
N GLY G 273 17.65 9.51 16.46
CA GLY G 273 17.60 10.94 16.69
C GLY G 273 18.26 11.77 15.62
N THR G 274 18.73 11.15 14.55
CA THR G 274 19.31 11.88 13.42
C THR G 274 18.72 11.35 12.13
N SER G 275 18.34 12.26 11.24
CA SER G 275 17.78 11.87 9.96
C SER G 275 18.80 11.23 9.03
N ALA G 276 20.08 11.27 9.39
CA ALA G 276 21.10 10.55 8.64
C ALA G 276 20.85 9.04 8.63
N GLU G 277 20.07 8.53 9.59
CA GLU G 277 19.77 7.11 9.63
C GLU G 277 18.90 6.67 8.46
N ALA G 278 18.15 7.59 7.84
CA ALA G 278 17.08 7.23 6.94
C ALA G 278 17.30 7.64 5.49
N GLY G 279 18.30 8.46 5.20
CA GLY G 279 18.59 8.80 3.81
C GLY G 279 19.04 10.23 3.59
N ASP G 280 19.44 10.92 4.65
CA ASP G 280 19.91 12.30 4.55
C ASP G 280 21.43 12.30 4.70
N ASP G 281 22.09 13.01 3.80
CA ASP G 281 23.54 13.03 3.72
C ASP G 281 24.08 14.35 4.25
N GLY G 282 25.38 14.35 4.56
CA GLY G 282 26.02 15.54 5.06
C GLY G 282 27.45 15.64 4.57
N SER G 283 27.95 16.87 4.53
CA SER G 283 29.34 17.12 4.22
C SER G 283 29.77 18.42 4.88
N VAL G 284 31.08 18.66 4.89
CA VAL G 284 31.63 19.79 5.62
C VAL G 284 31.33 21.08 4.88
N GLY G 285 31.16 22.16 5.64
CA GLY G 285 30.98 23.47 5.05
C GLY G 285 29.65 23.70 4.38
N ARG G 286 28.63 22.91 4.72
CA ARG G 286 27.32 23.02 4.11
C ARG G 286 26.28 23.65 5.02
N GLY G 287 26.67 24.05 6.22
CA GLY G 287 25.71 24.57 7.18
C GLY G 287 26.16 25.83 7.88
N ASN G 288 26.17 25.79 9.20
CA ASN G 288 26.37 26.99 10.01
C ASN G 288 27.76 27.56 9.83
N ARG G 289 27.86 28.87 10.02
CA ARG G 289 29.16 29.54 10.09
C ARG G 289 29.72 29.40 11.49
N VAL G 290 30.92 29.97 11.71
CA VAL G 290 31.60 29.82 13.00
C VAL G 290 30.74 30.38 14.12
N ASN G 291 29.86 31.33 13.82
CA ASN G 291 28.95 31.88 14.82
C ASN G 291 27.73 31.00 15.06
N GLY G 292 27.64 29.85 14.36
CA GLY G 292 26.57 28.91 14.60
C GLY G 292 25.29 29.18 13.83
N LEU G 293 25.32 30.08 12.85
CA LEU G 293 24.11 30.49 12.17
C LEU G 293 24.35 30.59 10.67
N ILE G 294 23.26 30.49 9.92
CA ILE G 294 23.23 30.77 8.49
C ILE G 294 22.38 32.03 8.33
N THR G 295 23.02 33.12 7.93
CA THR G 295 22.42 34.45 7.98
C THR G 295 22.56 35.13 6.63
N PRO G 296 21.57 34.96 5.74
CA PRO G 296 21.64 35.65 4.44
C PRO G 296 21.48 37.16 4.55
N ASN G 297 20.92 37.68 5.65
CA ASN G 297 20.88 39.12 5.86
C ASN G 297 22.24 39.68 6.24
N ARG G 298 23.22 38.84 6.51
CA ARG G 298 24.55 39.28 6.90
C ARG G 298 25.55 38.98 5.77
N HIS G 299 26.83 39.17 6.08
CA HIS G 299 27.93 38.87 5.16
C HIS G 299 28.68 37.67 5.70
N MET G 300 28.62 36.56 4.98
CA MET G 300 29.23 35.31 5.40
C MET G 300 30.39 34.95 4.49
N SER G 301 31.30 34.15 5.05
CA SER G 301 32.37 33.55 4.27
C SER G 301 31.91 32.19 3.76
N MET G 302 32.35 31.83 2.55
CA MET G 302 32.11 30.48 2.06
C MET G 302 33.10 29.47 2.62
N GLU G 303 34.20 29.94 3.19
CA GLU G 303 35.22 29.03 3.70
C GLU G 303 34.67 28.24 4.88
N ALA G 304 34.71 26.92 4.78
CA ALA G 304 34.37 26.07 5.91
C ALA G 304 35.46 26.16 6.96
N ALA G 305 35.06 26.19 8.23
CA ALA G 305 36.01 26.22 9.33
C ALA G 305 36.31 24.84 9.90
N ALA G 306 35.31 23.96 9.92
CA ALA G 306 35.47 22.66 10.57
C ALA G 306 36.53 21.82 9.88
N GLY G 307 37.45 21.27 10.68
CA GLY G 307 38.47 20.37 10.17
C GLY G 307 39.75 21.05 9.73
N LYS G 308 39.77 22.37 9.60
CA LYS G 308 40.96 23.06 9.17
C LYS G 308 41.92 23.27 10.33
N ASN G 309 43.21 23.26 10.02
CA ASN G 309 44.24 23.35 11.05
C ASN G 309 44.08 24.65 11.84
N PRO G 310 43.95 24.59 13.16
CA PRO G 310 43.76 25.82 13.93
C PRO G 310 45.03 26.63 14.18
N VAL G 311 46.20 26.14 13.75
CA VAL G 311 47.45 26.86 13.92
C VAL G 311 47.96 27.48 12.62
N SER G 312 47.72 26.84 11.48
CA SER G 312 48.30 27.27 10.21
C SER G 312 47.29 27.83 9.23
N HIS G 313 46.03 27.43 9.30
CA HIS G 313 45.04 27.91 8.33
C HIS G 313 44.60 29.30 8.75
N VAL G 314 45.02 30.30 7.96
CA VAL G 314 44.74 31.69 8.32
C VAL G 314 43.27 32.01 8.14
N GLY G 315 42.60 31.38 7.17
CA GLY G 315 41.20 31.66 6.93
C GLY G 315 40.31 31.26 8.10
N LYS G 316 40.64 30.16 8.77
CA LYS G 316 39.84 29.71 9.90
C LYS G 316 40.03 30.62 11.09
N ILE G 317 41.27 30.97 11.41
CA ILE G 317 41.51 31.81 12.58
C ILE G 317 40.97 33.22 12.35
N TYR G 318 41.07 33.72 11.12
CA TYR G 318 40.59 35.06 10.83
C TYR G 318 39.07 35.14 10.94
N ASN G 319 38.36 34.12 10.48
CA ASN G 319 36.91 34.12 10.65
C ASN G 319 36.53 34.07 12.12
N ILE G 320 37.22 33.25 12.91
CA ILE G 320 36.97 33.21 14.34
C ILE G 320 37.36 34.55 14.98
N LEU G 321 38.52 35.08 14.59
CA LEU G 321 39.01 36.32 15.20
C LEU G 321 38.09 37.49 14.86
N ALA G 322 37.63 37.57 13.61
CA ALA G 322 36.70 38.62 13.23
C ALA G 322 35.43 38.56 14.07
N MET G 323 34.89 37.35 14.28
CA MET G 323 33.73 37.21 15.14
C MET G 323 34.01 37.72 16.54
N LEU G 324 35.15 37.31 17.13
CA LEU G 324 35.46 37.70 18.49
C LEU G 324 35.65 39.21 18.61
N ILE G 325 36.33 39.83 17.65
CA ILE G 325 36.50 41.28 17.68
C ILE G 325 35.15 41.97 17.63
N ALA G 326 34.28 41.53 16.71
CA ALA G 326 32.95 42.12 16.60
C ALA G 326 32.18 42.00 17.91
N GLU G 327 32.23 40.81 18.55
CA GLU G 327 31.51 40.62 19.79
C GLU G 327 31.98 41.59 20.86
N ASP G 328 33.31 41.73 21.02
CA ASP G 328 33.84 42.63 22.03
C ASP G 328 33.46 44.08 21.76
N ILE G 329 33.58 44.51 20.51
CA ILE G 329 33.20 45.88 20.15
C ILE G 329 31.73 46.11 20.44
N ALA G 330 30.87 45.19 19.99
CA ALA G 330 29.43 45.38 20.14
C ALA G 330 29.02 45.42 21.61
N LYS G 331 29.69 44.66 22.48
CA LYS G 331 29.29 44.60 23.88
C LYS G 331 29.86 45.73 24.72
N THR G 332 30.94 46.37 24.27
CA THR G 332 31.58 47.43 25.05
C THR G 332 31.30 48.82 24.52
N LEU G 333 31.00 48.96 23.23
CA LEU G 333 30.86 50.27 22.61
C LEU G 333 29.45 50.46 22.07
N PRO G 334 28.97 51.72 21.97
CA PRO G 334 27.60 51.99 21.51
C PRO G 334 27.43 51.91 19.99
N VAL G 335 27.26 50.69 19.49
CA VAL G 335 27.09 50.43 18.07
C VAL G 335 25.80 49.65 17.86
N GLU G 336 25.04 50.04 16.83
CA GLU G 336 23.91 49.23 16.40
C GLU G 336 24.40 47.93 15.78
N GLU G 337 25.40 48.02 14.91
CA GLU G 337 25.98 46.87 14.25
C GLU G 337 27.46 47.16 13.99
N VAL G 338 28.25 46.10 13.92
CA VAL G 338 29.66 46.21 13.56
C VAL G 338 30.03 45.01 12.71
N TYR G 339 30.64 45.26 11.56
CA TYR G 339 31.13 44.21 10.68
C TYR G 339 32.65 44.27 10.63
N VAL G 340 33.30 43.12 10.82
CA VAL G 340 34.75 43.02 10.87
C VAL G 340 35.23 42.18 9.70
N ARG G 341 36.20 42.70 8.96
CA ARG G 341 36.86 41.97 7.89
C ARG G 341 38.36 42.03 8.12
N ILE G 342 39.02 40.87 8.05
CA ILE G 342 40.45 40.77 8.28
C ILE G 342 41.07 40.15 7.03
N LEU G 343 42.03 40.85 6.43
CA LEU G 343 42.73 40.40 5.24
C LEU G 343 44.21 40.26 5.56
N SER G 344 44.77 39.09 5.26
CA SER G 344 46.18 38.86 5.51
C SER G 344 47.03 39.52 4.43
N GLN G 345 48.30 39.71 4.74
CA GLN G 345 49.27 40.28 3.80
C GLN G 345 50.36 39.27 3.52
N ILE G 346 50.65 39.04 2.24
CA ILE G 346 51.57 38.00 1.84
C ILE G 346 52.95 38.24 2.46
N GLY G 347 53.59 37.16 2.88
CA GLY G 347 54.89 37.24 3.52
C GLY G 347 54.94 38.15 4.72
N LYS G 348 53.80 38.48 5.31
CA LYS G 348 53.75 39.22 6.56
C LYS G 348 53.17 38.32 7.65
N PRO G 349 53.56 38.51 8.91
CA PRO G 349 52.93 37.74 9.99
C PRO G 349 51.43 37.98 10.00
N ILE G 350 50.69 36.92 10.31
CA ILE G 350 49.22 36.99 10.21
C ILE G 350 48.61 37.90 11.26
N ASP G 351 49.35 38.25 12.31
CA ASP G 351 48.87 39.25 13.26
C ASP G 351 49.06 40.66 12.72
N GLN G 352 49.56 40.82 11.50
CA GLN G 352 49.76 42.11 10.85
C GLN G 352 49.00 42.09 9.53
N PRO G 353 47.67 42.07 9.58
CA PRO G 353 46.88 41.87 8.36
C PRO G 353 47.07 43.01 7.36
N LEU G 354 46.80 42.70 6.09
CA LEU G 354 46.82 43.73 5.06
C LEU G 354 45.85 44.86 5.41
N VAL G 355 44.70 44.51 5.98
CA VAL G 355 43.76 45.50 6.48
C VAL G 355 42.78 44.79 7.40
N ALA G 356 42.41 45.46 8.48
CA ALA G 356 41.39 44.98 9.41
C ALA G 356 40.27 46.02 9.41
N SER G 357 39.28 45.80 8.56
CA SER G 357 38.20 46.77 8.39
C SER G 357 37.17 46.61 9.51
N ILE G 358 36.88 47.71 10.19
CA ILE G 358 35.87 47.75 11.25
C ILE G 358 34.81 48.74 10.78
N GLN G 359 33.69 48.23 10.29
CA GLN G 359 32.57 49.06 9.85
C GLN G 359 31.52 49.07 10.94
N VAL G 360 31.15 50.28 11.39
CA VAL G 360 30.32 50.45 12.58
C VAL G 360 29.12 51.31 12.23
N ILE G 361 27.94 50.90 12.69
CA ILE G 361 26.76 51.75 12.75
C ILE G 361 26.62 52.21 14.21
N PRO G 362 26.91 53.47 14.53
CA PRO G 362 26.77 53.91 15.91
C PRO G 362 25.30 53.98 16.33
N LYS G 363 25.06 53.81 17.63
CA LYS G 363 23.73 53.99 18.14
C LYS G 363 23.32 55.46 18.02
N PRO G 364 22.04 55.76 17.91
CA PRO G 364 21.61 57.15 17.80
C PRO G 364 22.15 57.99 18.94
N GLY G 365 22.66 59.18 18.60
CA GLY G 365 23.24 60.08 19.57
C GLY G 365 24.74 59.94 19.74
N HIS G 366 25.34 58.89 19.17
CA HIS G 366 26.78 58.66 19.26
C HIS G 366 27.41 58.85 17.90
N SER G 367 28.69 59.23 17.91
CA SER G 367 29.50 59.34 16.70
C SER G 367 30.67 58.38 16.81
N VAL G 368 31.14 57.89 15.65
CA VAL G 368 32.22 56.92 15.64
C VAL G 368 33.50 57.53 16.19
N LYS G 369 33.71 58.83 15.95
CA LYS G 369 34.92 59.48 16.44
C LYS G 369 35.03 59.41 17.96
N GLU G 370 33.91 59.20 18.66
CA GLU G 370 33.96 59.10 20.12
C GLU G 370 34.60 57.80 20.58
N PHE G 371 34.50 56.73 19.79
CA PHE G 371 35.00 55.42 20.20
C PHE G 371 35.81 54.74 19.11
N GLU G 372 36.21 55.47 18.07
CA GLU G 372 36.90 54.84 16.95
C GLU G 372 38.22 54.21 17.39
N LYS G 373 39.01 54.94 18.19
CA LYS G 373 40.28 54.40 18.66
C LYS G 373 40.08 53.32 19.70
N ASP G 374 38.96 53.36 20.43
CA ASP G 374 38.66 52.28 21.36
C ASP G 374 38.41 50.97 20.62
N ALA G 375 37.66 51.04 19.51
CA ALA G 375 37.48 49.86 18.67
C ALA G 375 38.81 49.38 18.11
N TYR G 376 39.68 50.32 17.72
CA TYR G 376 41.03 49.95 17.30
C TYR G 376 41.73 49.14 18.39
N SER G 377 41.61 49.59 19.64
CA SER G 377 42.28 48.90 20.74
C SER G 377 41.78 47.47 20.86
N ILE G 378 40.47 47.25 20.74
CA ILE G 378 39.91 45.91 20.84
C ILE G 378 40.47 45.03 19.72
N ALA G 379 40.36 45.50 18.48
CA ALA G 379 40.87 44.72 17.35
C ALA G 379 42.38 44.54 17.45
N ASP G 380 43.09 45.56 17.93
CA ASP G 380 44.54 45.45 18.06
C ASP G 380 44.93 44.37 19.05
N GLU G 381 44.21 44.27 20.17
CA GLU G 381 44.54 43.28 21.19
C GLU G 381 44.25 41.86 20.69
N TRP G 382 43.12 41.67 20.01
CA TRP G 382 42.77 40.33 19.51
C TRP G 382 43.79 39.86 18.48
N LEU G 383 44.16 40.73 17.54
CA LEU G 383 45.17 40.36 16.56
C LEU G 383 46.51 40.07 17.24
N ALA G 384 46.81 40.78 18.33
CA ALA G 384 48.05 40.53 19.07
C ALA G 384 48.00 39.23 19.85
N ASN G 385 46.81 38.70 20.12
CA ASN G 385 46.64 37.45 20.87
C ASN G 385 46.08 36.34 19.98
N ILE G 386 46.37 36.40 18.69
CA ILE G 386 45.86 35.40 17.75
C ILE G 386 46.27 34.00 18.18
N THR G 387 47.48 33.86 18.74
CA THR G 387 47.93 32.54 19.16
C THR G 387 47.12 32.02 20.35
N LYS G 388 46.76 32.90 21.27
CA LYS G 388 45.90 32.50 22.37
C LYS G 388 44.56 32.01 21.85
N VAL G 389 44.03 32.66 20.81
CA VAL G 389 42.78 32.19 20.19
C VAL G 389 42.96 30.79 19.63
N GLN G 390 44.11 30.54 18.99
CA GLN G 390 44.38 29.21 18.46
C GLN G 390 44.28 28.16 19.58
N LYS G 391 44.92 28.41 20.71
CA LYS G 391 44.85 27.46 21.82
C LYS G 391 43.42 27.35 22.34
N MET G 392 42.67 28.46 22.35
CA MET G 392 41.26 28.39 22.72
C MET G 392 40.51 27.41 21.83
N ILE G 393 40.86 27.34 20.56
CA ILE G 393 40.22 26.39 19.65
C ILE G 393 40.56 24.96 20.06
N LEU G 394 41.85 24.69 20.27
CA LEU G 394 42.27 23.33 20.64
C LEU G 394 41.69 22.90 21.98
N GLU G 395 41.47 23.84 22.88
CA GLU G 395 40.91 23.53 24.20
C GLU G 395 39.38 23.54 24.20
N ASP G 396 38.75 23.46 23.03
CA ASP G 396 37.29 23.36 22.91
C ASP G 396 36.60 24.57 23.55
N LYS G 397 37.25 25.72 23.53
CA LYS G 397 36.67 26.94 24.09
C LYS G 397 35.89 27.75 23.06
N ILE G 398 35.94 27.36 21.79
CA ILE G 398 35.25 28.07 20.71
C ILE G 398 34.68 27.04 19.76
N SER G 399 33.46 27.28 19.30
CA SER G 399 32.81 26.45 18.30
C SER G 399 33.04 27.04 16.91
N VAL G 400 32.98 26.16 15.91
CA VAL G 400 33.19 26.53 14.52
C VAL G 400 31.98 26.22 13.67
N PHE G 401 30.84 25.89 14.28
CA PHE G 401 29.62 25.64 13.54
C PHE G 401 28.43 25.62 14.51
N ALA H 2 -1.47 36.73 -3.87
CA ALA H 2 -1.55 35.71 -2.83
C ALA H 2 -0.16 35.27 -2.39
N ARG H 3 0.86 35.64 -3.17
CA ARG H 3 2.23 35.28 -2.84
C ARG H 3 2.82 36.29 -1.87
N ASN H 4 3.55 35.78 -0.87
CA ASN H 4 4.14 36.61 0.18
C ASN H 4 5.42 37.26 -0.32
N ILE H 5 5.24 38.18 -1.27
CA ILE H 5 6.33 38.96 -1.84
C ILE H 5 6.42 40.29 -1.12
N VAL H 6 7.60 40.60 -0.57
CA VAL H 6 7.82 41.81 0.21
C VAL H 6 8.92 42.61 -0.49
N VAL H 7 8.57 43.79 -0.99
CA VAL H 7 9.52 44.70 -1.62
C VAL H 7 9.77 45.84 -0.65
N GLU H 8 10.99 45.94 -0.14
CA GLU H 8 11.37 46.97 0.80
C GLU H 8 12.57 47.75 0.27
N GLU H 9 12.71 48.99 0.75
CA GLU H 9 13.85 49.82 0.44
C GLU H 9 14.93 49.61 1.49
N ILE H 10 16.18 49.54 1.05
CA ILE H 10 17.33 49.44 1.94
C ILE H 10 18.31 50.55 1.60
N VAL H 11 18.87 51.17 2.64
CA VAL H 11 19.91 52.17 2.51
C VAL H 11 21.24 51.50 2.81
N ARG H 12 22.22 51.70 1.93
CA ARG H 12 23.57 51.23 2.19
C ARG H 12 24.47 51.72 1.06
N THR H 13 25.74 51.91 1.39
CA THR H 13 26.74 52.28 0.40
C THR H 13 26.79 51.19 -0.67
N PRO H 14 26.55 51.51 -1.94
CA PRO H 14 26.64 50.47 -2.98
C PRO H 14 28.00 49.81 -2.99
N VAL H 15 28.01 48.53 -3.41
CA VAL H 15 29.26 47.77 -3.44
C VAL H 15 30.31 48.50 -4.24
N GLU H 16 29.93 49.07 -5.39
CA GLU H 16 30.88 49.82 -6.21
C GLU H 16 31.50 50.98 -5.46
N MET H 17 30.84 51.48 -4.40
CA MET H 17 31.32 52.63 -3.68
C MET H 17 32.02 52.26 -2.37
N GLN H 18 31.91 51.01 -1.93
CA GLN H 18 32.58 50.58 -0.70
C GLN H 18 34.08 50.54 -0.90
N GLN H 19 34.81 50.78 0.19
CA GLN H 19 36.25 50.99 0.09
C GLN H 19 36.99 49.69 -0.20
N VAL H 20 36.55 48.58 0.39
CA VAL H 20 37.21 47.29 0.24
C VAL H 20 36.20 46.28 -0.26
N GLU H 21 36.48 45.69 -1.42
CA GLU H 21 35.64 44.64 -2.00
C GLU H 21 36.50 43.44 -2.31
N LEU H 22 36.02 42.26 -1.94
CA LEU H 22 36.72 41.00 -2.16
C LEU H 22 35.81 40.05 -2.92
N VAL H 23 36.34 39.46 -3.99
CA VAL H 23 35.58 38.50 -4.80
C VAL H 23 36.50 37.35 -5.16
N GLU H 24 35.94 36.13 -5.19
CA GLU H 24 36.72 34.95 -5.49
C GLU H 24 35.88 34.02 -6.37
N ARG H 25 36.55 33.33 -7.28
CA ARG H 25 35.91 32.31 -8.11
C ARG H 25 36.83 31.09 -8.21
N LYS H 26 36.25 29.91 -8.06
CA LYS H 26 36.97 28.64 -8.20
C LYS H 26 36.70 28.07 -9.58
N GLY H 27 37.75 27.97 -10.40
CA GLY H 27 37.61 27.53 -11.77
C GLY H 27 37.05 26.12 -11.93
N ILE H 28 36.83 25.72 -13.18
CA ILE H 28 36.19 24.43 -13.43
C ILE H 28 37.04 23.28 -12.90
N GLY H 29 38.36 23.41 -13.01
CA GLY H 29 39.26 22.37 -12.57
C GLY H 29 39.57 22.35 -11.09
N HIS H 30 39.04 23.30 -10.32
CA HIS H 30 39.27 23.31 -8.90
C HIS H 30 38.55 22.14 -8.25
N PRO H 31 39.18 21.44 -7.29
CA PRO H 31 38.53 20.24 -6.72
C PRO H 31 37.10 20.49 -6.24
N ASP H 32 36.87 21.58 -5.52
CA ASP H 32 35.51 21.90 -5.09
C ASP H 32 34.58 22.06 -6.28
N SER H 33 35.03 22.76 -7.32
CA SER H 33 34.20 22.91 -8.51
C SER H 33 34.06 21.60 -9.27
N ILE H 34 35.10 20.77 -9.26
CA ILE H 34 34.98 19.43 -9.85
C ILE H 34 33.86 18.65 -9.16
N ALA H 35 33.80 18.73 -7.83
CA ALA H 35 32.73 18.06 -7.11
C ALA H 35 31.37 18.60 -7.53
N ASP H 36 31.25 19.92 -7.60
CA ASP H 36 30.00 20.53 -8.08
C ASP H 36 29.65 20.03 -9.47
N GLY H 37 30.61 20.09 -10.39
CA GLY H 37 30.34 19.69 -11.76
C GLY H 37 29.89 18.25 -11.87
N ILE H 38 30.56 17.35 -11.14
CA ILE H 38 30.18 15.94 -11.16
C ILE H 38 28.78 15.78 -10.60
N ALA H 39 28.53 16.38 -9.43
CA ALA H 39 27.21 16.29 -8.82
C ALA H 39 26.13 16.74 -9.80
N GLU H 40 26.34 17.88 -10.45
CA GLU H 40 25.36 18.39 -11.40
C GLU H 40 25.27 17.52 -12.63
N ALA H 41 26.41 17.04 -13.15
CA ALA H 41 26.40 16.19 -14.33
C ALA H 41 25.65 14.90 -14.06
N VAL H 42 25.86 14.31 -12.88
CA VAL H 42 25.12 13.10 -12.51
C VAL H 42 23.64 13.40 -12.42
N SER H 43 23.28 14.49 -11.75
CA SER H 43 21.88 14.86 -11.60
C SER H 43 21.21 15.04 -12.95
N ARG H 44 21.85 15.81 -13.84
CA ARG H 44 21.25 16.06 -15.15
C ARG H 44 21.14 14.78 -15.97
N ALA H 45 22.17 13.94 -15.91
CA ALA H 45 22.11 12.67 -16.62
C ALA H 45 20.98 11.80 -16.09
N LEU H 46 20.81 11.73 -14.77
CA LEU H 46 19.71 10.96 -14.20
C LEU H 46 18.35 11.51 -14.67
N CYS H 47 18.18 12.83 -14.63
CA CYS H 47 16.96 13.43 -15.15
C CYS H 47 16.68 12.99 -16.59
N ARG H 48 17.67 13.19 -17.47
CA ARG H 48 17.46 12.87 -18.88
C ARG H 48 17.08 11.41 -19.07
N GLU H 49 17.74 10.51 -18.35
CA GLU H 49 17.45 9.09 -18.51
C GLU H 49 16.11 8.72 -17.90
N TYR H 50 15.78 9.30 -16.73
CA TYR H 50 14.45 9.11 -16.17
C TYR H 50 13.37 9.54 -17.17
N ILE H 51 13.57 10.68 -17.82
CA ILE H 51 12.60 11.16 -18.80
C ILE H 51 12.57 10.25 -20.03
N ARG H 52 13.75 9.83 -20.50
CA ARG H 52 13.79 9.00 -21.69
C ARG H 52 13.09 7.66 -21.48
N ARG H 53 13.16 7.12 -20.26
CA ARG H 53 12.57 5.82 -19.98
C ARG H 53 11.12 5.91 -19.53
N TYR H 54 10.78 6.91 -18.71
CA TYR H 54 9.45 7.02 -18.13
C TYR H 54 8.75 8.33 -18.41
N GLY H 55 9.39 9.26 -19.12
CA GLY H 55 8.76 10.53 -19.40
C GLY H 55 8.55 11.41 -18.20
N VAL H 56 9.22 11.14 -17.09
CA VAL H 56 9.08 11.92 -15.87
C VAL H 56 10.37 11.80 -15.07
N ILE H 57 10.68 12.85 -14.32
CA ILE H 57 11.84 12.83 -13.43
C ILE H 57 11.46 12.15 -12.13
N LEU H 58 12.23 11.16 -11.72
CA LEU H 58 12.04 10.48 -10.46
C LEU H 58 12.97 11.06 -9.41
N HIS H 59 12.55 11.00 -8.15
CA HIS H 59 13.29 11.66 -7.08
C HIS H 59 14.74 11.25 -7.08
N HIS H 60 15.61 12.21 -6.77
CA HIS H 60 17.04 11.96 -6.65
C HIS H 60 17.75 13.23 -6.20
N ASN H 61 18.79 13.10 -5.38
CA ASN H 61 19.61 14.23 -4.96
C ASN H 61 21.05 13.74 -4.88
N THR H 62 21.82 14.01 -5.94
CA THR H 62 23.23 13.65 -6.01
C THR H 62 24.13 14.84 -5.65
N ASP H 63 23.68 15.64 -4.68
CA ASP H 63 24.41 16.82 -4.22
C ASP H 63 25.49 16.46 -3.22
N GLN H 64 26.08 15.28 -3.35
CA GLN H 64 27.07 14.79 -2.40
C GLN H 64 28.17 14.11 -3.20
N VAL H 65 29.28 14.82 -3.43
CA VAL H 65 30.42 14.30 -4.15
C VAL H 65 31.68 14.66 -3.37
N GLU H 66 32.56 13.69 -3.18
CA GLU H 66 33.81 13.89 -2.46
C GLU H 66 34.97 13.57 -3.41
N VAL H 67 35.79 14.57 -3.68
CA VAL H 67 36.99 14.42 -4.50
C VAL H 67 38.16 14.29 -3.55
N VAL H 68 38.71 13.09 -3.44
CA VAL H 68 39.87 12.83 -2.60
C VAL H 68 41.12 12.93 -3.49
N GLY H 69 41.99 13.87 -3.17
CA GLY H 69 43.15 14.11 -4.02
C GLY H 69 44.04 12.88 -4.14
N GLY H 70 44.63 12.73 -5.31
CA GLY H 70 45.58 11.66 -5.57
C GLY H 70 47.01 12.09 -5.35
N ARG H 71 47.92 11.47 -6.09
CA ARG H 71 49.34 11.79 -6.01
C ARG H 71 49.91 11.89 -7.41
N ALA H 72 50.84 12.82 -7.61
CA ALA H 72 51.44 13.02 -8.91
C ALA H 72 52.85 13.54 -8.74
N TYR H 73 53.67 13.31 -9.77
CA TYR H 73 55.04 13.84 -9.86
C TYR H 73 55.13 14.66 -11.14
N PRO H 74 54.73 15.93 -11.12
CA PRO H 74 54.86 16.76 -12.32
C PRO H 74 56.32 17.01 -12.66
N ARG H 75 56.63 16.97 -13.95
CA ARG H 75 57.96 17.22 -14.46
C ARG H 75 57.86 18.01 -15.75
N PHE H 76 58.74 19.00 -15.90
CA PHE H 76 58.78 19.77 -17.14
C PHE H 76 58.96 18.84 -18.32
N GLY H 77 58.09 18.99 -19.32
CA GLY H 77 58.08 18.11 -20.48
C GLY H 77 57.13 16.94 -20.37
N GLY H 78 56.59 16.67 -19.19
CA GLY H 78 55.66 15.57 -19.02
C GLY H 78 55.87 14.83 -17.71
N GLY H 79 54.90 14.95 -16.80
CA GLY H 79 54.93 14.26 -15.53
C GLY H 79 54.14 12.97 -15.55
N GLU H 80 53.77 12.50 -14.36
CA GLU H 80 53.07 11.24 -14.22
C GLU H 80 52.16 11.30 -13.01
N VAL H 81 51.00 10.67 -13.13
CA VAL H 81 50.13 10.45 -11.97
C VAL H 81 50.60 9.19 -11.25
N VAL H 82 50.74 9.30 -9.93
CA VAL H 82 51.24 8.21 -9.12
C VAL H 82 50.11 7.46 -8.41
N LYS H 83 49.16 8.19 -7.84
CA LYS H 83 48.00 7.60 -7.20
C LYS H 83 46.76 8.27 -7.80
N PRO H 84 45.79 7.51 -8.31
CA PRO H 84 44.64 8.15 -8.96
C PRO H 84 43.78 8.91 -7.97
N ILE H 85 43.07 9.91 -8.51
CA ILE H 85 42.09 10.64 -7.73
C ILE H 85 40.92 9.72 -7.39
N TYR H 86 40.42 9.81 -6.17
CA TYR H 86 39.27 9.02 -5.73
C TYR H 86 38.07 9.94 -5.56
N ILE H 87 36.99 9.61 -6.24
CA ILE H 87 35.76 10.39 -6.21
C ILE H 87 34.64 9.48 -5.73
N LEU H 88 33.98 9.87 -4.63
CA LEU H 88 32.85 9.14 -4.09
C LEU H 88 31.56 9.86 -4.47
N LEU H 89 30.70 9.17 -5.23
CA LEU H 89 29.38 9.68 -5.55
C LEU H 89 28.40 9.23 -4.47
N SER H 90 27.69 10.18 -3.87
CA SER H 90 26.71 9.87 -2.85
C SER H 90 25.37 10.53 -3.17
N GLY H 91 24.43 10.44 -2.25
CA GLY H 91 23.08 10.91 -2.47
C GLY H 91 22.10 9.76 -2.56
N ARG H 92 20.96 10.03 -3.20
CA ARG H 92 19.96 9.00 -3.45
C ARG H 92 19.34 9.21 -4.81
N ALA H 93 18.89 8.11 -5.40
CA ALA H 93 18.21 8.11 -6.68
C ALA H 93 17.34 6.86 -6.77
N VAL H 94 16.34 6.92 -7.63
CA VAL H 94 15.41 5.81 -7.81
C VAL H 94 16.06 4.72 -8.65
N GLU H 95 16.21 3.53 -8.07
CA GLU H 95 16.69 2.37 -8.81
C GLU H 95 15.61 1.35 -9.11
N LEU H 96 14.52 1.35 -8.34
CA LEU H 96 13.43 0.40 -8.52
C LEU H 96 12.18 1.16 -8.98
N VAL H 97 11.69 0.83 -10.17
CA VAL H 97 10.53 1.47 -10.77
C VAL H 97 9.54 0.37 -11.14
N ASP H 98 8.52 0.16 -10.30
CA ASP H 98 7.48 -0.83 -10.55
C ASP H 98 8.09 -2.18 -10.91
N GLN H 99 8.91 -2.69 -10.00
CA GLN H 99 9.54 -4.01 -10.15
C GLN H 99 10.66 -3.98 -11.19
N GLU H 100 10.77 -2.88 -11.95
CA GLU H 100 11.83 -2.74 -12.93
C GLU H 100 13.02 -2.01 -12.31
N LEU H 101 14.21 -2.33 -12.80
CA LEU H 101 15.45 -1.81 -12.24
C LEU H 101 15.98 -0.68 -13.11
N PHE H 102 16.37 0.44 -12.47
CA PHE H 102 16.96 1.59 -13.14
C PHE H 102 18.47 1.59 -12.94
N PRO H 103 19.29 1.78 -13.98
CA PRO H 103 20.76 1.75 -13.80
C PRO H 103 21.31 3.03 -13.17
N VAL H 104 20.95 3.26 -11.91
CA VAL H 104 21.37 4.48 -11.21
C VAL H 104 22.87 4.65 -11.31
N HIS H 105 23.63 3.64 -10.86
CA HIS H 105 25.07 3.80 -10.73
C HIS H 105 25.76 3.88 -12.09
N GLU H 106 25.27 3.11 -13.07
CA GLU H 106 25.85 3.19 -14.41
C GLU H 106 25.69 4.59 -14.98
N VAL H 107 24.50 5.18 -14.85
CA VAL H 107 24.28 6.54 -15.35
C VAL H 107 25.18 7.53 -14.62
N ALA H 108 25.25 7.39 -13.29
CA ALA H 108 26.03 8.33 -12.49
C ALA H 108 27.52 8.23 -12.84
N ILE H 109 28.05 7.01 -12.89
CA ILE H 109 29.48 6.84 -13.13
C ILE H 109 29.86 7.34 -14.52
N LYS H 110 29.07 7.01 -15.54
CA LYS H 110 29.37 7.49 -16.87
C LYS H 110 29.27 9.01 -16.95
N ALA H 111 28.27 9.59 -16.28
CA ALA H 111 28.12 11.04 -16.30
C ALA H 111 29.29 11.72 -15.62
N ALA H 112 29.71 11.21 -14.46
CA ALA H 112 30.87 11.78 -13.79
C ALA H 112 32.11 11.69 -14.67
N LYS H 113 32.32 10.53 -15.30
CA LYS H 113 33.48 10.36 -16.18
C LYS H 113 33.36 11.25 -17.41
N ASN H 114 32.18 11.31 -18.03
CA ASN H 114 32.01 12.18 -19.19
C ASN H 114 32.31 13.63 -18.83
N TYR H 115 31.87 14.09 -17.67
CA TYR H 115 32.14 15.46 -17.27
C TYR H 115 33.63 15.70 -17.11
N LEU H 116 34.33 14.77 -16.46
CA LEU H 116 35.76 14.91 -16.28
C LEU H 116 36.49 14.88 -17.61
N LYS H 117 36.08 13.98 -18.51
CA LYS H 117 36.72 13.90 -19.82
C LYS H 117 36.58 15.21 -20.58
N ASN H 118 35.42 15.86 -20.49
CA ASN H 118 35.17 17.10 -21.22
C ASN H 118 35.64 18.33 -20.46
N ALA H 119 35.82 18.24 -19.14
CA ALA H 119 36.19 19.41 -18.34
C ALA H 119 37.70 19.53 -18.16
N ILE H 120 38.38 18.43 -17.87
CA ILE H 120 39.82 18.43 -17.64
C ILE H 120 40.47 17.77 -18.85
N ARG H 121 41.15 18.57 -19.66
CA ARG H 121 41.58 18.10 -20.98
C ARG H 121 42.68 17.07 -20.87
N HIS H 122 43.61 17.24 -19.93
CA HIS H 122 44.78 16.39 -19.80
C HIS H 122 44.64 15.34 -18.70
N LEU H 123 43.41 15.05 -18.29
CA LEU H 123 43.14 14.07 -17.25
C LEU H 123 42.72 12.74 -17.89
N ASP H 124 43.51 11.69 -17.67
CA ASP H 124 43.17 10.36 -18.13
C ASP H 124 42.18 9.76 -17.14
N VAL H 125 40.89 9.95 -17.43
CA VAL H 125 39.84 9.54 -16.49
C VAL H 125 39.88 8.05 -16.23
N GLU H 126 40.27 7.26 -17.23
CA GLU H 126 40.23 5.81 -17.06
C GLU H 126 41.34 5.32 -16.14
N ASN H 127 42.46 6.04 -16.07
CA ASN H 127 43.62 5.60 -15.30
C ASN H 127 44.01 6.56 -14.18
N HIS H 128 43.56 7.81 -14.22
CA HIS H 128 43.89 8.79 -13.19
C HIS H 128 42.79 8.96 -12.15
N VAL H 129 41.63 8.34 -12.34
CA VAL H 129 40.46 8.61 -11.51
C VAL H 129 39.79 7.28 -11.14
N ILE H 130 39.47 7.14 -9.86
CA ILE H 130 38.60 6.08 -9.37
C ILE H 130 37.27 6.73 -8.99
N ILE H 131 36.18 6.26 -9.56
CA ILE H 131 34.85 6.77 -9.24
C ILE H 131 34.05 5.62 -8.62
N ASP H 132 33.77 5.75 -7.33
CA ASP H 132 32.93 4.82 -6.60
C ASP H 132 31.58 5.47 -6.32
N SER H 133 30.55 4.65 -6.16
CA SER H 133 29.19 5.14 -6.00
C SER H 133 28.57 4.53 -4.75
N ARG H 134 28.01 5.38 -3.89
CA ARG H 134 27.20 4.93 -2.75
C ARG H 134 25.83 5.59 -2.77
N ILE H 135 25.32 5.92 -3.96
CA ILE H 135 24.00 6.50 -4.07
C ILE H 135 22.97 5.54 -3.48
N GLY H 136 22.05 6.08 -2.69
CA GLY H 136 21.07 5.26 -2.00
C GLY H 136 19.94 4.81 -2.90
N GLN H 137 19.15 3.86 -2.37
CA GLN H 137 18.13 3.17 -3.14
C GLN H 137 16.74 3.73 -2.81
N GLY H 138 16.05 4.23 -3.82
CA GLY H 138 14.65 4.58 -3.71
C GLY H 138 13.80 3.72 -4.62
N SER H 139 12.59 3.37 -4.17
CA SER H 139 11.62 2.63 -4.96
C SER H 139 10.38 3.49 -5.19
N VAL H 140 9.92 3.54 -6.44
CA VAL H 140 8.72 4.30 -6.79
C VAL H 140 7.78 3.42 -7.60
N ASP H 141 6.48 3.66 -7.44
CA ASP H 141 5.47 3.13 -8.34
C ASP H 141 5.04 4.26 -9.28
N LEU H 142 5.26 4.08 -10.58
CA LEU H 142 5.02 5.15 -11.54
C LEU H 142 3.62 5.73 -11.41
N VAL H 143 2.63 4.90 -11.11
CA VAL H 143 1.26 5.41 -10.97
C VAL H 143 1.22 6.52 -9.93
N SER H 144 2.02 6.39 -8.88
CA SER H 144 2.02 7.40 -7.82
C SER H 144 2.72 8.68 -8.26
N VAL H 145 3.86 8.57 -8.95
CA VAL H 145 4.60 9.77 -9.33
C VAL H 145 3.80 10.61 -10.32
N PHE H 146 3.13 9.95 -11.28
CA PHE H 146 2.29 10.69 -12.21
C PHE H 146 1.07 11.28 -11.51
N ASN H 147 0.54 10.59 -10.48
CA ASN H 147 -0.61 11.12 -9.77
C ASN H 147 -0.23 12.31 -8.91
N LYS H 148 0.97 12.30 -8.32
CA LYS H 148 1.45 13.47 -7.58
C LYS H 148 2.00 14.54 -8.50
N ALA H 149 2.09 14.27 -9.80
CA ALA H 149 2.42 15.28 -10.79
C ALA H 149 1.13 15.99 -11.16
N ARG H 150 0.34 15.37 -12.05
CA ARG H 150 -1.01 15.82 -12.37
C ARG H 150 -1.63 16.63 -11.23
N GLU H 151 -1.56 16.12 -10.00
CA GLU H 151 -2.16 16.81 -8.86
C GLU H 151 -1.43 18.11 -8.54
N ASN H 152 -0.11 18.12 -8.69
CA ASN H 152 0.73 19.28 -8.36
C ASN H 152 1.66 19.55 -9.52
N PRO H 153 1.20 20.26 -10.55
CA PRO H 153 2.12 20.67 -11.62
C PRO H 153 3.33 21.42 -11.09
N ILE H 154 3.12 22.26 -10.09
CA ILE H 154 4.22 22.91 -9.36
C ILE H 154 4.55 22.03 -8.16
N PRO H 155 5.77 21.49 -8.07
CA PRO H 155 6.08 20.58 -6.97
C PRO H 155 5.96 21.24 -5.61
N LEU H 156 5.72 20.41 -4.59
CA LEU H 156 5.63 20.85 -3.22
C LEU H 156 7.03 20.91 -2.61
N ALA H 157 7.21 21.82 -1.65
CA ALA H 157 8.50 22.00 -1.02
C ALA H 157 8.77 20.85 -0.04
N ASN H 158 9.93 20.22 -0.18
CA ASN H 158 10.33 19.12 0.69
C ASN H 158 11.10 19.56 1.92
N ASP H 159 11.56 20.81 1.96
CA ASP H 159 12.40 21.25 3.07
C ASP H 159 12.15 22.73 3.35
N THR H 160 12.60 23.17 4.52
CA THR H 160 12.56 24.58 4.90
C THR H 160 13.93 25.18 4.63
N SER H 161 14.10 25.76 3.44
CA SER H 161 15.36 26.35 3.03
C SER H 161 15.08 27.63 2.25
N PHE H 162 16.14 28.40 2.01
CA PHE H 162 16.00 29.67 1.32
C PHE H 162 17.10 29.83 0.27
N GLY H 163 16.79 30.59 -0.78
CA GLY H 163 17.75 30.91 -1.82
C GLY H 163 17.97 32.41 -1.88
N VAL H 164 19.18 32.79 -2.28
CA VAL H 164 19.60 34.19 -2.25
C VAL H 164 20.23 34.54 -3.59
N GLY H 165 19.79 35.65 -4.18
CA GLY H 165 20.41 36.18 -5.38
C GLY H 165 20.49 37.69 -5.31
N TYR H 166 21.20 38.27 -6.27
CA TYR H 166 21.44 39.70 -6.26
C TYR H 166 21.85 40.14 -7.67
N ALA H 167 21.78 41.45 -7.89
CA ALA H 167 22.19 42.06 -9.15
C ALA H 167 22.25 43.56 -8.96
N PRO H 168 23.02 44.29 -9.78
CA PRO H 168 23.93 43.76 -10.82
C PRO H 168 25.29 43.41 -10.26
N LEU H 169 26.16 42.84 -11.09
CA LEU H 169 27.52 42.54 -10.67
C LEU H 169 28.39 43.79 -10.73
N SER H 170 29.24 43.95 -9.73
CA SER H 170 30.18 45.05 -9.71
C SER H 170 31.27 44.83 -10.77
N GLU H 171 32.10 45.85 -10.96
CA GLU H 171 33.22 45.72 -11.90
C GLU H 171 34.18 44.63 -11.44
N THR H 172 34.50 44.60 -10.14
CA THR H 172 35.42 43.58 -9.64
C THR H 172 34.80 42.19 -9.76
N GLU H 173 33.53 42.05 -9.43
CA GLU H 173 32.86 40.75 -9.55
C GLU H 173 32.87 40.28 -11.00
N ARG H 174 32.47 41.16 -11.92
CA ARG H 174 32.46 40.78 -13.34
C ARG H 174 33.87 40.51 -13.84
N LEU H 175 34.87 41.23 -13.30
CA LEU H 175 36.25 40.99 -13.71
C LEU H 175 36.72 39.60 -13.26
N VAL H 176 36.43 39.24 -12.01
CA VAL H 176 36.80 37.91 -11.51
C VAL H 176 36.09 36.83 -12.32
N LEU H 177 34.78 37.00 -12.55
CA LEU H 177 34.02 36.01 -13.28
C LEU H 177 34.56 35.81 -14.68
N GLU H 178 34.75 36.91 -15.42
CA GLU H 178 35.18 36.81 -16.81
C GLU H 178 36.64 36.41 -16.93
N THR H 179 37.46 36.68 -15.91
CA THR H 179 38.84 36.21 -15.93
C THR H 179 38.89 34.69 -15.93
N GLU H 180 38.16 34.06 -15.01
CA GLU H 180 38.10 32.60 -14.98
C GLU H 180 37.47 32.04 -16.26
N LYS H 181 36.38 32.65 -16.71
CA LYS H 181 35.72 32.18 -17.93
C LYS H 181 36.67 32.26 -19.11
N LEU H 182 37.44 33.36 -19.22
CA LEU H 182 38.36 33.51 -20.34
C LEU H 182 39.45 32.45 -20.31
N LEU H 183 40.14 32.32 -19.18
CA LEU H 183 41.25 31.38 -19.10
C LEU H 183 40.80 29.94 -19.29
N ASN H 184 39.52 29.65 -19.05
CA ASN H 184 38.98 28.30 -19.24
C ASN H 184 38.10 28.19 -20.47
N SER H 185 38.12 29.21 -21.34
CA SER H 185 37.35 29.15 -22.58
C SER H 185 38.09 28.34 -23.64
N GLU H 186 37.33 27.85 -24.62
CA GLU H 186 37.92 27.05 -25.69
C GLU H 186 38.99 27.83 -26.45
N LYS H 187 38.73 29.11 -26.76
CA LYS H 187 39.70 29.90 -27.52
C LYS H 187 41.02 30.01 -26.78
N PHE H 188 40.97 30.42 -25.51
CA PHE H 188 42.21 30.64 -24.77
C PHE H 188 43.00 29.34 -24.63
N LYS H 189 42.30 28.22 -24.45
CA LYS H 189 42.98 26.93 -24.38
C LYS H 189 43.61 26.57 -25.72
N LYS H 190 42.89 26.85 -26.81
CA LYS H 190 43.45 26.65 -28.14
C LYS H 190 44.75 27.44 -28.29
N GLU H 191 44.82 28.63 -27.68
CA GLU H 191 46.01 29.47 -27.74
C GLU H 191 47.07 29.08 -26.72
N TYR H 192 46.65 28.59 -25.54
CA TYR H 192 47.58 28.24 -24.47
C TYR H 192 47.16 26.92 -23.86
N PRO H 193 47.47 25.80 -24.51
CA PRO H 193 47.14 24.49 -23.91
C PRO H 193 47.82 24.26 -22.57
N ALA H 194 48.88 25.01 -22.26
CA ALA H 194 49.60 24.82 -21.01
C ALA H 194 48.80 25.24 -19.79
N VAL H 195 47.79 26.09 -19.97
CA VAL H 195 47.00 26.60 -18.85
C VAL H 195 45.99 25.53 -18.47
N GLY H 196 46.13 24.97 -17.27
CA GLY H 196 45.19 23.98 -16.78
C GLY H 196 43.84 24.59 -16.45
N GLU H 197 42.96 23.75 -15.90
CA GLU H 197 41.61 24.15 -15.56
C GLU H 197 41.45 24.57 -14.10
N ASP H 198 42.35 24.14 -13.22
CA ASP H 198 42.27 24.51 -11.81
C ASP H 198 42.75 25.96 -11.69
N ILE H 199 41.82 26.88 -11.94
CA ILE H 199 42.09 28.31 -11.94
C ILE H 199 41.25 28.93 -10.86
N LYS H 200 41.90 29.57 -9.90
CA LYS H 200 41.22 30.30 -8.84
C LYS H 200 41.62 31.76 -8.93
N VAL H 201 40.62 32.64 -9.03
CA VAL H 201 40.83 34.07 -9.22
C VAL H 201 40.28 34.79 -8.01
N MET H 202 41.10 35.64 -7.40
CA MET H 202 40.69 36.45 -6.27
C MET H 202 40.87 37.91 -6.66
N GLY H 203 39.78 38.68 -6.62
CA GLY H 203 39.87 40.10 -6.85
C GLY H 203 39.75 40.89 -5.56
N LEU H 204 40.76 41.67 -5.21
CA LEU H 204 40.72 42.51 -4.02
C LEU H 204 40.79 43.97 -4.47
N ARG H 205 39.69 44.69 -4.33
CA ARG H 205 39.64 46.10 -4.68
C ARG H 205 39.75 46.94 -3.42
N ARG H 206 40.75 47.82 -3.38
CA ARG H 206 40.88 48.83 -2.34
C ARG H 206 40.81 50.21 -3.01
N GLY H 207 39.78 50.97 -2.68
CA GLY H 207 39.57 52.24 -3.34
C GLY H 207 39.34 52.05 -4.83
N ASN H 208 40.24 52.60 -5.64
CA ASN H 208 40.16 52.48 -7.10
C ASN H 208 41.33 51.67 -7.65
N GLU H 209 41.88 50.76 -6.86
CA GLU H 209 42.97 49.90 -7.28
C GLU H 209 42.62 48.45 -6.97
N ILE H 210 42.67 47.59 -7.98
CA ILE H 210 42.31 46.18 -7.87
C ILE H 210 43.56 45.34 -7.98
N ASP H 211 43.78 44.46 -7.00
CA ASP H 211 44.78 43.42 -7.09
C ASP H 211 44.07 42.12 -7.47
N LEU H 212 44.37 41.60 -8.65
CA LEU H 212 43.73 40.40 -9.17
C LEU H 212 44.75 39.28 -9.17
N THR H 213 44.65 38.38 -8.18
CA THR H 213 45.55 37.25 -8.04
C THR H 213 44.94 36.03 -8.72
N ILE H 214 45.72 35.40 -9.59
CA ILE H 214 45.29 34.23 -10.34
C ILE H 214 46.21 33.05 -9.99
N ALA H 215 45.60 31.95 -9.56
CA ALA H 215 46.31 30.68 -9.38
C ALA H 215 45.86 29.76 -10.49
N ALA H 216 46.74 29.54 -11.47
CA ALA H 216 46.41 28.77 -12.67
C ALA H 216 47.38 27.59 -12.77
N ALA H 217 46.85 26.38 -12.65
CA ALA H 217 47.65 25.18 -12.82
C ALA H 217 48.12 25.06 -14.26
N ILE H 218 49.42 24.89 -14.44
CA ILE H 218 50.01 24.77 -15.77
C ILE H 218 50.31 23.30 -16.05
N VAL H 219 49.97 22.86 -17.25
CA VAL H 219 50.17 21.46 -17.64
C VAL H 219 51.65 21.27 -17.96
N ASP H 220 52.29 20.33 -17.25
CA ASP H 220 53.73 20.17 -17.35
C ASP H 220 54.17 19.61 -18.70
N SER H 221 53.29 18.90 -19.41
CA SER H 221 53.65 18.39 -20.73
C SER H 221 53.67 19.47 -21.80
N GLU H 222 53.18 20.67 -21.49
CA GLU H 222 53.15 21.77 -22.44
C GLU H 222 54.25 22.80 -22.20
N VAL H 223 55.02 22.66 -21.12
CA VAL H 223 56.13 23.55 -20.80
C VAL H 223 57.38 22.71 -20.66
N ALA H 224 58.37 22.96 -21.51
CA ALA H 224 59.58 22.15 -21.55
C ALA H 224 60.64 22.61 -20.56
N THR H 225 60.63 23.89 -20.20
CA THR H 225 61.62 24.44 -19.27
C THR H 225 60.94 25.49 -18.42
N PRO H 226 61.48 25.78 -17.23
CA PRO H 226 60.89 26.85 -16.40
C PRO H 226 60.78 28.17 -17.13
N LYS H 227 61.66 28.44 -18.08
CA LYS H 227 61.60 29.69 -18.82
C LYS H 227 60.29 29.79 -19.61
N GLU H 228 59.89 28.68 -20.24
CA GLU H 228 58.60 28.64 -20.91
C GLU H 228 57.47 28.84 -19.91
N TYR H 229 57.62 28.32 -18.70
CA TYR H 229 56.59 28.48 -17.67
C TYR H 229 56.39 29.95 -17.34
N LEU H 230 57.48 30.68 -17.09
CA LEU H 230 57.38 32.11 -16.84
C LEU H 230 56.82 32.84 -18.04
N GLU H 231 57.09 32.33 -19.24
CA GLU H 231 56.50 32.92 -20.45
C GLU H 231 54.99 32.73 -20.44
N VAL H 232 54.51 31.55 -20.05
CA VAL H 232 53.08 31.31 -19.94
C VAL H 232 52.46 32.27 -18.93
N LYS H 233 53.14 32.50 -17.80
CA LYS H 233 52.62 33.43 -16.80
C LYS H 233 52.47 34.83 -17.38
N ASP H 234 53.48 35.29 -18.13
CA ASP H 234 53.41 36.62 -18.74
C ASP H 234 52.24 36.72 -19.72
N LYS H 235 52.01 35.66 -20.50
CA LYS H 235 50.89 35.69 -21.44
C LYS H 235 49.56 35.70 -20.71
N ILE H 236 49.44 34.94 -19.62
CA ILE H 236 48.24 35.02 -18.78
C ILE H 236 48.03 36.46 -18.33
N LYS H 237 49.08 37.09 -17.83
CA LYS H 237 48.98 38.47 -17.36
C LYS H 237 48.48 39.39 -18.48
N GLU H 238 49.09 39.29 -19.68
CA GLU H 238 48.70 40.16 -20.77
C GLU H 238 47.24 39.95 -21.16
N ALA H 239 46.81 38.69 -21.27
CA ALA H 239 45.42 38.41 -21.64
C ALA H 239 44.45 39.02 -20.63
N VAL H 240 44.77 38.93 -19.34
CA VAL H 240 43.88 39.45 -18.31
C VAL H 240 43.94 40.97 -18.28
N GLU H 241 45.10 41.56 -18.59
CA GLU H 241 45.17 43.01 -18.73
C GLU H 241 44.24 43.50 -19.83
N GLU H 242 44.26 42.83 -20.99
CA GLU H 242 43.37 43.18 -22.09
C GLU H 242 41.92 43.13 -21.64
N LEU H 243 41.53 42.08 -20.92
CA LEU H 243 40.16 41.96 -20.45
C LEU H 243 39.84 43.04 -19.41
N ALA H 244 40.79 43.34 -18.52
CA ALA H 244 40.54 44.31 -17.47
C ALA H 244 40.22 45.69 -18.06
N LYS H 245 40.93 46.10 -19.12
CA LYS H 245 40.67 47.39 -19.73
C LYS H 245 39.23 47.49 -20.25
N GLU H 246 38.59 46.36 -20.56
CA GLU H 246 37.21 46.39 -21.04
C GLU H 246 36.19 46.47 -19.91
N ILE H 247 36.58 46.17 -18.68
CA ILE H 247 35.64 46.06 -17.58
C ILE H 247 35.72 47.24 -16.60
N THR H 248 36.91 47.79 -16.36
CA THR H 248 37.06 48.85 -15.37
C THR H 248 38.19 49.79 -15.79
N SER H 249 37.98 51.08 -15.52
CA SER H 249 39.04 52.06 -15.70
C SER H 249 39.97 52.15 -14.50
N ARG H 250 39.66 51.44 -13.41
CA ARG H 250 40.51 51.42 -12.23
C ARG H 250 41.86 50.78 -12.57
N LYS H 251 42.85 51.10 -11.76
CA LYS H 251 44.15 50.45 -11.89
C LYS H 251 44.04 49.00 -11.46
N VAL H 252 44.53 48.09 -12.30
CA VAL H 252 44.41 46.65 -12.06
C VAL H 252 45.82 46.06 -12.05
N ASN H 253 46.22 45.53 -10.89
CA ASN H 253 47.47 44.80 -10.76
C ASN H 253 47.16 43.31 -10.81
N ILE H 254 47.81 42.59 -11.71
CA ILE H 254 47.52 41.19 -11.97
C ILE H 254 48.73 40.38 -11.54
N TYR H 255 48.49 39.38 -10.68
CA TYR H 255 49.52 38.49 -10.16
C TYR H 255 49.14 37.05 -10.50
N VAL H 256 50.11 36.28 -10.98
CA VAL H 256 49.89 34.92 -11.43
C VAL H 256 50.80 33.99 -10.63
N ASN H 257 50.21 33.04 -9.92
CA ASN H 257 50.95 32.02 -9.18
C ASN H 257 52.01 32.66 -8.28
N THR H 258 51.51 33.31 -7.23
CA THR H 258 52.38 34.06 -6.33
C THR H 258 53.28 33.15 -5.49
N ALA H 259 52.93 31.89 -5.33
CA ALA H 259 53.74 30.97 -4.54
C ALA H 259 55.00 30.51 -5.27
N ASP H 260 55.16 30.86 -6.54
CA ASP H 260 56.32 30.42 -7.30
C ASP H 260 57.61 31.01 -6.72
N ASP H 261 58.68 30.23 -6.80
CA ASP H 261 60.02 30.68 -6.43
C ASP H 261 60.98 30.03 -7.41
N PRO H 262 61.18 30.65 -8.58
CA PRO H 262 61.98 29.98 -9.63
C PRO H 262 63.33 29.47 -9.18
N GLU H 263 64.04 30.21 -8.33
CA GLU H 263 65.35 29.73 -7.88
C GLU H 263 65.24 28.48 -7.01
N ARG H 264 64.08 28.24 -6.39
CA ARG H 264 63.87 27.05 -5.58
C ARG H 264 63.18 25.94 -6.37
N GLY H 265 63.00 26.12 -7.67
CA GLY H 265 62.36 25.10 -8.48
C GLY H 265 60.89 24.88 -8.19
N ILE H 266 60.24 25.81 -7.49
CA ILE H 266 58.82 25.69 -7.17
C ILE H 266 58.01 26.36 -8.27
N TYR H 267 57.17 25.58 -8.94
CA TYR H 267 56.33 26.05 -10.03
C TYR H 267 54.98 25.39 -9.93
N TYR H 268 53.93 26.13 -10.30
CA TYR H 268 52.57 25.57 -10.27
C TYR H 268 52.33 24.79 -11.57
N ILE H 269 53.04 23.68 -11.69
CA ILE H 269 52.89 22.77 -12.82
C ILE H 269 52.17 21.52 -12.34
N THR H 270 51.38 20.93 -13.23
CA THR H 270 50.60 19.74 -12.91
C THR H 270 50.63 18.79 -14.09
N VAL H 271 50.33 17.52 -13.81
CA VAL H 271 50.28 16.50 -14.86
C VAL H 271 48.96 16.61 -15.63
N THR H 272 47.86 16.87 -14.93
CA THR H 272 46.53 16.82 -15.52
C THR H 272 45.88 18.19 -15.65
N GLY H 273 46.44 19.23 -15.06
CA GLY H 273 45.82 20.53 -15.07
C GLY H 273 44.91 20.80 -13.89
N THR H 274 44.84 19.88 -12.93
CA THR H 274 44.04 20.06 -11.73
C THR H 274 44.86 19.66 -10.51
N SER H 275 44.81 20.48 -9.47
CA SER H 275 45.53 20.17 -8.24
C SER H 275 44.94 18.98 -7.50
N ALA H 276 43.78 18.49 -7.92
CA ALA H 276 43.24 17.26 -7.34
C ALA H 276 44.19 16.09 -7.53
N GLU H 277 45.08 16.16 -8.51
CA GLU H 277 46.07 15.12 -8.72
C GLU H 277 47.09 15.06 -7.60
N ALA H 278 47.25 16.16 -6.84
CA ALA H 278 48.41 16.35 -5.98
C ALA H 278 48.01 16.47 -4.50
N GLY H 279 46.86 15.92 -4.13
CA GLY H 279 46.47 15.87 -2.74
C GLY H 279 45.52 16.95 -2.29
N ASP H 280 44.84 17.64 -3.21
CA ASP H 280 43.87 18.66 -2.85
C ASP H 280 42.48 18.08 -3.04
N ASP H 281 41.62 18.32 -2.05
CA ASP H 281 40.32 17.68 -1.99
C ASP H 281 39.22 18.68 -2.34
N GLY H 282 38.07 18.13 -2.71
CA GLY H 282 36.92 18.93 -3.03
C GLY H 282 35.64 18.24 -2.61
N SER H 283 34.60 19.04 -2.41
CA SER H 283 33.27 18.52 -2.13
C SER H 283 32.25 19.54 -2.60
N VAL H 284 30.99 19.12 -2.64
CA VAL H 284 29.93 19.96 -3.20
C VAL H 284 29.61 21.10 -2.25
N GLY H 285 29.21 22.24 -2.82
CA GLY H 285 28.75 23.36 -2.04
C GLY H 285 29.82 24.12 -1.29
N ARG H 286 31.08 23.97 -1.68
CA ARG H 286 32.19 24.59 -0.97
C ARG H 286 32.79 25.76 -1.73
N GLY H 287 32.25 26.12 -2.88
CA GLY H 287 32.83 27.18 -3.69
C GLY H 287 31.79 28.16 -4.20
N ASN H 288 31.76 28.33 -5.51
CA ASN H 288 30.96 29.37 -6.13
C ASN H 288 29.47 29.12 -5.90
N ARG H 289 28.72 30.21 -5.82
CA ARG H 289 27.26 30.13 -5.75
C ARG H 289 26.70 30.03 -7.16
N VAL H 290 25.37 30.00 -7.27
CA VAL H 290 24.74 29.81 -8.58
C VAL H 290 25.17 30.89 -9.56
N ASN H 291 25.56 32.06 -9.06
CA ASN H 291 26.04 33.13 -9.94
C ASN H 291 27.51 32.97 -10.31
N GLY H 292 28.18 31.94 -9.81
CA GLY H 292 29.55 31.66 -10.18
C GLY H 292 30.61 32.42 -9.40
N LEU H 293 30.26 33.01 -8.26
CA LEU H 293 31.18 33.84 -7.51
C LEU H 293 31.08 33.57 -6.01
N ILE H 294 32.13 33.93 -5.30
CA ILE H 294 32.15 33.96 -3.84
C ILE H 294 32.29 35.42 -3.44
N THR H 295 31.24 35.97 -2.82
CA THR H 295 31.12 37.42 -2.63
C THR H 295 30.77 37.75 -1.19
N PRO H 296 31.77 37.99 -0.34
CA PRO H 296 31.47 38.43 1.03
C PRO H 296 30.89 39.83 1.12
N ASN H 297 31.10 40.67 0.11
CA ASN H 297 30.45 41.98 0.07
C ASN H 297 28.96 41.87 -0.22
N ARG H 298 28.49 40.72 -0.68
CA ARG H 298 27.10 40.50 -1.03
C ARG H 298 26.47 39.59 0.03
N HIS H 299 25.30 39.04 -0.30
CA HIS H 299 24.63 38.05 0.52
C HIS H 299 24.46 36.77 -0.28
N MET H 300 24.50 35.64 0.42
CA MET H 300 24.45 34.34 -0.23
CA MET H 300 24.46 34.34 -0.23
C MET H 300 23.65 33.38 0.63
N SER H 301 23.25 32.28 0.00
CA SER H 301 22.61 31.17 0.69
C SER H 301 23.64 30.06 0.85
N MET H 302 23.58 29.34 1.97
CA MET H 302 24.48 28.21 2.18
C MET H 302 24.01 26.96 1.45
N GLU H 303 22.80 26.96 0.91
CA GLU H 303 22.31 25.81 0.18
C GLU H 303 23.16 25.58 -1.06
N ALA H 304 23.77 24.40 -1.15
CA ALA H 304 24.46 24.01 -2.37
C ALA H 304 23.45 23.76 -3.48
N ALA H 305 23.79 24.17 -4.70
CA ALA H 305 22.90 23.98 -5.83
C ALA H 305 23.25 22.75 -6.66
N ALA H 306 24.52 22.45 -6.83
CA ALA H 306 24.94 21.36 -7.71
C ALA H 306 24.44 20.02 -7.18
N GLY H 307 23.87 19.22 -8.08
CA GLY H 307 23.46 17.87 -7.77
C GLY H 307 22.03 17.73 -7.26
N LYS H 308 21.39 18.82 -6.88
CA LYS H 308 20.02 18.76 -6.39
C LYS H 308 19.06 18.67 -7.57
N ASN H 309 17.96 17.95 -7.37
CA ASN H 309 17.00 17.75 -8.44
C ASN H 309 16.43 19.10 -8.86
N PRO H 310 16.36 19.41 -10.15
CA PRO H 310 15.82 20.71 -10.59
C PRO H 310 14.32 20.83 -10.52
N VAL H 311 13.62 19.85 -9.94
CA VAL H 311 12.16 19.85 -9.92
C VAL H 311 11.61 20.30 -8.58
N SER H 312 12.06 19.69 -7.48
CA SER H 312 11.43 19.87 -6.19
C SER H 312 12.32 20.49 -5.12
N HIS H 313 13.64 20.40 -5.23
CA HIS H 313 14.51 20.89 -4.18
C HIS H 313 14.63 22.40 -4.30
N VAL H 314 14.07 23.13 -3.32
CA VAL H 314 14.08 24.58 -3.37
C VAL H 314 15.50 25.12 -3.24
N GLY H 315 16.37 24.43 -2.51
CA GLY H 315 17.72 24.90 -2.32
C GLY H 315 18.40 25.27 -3.63
N LYS H 316 18.15 24.49 -4.68
CA LYS H 316 18.68 24.81 -5.99
C LYS H 316 17.80 25.81 -6.73
N ILE H 317 16.49 25.57 -6.75
CA ILE H 317 15.59 26.36 -7.58
C ILE H 317 15.51 27.80 -7.06
N TYR H 318 15.44 27.97 -5.74
CA TYR H 318 15.28 29.31 -5.18
C TYR H 318 16.54 30.15 -5.36
N ASN H 319 17.72 29.52 -5.27
CA ASN H 319 18.95 30.25 -5.53
C ASN H 319 18.99 30.74 -6.98
N ILE H 320 18.58 29.89 -7.92
CA ILE H 320 18.50 30.30 -9.31
C ILE H 320 17.46 31.38 -9.49
N LEU H 321 16.26 31.16 -8.94
CA LEU H 321 15.16 32.10 -9.17
C LEU H 321 15.48 33.46 -8.57
N ALA H 322 16.07 33.49 -7.37
CA ALA H 322 16.47 34.76 -6.78
C ALA H 322 17.46 35.49 -7.68
N MET H 323 18.43 34.77 -8.23
CA MET H 323 19.39 35.39 -9.14
C MET H 323 18.68 35.97 -10.36
N LEU H 324 17.79 35.18 -10.98
CA LEU H 324 17.11 35.64 -12.18
C LEU H 324 16.21 36.84 -11.88
N ILE H 325 15.46 36.78 -10.78
CA ILE H 325 14.61 37.91 -10.39
C ILE H 325 15.46 39.16 -10.20
N ALA H 326 16.56 39.02 -9.45
CA ALA H 326 17.44 40.17 -9.22
C ALA H 326 17.97 40.72 -10.53
N GLU H 327 18.38 39.85 -11.45
CA GLU H 327 18.89 40.32 -12.74
C GLU H 327 17.84 41.10 -13.49
N ASP H 328 16.61 40.59 -13.53
CA ASP H 328 15.53 41.29 -14.24
C ASP H 328 15.29 42.66 -13.63
N ILE H 329 15.21 42.73 -12.30
CA ILE H 329 15.02 44.01 -11.63
C ILE H 329 16.16 44.96 -11.94
N ALA H 330 17.40 44.46 -11.85
CA ALA H 330 18.56 45.32 -12.05
C ALA H 330 18.63 45.88 -13.45
N LYS H 331 18.20 45.13 -14.46
CA LYS H 331 18.32 45.56 -15.84
C LYS H 331 17.16 46.42 -16.33
N THR H 332 15.99 46.30 -15.70
CA THR H 332 14.78 46.96 -16.20
C THR H 332 14.35 48.16 -15.38
N LEU H 333 14.69 48.21 -14.10
CA LEU H 333 14.20 49.22 -13.17
C LEU H 333 15.36 50.05 -12.65
N PRO H 334 15.09 51.29 -12.21
CA PRO H 334 16.17 52.18 -11.72
C PRO H 334 16.65 51.82 -10.32
N VAL H 335 17.49 50.80 -10.23
CA VAL H 335 18.04 50.32 -8.98
C VAL H 335 19.56 50.26 -9.09
N GLU H 336 20.24 50.70 -8.04
CA GLU H 336 21.67 50.45 -7.94
C GLU H 336 21.94 48.98 -7.69
N GLU H 337 21.20 48.38 -6.76
CA GLU H 337 21.36 46.98 -6.40
C GLU H 337 20.02 46.42 -5.95
N VAL H 338 19.87 45.11 -6.08
CA VAL H 338 18.68 44.41 -5.63
C VAL H 338 19.10 43.06 -5.07
N TYR H 339 18.62 42.73 -3.88
CA TYR H 339 18.87 41.44 -3.26
C TYR H 339 17.55 40.72 -3.08
N VAL H 340 17.51 39.45 -3.50
CA VAL H 340 16.30 38.64 -3.48
C VAL H 340 16.54 37.45 -2.55
N ARG H 341 15.61 37.25 -1.62
CA ARG H 341 15.65 36.12 -0.70
C ARG H 341 14.30 35.43 -0.72
N ILE H 342 14.31 34.12 -0.90
CA ILE H 342 13.08 33.32 -1.00
C ILE H 342 13.19 32.17 -0.01
N LEU H 343 12.17 32.02 0.85
CA LEU H 343 12.10 30.94 1.83
C LEU H 343 10.91 30.06 1.51
N SER H 344 11.14 28.75 1.44
CA SER H 344 10.09 27.80 1.08
C SER H 344 9.20 27.46 2.27
N GLN H 345 7.99 27.00 1.96
CA GLN H 345 7.03 26.55 2.97
C GLN H 345 6.74 25.08 2.74
N ILE H 346 6.88 24.28 3.81
CA ILE H 346 6.77 22.83 3.68
C ILE H 346 5.38 22.44 3.19
N GLY H 347 5.33 21.42 2.35
CA GLY H 347 4.08 20.91 1.80
C GLY H 347 3.20 21.93 1.11
N LYS H 348 3.75 23.08 0.78
CA LYS H 348 3.07 24.04 -0.07
C LYS H 348 3.81 24.18 -1.39
N PRO H 349 3.13 24.55 -2.48
CA PRO H 349 3.81 24.66 -3.76
C PRO H 349 5.01 25.58 -3.70
N ILE H 350 6.05 25.25 -4.47
CA ILE H 350 7.28 26.02 -4.45
C ILE H 350 7.08 27.41 -5.04
N ASP H 351 6.02 27.62 -5.81
CA ASP H 351 5.65 28.97 -6.24
C ASP H 351 4.87 29.72 -5.16
N GLN H 352 4.66 29.10 -4.01
CA GLN H 352 4.04 29.74 -2.85
C GLN H 352 5.03 29.74 -1.69
N PRO H 353 6.15 30.43 -1.83
CA PRO H 353 7.15 30.43 -0.75
C PRO H 353 6.62 31.12 0.49
N LEU H 354 7.19 30.74 1.63
CA LEU H 354 6.81 31.39 2.88
C LEU H 354 7.06 32.88 2.83
N VAL H 355 8.08 33.32 2.09
CA VAL H 355 8.31 34.75 1.86
C VAL H 355 9.27 34.88 0.68
N ALA H 356 9.05 35.91 -0.13
CA ALA H 356 9.95 36.30 -1.22
C ALA H 356 10.35 37.75 -0.98
N SER H 357 11.46 37.95 -0.28
CA SER H 357 11.93 39.28 0.10
C SER H 357 12.74 39.90 -1.01
N ILE H 358 12.41 41.15 -1.37
CA ILE H 358 13.14 41.92 -2.36
C ILE H 358 13.60 43.22 -1.69
N GLN H 359 14.90 43.32 -1.42
CA GLN H 359 15.49 44.54 -0.89
C GLN H 359 16.20 45.26 -2.04
N VAL H 360 15.87 46.52 -2.24
CA VAL H 360 16.31 47.27 -3.40
C VAL H 360 17.01 48.54 -2.94
N ILE H 361 18.15 48.84 -3.55
CA ILE H 361 18.80 50.14 -3.44
C ILE H 361 18.44 50.91 -4.72
N PRO H 362 17.57 51.92 -4.66
CA PRO H 362 17.26 52.67 -5.88
C PRO H 362 18.43 53.54 -6.30
N LYS H 363 18.47 53.84 -7.60
CA LYS H 363 19.46 54.78 -8.09
C LYS H 363 19.16 56.18 -7.56
N PRO H 364 20.17 57.04 -7.44
CA PRO H 364 19.93 58.38 -6.90
C PRO H 364 18.78 59.07 -7.61
N GLY H 365 17.91 59.70 -6.82
CA GLY H 365 16.75 60.38 -7.35
C GLY H 365 15.49 59.55 -7.41
N HIS H 366 15.58 58.24 -7.21
CA HIS H 366 14.43 57.34 -7.28
C HIS H 366 14.10 56.79 -5.91
N SER H 367 12.81 56.49 -5.72
CA SER H 367 12.31 55.82 -4.53
C SER H 367 11.66 54.50 -4.94
N VAL H 368 11.70 53.52 -4.03
CA VAL H 368 11.21 52.19 -4.36
C VAL H 368 9.72 52.21 -4.67
N LYS H 369 8.95 53.06 -3.99
CA LYS H 369 7.53 53.12 -4.26
C LYS H 369 7.23 53.49 -5.71
N GLU H 370 8.19 54.10 -6.41
CA GLU H 370 7.99 54.42 -7.82
C GLU H 370 7.90 53.17 -8.68
N PHE H 371 8.58 52.10 -8.27
CA PHE H 371 8.62 50.85 -9.02
C PHE H 371 8.35 49.64 -8.13
N GLU H 372 7.76 49.87 -6.95
CA GLU H 372 7.58 48.78 -6.00
C GLU H 372 6.74 47.65 -6.58
N LYS H 373 5.62 47.99 -7.22
CA LYS H 373 4.77 46.94 -7.80
C LYS H 373 5.38 46.32 -9.04
N ASP H 374 6.24 47.07 -9.76
CA ASP H 374 6.93 46.49 -10.90
C ASP H 374 7.87 45.37 -10.46
N ALA H 375 8.65 45.61 -9.40
CA ALA H 375 9.49 44.56 -8.85
C ALA H 375 8.65 43.43 -8.28
N TYR H 376 7.54 43.76 -7.62
CA TYR H 376 6.61 42.74 -7.14
C TYR H 376 6.14 41.85 -8.29
N SER H 377 5.73 42.47 -9.40
CA SER H 377 5.23 41.71 -10.54
C SER H 377 6.31 40.81 -11.13
N ILE H 378 7.55 41.32 -11.23
CA ILE H 378 8.64 40.52 -11.78
C ILE H 378 8.81 39.24 -10.98
N ALA H 379 8.90 39.37 -9.65
CA ALA H 379 9.07 38.19 -8.81
C ALA H 379 7.83 37.29 -8.87
N ASP H 380 6.64 37.89 -8.89
CA ASP H 380 5.43 37.09 -8.97
C ASP H 380 5.39 36.29 -10.27
N GLU H 381 5.82 36.91 -11.37
CA GLU H 381 5.82 36.21 -12.65
C GLU H 381 6.84 35.08 -12.67
N TRP H 382 8.03 35.31 -12.11
CA TRP H 382 9.04 34.25 -12.04
C TRP H 382 8.58 33.12 -11.14
N LEU H 383 8.00 33.44 -9.98
CA LEU H 383 7.49 32.41 -9.11
C LEU H 383 6.37 31.63 -9.79
N ALA H 384 5.53 32.30 -10.58
CA ALA H 384 4.48 31.62 -11.30
C ALA H 384 5.03 30.78 -12.45
N ASN H 385 6.25 31.09 -12.91
CA ASN H 385 6.91 30.32 -13.96
C ASN H 385 8.14 29.58 -13.42
N ILE H 386 8.11 29.24 -12.13
CA ILE H 386 9.23 28.53 -11.51
C ILE H 386 9.57 27.26 -12.27
N THR H 387 8.57 26.61 -12.87
CA THR H 387 8.83 25.36 -13.57
C THR H 387 9.77 25.56 -14.76
N LYS H 388 9.74 26.76 -15.37
CA LYS H 388 10.66 27.04 -16.47
C LYS H 388 12.10 26.84 -16.06
N VAL H 389 12.44 27.15 -14.81
CA VAL H 389 13.81 26.96 -14.32
C VAL H 389 14.23 25.51 -14.48
N GLN H 390 13.32 24.59 -14.16
CA GLN H 390 13.60 23.17 -14.34
C GLN H 390 14.06 22.88 -15.76
N LYS H 391 13.33 23.39 -16.76
CA LYS H 391 13.69 23.13 -18.14
C LYS H 391 15.05 23.75 -18.49
N MET H 392 15.34 24.94 -17.96
CA MET H 392 16.64 25.57 -18.23
C MET H 392 17.79 24.71 -17.74
N ILE H 393 17.61 24.01 -16.62
CA ILE H 393 18.67 23.14 -16.12
C ILE H 393 18.92 22.01 -17.10
N LEU H 394 17.86 21.31 -17.50
CA LEU H 394 18.04 20.15 -18.37
C LEU H 394 18.57 20.56 -19.74
N GLU H 395 18.26 21.77 -20.19
CA GLU H 395 18.79 22.28 -21.45
C GLU H 395 20.15 22.95 -21.29
N ASP H 396 20.76 22.85 -20.11
CA ASP H 396 22.11 23.36 -19.87
C ASP H 396 22.22 24.85 -20.20
N LYS H 397 21.12 25.59 -20.02
CA LYS H 397 21.11 27.02 -20.32
C LYS H 397 21.51 27.88 -19.14
N ILE H 398 21.66 27.29 -17.95
CA ILE H 398 22.05 28.03 -16.75
C ILE H 398 22.99 27.16 -15.93
N SER H 399 24.02 27.79 -15.38
CA SER H 399 24.97 27.12 -14.50
C SER H 399 24.59 27.33 -13.05
N VAL H 400 25.04 26.42 -12.19
CA VAL H 400 24.76 26.47 -10.76
C VAL H 400 26.03 26.65 -9.94
N PHE H 401 27.15 26.95 -10.58
CA PHE H 401 28.39 27.26 -9.88
C PHE H 401 29.39 27.88 -10.84
#